data_6E8V
#
_entry.id   6E8V
#
_cell.length_a   308.219
_cell.length_b   308.219
_cell.length_c   133.752
_cell.angle_alpha   90.00
_cell.angle_beta   90.00
_cell.angle_gamma   90.00
#
_symmetry.space_group_name_H-M   'P 42 21 2'
#
loop_
_entity.id
_entity.type
_entity.pdbx_description
1 polymer 'Bovine ultralong antibody BOV-1 Heavy chain'
2 polymer 'Bovine ultralong antibody BOV-1 light chain'
#
loop_
_entity_poly.entity_id
_entity_poly.type
_entity_poly.pdbx_seq_one_letter_code
_entity_poly.pdbx_strand_id
1 'polypeptide(L)'
;QVQLRESGPSLVKPSQTLSLTCTASGFSLSDKAVGWVRQAPGKALEWLGSIDTGGSTGYNPGLKSRLSITKDNSESQVSL
SVSSVTTEDSATYYCTTVHQYTHKRCPDGYTYGYWCGYGTGSCVGSNCVYYPSRGCYGGYGGCSSFSAGSSYELYVDAWG
QGLLVTVSSASTTAPKVYPLSSCCGDKSSSTVTLGCLVSSYMPEPVTVTWNSGALKSGVHTFPAVLQSSGLYSLSSMVTV
PGSTSGQTFTCNVAHPASSTKVDKAVEPKSCDGS
;
A,E,H,J,O,U,Y,c
2 'polypeptide(L)'
;EAVLNQPSSVSGSLGQRVSITCSGSSSNVGNGYVSWYQLIPGSAPRTLIYGDTSRASGVPDRFSGSRSGNTATLTISSLQ
AEDEADYFCASAEDSSSNAVFGSGTTLTVLGQPKSPPSVTLFPPSTEELNGNKATLVCLISDFYPGSVTVVWKADGSTIT
RNVETTRASKQSNSKYAASSYLSLTSSDWKSKGSYSCEVTHEGSTVTKTVKPSECS
;
B,F,K,L,P,V,Z,d
#
# COMPACT_ATOMS: atom_id res chain seq x y z
N GLN A 1 -38.54 59.43 16.90
CA GLN A 1 -38.07 58.72 15.72
C GLN A 1 -39.15 57.81 15.13
N VAL A 2 -38.75 56.72 14.50
CA VAL A 2 -39.64 55.81 13.79
C VAL A 2 -39.60 54.45 14.47
N GLN A 3 -40.77 53.97 14.90
CA GLN A 3 -40.91 52.65 15.52
C GLN A 3 -42.16 51.99 14.98
N LEU A 4 -42.26 50.67 15.20
CA LEU A 4 -43.43 49.90 14.78
C LEU A 4 -43.86 49.04 15.98
N ARG A 5 -45.06 49.33 16.51
CA ARG A 5 -45.57 48.65 17.70
C ARG A 5 -46.53 47.55 17.26
N GLU A 6 -46.14 46.31 17.50
CA GLU A 6 -46.97 45.16 17.20
C GLU A 6 -47.87 44.88 18.39
N SER A 7 -49.16 44.68 18.12
CA SER A 7 -50.14 44.46 19.18
C SER A 7 -51.13 43.38 18.75
N GLY A 8 -51.34 42.40 19.62
CA GLY A 8 -52.28 41.35 19.35
C GLY A 8 -52.21 40.22 20.37
N PRO A 9 -53.03 39.19 20.17
CA PRO A 9 -53.06 38.06 21.12
C PRO A 9 -51.82 37.21 21.02
N SER A 10 -51.20 36.93 22.18
CA SER A 10 -50.04 36.05 22.26
C SER A 10 -50.43 34.58 22.40
N LEU A 11 -51.66 34.23 22.04
CA LEU A 11 -52.14 32.85 22.07
C LEU A 11 -53.35 32.72 21.16
N VAL A 12 -53.36 31.66 20.36
CA VAL A 12 -54.51 31.33 19.53
C VAL A 12 -54.70 29.82 19.54
N LYS A 13 -55.91 29.39 19.18
CA LYS A 13 -56.26 27.99 19.17
C LYS A 13 -56.41 27.48 17.74
N PRO A 14 -56.10 26.20 17.50
CA PRO A 14 -56.07 25.68 16.12
C PRO A 14 -57.39 25.85 15.39
N SER A 15 -57.29 25.95 14.07
CA SER A 15 -58.42 26.08 13.16
C SER A 15 -59.23 27.35 13.40
N GLN A 16 -58.59 28.37 13.96
CA GLN A 16 -59.20 29.67 14.11
C GLN A 16 -58.24 30.73 13.58
N THR A 17 -58.73 31.96 13.52
CA THR A 17 -58.01 33.05 12.84
C THR A 17 -57.18 33.84 13.84
N LEU A 18 -55.90 34.02 13.52
CA LEU A 18 -55.01 34.90 14.26
C LEU A 18 -55.00 36.27 13.62
N SER A 19 -55.24 37.30 14.43
CA SER A 19 -55.24 38.69 13.97
C SER A 19 -54.22 39.49 14.76
N LEU A 20 -53.54 40.40 14.08
CA LEU A 20 -52.53 41.24 14.70
C LEU A 20 -52.68 42.66 14.19
N THR A 21 -52.22 43.62 14.99
CA THR A 21 -52.27 45.03 14.64
C THR A 21 -50.89 45.64 14.86
N CYS A 22 -50.42 46.42 13.88
CA CYS A 22 -49.16 47.12 13.97
C CYS A 22 -49.43 48.61 14.01
N THR A 23 -49.04 49.26 15.11
CA THR A 23 -49.22 50.69 15.29
C THR A 23 -47.96 51.41 14.86
N ALA A 24 -48.11 52.38 13.96
CA ALA A 24 -46.99 53.10 13.37
C ALA A 24 -46.90 54.50 13.98
N SER A 25 -45.84 54.74 14.75
CA SER A 25 -45.57 56.05 15.33
C SER A 25 -44.23 56.55 14.82
N GLY A 26 -44.24 57.72 14.18
CA GLY A 26 -43.04 58.30 13.63
C GLY A 26 -43.01 58.45 12.13
N PHE A 27 -44.02 57.94 11.42
CA PHE A 27 -44.09 58.11 9.97
C PHE A 27 -45.54 57.94 9.54
N SER A 28 -45.80 58.23 8.27
CA SER A 28 -47.14 58.16 7.71
C SER A 28 -47.30 56.88 6.90
N LEU A 29 -48.53 56.37 6.86
CA LEU A 29 -48.85 55.16 6.11
C LEU A 29 -49.10 55.42 4.63
N SER A 30 -49.38 56.68 4.26
CA SER A 30 -49.39 57.08 2.86
C SER A 30 -48.03 57.54 2.38
N ASP A 31 -46.97 57.24 3.12
CA ASP A 31 -45.59 57.55 2.77
C ASP A 31 -44.72 56.32 2.59
N LYS A 32 -44.91 55.30 3.43
CA LYS A 32 -44.09 54.10 3.40
C LYS A 32 -44.96 52.86 3.22
N ALA A 33 -44.32 51.81 2.71
CA ALA A 33 -44.95 50.50 2.62
C ALA A 33 -44.65 49.69 3.88
N VAL A 34 -45.59 48.80 4.22
CA VAL A 34 -45.48 47.98 5.42
C VAL A 34 -45.50 46.51 5.02
N GLY A 35 -44.59 45.73 5.61
CA GLY A 35 -44.52 44.31 5.36
C GLY A 35 -44.51 43.52 6.65
N TRP A 36 -44.90 42.25 6.54
CA TRP A 36 -44.99 41.33 7.66
C TRP A 36 -43.99 40.19 7.46
N VAL A 37 -43.17 39.94 8.48
CA VAL A 37 -42.18 38.86 8.45
C VAL A 37 -42.23 38.12 9.77
N ARG A 38 -42.31 36.79 9.70
CA ARG A 38 -42.35 35.94 10.89
C ARG A 38 -41.16 34.99 10.88
N GLN A 39 -40.73 34.61 12.07
CA GLN A 39 -39.67 33.62 12.24
C GLN A 39 -40.15 32.51 13.15
N ALA A 40 -40.15 31.28 12.63
CA ALA A 40 -40.56 30.12 13.41
C ALA A 40 -39.45 29.66 14.34
N PRO A 41 -39.80 29.10 15.52
CA PRO A 41 -38.78 28.76 16.52
C PRO A 41 -37.82 27.68 16.05
N GLY A 42 -36.69 28.09 15.50
CA GLY A 42 -35.73 27.20 14.88
C GLY A 42 -35.70 27.24 13.37
N LYS A 43 -36.39 28.19 12.75
CA LYS A 43 -36.48 28.30 11.29
C LYS A 43 -35.90 29.64 10.80
N ALA A 44 -36.06 29.89 9.51
CA ALA A 44 -35.62 31.14 8.90
C ALA A 44 -36.76 32.16 8.87
N LEU A 45 -36.41 33.41 8.54
CA LEU A 45 -37.43 34.43 8.34
C LEU A 45 -38.30 34.07 7.14
N GLU A 46 -39.61 34.11 7.34
CA GLU A 46 -40.58 33.73 6.33
C GLU A 46 -41.36 34.96 5.90
N TRP A 47 -41.35 35.23 4.59
CA TRP A 47 -42.15 36.34 4.07
C TRP A 47 -43.63 36.03 4.20
N LEU A 48 -44.41 37.03 4.59
CA LEU A 48 -45.85 36.90 4.69
C LEU A 48 -46.56 37.79 3.67
N GLY A 49 -46.36 39.09 3.72
CA GLY A 49 -47.02 39.98 2.78
C GLY A 49 -46.69 41.42 3.07
N SER A 50 -47.15 42.29 2.16
CA SER A 50 -46.89 43.71 2.26
C SER A 50 -48.03 44.49 1.62
N ILE A 51 -48.29 45.66 2.19
CA ILE A 51 -49.22 46.63 1.62
C ILE A 51 -48.46 47.94 1.46
N ASP A 52 -48.45 48.48 0.25
CA ASP A 52 -47.73 49.72 -0.02
C ASP A 52 -48.55 50.91 0.46
N THR A 53 -48.29 52.09 -0.11
CA THR A 53 -49.08 53.26 0.24
C THR A 53 -50.40 53.29 -0.52
N GLY A 54 -50.40 52.87 -1.78
CA GLY A 54 -51.57 52.95 -2.62
C GLY A 54 -52.61 51.87 -2.39
N GLY A 55 -52.52 51.15 -1.28
CA GLY A 55 -53.51 50.16 -0.92
C GLY A 55 -53.42 48.83 -1.64
N SER A 56 -52.44 48.65 -2.52
CA SER A 56 -52.27 47.38 -3.22
C SER A 56 -51.63 46.35 -2.30
N THR A 57 -52.00 45.09 -2.50
CA THR A 57 -51.59 43.99 -1.64
C THR A 57 -50.76 42.98 -2.42
N GLY A 58 -49.78 42.40 -1.73
CA GLY A 58 -48.97 41.32 -2.28
C GLY A 58 -48.46 40.40 -1.19
N TYR A 59 -48.66 39.09 -1.34
CA TYR A 59 -48.31 38.14 -0.32
C TYR A 59 -47.35 37.08 -0.86
N ASN A 60 -46.83 36.28 0.08
CA ASN A 60 -46.11 35.06 -0.24
C ASN A 60 -47.07 34.12 -0.97
N PRO A 61 -46.74 33.66 -2.18
CA PRO A 61 -47.71 32.87 -2.95
C PRO A 61 -48.19 31.62 -2.22
N GLY A 62 -47.33 30.97 -1.46
CA GLY A 62 -47.74 29.77 -0.75
C GLY A 62 -48.80 30.02 0.30
N LEU A 63 -48.85 31.24 0.83
CA LEU A 63 -49.78 31.58 1.91
C LEU A 63 -50.76 32.68 1.50
N LYS A 64 -50.96 32.91 0.20
CA LYS A 64 -51.89 33.94 -0.21
C LYS A 64 -53.32 33.60 0.16
N SER A 65 -53.68 32.31 0.04
CA SER A 65 -55.03 31.88 0.39
C SER A 65 -55.36 32.21 1.83
N ARG A 66 -54.46 31.89 2.76
CA ARG A 66 -54.72 32.05 4.18
C ARG A 66 -54.44 33.45 4.69
N LEU A 67 -53.93 34.36 3.85
CA LEU A 67 -53.49 35.67 4.31
C LEU A 67 -54.40 36.77 3.78
N SER A 68 -54.43 37.87 4.52
CA SER A 68 -55.11 39.09 4.11
C SER A 68 -54.59 40.23 4.97
N ILE A 69 -54.28 41.36 4.32
CA ILE A 69 -53.65 42.51 4.97
C ILE A 69 -54.38 43.77 4.54
N THR A 70 -54.84 44.55 5.52
CA THR A 70 -55.41 45.87 5.28
C THR A 70 -54.82 46.85 6.27
N LYS A 71 -55.10 48.14 6.05
CA LYS A 71 -54.60 49.19 6.90
C LYS A 71 -55.61 50.32 6.96
N ASP A 72 -55.45 51.18 7.96
CA ASP A 72 -56.25 52.40 8.10
C ASP A 72 -55.28 53.56 8.32
N ASN A 73 -55.23 54.49 7.38
CA ASN A 73 -54.35 55.65 7.51
C ASN A 73 -54.68 56.45 8.76
N SER A 74 -55.97 56.65 9.03
CA SER A 74 -56.40 57.49 10.14
C SER A 74 -55.83 56.97 11.46
N GLU A 75 -55.95 55.67 11.71
CA GLU A 75 -55.38 55.08 12.91
C GLU A 75 -53.88 54.85 12.81
N SER A 76 -53.30 55.02 11.61
CA SER A 76 -51.89 54.71 11.36
C SER A 76 -51.56 53.31 11.84
N GLN A 77 -52.37 52.35 11.39
CA GLN A 77 -52.25 50.97 11.82
C GLN A 77 -52.43 50.04 10.62
N VAL A 78 -51.74 48.90 10.67
CA VAL A 78 -51.84 47.86 9.65
C VAL A 78 -52.27 46.57 10.33
N SER A 79 -53.08 45.78 9.64
CA SER A 79 -53.64 44.55 10.18
C SER A 79 -53.20 43.36 9.35
N LEU A 80 -53.21 42.19 9.99
CA LEU A 80 -52.82 40.93 9.35
C LEU A 80 -53.78 39.84 9.77
N SER A 81 -54.12 38.95 8.85
CA SER A 81 -55.04 37.85 9.11
C SER A 81 -54.46 36.56 8.56
N VAL A 82 -54.14 35.63 9.45
CA VAL A 82 -53.69 34.28 9.09
C VAL A 82 -54.80 33.33 9.48
N SER A 83 -55.43 32.69 8.51
CA SER A 83 -56.63 31.88 8.74
C SER A 83 -56.27 30.40 8.89
N SER A 84 -57.14 29.68 9.60
CA SER A 84 -57.04 28.23 9.78
C SER A 84 -55.65 27.83 10.23
N VAL A 85 -55.26 28.35 11.39
CA VAL A 85 -53.90 28.16 11.87
C VAL A 85 -53.71 26.73 12.36
N THR A 86 -52.45 26.28 12.33
CA THR A 86 -52.03 24.97 12.82
C THR A 86 -50.88 25.16 13.79
N THR A 87 -50.48 24.06 14.43
CA THR A 87 -49.52 24.15 15.53
C THR A 87 -48.13 24.58 15.07
N GLU A 88 -47.87 24.66 13.76
CA GLU A 88 -46.57 25.13 13.30
C GLU A 88 -46.53 26.64 13.08
N ASP A 89 -47.68 27.29 12.96
CA ASP A 89 -47.70 28.72 12.72
C ASP A 89 -47.28 29.54 13.93
N SER A 90 -47.14 28.92 15.10
CA SER A 90 -46.63 29.61 16.26
C SER A 90 -45.23 30.14 15.95
N ALA A 91 -45.08 31.47 15.95
CA ALA A 91 -43.83 32.08 15.57
C ALA A 91 -43.76 33.50 16.12
N THR A 92 -42.57 34.07 16.04
CA THR A 92 -42.39 35.50 16.31
C THR A 92 -42.75 36.28 15.06
N TYR A 93 -43.66 37.23 15.18
CA TYR A 93 -44.15 38.01 14.05
C TYR A 93 -43.61 39.42 14.14
N TYR A 94 -42.90 39.87 13.10
CA TYR A 94 -42.27 41.18 13.07
C TYR A 94 -43.00 42.08 12.10
N CYS A 95 -43.27 43.32 12.52
CA CYS A 95 -43.84 44.35 11.67
C CYS A 95 -42.73 45.23 11.13
N THR A 96 -42.77 45.50 9.81
CA THR A 96 -41.66 46.14 9.14
C THR A 96 -42.14 47.13 8.09
N THR A 97 -41.26 48.06 7.75
CA THR A 97 -41.41 48.91 6.58
C THR A 97 -40.49 48.39 5.48
N VAL A 98 -41.05 48.22 4.28
CA VAL A 98 -40.28 47.69 3.15
C VAL A 98 -40.28 48.72 2.03
N HIS A 99 -39.23 48.67 1.23
CA HIS A 99 -39.09 49.52 0.04
C HIS A 99 -39.14 48.61 -1.18
N GLN A 100 -40.22 48.73 -1.94
CA GLN A 100 -40.44 47.91 -3.13
C GLN A 100 -40.28 48.76 -4.38
N TYR A 101 -39.64 48.19 -5.40
CA TYR A 101 -39.48 48.89 -6.67
C TYR A 101 -39.18 47.85 -7.74
N THR A 102 -39.98 47.87 -8.81
CA THR A 102 -39.73 47.03 -9.99
C THR A 102 -38.82 47.79 -10.95
N HIS A 103 -37.54 47.42 -10.96
CA HIS A 103 -36.59 47.99 -11.90
C HIS A 103 -36.76 47.33 -13.25
N LYS A 104 -36.83 48.14 -14.29
CA LYS A 104 -36.88 47.62 -15.65
C LYS A 104 -35.46 47.39 -16.16
N ARG A 105 -35.33 46.47 -17.13
CA ARG A 105 -34.01 46.07 -17.61
C ARG A 105 -34.13 45.70 -19.08
N CYS A 106 -33.72 46.61 -19.95
CA CYS A 106 -33.71 46.50 -21.40
C CYS A 106 -32.25 46.26 -21.84
N PRO A 107 -32.02 45.92 -23.10
CA PRO A 107 -30.63 45.70 -23.55
C PRO A 107 -29.76 46.94 -23.42
N ASP A 108 -28.46 46.72 -23.65
CA ASP A 108 -27.45 47.76 -23.48
C ASP A 108 -27.54 48.85 -24.53
N GLY A 109 -28.42 48.71 -25.52
CA GLY A 109 -28.58 49.75 -26.51
C GLY A 109 -29.70 50.71 -26.16
N TYR A 110 -30.71 50.22 -25.47
CA TYR A 110 -31.91 51.01 -25.18
C TYR A 110 -32.27 50.95 -23.70
N ALA A 148 -38.40 43.53 -23.63
CA ALA A 148 -38.56 44.12 -22.30
C ALA A 148 -37.79 43.34 -21.24
N GLY A 149 -37.95 43.73 -19.98
CA GLY A 149 -37.28 43.07 -18.88
C GLY A 149 -37.85 43.53 -17.56
N SER A 150 -37.51 42.78 -16.51
CA SER A 150 -38.02 43.10 -15.18
C SER A 150 -37.10 42.49 -14.13
N SER A 151 -36.69 43.31 -13.16
CA SER A 151 -35.82 42.88 -12.07
C SER A 151 -36.37 43.49 -10.78
N TYR A 152 -36.82 42.64 -9.86
CA TYR A 152 -37.69 43.06 -8.78
C TYR A 152 -36.88 43.26 -7.49
N GLU A 153 -37.16 44.34 -6.77
CA GLU A 153 -36.44 44.70 -5.56
C GLU A 153 -37.39 44.80 -4.37
N LEU A 154 -37.00 44.17 -3.27
CA LEU A 154 -37.65 44.34 -1.99
C LEU A 154 -36.62 44.10 -0.89
N TYR A 155 -36.72 44.89 0.17
CA TYR A 155 -35.89 44.72 1.35
C TYR A 155 -36.62 45.37 2.53
N VAL A 156 -36.22 44.99 3.73
CA VAL A 156 -36.81 45.53 4.95
C VAL A 156 -36.01 46.77 5.35
N ASP A 157 -36.73 47.86 5.66
CA ASP A 157 -36.12 49.10 6.14
C ASP A 157 -35.97 49.11 7.66
N ALA A 158 -37.09 49.09 8.38
CA ALA A 158 -37.09 49.07 9.83
C ALA A 158 -37.85 47.85 10.33
N TRP A 159 -37.36 47.24 11.40
CA TRP A 159 -37.94 46.03 11.97
C TRP A 159 -38.70 46.36 13.24
N GLY A 160 -39.83 45.68 13.44
CA GLY A 160 -40.50 45.69 14.72
C GLY A 160 -39.72 44.87 15.74
N GLN A 161 -40.31 44.76 16.94
CA GLN A 161 -39.63 44.06 18.01
C GLN A 161 -39.97 42.57 18.04
N GLY A 162 -41.15 42.20 17.54
CA GLY A 162 -41.52 40.80 17.53
C GLY A 162 -42.28 40.36 18.77
N LEU A 163 -43.57 40.05 18.61
CA LEU A 163 -44.34 39.37 19.63
C LEU A 163 -44.50 37.91 19.20
N LEU A 164 -44.30 36.99 20.13
CA LEU A 164 -44.33 35.57 19.81
C LEU A 164 -45.73 35.04 20.08
N VAL A 165 -46.50 34.84 19.00
CA VAL A 165 -47.75 34.11 19.11
C VAL A 165 -47.41 32.63 19.31
N THR A 166 -47.89 32.06 20.41
CA THR A 166 -47.75 30.64 20.70
C THR A 166 -49.12 30.00 20.56
N VAL A 167 -49.22 29.03 19.67
CA VAL A 167 -50.50 28.38 19.36
C VAL A 167 -50.65 27.08 20.16
N THR A 172 -55.15 28.58 29.04
CA THR A 172 -54.28 29.65 29.51
C THR A 172 -53.91 29.45 30.97
N THR A 173 -52.68 29.81 31.34
CA THR A 173 -52.16 29.61 32.68
C THR A 173 -51.56 30.92 33.19
N ALA A 174 -52.06 31.39 34.34
CA ALA A 174 -51.49 32.58 34.96
C ALA A 174 -50.31 32.18 35.85
N PRO A 175 -49.32 33.07 35.97
CA PRO A 175 -48.14 32.73 36.78
C PRO A 175 -48.36 32.98 38.27
N LYS A 176 -47.52 32.33 39.06
CA LYS A 176 -47.48 32.53 40.51
C LYS A 176 -46.12 33.11 40.88
N VAL A 177 -46.12 34.20 41.65
CA VAL A 177 -44.91 34.96 41.93
C VAL A 177 -44.43 34.67 43.34
N TYR A 178 -43.11 34.46 43.48
CA TYR A 178 -42.45 34.13 44.73
C TYR A 178 -41.20 35.00 44.87
N PRO A 179 -41.04 35.73 45.98
CA PRO A 179 -39.80 36.47 46.20
C PRO A 179 -38.67 35.56 46.64
N LEU A 180 -37.44 35.93 46.26
CA LEU A 180 -36.25 35.14 46.55
C LEU A 180 -35.22 35.98 47.28
N SER A 181 -34.58 35.37 48.29
CA SER A 181 -33.46 35.99 48.98
C SER A 181 -32.50 34.91 49.42
N SER A 182 -31.24 35.29 49.63
CA SER A 182 -30.15 34.34 49.81
C SER A 182 -30.10 33.83 51.25
N CYS A 183 -29.30 32.77 51.43
CA CYS A 183 -29.12 32.14 52.73
C CYS A 183 -28.09 32.90 53.57
N CYS A 184 -27.99 32.53 54.83
CA CYS A 184 -27.04 33.16 55.74
C CYS A 184 -25.78 32.29 55.89
N THR A 191 -21.81 42.71 48.53
CA THR A 191 -23.05 42.92 47.81
C THR A 191 -24.12 41.91 48.21
N VAL A 192 -25.38 42.24 47.91
CA VAL A 192 -26.51 41.35 48.16
C VAL A 192 -27.11 40.98 46.81
N THR A 193 -27.83 39.85 46.79
CA THR A 193 -28.54 39.38 45.61
C THR A 193 -29.99 39.11 45.98
N LEU A 194 -30.91 39.74 45.25
CA LEU A 194 -32.35 39.57 45.46
C LEU A 194 -32.97 38.92 44.23
N GLY A 195 -34.07 38.19 44.45
CA GLY A 195 -34.70 37.43 43.40
C GLY A 195 -36.19 37.71 43.30
N CYS A 196 -36.80 37.14 42.26
CA CYS A 196 -38.21 37.35 41.97
C CYS A 196 -38.70 36.23 41.06
N LEU A 197 -39.05 35.10 41.64
CA LEU A 197 -39.29 33.86 40.90
C LEU A 197 -40.73 33.79 40.41
N VAL A 198 -40.90 33.73 39.09
CA VAL A 198 -42.20 33.52 38.47
C VAL A 198 -42.37 32.02 38.21
N SER A 199 -43.48 31.46 38.67
CA SER A 199 -43.66 30.01 38.72
C SER A 199 -44.86 29.57 37.92
N SER A 200 -44.66 28.59 37.03
CA SER A 200 -45.72 27.87 36.34
C SER A 200 -46.66 28.78 35.56
N TYR A 201 -46.35 29.01 34.28
CA TYR A 201 -47.18 29.85 33.43
C TYR A 201 -47.08 29.39 31.98
N MET A 202 -48.18 29.61 31.25
CA MET A 202 -48.35 29.22 29.86
C MET A 202 -49.36 30.18 29.23
N PRO A 203 -49.12 30.67 28.01
CA PRO A 203 -47.92 30.49 27.19
C PRO A 203 -46.91 31.61 27.37
N GLU A 204 -45.81 31.54 26.63
CA GLU A 204 -44.85 32.63 26.64
C GLU A 204 -45.49 33.87 26.02
N PRO A 205 -45.03 35.08 26.39
CA PRO A 205 -43.97 35.39 27.35
C PRO A 205 -44.43 36.11 28.61
N VAL A 206 -43.48 36.55 29.43
CA VAL A 206 -43.73 37.46 30.55
C VAL A 206 -42.67 38.55 30.51
N THR A 207 -43.08 39.77 30.85
CA THR A 207 -42.20 40.93 30.90
C THR A 207 -41.98 41.33 32.36
N VAL A 208 -40.72 41.47 32.77
CA VAL A 208 -40.36 41.70 34.16
C VAL A 208 -39.68 43.05 34.27
N THR A 209 -40.12 43.87 35.23
CA THR A 209 -39.48 45.12 35.58
C THR A 209 -39.28 45.15 37.09
N TRP A 210 -38.54 46.15 37.58
CA TRP A 210 -38.31 46.35 39.00
C TRP A 210 -38.68 47.79 39.37
N ASN A 211 -39.66 47.93 40.25
CA ASN A 211 -40.12 49.23 40.76
C ASN A 211 -40.63 50.12 39.64
N SER A 212 -41.49 49.55 38.79
CA SER A 212 -42.19 50.30 37.74
C SER A 212 -41.24 50.90 36.72
N GLY A 213 -40.26 50.11 36.27
CA GLY A 213 -39.30 50.56 35.31
C GLY A 213 -38.26 51.54 35.83
N ALA A 214 -38.34 51.92 37.10
CA ALA A 214 -37.39 52.88 37.66
C ALA A 214 -36.07 52.24 38.05
N LEU A 215 -36.02 50.92 38.20
CA LEU A 215 -34.79 50.21 38.50
C LEU A 215 -34.36 49.49 37.23
N LYS A 216 -33.35 50.05 36.55
CA LYS A 216 -32.82 49.48 35.32
C LYS A 216 -31.42 48.91 35.50
N SER A 217 -30.94 48.81 36.73
CA SER A 217 -29.53 48.52 37.01
C SER A 217 -29.35 47.10 37.53
N GLY A 218 -28.30 46.43 37.05
CA GLY A 218 -27.88 45.15 37.55
C GLY A 218 -28.88 44.02 37.41
N VAL A 219 -29.91 44.22 36.59
CA VAL A 219 -30.99 43.23 36.43
C VAL A 219 -30.62 42.27 35.32
N HIS A 220 -30.81 40.97 35.58
CA HIS A 220 -30.61 39.91 34.59
C HIS A 220 -31.86 39.03 34.60
N THR A 221 -32.72 39.21 33.59
CA THR A 221 -33.85 38.32 33.39
C THR A 221 -33.39 37.11 32.58
N PHE A 222 -33.84 35.93 32.99
CA PHE A 222 -33.30 34.66 32.53
C PHE A 222 -34.23 33.98 31.53
N PRO A 223 -33.71 33.04 30.74
CA PRO A 223 -34.59 32.23 29.89
C PRO A 223 -35.30 31.15 30.70
N ALA A 224 -36.59 31.00 30.43
CA ALA A 224 -37.40 30.05 31.18
C ALA A 224 -36.96 28.61 30.89
N VAL A 225 -37.53 27.68 31.65
CA VAL A 225 -37.33 26.26 31.45
C VAL A 225 -38.65 25.64 31.02
N LEU A 226 -38.55 24.63 30.15
CA LEU A 226 -39.72 23.90 29.69
C LEU A 226 -39.82 22.64 30.53
N GLN A 227 -40.60 22.71 31.61
CA GLN A 227 -40.78 21.58 32.49
C GLN A 227 -41.55 20.48 31.79
N SER A 228 -41.45 19.25 32.34
CA SER A 228 -42.20 18.13 31.78
C SER A 228 -43.69 18.38 31.84
N SER A 229 -44.14 19.21 32.79
CA SER A 229 -45.55 19.59 32.87
C SER A 229 -45.97 20.55 31.76
N GLY A 230 -45.03 21.06 30.99
CA GLY A 230 -45.34 22.04 29.97
C GLY A 230 -45.60 23.44 30.49
N LEU A 231 -45.19 23.71 31.73
CA LEU A 231 -45.35 25.04 32.33
C LEU A 231 -43.97 25.66 32.49
N TYR A 232 -43.83 26.90 32.03
CA TYR A 232 -42.57 27.62 32.07
C TYR A 232 -42.32 28.19 33.46
N SER A 233 -41.06 28.59 33.69
CA SER A 233 -40.66 29.20 34.96
C SER A 233 -39.37 29.96 34.73
N LEU A 234 -39.41 31.29 34.79
CA LEU A 234 -38.22 32.12 34.66
C LEU A 234 -38.06 33.00 35.88
N SER A 235 -36.85 33.54 36.04
CA SER A 235 -36.50 34.40 37.15
C SER A 235 -35.80 35.65 36.64
N SER A 236 -35.79 36.70 37.48
CA SER A 236 -35.23 38.00 37.10
C SER A 236 -34.44 38.52 38.30
N MET A 237 -33.14 38.20 38.33
CA MET A 237 -32.28 38.58 39.45
C MET A 237 -31.93 40.06 39.40
N VAL A 238 -31.62 40.62 40.57
CA VAL A 238 -31.12 41.97 40.71
C VAL A 238 -30.05 41.94 41.80
N THR A 239 -28.98 42.73 41.61
CA THR A 239 -27.83 42.70 42.50
C THR A 239 -27.54 44.11 43.01
N VAL A 240 -27.40 44.24 44.33
CA VAL A 240 -27.09 45.53 44.97
C VAL A 240 -25.70 45.48 45.60
N THR A 248 -36.98 48.33 49.72
CA THR A 248 -38.25 48.60 49.07
C THR A 248 -38.16 48.25 47.58
N PHE A 249 -38.10 46.95 47.29
CA PHE A 249 -37.92 46.44 45.92
C PHE A 249 -39.13 45.60 45.53
N THR A 250 -40.03 46.18 44.74
CA THR A 250 -41.12 45.44 44.13
C THR A 250 -40.79 45.16 42.67
N CYS A 251 -40.90 43.89 42.28
CA CYS A 251 -40.78 43.50 40.89
C CYS A 251 -42.17 43.34 40.30
N ASN A 252 -42.40 43.92 39.13
CA ASN A 252 -43.70 43.88 38.48
C ASN A 252 -43.66 42.86 37.35
N VAL A 253 -44.54 41.86 37.42
CA VAL A 253 -44.63 40.81 36.41
C VAL A 253 -45.96 40.95 35.69
N ALA A 254 -45.91 40.86 34.36
CA ALA A 254 -47.10 40.89 33.52
C ALA A 254 -47.10 39.70 32.59
N HIS A 255 -48.28 39.22 32.27
CA HIS A 255 -48.45 38.05 31.38
C HIS A 255 -49.53 38.40 30.37
N PRO A 256 -49.19 38.63 29.10
CA PRO A 256 -50.19 39.15 28.15
C PRO A 256 -51.34 38.22 27.89
N ALA A 257 -51.14 36.90 27.98
CA ALA A 257 -52.21 35.96 27.67
C ALA A 257 -53.31 36.01 28.72
N SER A 258 -52.94 35.82 30.00
CA SER A 258 -53.91 35.87 31.09
C SER A 258 -54.24 37.29 31.52
N SER A 259 -53.57 38.30 30.97
CA SER A 259 -53.83 39.70 31.27
C SER A 259 -53.70 40.00 32.77
N THR A 260 -52.72 39.37 33.40
CA THR A 260 -52.49 39.50 34.84
C THR A 260 -51.32 40.44 35.11
N LYS A 261 -51.43 41.23 36.17
CA LYS A 261 -50.39 42.16 36.58
C LYS A 261 -50.32 42.15 38.11
N VAL A 262 -49.24 41.61 38.65
CA VAL A 262 -49.07 41.47 40.10
C VAL A 262 -47.82 42.24 40.53
N ASP A 263 -47.76 42.54 41.82
CA ASP A 263 -46.64 43.27 42.43
C ASP A 263 -46.23 42.56 43.71
N LYS A 264 -44.99 42.07 43.74
CA LYS A 264 -44.47 41.33 44.88
C LYS A 264 -43.16 41.97 45.34
N ALA A 265 -43.16 42.50 46.56
CA ALA A 265 -41.95 43.08 47.13
C ALA A 265 -41.00 41.98 47.56
N VAL A 266 -39.70 42.30 47.60
CA VAL A 266 -38.66 41.35 47.92
C VAL A 266 -37.73 41.97 48.97
N GLU A 267 -37.60 41.31 50.10
CA GLU A 267 -36.69 41.68 51.18
C GLU A 267 -35.89 40.46 51.62
N PRO A 268 -34.70 40.66 52.19
CA PRO A 268 -33.92 39.53 52.71
C PRO A 268 -34.42 39.07 54.07
N ALA B 2 -39.36 30.04 -2.16
CA ALA B 2 -38.81 29.10 -1.20
C ALA B 2 -37.80 29.81 -0.31
N VAL B 3 -36.52 29.49 -0.47
CA VAL B 3 -35.49 29.95 0.47
C VAL B 3 -34.14 29.91 -0.24
N LEU B 4 -33.20 30.71 0.24
CA LEU B 4 -31.86 30.86 -0.33
C LEU B 4 -30.83 30.02 0.45
N ASN B 5 -29.77 29.62 -0.24
CA ASN B 5 -28.75 28.76 0.35
C ASN B 5 -27.72 29.58 1.12
N GLN B 6 -27.41 29.15 2.34
CA GLN B 6 -26.35 29.70 3.17
C GLN B 6 -25.73 28.55 3.95
N PRO B 7 -24.48 28.71 4.39
CA PRO B 7 -23.80 27.62 5.11
C PRO B 7 -24.41 27.25 6.45
N SER B 8 -25.43 27.97 6.92
CA SER B 8 -26.13 27.65 8.17
C SER B 8 -25.22 27.76 9.40
N SER B 9 -23.94 27.44 9.25
CA SER B 9 -22.99 27.47 10.36
C SER B 9 -21.62 27.82 9.81
N VAL B 10 -21.01 28.87 10.35
CA VAL B 10 -19.70 29.33 9.92
C VAL B 10 -18.91 29.74 11.14
N SER B 11 -17.59 29.75 11.01
CA SER B 11 -16.71 30.12 12.11
C SER B 11 -15.55 30.94 11.61
N GLY B 12 -15.17 31.94 12.38
CA GLY B 12 -14.00 32.75 12.10
C GLY B 12 -13.36 33.22 13.39
N SER B 13 -12.16 33.77 13.26
CA SER B 13 -11.40 34.18 14.43
C SER B 13 -11.53 35.68 14.67
N LEU B 14 -11.15 36.09 15.88
CA LEU B 14 -11.35 37.46 16.33
C LEU B 14 -10.43 38.42 15.59
N GLY B 15 -11.00 39.53 15.11
CA GLY B 15 -10.25 40.54 14.40
C GLY B 15 -9.89 40.21 12.98
N GLN B 16 -10.14 38.99 12.52
CA GLN B 16 -9.77 38.57 11.18
C GLN B 16 -10.88 38.95 10.20
N ARG B 17 -10.90 38.31 9.04
CA ARG B 17 -11.92 38.53 8.03
C ARG B 17 -12.61 37.22 7.71
N VAL B 18 -13.93 37.27 7.56
CA VAL B 18 -14.74 36.10 7.22
C VAL B 18 -15.75 36.52 6.16
N SER B 19 -16.34 35.51 5.52
CA SER B 19 -17.28 35.75 4.43
C SER B 19 -18.42 34.74 4.52
N ILE B 20 -19.65 35.23 4.37
CA ILE B 20 -20.86 34.42 4.42
C ILE B 20 -21.48 34.42 3.03
N THR B 21 -21.57 33.24 2.41
CA THR B 21 -22.09 33.14 1.06
C THR B 21 -23.61 33.01 1.05
N CYS B 22 -24.21 33.55 0.00
CA CYS B 22 -25.66 33.48 -0.22
C CYS B 22 -25.88 33.30 -1.72
N SER B 23 -26.26 32.10 -2.13
CA SER B 23 -26.33 31.74 -3.53
C SER B 23 -27.73 31.29 -3.91
N GLY B 24 -28.15 31.64 -5.11
CA GLY B 24 -29.47 31.29 -5.58
C GLY B 24 -29.55 31.16 -7.11
N SER B 25 -30.69 31.57 -7.65
CA SER B 25 -31.01 31.40 -9.07
C SER B 25 -30.82 32.69 -9.84
N SER B 26 -30.98 32.59 -11.16
CA SER B 26 -30.99 33.77 -12.03
C SER B 26 -32.33 34.49 -12.01
N SER B 27 -33.28 34.03 -11.20
CA SER B 27 -34.56 34.71 -11.02
C SER B 27 -34.64 35.46 -9.70
N ASN B 28 -33.76 35.16 -8.75
CA ASN B 28 -33.74 35.87 -7.48
C ASN B 28 -32.41 36.59 -7.27
N VAL B 29 -31.37 35.86 -6.87
CA VAL B 29 -30.05 36.48 -6.72
C VAL B 29 -29.49 36.89 -8.08
N GLY B 30 -29.89 36.20 -9.15
CA GLY B 30 -29.43 36.56 -10.48
C GLY B 30 -29.87 37.96 -10.89
N ASN B 31 -31.10 38.34 -10.53
CA ASN B 31 -31.53 39.71 -10.75
C ASN B 31 -30.67 40.69 -9.95
N GLY B 32 -30.22 40.27 -8.77
CA GLY B 32 -29.19 40.99 -8.05
C GLY B 32 -29.64 42.23 -7.32
N TYR B 33 -30.55 42.07 -6.36
CA TYR B 33 -30.88 43.14 -5.41
C TYR B 33 -30.97 42.52 -4.01
N VAL B 34 -29.82 42.04 -3.57
CA VAL B 34 -29.71 41.29 -2.32
C VAL B 34 -29.78 42.24 -1.13
N SER B 35 -30.38 41.76 -0.04
CA SER B 35 -30.36 42.45 1.24
C SER B 35 -29.76 41.52 2.29
N TRP B 36 -29.20 42.10 3.35
CA TRP B 36 -28.58 41.35 4.44
C TRP B 36 -29.08 41.86 5.79
N TYR B 37 -29.23 40.95 6.75
CA TYR B 37 -29.83 41.28 8.03
C TYR B 37 -29.08 40.57 9.15
N GLN B 38 -28.98 41.23 10.30
CA GLN B 38 -28.30 40.69 11.48
C GLN B 38 -29.32 40.51 12.60
N LEU B 39 -29.43 39.28 13.10
CA LEU B 39 -30.36 38.94 14.18
C LEU B 39 -29.54 38.46 15.38
N ILE B 40 -29.41 39.32 16.39
CA ILE B 40 -28.81 38.92 17.65
C ILE B 40 -29.96 38.47 18.56
N PRO B 41 -29.81 37.37 19.30
CA PRO B 41 -30.87 36.95 20.23
C PRO B 41 -31.17 38.04 21.25
N GLY B 42 -32.46 38.19 21.57
CA GLY B 42 -32.91 39.22 22.48
C GLY B 42 -33.08 40.59 21.87
N SER B 43 -32.57 40.81 20.67
CA SER B 43 -32.70 42.09 19.97
C SER B 43 -33.51 41.90 18.70
N ALA B 44 -33.95 43.02 18.14
CA ALA B 44 -34.66 42.97 16.88
C ALA B 44 -33.66 42.80 15.73
N PRO B 45 -34.06 42.12 14.67
CA PRO B 45 -33.25 42.10 13.45
C PRO B 45 -32.97 43.52 12.98
N ARG B 46 -31.70 43.78 12.66
CA ARG B 46 -31.31 45.07 12.10
C ARG B 46 -30.87 44.86 10.66
N THR B 47 -31.20 45.83 9.81
CA THR B 47 -30.85 45.77 8.40
C THR B 47 -29.41 46.21 8.22
N LEU B 48 -28.66 45.46 7.42
CA LEU B 48 -27.23 45.67 7.26
C LEU B 48 -26.91 46.24 5.87
N ILE B 49 -27.11 45.45 4.81
CA ILE B 49 -26.80 45.85 3.45
C ILE B 49 -28.01 45.58 2.58
N TYR B 50 -28.37 46.55 1.73
CA TYR B 50 -29.43 46.40 0.74
C TYR B 50 -28.89 46.76 -0.63
N GLY B 51 -29.48 46.19 -1.66
CA GLY B 51 -29.01 46.40 -3.02
C GLY B 51 -27.56 46.02 -3.24
N ASP B 52 -27.19 44.80 -2.84
CA ASP B 52 -25.88 44.20 -3.07
C ASP B 52 -24.78 44.82 -2.21
N THR B 53 -24.52 46.12 -2.36
CA THR B 53 -23.32 46.74 -1.81
C THR B 53 -23.57 47.90 -0.86
N SER B 54 -24.77 48.47 -0.82
CA SER B 54 -25.02 49.68 -0.03
C SER B 54 -25.29 49.32 1.42
N ARG B 55 -24.58 49.99 2.33
CA ARG B 55 -24.77 49.80 3.76
C ARG B 55 -25.89 50.69 4.28
N ALA B 56 -26.62 50.19 5.27
CA ALA B 56 -27.82 50.86 5.77
C ALA B 56 -27.45 51.82 6.89
N SER B 57 -28.47 52.39 7.54
CA SER B 57 -28.24 53.40 8.56
C SER B 57 -27.46 52.83 9.73
N GLY B 58 -26.40 53.53 10.14
CA GLY B 58 -25.61 53.12 11.28
C GLY B 58 -24.81 51.85 11.10
N VAL B 59 -24.61 51.42 9.85
CA VAL B 59 -23.88 50.20 9.55
C VAL B 59 -22.42 50.61 9.15
N PRO B 60 -21.44 50.28 9.98
CA PRO B 60 -20.06 50.64 9.61
C PRO B 60 -19.61 49.92 8.35
N ASP B 61 -18.64 50.52 7.67
CA ASP B 61 -18.13 49.94 6.44
C ASP B 61 -17.31 48.68 6.65
N ARG B 62 -17.19 48.19 7.89
CA ARG B 62 -16.59 46.87 8.12
C ARG B 62 -17.47 45.74 7.60
N PHE B 63 -18.79 45.98 7.51
CA PHE B 63 -19.72 45.02 6.94
C PHE B 63 -19.91 45.39 5.48
N SER B 64 -19.34 44.60 4.58
CA SER B 64 -19.26 44.93 3.16
C SER B 64 -20.03 43.92 2.34
N GLY B 65 -21.00 44.40 1.57
CA GLY B 65 -21.75 43.57 0.67
C GLY B 65 -21.12 43.52 -0.72
N SER B 66 -21.09 42.33 -1.30
CA SER B 66 -20.51 42.12 -2.61
C SER B 66 -21.27 41.00 -3.30
N ARG B 67 -21.09 40.89 -4.61
CA ARG B 67 -21.84 39.92 -5.38
C ARG B 67 -21.02 39.48 -6.58
N SER B 68 -21.16 38.20 -6.93
CA SER B 68 -20.51 37.61 -8.11
C SER B 68 -21.54 36.70 -8.77
N GLY B 69 -22.31 37.26 -9.70
CA GLY B 69 -23.29 36.50 -10.45
C GLY B 69 -24.44 35.98 -9.61
N ASN B 70 -24.48 34.67 -9.39
CA ASN B 70 -25.58 34.04 -8.67
C ASN B 70 -25.24 33.76 -7.21
N THR B 71 -24.16 34.34 -6.68
CA THR B 71 -23.75 34.11 -5.31
C THR B 71 -23.37 35.46 -4.70
N ALA B 72 -24.28 36.03 -3.91
CA ALA B 72 -23.95 37.20 -3.12
C ALA B 72 -23.14 36.78 -1.91
N THR B 73 -22.37 37.72 -1.36
CA THR B 73 -21.45 37.41 -0.28
C THR B 73 -21.36 38.59 0.67
N LEU B 74 -21.75 38.38 1.92
CA LEU B 74 -21.50 39.33 2.99
C LEU B 74 -20.18 39.01 3.66
N THR B 75 -19.35 40.04 3.85
CA THR B 75 -18.02 39.89 4.41
C THR B 75 -17.89 40.82 5.61
N ILE B 76 -17.49 40.26 6.75
CA ILE B 76 -17.33 41.02 7.97
C ILE B 76 -15.83 41.17 8.24
N SER B 77 -15.37 42.41 8.25
CA SER B 77 -13.96 42.73 8.49
C SER B 77 -13.78 43.14 9.94
N SER B 78 -12.66 42.70 10.53
CA SER B 78 -12.35 42.94 11.94
C SER B 78 -13.48 42.40 12.82
N LEU B 79 -13.49 41.10 13.04
CA LEU B 79 -14.54 40.48 13.84
C LEU B 79 -14.46 40.92 15.30
N GLN B 80 -15.63 41.08 15.91
CA GLN B 80 -15.74 41.40 17.33
C GLN B 80 -16.77 40.45 17.96
N ALA B 81 -16.72 40.36 19.29
CA ALA B 81 -17.73 39.59 20.01
C ALA B 81 -19.13 40.10 19.69
N GLU B 82 -19.26 41.41 19.48
CA GLU B 82 -20.52 42.06 19.11
C GLU B 82 -21.14 41.46 17.84
N ASP B 83 -20.33 40.76 17.02
CA ASP B 83 -20.78 40.33 15.70
C ASP B 83 -21.38 38.93 15.68
N GLU B 84 -21.26 38.15 16.76
CA GLU B 84 -21.89 36.84 16.81
C GLU B 84 -23.40 36.96 16.70
N ALA B 85 -23.96 36.41 15.62
CA ALA B 85 -25.40 36.48 15.39
C ALA B 85 -25.76 35.53 14.26
N ASP B 86 -27.03 35.55 13.86
CA ASP B 86 -27.52 34.85 12.68
C ASP B 86 -27.74 35.87 11.58
N TYR B 87 -27.07 35.66 10.44
CA TYR B 87 -27.14 36.57 9.31
C TYR B 87 -27.99 35.96 8.21
N PHE B 88 -29.03 36.68 7.79
CA PHE B 88 -29.91 36.26 6.71
C PHE B 88 -29.77 37.18 5.51
N CYS B 89 -29.70 36.59 4.32
CA CYS B 89 -29.81 37.32 3.07
C CYS B 89 -31.25 37.24 2.57
N ALA B 90 -31.54 37.96 1.50
CA ALA B 90 -32.88 37.99 0.94
C ALA B 90 -32.87 38.74 -0.38
N SER B 91 -33.73 38.29 -1.30
CA SER B 91 -33.96 38.99 -2.55
C SER B 91 -35.40 38.73 -2.96
N ALA B 92 -35.91 39.59 -3.83
CA ALA B 92 -37.26 39.45 -4.34
C ALA B 92 -37.31 38.44 -5.49
N GLU B 93 -38.43 37.73 -5.59
CA GLU B 93 -38.62 36.72 -6.63
C GLU B 93 -39.97 36.93 -7.29
N ASP B 94 -39.96 37.16 -8.60
CA ASP B 94 -41.13 37.12 -9.47
C ASP B 94 -42.07 38.32 -9.28
N SER B 95 -41.91 39.05 -8.19
CA SER B 95 -42.70 40.26 -7.98
C SER B 95 -41.94 41.20 -7.06
N SER B 96 -42.35 42.46 -7.06
CA SER B 96 -41.83 43.41 -6.09
C SER B 96 -42.43 43.21 -4.71
N SER B 97 -43.48 42.38 -4.59
CA SER B 97 -44.22 42.19 -3.36
C SER B 97 -44.00 40.82 -2.75
N ASN B 98 -43.06 40.02 -3.27
CA ASN B 98 -42.79 38.69 -2.75
C ASN B 98 -41.29 38.57 -2.52
N ALA B 99 -40.91 38.27 -1.29
CA ALA B 99 -39.51 38.12 -0.91
C ALA B 99 -39.21 36.68 -0.54
N VAL B 100 -37.95 36.29 -0.73
CA VAL B 100 -37.43 35.02 -0.26
C VAL B 100 -36.25 35.32 0.65
N PHE B 101 -36.08 34.53 1.70
CA PHE B 101 -34.98 34.72 2.65
C PHE B 101 -34.01 33.56 2.55
N GLY B 102 -32.86 33.73 3.18
CA GLY B 102 -31.88 32.67 3.25
C GLY B 102 -32.06 31.79 4.46
N SER B 103 -31.41 30.63 4.43
CA SER B 103 -31.41 29.74 5.59
C SER B 103 -30.79 30.41 6.81
N GLY B 104 -29.84 31.33 6.59
CA GLY B 104 -29.19 32.01 7.68
C GLY B 104 -28.06 31.20 8.30
N THR B 105 -26.88 31.80 8.42
CA THR B 105 -25.75 31.15 9.07
C THR B 105 -25.54 31.70 10.48
N THR B 106 -24.81 30.94 11.28
CA THR B 106 -24.54 31.27 12.67
C THR B 106 -23.09 31.70 12.80
N LEU B 107 -22.87 33.00 13.00
CA LEU B 107 -21.52 33.53 13.08
C LEU B 107 -20.92 33.23 14.45
N THR B 108 -19.69 32.72 14.45
CA THR B 108 -18.98 32.39 15.67
C THR B 108 -17.62 33.07 15.66
N VAL B 109 -17.31 33.79 16.73
CA VAL B 109 -16.02 34.46 16.88
C VAL B 109 -15.16 33.60 17.79
N LEU B 110 -14.01 33.16 17.28
CA LEU B 110 -13.26 32.10 17.94
C LEU B 110 -12.36 32.63 19.06
N GLY B 111 -11.60 33.68 18.78
CA GLY B 111 -10.50 34.07 19.65
C GLY B 111 -10.86 34.70 20.98
N GLN B 112 -12.15 34.72 21.35
CA GLN B 112 -12.38 35.42 22.61
C GLN B 112 -12.31 34.45 23.79
N PRO B 113 -11.70 34.87 24.91
CA PRO B 113 -11.65 34.09 26.15
C PRO B 113 -12.79 34.43 27.11
N SER B 118 -19.95 32.19 37.34
CA SER B 118 -20.53 32.68 38.59
C SER B 118 -22.02 32.38 38.64
N VAL B 119 -22.47 31.77 39.73
CA VAL B 119 -23.86 31.33 39.86
C VAL B 119 -24.35 31.62 41.28
N THR B 120 -25.52 32.23 41.38
CA THR B 120 -26.17 32.47 42.66
C THR B 120 -27.26 31.44 42.89
N LEU B 121 -27.33 30.89 44.10
CA LEU B 121 -28.29 29.85 44.44
C LEU B 121 -29.34 30.39 45.39
N PHE B 122 -30.60 30.03 45.14
CA PHE B 122 -31.74 30.53 45.89
C PHE B 122 -32.53 29.41 46.54
N PRO B 123 -32.95 29.57 47.78
CA PRO B 123 -33.90 28.62 48.39
C PRO B 123 -35.32 28.99 48.02
N PRO B 124 -36.27 28.09 48.24
CA PRO B 124 -37.67 28.42 47.93
C PRO B 124 -38.20 29.46 48.91
N SER B 125 -39.10 30.29 48.41
CA SER B 125 -39.71 31.31 49.25
C SER B 125 -40.54 30.66 50.35
N THR B 126 -40.59 31.34 51.51
CA THR B 126 -41.45 30.86 52.59
C THR B 126 -42.89 30.76 52.14
N GLU B 127 -43.32 31.68 51.25
CA GLU B 127 -44.67 31.63 50.71
C GLU B 127 -44.90 30.37 49.89
N GLU B 128 -43.86 29.86 49.22
CA GLU B 128 -44.03 28.71 48.36
C GLU B 128 -44.21 27.42 49.16
N LEU B 129 -43.53 27.29 50.29
CA LEU B 129 -43.65 26.09 51.11
C LEU B 129 -45.01 25.96 51.78
N ASN B 130 -45.83 27.02 51.77
CA ASN B 130 -47.16 26.94 52.35
C ASN B 130 -48.10 26.06 51.53
N GLY B 131 -47.79 25.86 50.25
CA GLY B 131 -48.54 24.91 49.43
C GLY B 131 -47.82 23.58 49.35
N ASN B 132 -46.92 23.35 50.30
CA ASN B 132 -46.11 22.13 50.39
C ASN B 132 -45.28 21.89 49.13
N LYS B 133 -45.11 22.91 48.30
CA LYS B 133 -44.26 22.84 47.12
C LYS B 133 -43.02 23.68 47.35
N ALA B 134 -41.92 23.30 46.70
CA ALA B 134 -40.66 24.01 46.85
C ALA B 134 -39.89 23.92 45.55
N THR B 135 -39.13 24.98 45.24
CA THR B 135 -38.38 25.05 44.01
C THR B 135 -37.01 25.65 44.28
N LEU B 136 -35.97 24.85 44.04
CA LEU B 136 -34.59 25.33 44.12
C LEU B 136 -34.22 25.97 42.78
N VAL B 137 -33.81 27.23 42.82
CA VAL B 137 -33.49 28.00 41.63
C VAL B 137 -31.99 28.28 41.63
N CYS B 138 -31.29 27.77 40.63
CA CYS B 138 -29.84 27.96 40.49
C CYS B 138 -29.61 28.72 39.19
N LEU B 139 -29.29 30.01 39.30
CA LEU B 139 -29.17 30.90 38.14
C LEU B 139 -27.69 31.15 37.84
N ILE B 140 -27.25 30.72 36.66
CA ILE B 140 -25.88 30.87 36.22
C ILE B 140 -25.84 31.92 35.11
N SER B 141 -24.79 32.76 35.12
CA SER B 141 -24.69 33.84 34.15
C SER B 141 -23.23 34.11 33.81
N ASP B 142 -23.03 34.77 32.66
CA ASP B 142 -21.74 35.25 32.19
C ASP B 142 -20.62 34.22 32.31
N PHE B 143 -20.73 33.18 31.49
CA PHE B 143 -19.66 32.21 31.27
C PHE B 143 -19.50 32.04 29.77
N TYR B 144 -18.28 31.73 29.33
CA TYR B 144 -18.08 31.55 27.90
C TYR B 144 -17.02 30.47 27.70
N PRO B 145 -17.24 29.51 26.80
CA PRO B 145 -18.47 29.37 25.99
C PRO B 145 -19.64 28.77 26.76
N GLY B 146 -20.75 28.51 26.06
CA GLY B 146 -21.98 28.10 26.72
C GLY B 146 -22.20 26.59 26.81
N SER B 147 -21.29 25.90 27.50
CA SER B 147 -21.42 24.46 27.75
C SER B 147 -21.19 24.24 29.25
N VAL B 148 -22.26 24.01 29.99
CA VAL B 148 -22.21 23.86 31.44
C VAL B 148 -22.90 22.57 31.84
N THR B 149 -22.35 21.90 32.85
CA THR B 149 -22.86 20.62 33.34
C THR B 149 -23.43 20.84 34.74
N VAL B 150 -24.75 20.86 34.84
CA VAL B 150 -25.44 21.09 36.10
C VAL B 150 -25.65 19.75 36.79
N VAL B 151 -25.09 19.61 38.00
CA VAL B 151 -25.32 18.44 38.83
C VAL B 151 -25.73 18.91 40.23
N TRP B 152 -26.92 18.48 40.66
CA TRP B 152 -27.40 18.76 42.01
C TRP B 152 -26.82 17.72 42.97
N LYS B 153 -26.38 18.18 44.14
CA LYS B 153 -25.80 17.31 45.15
C LYS B 153 -26.57 17.43 46.46
N ALA B 154 -26.88 16.30 47.09
CA ALA B 154 -27.58 16.26 48.37
C ALA B 154 -26.79 15.37 49.32
N ASP B 155 -26.09 15.99 50.27
CA ASP B 155 -25.30 15.28 51.28
C ASP B 155 -24.29 14.34 50.63
N GLY B 156 -23.59 14.84 49.60
CA GLY B 156 -22.56 14.07 48.93
C GLY B 156 -23.05 13.19 47.80
N SER B 157 -24.36 12.90 47.75
CA SER B 157 -24.94 12.09 46.70
C SER B 157 -25.53 12.99 45.62
N THR B 158 -25.66 12.43 44.41
CA THR B 158 -26.13 13.16 43.25
C THR B 158 -27.63 12.95 43.04
N ILE B 159 -28.33 14.02 42.69
CA ILE B 159 -29.78 14.00 42.51
C ILE B 159 -30.11 13.89 41.03
N THR B 160 -31.07 13.03 40.70
CA THR B 160 -31.51 12.85 39.32
C THR B 160 -32.93 13.29 39.06
N ARG B 161 -33.82 13.16 40.04
CA ARG B 161 -35.23 13.46 39.84
C ARG B 161 -35.47 14.97 39.86
N ASN B 162 -36.42 15.42 39.04
CA ASN B 162 -36.90 16.79 39.01
C ASN B 162 -35.84 17.79 38.58
N VAL B 163 -34.85 17.36 37.81
CA VAL B 163 -33.83 18.27 37.30
C VAL B 163 -34.35 18.89 36.00
N GLU B 164 -34.43 20.22 35.98
CA GLU B 164 -34.96 20.96 34.83
C GLU B 164 -34.00 22.10 34.52
N THR B 165 -33.25 21.97 33.43
CA THR B 165 -32.22 22.94 33.06
C THR B 165 -32.53 23.55 31.69
N THR B 166 -32.32 24.85 31.57
CA THR B 166 -32.51 25.57 30.33
C THR B 166 -31.23 25.52 29.50
N ARG B 167 -31.39 25.51 28.18
CA ARG B 167 -30.24 25.59 27.29
C ARG B 167 -29.60 26.97 27.41
N ALA B 168 -28.32 27.03 27.02
CA ALA B 168 -27.57 28.29 27.07
C ALA B 168 -28.21 29.32 26.15
N SER B 169 -28.23 30.58 26.60
CA SER B 169 -28.87 31.66 25.88
C SER B 169 -27.95 32.86 25.78
N LYS B 170 -27.90 33.47 24.59
CA LYS B 170 -27.03 34.61 24.37
C LYS B 170 -27.55 35.83 25.13
N GLN B 171 -26.69 36.43 25.94
CA GLN B 171 -27.04 37.65 26.66
C GLN B 171 -26.68 38.85 25.79
N SER B 172 -26.77 40.05 26.37
CA SER B 172 -26.41 41.25 25.63
C SER B 172 -24.90 41.34 25.42
N ASN B 173 -24.12 40.87 26.41
CA ASN B 173 -22.66 40.98 26.39
C ASN B 173 -21.99 39.81 25.69
N SER B 174 -22.60 39.24 24.64
CA SER B 174 -22.05 38.10 23.91
C SER B 174 -21.64 36.97 24.83
N LYS B 175 -22.28 36.90 26.00
CA LYS B 175 -22.03 35.86 27.00
C LYS B 175 -23.28 35.02 27.16
N TYR B 176 -23.11 33.77 27.58
CA TYR B 176 -24.19 32.80 27.62
C TYR B 176 -24.60 32.55 29.06
N ALA B 177 -25.90 32.66 29.33
CA ALA B 177 -26.48 32.47 30.64
C ALA B 177 -27.58 31.43 30.56
N ALA B 178 -27.88 30.81 31.70
CA ALA B 178 -28.82 29.70 31.73
C ALA B 178 -29.50 29.66 33.09
N SER B 179 -30.46 28.74 33.23
CA SER B 179 -31.18 28.53 34.47
C SER B 179 -31.49 27.06 34.61
N SER B 180 -31.48 26.57 35.85
CA SER B 180 -31.75 25.17 36.14
C SER B 180 -32.64 25.08 37.38
N TYR B 181 -33.71 24.29 37.29
CA TYR B 181 -34.75 24.27 38.31
C TYR B 181 -34.92 22.86 38.86
N LEU B 182 -34.90 22.73 40.18
CA LEU B 182 -35.17 21.48 40.89
C LEU B 182 -36.52 21.63 41.59
N SER B 183 -37.55 20.98 41.04
CA SER B 183 -38.92 21.11 41.53
C SER B 183 -39.18 19.99 42.53
N LEU B 184 -39.10 20.32 43.81
CA LEU B 184 -39.30 19.36 44.90
C LEU B 184 -40.56 19.73 45.69
N THR B 185 -40.80 18.95 46.74
CA THR B 185 -41.84 19.24 47.72
C THR B 185 -41.21 19.58 49.06
N SER B 186 -41.96 20.32 49.88
CA SER B 186 -41.43 20.77 51.16
C SER B 186 -41.12 19.62 52.11
N SER B 187 -41.63 18.42 51.83
CA SER B 187 -41.36 17.27 52.71
C SER B 187 -39.93 16.79 52.56
N ASP B 188 -39.57 16.27 51.38
CA ASP B 188 -38.22 15.79 51.13
C ASP B 188 -37.23 16.94 50.94
N TRP B 189 -37.67 18.19 50.99
CA TRP B 189 -36.74 19.32 50.98
C TRP B 189 -36.02 19.45 52.31
N LYS B 190 -36.68 19.08 53.41
CA LYS B 190 -36.05 19.05 54.72
C LYS B 190 -35.40 17.71 55.03
N SER B 191 -35.53 16.72 54.15
CA SER B 191 -34.99 15.39 54.43
C SER B 191 -33.47 15.41 54.44
N LYS B 192 -32.85 15.90 53.37
CA LYS B 192 -31.40 15.97 53.30
C LYS B 192 -30.87 17.09 54.19
N GLY B 193 -29.56 17.06 54.43
CA GLY B 193 -28.94 18.04 55.29
C GLY B 193 -28.30 19.20 54.54
N SER B 194 -27.98 18.98 53.26
CA SER B 194 -27.32 20.00 52.47
C SER B 194 -27.62 19.76 51.00
N TYR B 195 -27.75 20.86 50.25
CA TYR B 195 -27.99 20.82 48.81
C TYR B 195 -26.96 21.67 48.10
N SER B 196 -26.40 21.14 47.01
CA SER B 196 -25.32 21.81 46.28
C SER B 196 -25.65 21.86 44.79
N CYS B 197 -25.34 22.99 44.16
CA CYS B 197 -25.54 23.18 42.73
C CYS B 197 -24.16 23.32 42.10
N GLU B 198 -23.64 22.20 41.60
CA GLU B 198 -22.28 22.12 41.07
C GLU B 198 -22.32 22.26 39.55
N VAL B 199 -22.04 23.47 39.07
CA VAL B 199 -21.94 23.73 37.63
C VAL B 199 -20.45 23.69 37.24
N THR B 200 -20.16 23.07 36.12
CA THR B 200 -18.80 22.96 35.60
C THR B 200 -18.70 23.68 34.26
N HIS B 201 -17.60 24.41 34.07
CA HIS B 201 -17.42 25.29 32.91
C HIS B 201 -15.96 25.22 32.50
N GLU B 202 -15.67 24.46 31.44
CA GLU B 202 -14.31 24.26 30.94
C GLU B 202 -13.40 23.63 32.00
N GLY B 203 -13.97 22.72 32.79
CA GLY B 203 -13.22 22.00 33.80
C GLY B 203 -13.31 22.58 35.20
N SER B 204 -13.67 23.86 35.33
CA SER B 204 -13.80 24.50 36.64
C SER B 204 -15.20 24.26 37.19
N THR B 205 -15.26 24.00 38.50
CA THR B 205 -16.52 23.71 39.19
C THR B 205 -16.80 24.83 40.19
N VAL B 206 -17.74 25.70 39.85
CA VAL B 206 -18.22 26.73 40.77
C VAL B 206 -19.45 26.19 41.49
N THR B 207 -19.39 26.10 42.81
CA THR B 207 -20.42 25.43 43.60
C THR B 207 -21.08 26.42 44.55
N LYS B 208 -22.40 26.46 44.54
CA LYS B 208 -23.20 27.19 45.52
C LYS B 208 -24.02 26.20 46.32
N THR B 209 -24.16 26.46 47.61
CA THR B 209 -24.74 25.48 48.54
C THR B 209 -25.66 26.19 49.53
N VAL B 210 -26.78 25.56 49.84
CA VAL B 210 -27.70 26.04 50.86
C VAL B 210 -28.13 24.85 51.71
N LYS B 211 -28.31 25.08 53.01
CA LYS B 211 -28.74 24.05 53.95
C LYS B 211 -30.09 24.43 54.53
N PRO B 212 -31.06 23.51 54.58
CA PRO B 212 -32.44 23.90 54.96
C PRO B 212 -32.55 24.48 56.35
N SER B 213 -32.03 23.78 57.37
CA SER B 213 -32.12 24.27 58.74
C SER B 213 -31.35 25.58 58.90
N GLU B 214 -30.12 25.62 58.40
CA GLU B 214 -29.24 26.78 58.58
C GLU B 214 -29.54 27.89 57.58
N CYS B 215 -30.81 28.12 57.28
CA CYS B 215 -31.21 29.18 56.36
C CYS B 215 -32.56 29.78 56.74
N SER B 216 -33.45 28.97 57.32
CA SER B 216 -34.78 29.42 57.72
C SER B 216 -35.55 30.04 56.55
N GLN C 1 -2.28 21.42 57.99
CA GLN C 1 -1.16 21.33 57.07
C GLN C 1 -1.50 20.48 55.84
N VAL C 2 -0.50 20.23 54.99
CA VAL C 2 -0.71 19.46 53.77
C VAL C 2 -0.68 17.97 54.14
N GLN C 3 -1.81 17.30 53.98
CA GLN C 3 -1.91 15.87 54.24
C GLN C 3 -2.75 15.22 53.15
N LEU C 4 -2.28 14.07 52.68
CA LEU C 4 -2.99 13.27 51.70
C LEU C 4 -3.50 12.00 52.36
N ARG C 5 -4.73 11.62 52.03
CA ARG C 5 -5.38 10.46 52.66
C ARG C 5 -6.01 9.60 51.57
N GLU C 6 -5.55 8.36 51.47
CA GLU C 6 -6.03 7.43 50.46
C GLU C 6 -7.12 6.54 51.06
N SER C 7 -8.21 6.37 50.32
CA SER C 7 -9.32 5.56 50.79
C SER C 7 -9.75 4.59 49.69
N GLY C 8 -10.39 3.50 50.12
CA GLY C 8 -10.85 2.47 49.22
C GLY C 8 -10.76 1.10 49.84
N PRO C 9 -11.12 0.07 49.07
CA PRO C 9 -11.06 -1.29 49.60
C PRO C 9 -9.63 -1.75 49.79
N SER C 10 -9.37 -2.39 50.92
CA SER C 10 -8.09 -3.06 51.15
C SER C 10 -8.03 -4.42 50.47
N LEU C 11 -9.13 -4.90 49.92
CA LEU C 11 -9.20 -6.17 49.21
C LEU C 11 -10.08 -6.03 47.99
N VAL C 12 -9.61 -6.55 46.86
CA VAL C 12 -10.39 -6.64 45.63
C VAL C 12 -10.06 -7.98 44.99
N LYS C 13 -11.08 -8.71 44.59
CA LYS C 13 -10.86 -9.98 43.91
C LYS C 13 -10.53 -9.74 42.45
N PRO C 14 -9.82 -10.68 41.82
CA PRO C 14 -9.31 -10.46 40.46
C PRO C 14 -10.41 -10.15 39.44
N SER C 15 -10.02 -9.52 38.33
CA SER C 15 -10.87 -9.16 37.20
C SER C 15 -11.92 -8.11 37.53
N GLN C 16 -11.85 -7.51 38.72
CA GLN C 16 -12.74 -6.42 39.08
C GLN C 16 -12.02 -5.10 38.83
N THR C 17 -12.61 -4.01 39.30
CA THR C 17 -12.04 -2.68 39.14
C THR C 17 -11.61 -2.16 40.51
N LEU C 18 -10.31 -2.09 40.73
CA LEU C 18 -9.79 -1.42 41.92
C LEU C 18 -10.07 0.07 41.81
N SER C 19 -10.97 0.58 42.66
CA SER C 19 -11.32 1.99 42.68
C SER C 19 -10.74 2.61 43.94
N LEU C 20 -10.03 3.72 43.77
CA LEU C 20 -9.41 4.42 44.89
C LEU C 20 -9.78 5.90 44.84
N THR C 21 -9.53 6.59 45.94
CA THR C 21 -9.92 7.98 46.08
C THR C 21 -9.02 8.67 47.09
N CYS C 22 -8.45 9.80 46.71
CA CYS C 22 -7.57 10.60 47.55
C CYS C 22 -8.27 11.87 47.98
N THR C 23 -8.35 12.09 49.30
CA THR C 23 -8.98 13.27 49.88
C THR C 23 -7.89 14.22 50.36
N ALA C 24 -7.89 15.44 49.83
CA ALA C 24 -6.84 16.41 50.10
C ALA C 24 -7.29 17.36 51.21
N SER C 25 -6.49 17.43 52.28
CA SER C 25 -6.74 18.34 53.39
C SER C 25 -5.54 19.26 53.55
N GLY C 26 -5.78 20.57 53.44
CA GLY C 26 -4.73 21.56 53.55
C GLY C 26 -4.46 22.35 52.29
N PHE C 27 -5.20 22.12 51.22
CA PHE C 27 -5.09 22.89 49.97
C PHE C 27 -6.29 22.52 49.10
N SER C 28 -6.34 23.09 47.89
CA SER C 28 -7.38 22.81 46.92
C SER C 28 -6.77 22.25 45.65
N LEU C 29 -7.55 21.42 44.94
CA LEU C 29 -7.09 20.75 43.74
C LEU C 29 -7.04 21.66 42.52
N SER C 30 -7.16 22.98 42.72
CA SER C 30 -7.01 23.92 41.62
C SER C 30 -5.63 24.56 41.57
N ASP C 31 -4.79 24.32 42.58
CA ASP C 31 -3.47 24.94 42.65
C ASP C 31 -2.34 23.93 42.74
N LYS C 32 -2.63 22.63 42.69
CA LYS C 32 -1.59 21.61 42.75
C LYS C 32 -1.99 20.42 41.88
N ALA C 33 -1.00 19.87 41.18
CA ALA C 33 -1.20 18.62 40.47
C ALA C 33 -1.05 17.44 41.44
N VAL C 34 -1.73 16.35 41.11
CA VAL C 34 -1.77 15.17 41.97
C VAL C 34 -1.43 13.95 41.12
N GLY C 35 -0.55 13.09 41.66
CA GLY C 35 -0.16 11.88 40.97
C GLY C 35 -0.36 10.66 41.84
N TRP C 36 -0.35 9.50 41.18
CA TRP C 36 -0.51 8.21 41.83
C TRP C 36 0.77 7.39 41.64
N VAL C 37 1.32 6.92 42.76
CA VAL C 37 2.51 6.07 42.76
C VAL C 37 2.20 4.83 43.58
N ARG C 38 2.67 3.67 43.13
CA ARG C 38 2.48 2.42 43.84
C ARG C 38 3.81 1.68 43.95
N GLN C 39 3.86 0.73 44.88
CA GLN C 39 5.08 -0.03 45.13
C GLN C 39 4.72 -1.34 45.80
N ALA C 40 4.94 -2.46 45.10
CA ALA C 40 4.87 -3.76 45.73
C ALA C 40 6.05 -3.95 46.68
N PRO C 41 5.91 -4.75 47.72
CA PRO C 41 6.98 -4.88 48.71
C PRO C 41 8.24 -5.46 48.10
N GLY C 42 9.38 -4.86 48.47
CA GLY C 42 10.67 -5.28 47.95
C GLY C 42 10.96 -4.90 46.52
N LYS C 43 10.04 -4.22 45.84
CA LYS C 43 10.21 -3.83 44.45
C LYS C 43 10.35 -2.31 44.34
N ALA C 44 10.59 -1.85 43.11
CA ALA C 44 10.74 -0.43 42.85
C ALA C 44 9.39 0.22 42.62
N LEU C 45 9.32 1.52 42.91
CA LEU C 45 8.07 2.25 42.74
C LEU C 45 7.65 2.27 41.28
N GLU C 46 6.34 2.29 41.07
CA GLU C 46 5.75 2.33 39.74
C GLU C 46 4.88 3.56 39.61
N TRP C 47 5.22 4.42 38.65
CA TRP C 47 4.36 5.53 38.31
C TRP C 47 3.04 5.01 37.73
N LEU C 48 1.95 5.71 38.03
CA LEU C 48 0.64 5.33 37.52
C LEU C 48 0.04 6.45 36.67
N GLY C 49 -0.20 7.62 37.23
CA GLY C 49 -0.75 8.70 36.43
C GLY C 49 -0.79 9.99 37.23
N SER C 50 -1.16 11.06 36.53
CA SER C 50 -1.29 12.36 37.17
C SER C 50 -2.33 13.19 36.44
N ILE C 51 -3.00 14.06 37.20
CA ILE C 51 -3.94 15.01 36.65
C ILE C 51 -3.56 16.40 37.13
N ASP C 52 -3.40 17.33 36.19
CA ASP C 52 -2.88 18.65 36.53
C ASP C 52 -3.96 19.49 37.21
N THR C 53 -3.63 20.76 37.45
CA THR C 53 -4.63 21.70 37.94
C THR C 53 -5.78 21.83 36.95
N GLY C 54 -5.46 21.89 35.65
CA GLY C 54 -6.48 22.12 34.64
C GLY C 54 -7.39 20.94 34.39
N GLY C 55 -7.01 19.75 34.84
CA GLY C 55 -7.79 18.55 34.59
C GLY C 55 -7.29 17.67 33.47
N SER C 56 -6.11 17.94 32.93
CA SER C 56 -5.51 17.05 31.93
C SER C 56 -4.95 15.81 32.61
N THR C 57 -5.10 14.67 31.95
CA THR C 57 -4.74 13.39 32.54
C THR C 57 -3.59 12.75 31.75
N GLY C 58 -2.55 12.35 32.47
CA GLY C 58 -1.44 11.62 31.88
C GLY C 58 -1.13 10.36 32.65
N TYR C 59 -1.05 9.22 31.97
CA TYR C 59 -0.87 7.94 32.62
C TYR C 59 0.45 7.30 32.18
N ASN C 60 0.89 6.33 32.97
CA ASN C 60 1.98 5.46 32.54
C ASN C 60 1.55 4.76 31.26
N PRO C 61 2.40 4.74 30.22
CA PRO C 61 1.92 4.26 28.91
C PRO C 61 1.46 2.81 28.92
N GLY C 62 2.24 1.91 29.52
CA GLY C 62 1.85 0.51 29.53
C GLY C 62 0.52 0.24 30.22
N LEU C 63 0.10 1.14 31.10
CA LEU C 63 -1.09 0.97 31.90
C LEU C 63 -2.22 1.93 31.53
N LYS C 64 -2.03 2.77 30.52
CA LYS C 64 -3.03 3.79 30.22
C LYS C 64 -4.35 3.15 29.79
N SER C 65 -4.28 2.00 29.13
CA SER C 65 -5.50 1.29 28.74
C SER C 65 -6.36 0.96 29.95
N ARG C 66 -5.73 0.54 31.05
CA ARG C 66 -6.45 0.12 32.24
C ARG C 66 -6.67 1.25 33.24
N LEU C 67 -5.83 2.29 33.20
CA LEU C 67 -5.92 3.36 34.18
C LEU C 67 -6.94 4.42 33.74
N SER C 68 -7.45 5.15 34.74
CA SER C 68 -8.42 6.21 34.49
C SER C 68 -8.48 7.09 35.73
N ILE C 69 -8.06 8.35 35.59
CA ILE C 69 -7.97 9.29 36.70
C ILE C 69 -8.89 10.47 36.41
N THR C 70 -9.70 10.85 37.40
CA THR C 70 -10.52 12.05 37.35
C THR C 70 -10.44 12.75 38.70
N LYS C 71 -11.07 13.93 38.80
CA LYS C 71 -11.08 14.67 40.04
C LYS C 71 -12.36 15.51 40.12
N ASP C 72 -12.70 15.91 41.35
CA ASP C 72 -13.82 16.80 41.61
C ASP C 72 -13.30 17.93 42.50
N ASN C 73 -13.06 19.10 41.89
CA ASN C 73 -12.50 20.21 42.64
C ASN C 73 -13.39 20.64 43.79
N SER C 74 -14.70 20.43 43.66
CA SER C 74 -15.64 20.86 44.69
C SER C 74 -15.49 20.06 45.98
N GLU C 75 -15.05 18.81 45.89
CA GLU C 75 -14.91 17.95 47.05
C GLU C 75 -13.46 17.70 47.45
N SER C 76 -12.50 18.27 46.73
CA SER C 76 -11.07 18.05 46.98
C SER C 76 -10.75 16.55 46.99
N GLN C 77 -11.17 15.88 45.93
CA GLN C 77 -11.04 14.42 45.80
C GLN C 77 -10.51 14.07 44.41
N VAL C 78 -9.58 13.11 44.37
CA VAL C 78 -9.09 12.53 43.14
C VAL C 78 -9.34 11.03 43.19
N SER C 79 -9.71 10.46 42.05
CA SER C 79 -10.03 9.04 41.96
C SER C 79 -9.04 8.33 41.05
N LEU C 80 -8.97 7.01 41.22
CA LEU C 80 -8.13 6.16 40.38
C LEU C 80 -8.90 4.89 40.07
N SER C 81 -8.88 4.49 38.79
CA SER C 81 -9.67 3.35 38.31
C SER C 81 -8.75 2.33 37.65
N VAL C 82 -8.18 1.44 38.46
CA VAL C 82 -7.41 0.33 37.92
C VAL C 82 -8.38 -0.79 37.57
N SER C 83 -8.38 -1.22 36.32
CA SER C 83 -9.33 -2.19 35.82
C SER C 83 -8.65 -3.51 35.46
N SER C 84 -9.42 -4.59 35.53
CA SER C 84 -8.95 -5.93 35.20
C SER C 84 -7.71 -6.31 36.02
N VAL C 85 -7.89 -6.31 37.34
CA VAL C 85 -6.77 -6.44 38.27
C VAL C 85 -6.30 -7.89 38.32
N THR C 86 -5.01 -8.07 38.63
CA THR C 86 -4.39 -9.38 38.79
C THR C 86 -3.61 -9.40 40.09
N THR C 87 -2.91 -10.51 40.34
CA THR C 87 -2.10 -10.63 41.55
C THR C 87 -0.92 -9.69 41.56
N GLU C 88 -0.57 -9.09 40.42
CA GLU C 88 0.54 -8.14 40.38
C GLU C 88 0.13 -6.76 40.89
N ASP C 89 -1.14 -6.40 40.74
CA ASP C 89 -1.59 -5.08 41.18
C ASP C 89 -1.59 -4.94 42.70
N SER C 90 -1.36 -6.02 43.43
CA SER C 90 -1.18 -5.95 44.87
C SER C 90 0.02 -5.07 45.17
N ALA C 91 -0.21 -3.92 45.80
CA ALA C 91 0.87 -2.99 46.13
C ALA C 91 0.33 -1.95 47.10
N THR C 92 1.24 -1.18 47.68
CA THR C 92 0.88 -0.02 48.48
C THR C 92 0.72 1.17 47.55
N TYR C 93 -0.47 1.77 47.53
CA TYR C 93 -0.78 2.87 46.63
C TYR C 93 -0.57 4.20 47.34
N TYR C 94 0.24 5.07 46.74
CA TYR C 94 0.59 6.36 47.32
C TYR C 94 -0.07 7.46 46.51
N CYS C 95 -0.71 8.40 47.21
CA CYS C 95 -1.25 9.61 46.61
C CYS C 95 -0.29 10.76 46.87
N THR C 96 0.01 11.54 45.83
CA THR C 96 1.10 12.51 45.88
C THR C 96 0.71 13.82 45.23
N THR C 97 1.35 14.89 45.68
CA THR C 97 1.35 16.17 44.99
C THR C 97 2.67 16.29 44.24
N VAL C 98 2.59 16.61 42.95
CA VAL C 98 3.77 16.67 42.10
C VAL C 98 3.85 18.03 41.42
N HIS C 99 5.07 18.41 41.05
CA HIS C 99 5.32 19.53 40.16
C HIS C 99 5.73 18.98 38.80
N GLN C 100 5.11 19.50 37.75
CA GLN C 100 5.47 19.10 36.38
C GLN C 100 5.68 20.36 35.54
N TYR C 101 6.82 20.41 34.86
CA TYR C 101 7.25 21.57 34.09
C TYR C 101 8.00 21.08 32.85
N THR C 102 7.68 21.66 31.70
CA THR C 102 8.40 21.40 30.46
C THR C 102 9.47 22.47 30.30
N HIS C 103 10.73 22.09 30.47
CA HIS C 103 11.84 23.02 30.32
C HIS C 103 12.23 23.15 28.86
N LYS C 104 12.28 24.38 28.37
CA LYS C 104 12.85 24.67 27.06
C LYS C 104 14.35 24.95 27.23
N ARG C 105 15.18 24.14 26.60
CA ARG C 105 16.64 24.26 26.70
C ARG C 105 17.23 24.67 25.36
N CYS C 106 18.06 25.71 25.36
CA CYS C 106 18.73 26.22 24.17
C CYS C 106 20.25 26.08 24.32
N PRO C 107 20.99 26.03 23.19
CA PRO C 107 22.45 25.86 23.26
C PRO C 107 23.19 26.96 24.00
N ASP C 108 24.53 26.84 24.02
CA ASP C 108 25.38 27.58 24.95
C ASP C 108 25.44 29.08 24.70
N GLY C 109 24.97 29.56 23.55
CA GLY C 109 25.07 30.98 23.28
C GLY C 109 23.73 31.68 23.09
N TYR C 110 22.70 30.90 22.85
CA TYR C 110 21.39 31.41 22.45
C TYR C 110 20.49 31.62 23.68
N THR C 111 19.35 32.26 23.43
CA THR C 111 18.33 32.47 24.45
C THR C 111 16.96 32.15 23.84
N TYR C 112 16.03 31.78 24.71
CA TYR C 112 14.69 31.39 24.26
C TYR C 112 13.85 32.63 24.04
N GLY C 113 13.45 32.87 22.78
CA GLY C 113 12.70 34.07 22.44
C GLY C 113 11.75 33.83 21.27
N TYR C 114 10.86 34.80 21.08
CA TYR C 114 9.83 34.75 20.06
C TYR C 114 10.18 35.67 18.91
N TRP C 115 9.92 35.22 17.68
CA TRP C 115 10.11 36.06 16.51
C TRP C 115 9.02 37.13 16.44
N CYS C 116 9.19 38.07 15.51
CA CYS C 116 8.27 39.19 15.38
C CYS C 116 6.86 38.72 15.02
N GLY C 117 6.73 38.06 13.88
CA GLY C 117 5.44 37.64 13.38
C GLY C 117 4.75 36.57 14.20
N TYR C 118 5.31 35.36 14.23
CA TYR C 118 4.66 34.24 14.88
C TYR C 118 5.01 34.21 16.37
N GLY C 119 4.42 33.24 17.08
CA GLY C 119 4.58 33.15 18.52
C GLY C 119 4.86 31.74 19.00
N THR C 120 5.52 30.95 18.15
CA THR C 120 6.04 29.66 18.55
C THR C 120 7.53 29.81 18.80
N GLY C 121 7.96 29.44 20.01
CA GLY C 121 9.28 29.83 20.48
C GLY C 121 10.41 29.11 19.76
N SER C 122 11.44 29.87 19.42
CA SER C 122 12.67 29.35 18.84
C SER C 122 13.86 29.76 19.71
N CYS C 123 15.02 29.20 19.41
CA CYS C 123 16.27 29.61 20.04
C CYS C 123 16.92 30.65 19.12
N VAL C 124 16.94 31.90 19.56
CA VAL C 124 17.50 32.98 18.75
C VAL C 124 18.92 33.28 19.22
N GLY C 125 19.77 33.67 18.26
CA GLY C 125 21.17 33.85 18.55
C GLY C 125 21.51 35.25 19.03
N SER C 126 22.80 35.43 19.34
CA SER C 126 23.29 36.76 19.72
C SER C 126 23.19 37.74 18.56
N ASN C 127 23.36 37.25 17.33
CA ASN C 127 23.27 38.09 16.13
C ASN C 127 21.83 38.33 15.69
N CYS C 128 20.88 38.34 16.63
CA CYS C 128 19.51 38.68 16.36
C CYS C 128 19.20 40.05 16.96
N VAL C 129 18.35 40.81 16.29
CA VAL C 129 17.91 42.10 16.80
C VAL C 129 16.70 41.88 17.70
N TYR C 130 16.76 42.42 18.91
CA TYR C 130 15.71 42.29 19.91
C TYR C 130 15.09 43.64 20.16
N TYR C 131 13.76 43.74 19.97
CA TYR C 131 13.05 44.97 20.25
C TYR C 131 12.35 44.86 21.60
N PRO C 132 13.00 45.28 22.69
CA PRO C 132 12.39 45.07 24.02
C PRO C 132 11.04 45.74 24.18
N SER C 133 10.75 46.78 23.38
CA SER C 133 9.41 47.35 23.38
C SER C 133 8.39 46.34 22.88
N ARG C 134 8.67 45.72 21.73
CA ARG C 134 7.77 44.74 21.14
C ARG C 134 7.90 43.36 21.78
N GLY C 135 8.89 43.16 22.66
CA GLY C 135 9.04 41.90 23.37
C GLY C 135 9.40 40.73 22.48
N CYS C 136 9.98 40.98 21.32
CA CYS C 136 10.20 39.95 20.33
C CYS C 136 11.46 40.25 19.53
N TYR C 137 12.06 39.19 19.00
CA TYR C 137 13.28 39.30 18.22
C TYR C 137 12.95 39.49 16.73
N GLY C 138 14.00 39.70 15.94
CA GLY C 138 13.84 39.88 14.52
C GLY C 138 15.03 39.35 13.75
N GLY C 139 14.76 38.89 12.53
CA GLY C 139 15.82 38.54 11.60
C GLY C 139 16.04 37.06 11.35
N TYR C 140 14.99 36.32 11.00
CA TYR C 140 15.17 34.92 10.63
C TYR C 140 15.97 34.80 9.34
N GLY C 141 16.65 33.68 9.19
CA GLY C 141 17.46 33.46 8.01
C GLY C 141 18.88 33.95 8.18
N GLY C 142 19.04 35.27 8.28
CA GLY C 142 20.36 35.83 8.51
C GLY C 142 20.87 35.51 9.89
N CYS C 143 20.05 35.78 10.91
CA CYS C 143 20.44 35.47 12.28
C CYS C 143 20.33 33.97 12.51
N SER C 144 21.42 33.37 13.00
CA SER C 144 21.44 31.92 13.23
C SER C 144 20.48 31.55 14.37
N SER C 145 19.70 30.50 14.14
CA SER C 145 18.67 30.09 15.10
C SER C 145 18.38 28.61 14.92
N PHE C 146 17.98 27.96 16.02
CA PHE C 146 17.69 26.53 16.05
C PHE C 146 16.25 26.31 16.50
N SER C 147 15.82 25.05 16.47
CA SER C 147 14.49 24.71 16.96
C SER C 147 14.49 24.59 18.47
N ALA C 148 13.30 24.66 19.05
CA ALA C 148 13.15 24.69 20.51
C ALA C 148 13.29 23.27 21.06
N GLY C 149 14.38 23.02 21.80
CA GLY C 149 14.54 21.76 22.46
C GLY C 149 13.66 21.63 23.70
N SER C 150 13.46 20.40 24.14
CA SER C 150 12.56 20.12 25.26
C SER C 150 13.16 19.08 26.19
N SER C 151 13.14 19.37 27.49
CA SER C 151 13.58 18.44 28.53
C SER C 151 12.56 18.48 29.65
N TYR C 152 12.11 17.30 30.10
CA TYR C 152 10.95 17.20 30.96
C TYR C 152 11.36 16.98 32.42
N GLU C 153 10.70 17.71 33.32
CA GLU C 153 10.86 17.53 34.75
C GLU C 153 9.55 17.03 35.35
N LEU C 154 9.67 16.12 36.31
CA LEU C 154 8.54 15.66 37.12
C LEU C 154 9.09 15.08 38.41
N TYR C 155 8.44 15.41 39.51
CA TYR C 155 8.89 14.94 40.81
C TYR C 155 7.76 15.13 41.82
N VAL C 156 7.72 14.24 42.80
CA VAL C 156 6.73 14.31 43.87
C VAL C 156 7.23 15.27 44.93
N ASP C 157 6.32 16.10 45.46
CA ASP C 157 6.63 16.99 46.56
C ASP C 157 6.17 16.42 47.91
N ALA C 158 4.92 16.00 48.00
CA ALA C 158 4.33 15.48 49.23
C ALA C 158 3.71 14.12 48.97
N TRP C 159 4.11 13.12 49.74
CA TRP C 159 3.62 11.76 49.60
C TRP C 159 2.53 11.50 50.64
N GLY C 160 1.56 10.68 50.26
CA GLY C 160 0.60 10.15 51.20
C GLY C 160 1.22 9.09 52.08
N GLN C 161 0.41 8.55 52.99
CA GLN C 161 0.91 7.49 53.86
C GLN C 161 0.99 6.15 53.15
N GLY C 162 -0.01 5.85 52.31
CA GLY C 162 -0.05 4.58 51.60
C GLY C 162 -1.15 3.66 52.08
N LEU C 163 -1.93 3.12 51.15
CA LEU C 163 -2.98 2.16 51.46
C LEU C 163 -2.59 0.81 50.88
N LEU C 164 -2.48 -0.20 51.73
CA LEU C 164 -2.06 -1.53 51.31
C LEU C 164 -3.26 -2.26 50.74
N VAL C 165 -3.32 -2.38 49.42
CA VAL C 165 -4.38 -3.10 48.72
C VAL C 165 -3.80 -4.42 48.22
N THR C 166 -4.47 -5.53 48.56
CA THR C 166 -4.10 -6.85 48.09
C THR C 166 -5.22 -7.40 47.21
N VAL C 167 -4.86 -7.87 46.03
CA VAL C 167 -5.79 -8.58 45.15
C VAL C 167 -5.71 -10.06 45.47
N SER C 168 -6.83 -10.64 45.90
CA SER C 168 -6.87 -12.04 46.32
C SER C 168 -8.10 -12.72 45.76
N SER C 169 -7.94 -13.99 45.40
CA SER C 169 -9.08 -14.81 45.02
C SER C 169 -9.98 -15.11 46.21
N ALA C 170 -9.46 -14.96 47.43
CA ALA C 170 -10.21 -15.26 48.64
C ALA C 170 -11.13 -14.10 49.00
N SER C 171 -12.21 -14.43 49.70
CA SER C 171 -13.17 -13.44 50.17
C SER C 171 -12.96 -13.17 51.66
N THR C 172 -13.58 -12.09 52.13
CA THR C 172 -13.30 -11.58 53.47
C THR C 172 -13.78 -12.57 54.54
N THR C 173 -13.06 -12.59 55.66
CA THR C 173 -13.31 -13.57 56.72
C THR C 173 -12.97 -12.97 58.07
N ALA C 174 -13.86 -13.16 59.04
CA ALA C 174 -13.66 -12.66 60.40
C ALA C 174 -12.69 -13.56 61.16
N PRO C 175 -11.96 -13.00 62.13
CA PRO C 175 -10.91 -13.78 62.80
C PRO C 175 -11.47 -14.78 63.79
N LYS C 176 -10.59 -15.68 64.23
CA LYS C 176 -10.85 -16.58 65.34
C LYS C 176 -9.75 -16.35 66.37
N VAL C 177 -10.12 -15.82 67.53
CA VAL C 177 -9.18 -15.44 68.57
C VAL C 177 -9.09 -16.57 69.58
N TYR C 178 -7.88 -17.06 69.81
CA TYR C 178 -7.59 -18.10 70.78
C TYR C 178 -6.57 -17.60 71.80
N PRO C 179 -6.70 -18.01 73.06
CA PRO C 179 -5.73 -17.63 74.09
C PRO C 179 -4.40 -18.36 73.91
N LEU C 180 -3.34 -17.70 74.38
CA LEU C 180 -1.98 -18.24 74.32
C LEU C 180 -1.32 -18.08 75.68
N SER C 181 -0.85 -19.21 76.25
CA SER C 181 -0.17 -19.18 77.54
C SER C 181 0.92 -20.25 77.54
N SER C 182 1.99 -19.97 78.29
CA SER C 182 3.15 -20.85 78.28
C SER C 182 2.85 -22.17 78.99
N CYS C 183 3.73 -23.15 78.78
CA CYS C 183 3.54 -24.48 79.34
C CYS C 183 3.98 -24.51 80.80
N CYS C 184 3.66 -25.63 81.46
CA CYS C 184 3.99 -25.82 82.87
C CYS C 184 5.42 -26.34 83.03
N THR C 191 9.10 -13.55 86.18
CA THR C 191 8.45 -12.88 85.05
C THR C 191 7.24 -13.68 84.58
N VAL C 192 6.62 -13.25 83.48
CA VAL C 192 5.42 -13.90 82.97
C VAL C 192 5.28 -13.55 81.49
N THR C 193 4.75 -14.52 80.72
CA THR C 193 4.48 -14.34 79.30
C THR C 193 3.06 -14.80 79.01
N LEU C 194 2.22 -13.89 78.54
CA LEU C 194 0.85 -14.19 78.12
C LEU C 194 0.66 -13.80 76.66
N GLY C 195 -0.33 -14.43 76.02
CA GLY C 195 -0.52 -14.23 74.60
C GLY C 195 -1.99 -14.32 74.22
N CYS C 196 -2.27 -13.95 72.98
CA CYS C 196 -3.63 -13.90 72.46
C CYS C 196 -3.56 -13.78 70.94
N LEU C 197 -3.66 -14.92 70.24
CA LEU C 197 -3.35 -14.97 68.82
C LEU C 197 -4.63 -14.86 68.00
N VAL C 198 -4.73 -13.80 67.20
CA VAL C 198 -5.85 -13.61 66.29
C VAL C 198 -5.53 -14.39 65.01
N SER C 199 -6.31 -15.43 64.75
CA SER C 199 -6.00 -16.36 63.68
C SER C 199 -7.11 -16.35 62.62
N SER C 200 -6.70 -16.66 61.38
CA SER C 200 -7.62 -16.91 60.28
C SER C 200 -8.56 -15.75 60.01
N TYR C 201 -8.07 -14.74 59.29
CA TYR C 201 -8.87 -13.57 58.97
C TYR C 201 -8.37 -12.94 57.69
N MET C 202 -9.25 -12.19 57.04
CA MET C 202 -8.90 -11.41 55.85
C MET C 202 -10.05 -10.46 55.55
N PRO C 203 -9.78 -9.23 55.08
CA PRO C 203 -8.45 -8.66 54.84
C PRO C 203 -7.87 -7.95 56.06
N GLU C 204 -6.70 -7.34 55.86
CA GLU C 204 -6.05 -6.57 56.91
C GLU C 204 -6.75 -5.23 57.08
N PRO C 205 -6.55 -4.55 58.22
CA PRO C 205 -5.80 -4.97 59.40
C PRO C 205 -6.70 -5.36 60.58
N VAL C 206 -6.10 -5.59 61.73
CA VAL C 206 -6.83 -5.75 62.98
C VAL C 206 -6.14 -4.90 64.04
N THR C 207 -6.93 -4.30 64.92
CA THR C 207 -6.43 -3.49 66.02
C THR C 207 -6.58 -4.27 67.31
N VAL C 208 -5.49 -4.42 68.05
CA VAL C 208 -5.46 -5.18 69.29
C VAL C 208 -5.12 -4.23 70.43
N THR C 209 -6.01 -4.13 71.40
CA THR C 209 -5.74 -3.43 72.65
C THR C 209 -5.92 -4.40 73.80
N TRP C 210 -5.40 -4.03 74.97
CA TRP C 210 -5.52 -4.86 76.17
C TRP C 210 -6.19 -4.06 77.28
N ASN C 211 -7.20 -4.67 77.90
CA ASN C 211 -8.02 -4.01 78.92
C ASN C 211 -8.62 -2.72 78.38
N SER C 212 -9.07 -2.77 77.11
CA SER C 212 -9.62 -1.61 76.40
C SER C 212 -8.63 -0.45 76.35
N GLY C 213 -7.33 -0.78 76.32
CA GLY C 213 -6.28 0.21 76.29
C GLY C 213 -5.64 0.49 77.64
N ALA C 214 -6.21 -0.01 78.73
CA ALA C 214 -5.66 0.26 80.06
C ALA C 214 -4.24 -0.28 80.19
N LEU C 215 -4.02 -1.50 79.71
CA LEU C 215 -2.69 -2.12 79.77
C LEU C 215 -1.89 -1.66 78.57
N LYS C 216 -0.72 -1.07 78.82
CA LYS C 216 0.13 -0.57 77.76
C LYS C 216 1.60 -0.95 77.92
N SER C 217 1.97 -1.61 79.01
CA SER C 217 3.37 -1.88 79.33
C SER C 217 3.72 -3.32 78.96
N GLY C 218 4.87 -3.49 78.31
CA GLY C 218 5.35 -4.83 77.97
C GLY C 218 4.55 -5.53 76.89
N VAL C 219 3.90 -4.77 76.00
CA VAL C 219 3.06 -5.33 74.95
C VAL C 219 3.86 -5.38 73.65
N HIS C 220 3.80 -6.52 72.97
CA HIS C 220 4.45 -6.72 71.67
C HIS C 220 3.44 -7.32 70.70
N THR C 221 2.81 -6.48 69.88
CA THR C 221 1.97 -6.96 68.80
C THR C 221 2.81 -7.15 67.55
N PHE C 222 2.54 -8.23 66.82
CA PHE C 222 3.39 -8.74 65.76
C PHE C 222 2.75 -8.54 64.39
N PRO C 223 3.53 -8.65 63.31
CA PRO C 223 2.94 -8.67 61.97
C PRO C 223 2.36 -10.02 61.63
N ALA C 224 1.33 -10.01 60.81
CA ALA C 224 0.66 -11.25 60.42
C ALA C 224 1.56 -12.08 59.52
N VAL C 225 1.13 -13.32 59.29
CA VAL C 225 1.73 -14.19 58.29
C VAL C 225 0.63 -14.59 57.31
N LEU C 226 1.05 -15.01 56.12
CA LEU C 226 0.12 -15.52 55.14
C LEU C 226 0.03 -17.03 55.25
N GLN C 227 -1.20 -17.53 55.39
CA GLN C 227 -1.43 -18.95 55.56
C GLN C 227 -1.63 -19.62 54.21
N SER C 228 -1.30 -20.92 54.16
CA SER C 228 -1.60 -21.71 52.97
C SER C 228 -3.07 -21.64 52.60
N SER C 229 -3.93 -21.42 53.59
CA SER C 229 -5.36 -21.21 53.34
C SER C 229 -5.64 -19.89 52.65
N GLY C 230 -4.73 -18.92 52.76
CA GLY C 230 -4.92 -17.62 52.15
C GLY C 230 -5.39 -16.53 53.08
N LEU C 231 -5.44 -16.79 54.39
CA LEU C 231 -5.84 -15.81 55.38
C LEU C 231 -4.65 -15.42 56.24
N TYR C 232 -4.79 -14.31 56.96
CA TYR C 232 -3.74 -13.80 57.80
C TYR C 232 -3.90 -14.30 59.24
N SER C 233 -2.80 -14.24 59.99
CA SER C 233 -2.81 -14.63 61.39
C SER C 233 -1.68 -13.90 62.09
N LEU C 234 -2.02 -13.09 63.08
CA LEU C 234 -1.02 -12.41 63.91
C LEU C 234 -1.24 -12.73 65.38
N SER C 235 -0.16 -12.67 66.14
CA SER C 235 -0.17 -12.91 67.57
C SER C 235 0.00 -11.59 68.32
N SER C 236 -0.20 -11.65 69.64
CA SER C 236 -0.03 -10.50 70.52
C SER C 236 0.32 -11.01 71.91
N MET C 237 1.43 -10.51 72.47
CA MET C 237 1.98 -11.01 73.71
C MET C 237 2.24 -9.87 74.68
N VAL C 238 1.96 -10.11 75.96
CA VAL C 238 2.21 -9.13 77.02
C VAL C 238 3.09 -9.78 78.08
N THR C 239 4.02 -9.00 78.63
CA THR C 239 4.99 -9.49 79.59
C THR C 239 4.91 -8.75 80.93
N GLN C 247 -4.03 -9.86 87.86
CA GLN C 247 -5.30 -9.24 87.50
C GLN C 247 -5.97 -9.96 86.33
N THR C 248 -6.95 -9.30 85.72
CA THR C 248 -7.70 -9.85 84.60
C THR C 248 -7.24 -9.18 83.31
N PHE C 249 -6.87 -9.99 82.33
CA PHE C 249 -6.24 -9.51 81.10
C PHE C 249 -7.06 -9.98 79.91
N THR C 250 -7.87 -9.07 79.37
CA THR C 250 -8.81 -9.36 78.28
C THR C 250 -8.35 -8.61 77.03
N CYS C 251 -7.73 -9.32 76.09
CA CYS C 251 -7.34 -8.69 74.84
C CYS C 251 -8.56 -8.35 74.01
N ASN C 252 -8.58 -7.14 73.46
CA ASN C 252 -9.69 -6.66 72.64
C ASN C 252 -9.21 -6.58 71.19
N VAL C 253 -9.77 -7.43 70.34
CA VAL C 253 -9.38 -7.50 68.94
C VAL C 253 -10.54 -7.00 68.09
N ALA C 254 -10.27 -6.00 67.26
CA ALA C 254 -11.24 -5.45 66.33
C ALA C 254 -10.76 -5.70 64.91
N HIS C 255 -11.68 -6.10 64.04
CA HIS C 255 -11.38 -6.38 62.64
C HIS C 255 -12.39 -5.61 61.81
N PRO C 256 -12.02 -4.44 61.29
CA PRO C 256 -13.04 -3.52 60.76
C PRO C 256 -13.66 -3.97 59.45
N ALA C 257 -12.96 -4.76 58.64
CA ALA C 257 -13.50 -5.16 57.34
C ALA C 257 -14.76 -5.98 57.50
N SER C 258 -14.78 -6.90 58.46
CA SER C 258 -15.95 -7.74 58.74
C SER C 258 -16.90 -7.11 59.75
N SER C 259 -16.56 -5.93 60.30
CA SER C 259 -17.41 -5.20 61.22
C SER C 259 -17.71 -6.03 62.48
N THR C 260 -16.65 -6.63 63.04
CA THR C 260 -16.75 -7.36 64.29
C THR C 260 -15.70 -6.86 65.27
N LYS C 261 -15.99 -7.02 66.56
CA LYS C 261 -15.06 -6.69 67.64
C LYS C 261 -15.27 -7.70 68.75
N VAL C 262 -14.19 -8.34 69.20
CA VAL C 262 -14.29 -9.42 70.16
C VAL C 262 -13.45 -9.09 71.39
N ASP C 263 -13.89 -9.64 72.53
CA ASP C 263 -13.15 -9.57 73.78
C ASP C 263 -12.88 -10.98 74.27
N LYS C 264 -11.62 -11.28 74.58
CA LYS C 264 -11.22 -12.59 75.05
C LYS C 264 -10.33 -12.46 76.28
N ALA C 265 -10.68 -13.18 77.34
CA ALA C 265 -9.91 -13.18 78.57
C ALA C 265 -8.88 -14.31 78.56
N VAL C 266 -7.75 -14.07 79.22
CA VAL C 266 -6.63 -15.01 79.23
C VAL C 266 -6.12 -15.16 80.65
N GLU C 267 -5.88 -16.41 81.08
CA GLU C 267 -5.33 -16.73 82.39
C GLU C 267 -4.55 -18.02 82.30
N PRO C 268 -3.35 -18.12 82.92
CA PRO C 268 -2.55 -19.35 82.92
C PRO C 268 -3.22 -20.50 83.69
N ALA D 2 9.77 0.01 32.26
CA ALA D 2 10.89 0.96 32.25
C ALA D 2 11.32 1.32 33.67
N VAL D 3 12.63 1.39 33.90
CA VAL D 3 13.17 1.60 35.25
C VAL D 3 14.63 2.04 35.16
N LEU D 4 15.09 2.81 36.15
CA LEU D 4 16.48 3.24 36.25
C LEU D 4 17.30 2.23 37.05
N ASN D 5 18.62 2.31 36.87
CA ASN D 5 19.55 1.38 37.49
C ASN D 5 20.16 1.97 38.76
N GLN D 6 20.04 1.23 39.86
CA GLN D 6 20.72 1.51 41.11
C GLN D 6 21.34 0.24 41.64
N PRO D 7 22.45 0.34 42.38
CA PRO D 7 23.01 -0.86 43.02
C PRO D 7 22.06 -1.39 44.09
N SER D 8 21.88 -2.71 44.11
CA SER D 8 20.88 -3.30 45.00
C SER D 8 21.24 -3.14 46.46
N SER D 9 22.54 -3.10 46.78
CA SER D 9 22.98 -3.02 48.17
C SER D 9 24.15 -2.05 48.30
N VAL D 10 24.08 -1.17 49.28
CA VAL D 10 25.17 -0.25 49.61
C VAL D 10 25.32 -0.25 51.11
N SER D 11 26.55 0.01 51.58
CA SER D 11 26.83 -0.02 53.01
C SER D 11 27.79 1.10 53.37
N GLY D 12 27.75 1.50 54.65
CA GLY D 12 28.64 2.51 55.19
C GLY D 12 28.70 2.43 56.70
N SER D 13 29.70 3.09 57.26
CA SER D 13 29.93 3.11 58.70
C SER D 13 29.39 4.40 59.30
N LEU D 14 29.39 4.46 60.64
CA LEU D 14 28.94 5.67 61.33
C LEU D 14 29.78 6.87 60.93
N GLY D 15 29.11 7.96 60.55
CA GLY D 15 29.77 9.22 60.32
C GLY D 15 30.59 9.32 59.04
N GLN D 16 30.67 8.27 58.24
CA GLN D 16 31.40 8.33 56.98
C GLN D 16 30.50 8.89 55.88
N ARG D 17 31.03 8.90 54.66
CA ARG D 17 30.29 9.30 53.48
C ARG D 17 30.01 8.07 52.62
N VAL D 18 28.81 8.01 52.05
CA VAL D 18 28.45 6.99 51.07
C VAL D 18 27.74 7.67 49.91
N SER D 19 27.73 6.98 48.77
CA SER D 19 27.14 7.52 47.57
C SER D 19 26.25 6.47 46.91
N ILE D 20 25.18 6.94 46.28
CA ILE D 20 24.21 6.08 45.61
C ILE D 20 24.10 6.54 44.17
N THR D 21 24.51 5.69 43.23
CA THR D 21 24.47 6.05 41.82
C THR D 21 23.07 5.82 41.26
N CYS D 22 22.73 6.62 40.25
CA CYS D 22 21.51 6.44 39.47
C CYS D 22 21.81 6.76 38.02
N SER D 23 21.84 5.72 37.18
CA SER D 23 22.21 5.86 35.77
C SER D 23 21.03 5.47 34.88
N GLY D 24 20.94 6.16 33.75
CA GLY D 24 19.84 5.96 32.81
C GLY D 24 20.27 6.28 31.40
N SER D 25 19.29 6.59 30.55
CA SER D 25 19.51 6.81 29.13
C SER D 25 19.59 8.30 28.83
N SER D 26 19.75 8.62 27.54
CA SER D 26 19.68 10.00 27.09
C SER D 26 18.26 10.53 27.01
N SER D 27 17.26 9.70 27.33
CA SER D 27 15.87 10.12 27.39
C SER D 27 15.39 10.36 28.82
N ASN D 28 16.03 9.73 29.80
CA ASN D 28 15.55 9.72 31.18
C ASN D 28 16.41 10.65 32.04
N VAL D 29 17.56 10.16 32.49
CA VAL D 29 18.51 11.00 33.21
C VAL D 29 19.20 11.96 32.26
N GLY D 30 19.14 11.69 30.94
CA GLY D 30 19.71 12.61 29.97
C GLY D 30 19.07 13.99 30.03
N ASN D 31 17.74 14.04 30.11
CA ASN D 31 17.05 15.31 30.35
C ASN D 31 17.55 15.96 31.63
N GLY D 32 17.77 15.15 32.67
CA GLY D 32 18.49 15.61 33.84
C GLY D 32 17.69 16.39 34.85
N TYR D 33 16.46 15.98 35.12
CA TYR D 33 15.74 16.65 36.20
C TYR D 33 15.39 15.60 37.25
N VAL D 34 16.44 15.08 37.86
CA VAL D 34 16.34 13.96 38.78
C VAL D 34 15.69 14.41 40.09
N SER D 35 14.89 13.52 40.68
CA SER D 35 14.45 13.65 42.05
C SER D 35 14.89 12.44 42.84
N TRP D 36 15.03 12.62 44.15
CA TRP D 36 15.46 11.56 45.05
C TRP D 36 14.44 11.40 46.17
N TYR D 37 14.35 10.18 46.68
CA TYR D 37 13.30 9.84 47.64
C TYR D 37 13.85 8.86 48.67
N GLN D 38 13.52 9.10 49.94
CA GLN D 38 13.93 8.28 51.06
C GLN D 38 12.72 7.56 51.61
N LEU D 39 12.76 6.23 51.61
CA LEU D 39 11.64 5.41 52.07
C LEU D 39 12.09 4.60 53.28
N ILE D 40 11.75 5.07 54.47
CA ILE D 40 11.90 4.28 55.68
C ILE D 40 10.57 3.54 55.86
N PRO D 41 10.58 2.24 56.18
CA PRO D 41 9.32 1.52 56.37
C PRO D 41 8.55 2.03 57.59
N GLY D 42 7.23 1.98 57.48
CA GLY D 42 6.36 2.47 58.52
C GLY D 42 6.07 3.95 58.45
N SER D 43 6.71 4.67 57.55
CA SER D 43 6.46 6.09 57.36
C SER D 43 6.20 6.35 55.89
N ALA D 44 5.71 7.55 55.61
CA ALA D 44 5.54 7.97 54.24
C ALA D 44 6.90 8.24 53.61
N PRO D 45 7.04 7.99 52.32
CA PRO D 45 8.28 8.39 51.62
C PRO D 45 8.45 9.90 51.69
N ARG D 46 9.68 10.32 51.94
CA ARG D 46 10.01 11.73 52.00
C ARG D 46 10.90 12.09 50.81
N THR D 47 10.61 13.22 50.19
CA THR D 47 11.38 13.70 49.06
C THR D 47 12.67 14.35 49.56
N LEU D 48 13.77 14.02 48.91
CA LEU D 48 15.10 14.48 49.34
C LEU D 48 15.59 15.58 48.41
N ILE D 49 16.05 15.24 47.22
CA ILE D 49 16.61 16.19 46.26
C ILE D 49 15.79 16.09 44.98
N TYR D 50 15.43 17.25 44.42
CA TYR D 50 14.78 17.29 43.12
C TYR D 50 15.55 18.23 42.22
N GLY D 51 15.37 18.05 40.91
CA GLY D 51 16.13 18.83 39.95
C GLY D 51 17.63 18.67 40.15
N ASP D 52 18.07 17.41 40.28
CA ASP D 52 19.48 17.06 40.44
C ASP D 52 20.09 17.57 41.73
N THR D 53 19.84 18.82 42.08
CA THR D 53 20.63 19.49 43.12
C THR D 53 19.79 20.10 44.23
N SER D 54 18.62 20.63 43.91
CA SER D 54 17.80 21.32 44.89
C SER D 54 17.26 20.35 45.93
N ARG D 55 17.48 20.65 47.20
CA ARG D 55 16.96 19.86 48.30
C ARG D 55 15.54 20.29 48.63
N ALA D 56 14.71 19.33 49.04
CA ALA D 56 13.30 19.58 49.28
C ALA D 56 13.10 20.08 50.71
N SER D 57 11.84 20.17 51.13
CA SER D 57 11.51 20.76 52.41
C SER D 57 12.14 19.96 53.55
N GLY D 58 12.83 20.66 54.45
CA GLY D 58 13.37 20.05 55.64
C GLY D 58 14.35 18.94 55.40
N VAL D 59 15.21 19.10 54.41
CA VAL D 59 16.25 18.10 54.09
C VAL D 59 17.59 18.71 54.44
N PRO D 60 18.37 18.12 55.35
CA PRO D 60 19.62 18.74 55.78
C PRO D 60 20.67 18.71 54.69
N ASP D 61 21.63 19.64 54.80
CA ASP D 61 22.68 19.77 53.79
C ASP D 61 23.68 18.62 53.83
N ARG D 62 23.54 17.67 54.77
CA ARG D 62 24.27 16.42 54.63
C ARG D 62 23.91 15.72 53.34
N PHE D 63 22.67 15.86 52.88
CA PHE D 63 22.21 15.22 51.66
C PHE D 63 22.58 16.10 50.47
N SER D 64 23.33 15.53 49.53
CA SER D 64 23.85 16.28 48.40
C SER D 64 23.49 15.55 47.11
N GLY D 65 22.91 16.27 46.16
CA GLY D 65 22.54 15.72 44.86
C GLY D 65 23.44 16.30 43.77
N SER D 66 23.88 15.44 42.86
CA SER D 66 24.75 15.84 41.78
C SER D 66 24.45 14.97 40.56
N ARG D 67 25.00 15.36 39.42
CA ARG D 67 24.76 14.63 38.18
C ARG D 67 25.92 14.85 37.21
N SER D 68 26.24 13.81 36.43
CA SER D 68 27.33 13.88 35.46
C SER D 68 26.92 13.03 34.24
N GLY D 69 26.32 13.69 33.25
CA GLY D 69 25.96 13.03 32.02
C GLY D 69 24.73 12.15 32.12
N ASN D 70 24.92 10.84 32.03
CA ASN D 70 23.83 9.87 32.14
C ASN D 70 23.83 9.16 33.48
N THR D 71 24.30 9.81 34.54
CA THR D 71 24.41 9.19 35.85
C THR D 71 24.35 10.27 36.92
N ALA D 72 23.23 10.36 37.62
CA ALA D 72 23.11 11.21 38.79
C ALA D 72 23.53 10.45 40.04
N THR D 73 23.83 11.19 41.10
CA THR D 73 24.42 10.58 42.29
C THR D 73 23.98 11.32 43.54
N LEU D 74 23.31 10.61 44.44
CA LEU D 74 23.01 11.12 45.77
C LEU D 74 24.07 10.62 46.76
N THR D 75 24.68 11.55 47.49
CA THR D 75 25.72 11.25 48.44
C THR D 75 25.30 11.72 49.82
N ILE D 76 25.44 10.85 50.82
CA ILE D 76 25.10 11.16 52.20
C ILE D 76 26.38 11.41 52.98
N SER D 77 26.50 12.60 53.55
CA SER D 77 27.66 12.96 54.36
C SER D 77 27.34 12.71 55.83
N SER D 78 28.30 12.12 56.54
CA SER D 78 28.17 11.82 57.97
C SER D 78 27.01 10.87 58.22
N LEU D 79 27.24 9.56 58.12
CA LEU D 79 26.19 8.58 58.30
C LEU D 79 25.74 8.49 59.75
N GLN D 80 24.44 8.53 59.95
CA GLN D 80 23.81 8.33 61.25
C GLN D 80 22.84 7.17 61.14
N ALA D 81 22.48 6.61 62.30
CA ALA D 81 21.60 5.44 62.30
C ALA D 81 20.26 5.74 61.64
N GLU D 82 19.82 7.00 61.71
CA GLU D 82 18.50 7.40 61.21
C GLU D 82 18.46 7.36 59.68
N ASP D 83 19.58 7.05 59.05
CA ASP D 83 19.67 7.08 57.59
C ASP D 83 19.37 5.73 56.94
N GLU D 84 19.23 4.65 57.71
CA GLU D 84 18.96 3.34 57.14
C GLU D 84 17.57 3.33 56.50
N ALA D 85 17.51 3.16 55.19
CA ALA D 85 16.25 3.18 54.44
C ALA D 85 16.51 2.70 53.02
N ASP D 86 15.44 2.72 52.21
CA ASP D 86 15.54 2.54 50.77
C ASP D 86 15.54 3.92 50.11
N TYR D 87 16.48 4.13 49.20
CA TYR D 87 16.58 5.37 48.45
C TYR D 87 16.29 5.10 46.99
N PHE D 88 15.32 5.85 46.45
CA PHE D 88 14.86 5.65 45.09
C PHE D 88 15.16 6.89 44.25
N CYS D 89 15.31 6.65 42.95
CA CYS D 89 15.65 7.65 41.96
C CYS D 89 14.46 7.87 41.04
N ALA D 90 14.41 9.03 40.38
CA ALA D 90 13.24 9.32 39.57
C ALA D 90 13.55 10.39 38.53
N SER D 91 13.03 10.20 37.32
CA SER D 91 13.14 11.20 36.26
C SER D 91 11.95 11.06 35.32
N ALA D 92 11.62 12.15 34.64
CA ALA D 92 10.58 12.09 33.63
C ALA D 92 11.13 11.45 32.36
N GLU D 93 10.25 10.76 31.63
CA GLU D 93 10.62 10.15 30.35
C GLU D 93 9.59 10.56 29.31
N ASP D 94 10.05 11.31 28.30
CA ASP D 94 9.26 11.63 27.11
C ASP D 94 8.07 12.55 27.39
N SER D 95 7.71 12.72 28.65
CA SER D 95 6.63 13.63 29.02
C SER D 95 6.79 14.05 30.46
N SER D 96 6.11 15.14 30.82
CA SER D 96 6.09 15.61 32.20
C SER D 96 5.06 14.88 33.04
N SER D 97 4.23 14.04 32.42
CA SER D 97 3.20 13.27 33.11
C SER D 97 3.57 11.79 33.23
N ASN D 98 4.76 11.41 32.78
CA ASN D 98 5.23 10.04 32.90
C ASN D 98 6.60 10.04 33.55
N ALA D 99 6.70 9.36 34.69
CA ALA D 99 7.95 9.28 35.43
C ALA D 99 8.49 7.85 35.38
N VAL D 100 9.79 7.73 35.63
CA VAL D 100 10.45 6.44 35.77
C VAL D 100 11.24 6.46 37.07
N PHE D 101 11.22 5.34 37.79
CA PHE D 101 11.91 5.24 39.06
C PHE D 101 13.11 4.31 38.94
N GLY D 102 14.07 4.50 39.84
CA GLY D 102 15.16 3.56 39.96
C GLY D 102 14.77 2.33 40.73
N SER D 103 15.56 1.27 40.56
CA SER D 103 15.30 0.02 41.28
C SER D 103 15.33 0.21 42.79
N GLY D 104 15.99 1.27 43.27
CA GLY D 104 16.05 1.50 44.70
C GLY D 104 17.17 0.74 45.36
N THR D 105 18.06 1.47 46.02
CA THR D 105 19.14 0.87 46.80
C THR D 105 18.73 0.81 48.26
N THR D 106 19.44 -0.04 49.01
CA THR D 106 19.13 -0.27 50.42
C THR D 106 20.37 0.08 51.24
N LEU D 107 20.30 1.17 51.99
CA LEU D 107 21.42 1.67 52.76
C LEU D 107 21.52 0.96 54.10
N THR D 108 22.75 0.77 54.57
CA THR D 108 23.02 0.02 55.78
C THR D 108 24.15 0.66 56.55
N VAL D 109 23.97 0.81 57.85
CA VAL D 109 24.95 1.43 58.74
C VAL D 109 25.60 0.32 59.57
N LEU D 110 26.92 0.20 59.46
CA LEU D 110 27.59 -0.97 59.99
C LEU D 110 27.85 -0.90 61.49
N GLY D 111 28.01 0.30 62.05
CA GLY D 111 28.44 0.44 63.43
C GLY D 111 27.45 0.06 64.50
N GLN D 112 26.23 -0.34 64.15
CA GLN D 112 25.25 -0.68 65.16
C GLN D 112 25.60 -2.02 65.82
N PRO D 113 25.25 -2.19 67.10
CA PRO D 113 25.58 -3.44 67.79
C PRO D 113 24.63 -4.58 67.44
N LYS D 114 25.15 -5.80 67.59
CA LYS D 114 24.45 -7.03 67.21
C LYS D 114 23.78 -7.62 68.45
N SER D 115 22.48 -7.31 68.65
CA SER D 115 21.70 -7.81 69.77
C SER D 115 21.01 -9.12 69.40
N PRO D 116 21.09 -10.16 70.23
CA PRO D 116 20.52 -11.46 69.87
C PRO D 116 19.04 -11.52 70.20
N PRO D 117 18.33 -12.54 69.70
CA PRO D 117 16.87 -12.59 69.86
C PRO D 117 16.41 -13.32 71.10
N SER D 118 15.23 -12.88 71.58
CA SER D 118 14.51 -13.50 72.68
C SER D 118 13.26 -14.15 72.11
N VAL D 119 13.17 -15.47 72.21
CA VAL D 119 12.07 -16.24 71.64
C VAL D 119 11.22 -16.81 72.78
N THR D 120 9.90 -16.75 72.63
CA THR D 120 8.96 -17.37 73.55
C THR D 120 7.99 -18.23 72.74
N LEU D 121 7.88 -19.51 73.10
CA LEU D 121 7.10 -20.48 72.33
C LEU D 121 5.81 -20.79 73.06
N PHE D 122 4.70 -20.84 72.31
CA PHE D 122 3.39 -21.10 72.88
C PHE D 122 2.74 -22.31 72.25
N PRO D 123 2.15 -23.20 73.06
CA PRO D 123 1.47 -24.39 72.52
C PRO D 123 0.10 -24.03 71.99
N PRO D 124 -0.65 -24.97 71.43
CA PRO D 124 -2.00 -24.65 70.96
C PRO D 124 -2.99 -24.58 72.11
N SER D 125 -3.99 -23.72 71.94
CA SER D 125 -5.00 -23.53 72.97
C SER D 125 -5.92 -24.74 73.09
N THR D 126 -6.36 -25.01 74.32
CA THR D 126 -7.35 -26.06 74.54
C THR D 126 -8.61 -25.80 73.72
N GLU D 127 -8.93 -24.53 73.47
CA GLU D 127 -10.09 -24.20 72.65
C GLU D 127 -9.85 -24.57 71.18
N GLU D 128 -8.66 -24.27 70.67
CA GLU D 128 -8.34 -24.65 69.30
C GLU D 128 -8.31 -26.17 69.14
N LEU D 129 -7.82 -26.88 70.15
CA LEU D 129 -7.74 -28.33 70.07
C LEU D 129 -9.12 -28.98 70.01
N ASN D 130 -10.16 -28.30 70.49
CA ASN D 130 -11.52 -28.81 70.34
C ASN D 130 -11.97 -28.79 68.88
N GLY D 131 -11.32 -28.00 68.04
CA GLY D 131 -11.53 -27.99 66.61
C GLY D 131 -10.68 -28.97 65.85
N ASN D 132 -9.97 -29.85 66.54
CA ASN D 132 -9.16 -30.92 65.98
C ASN D 132 -8.01 -30.41 65.11
N LYS D 133 -7.70 -29.12 65.18
CA LYS D 133 -6.51 -28.57 64.54
C LYS D 133 -5.74 -27.76 65.58
N ALA D 134 -4.44 -27.60 65.36
CA ALA D 134 -3.55 -27.00 66.34
C ALA D 134 -2.54 -26.10 65.66
N THR D 135 -2.12 -25.05 66.36
CA THR D 135 -1.15 -24.09 65.83
C THR D 135 -0.14 -23.75 66.92
N LEU D 136 1.12 -24.11 66.69
CA LEU D 136 2.22 -23.63 67.54
C LEU D 136 2.64 -22.25 67.11
N VAL D 137 2.99 -21.40 68.08
CA VAL D 137 3.39 -20.02 67.81
C VAL D 137 4.75 -19.78 68.45
N CYS D 138 5.68 -19.26 67.66
CA CYS D 138 7.05 -18.99 68.09
C CYS D 138 7.39 -17.55 67.74
N LEU D 139 7.50 -16.70 68.75
CA LEU D 139 7.65 -15.26 68.57
C LEU D 139 9.07 -14.85 68.93
N ILE D 140 9.72 -14.12 68.01
CA ILE D 140 11.10 -13.67 68.17
C ILE D 140 11.11 -12.15 68.24
N SER D 141 11.85 -11.60 69.20
CA SER D 141 11.86 -10.17 69.45
C SER D 141 13.27 -9.69 69.72
N ASP D 142 13.51 -8.43 69.34
CA ASP D 142 14.71 -7.69 69.74
C ASP D 142 15.99 -8.33 69.22
N PHE D 143 16.06 -8.55 67.91
CA PHE D 143 17.27 -9.07 67.29
C PHE D 143 17.77 -8.12 66.21
N TYR D 144 19.08 -8.19 65.96
CA TYR D 144 19.78 -7.42 64.96
C TYR D 144 21.15 -8.04 64.72
N PRO D 145 21.58 -8.20 63.46
CA PRO D 145 20.87 -7.84 62.23
C PRO D 145 19.71 -8.79 61.90
N GLY D 146 18.82 -8.37 61.01
CA GLY D 146 17.60 -9.12 60.72
C GLY D 146 17.79 -10.41 59.94
N SER D 147 18.73 -11.25 60.36
CA SER D 147 18.95 -12.55 59.77
C SER D 147 18.53 -13.62 60.77
N VAL D 148 17.51 -14.39 60.41
CA VAL D 148 16.96 -15.41 61.29
C VAL D 148 16.65 -16.65 60.47
N THR D 149 17.00 -17.82 61.00
CA THR D 149 16.77 -19.10 60.33
C THR D 149 15.99 -20.00 61.28
N VAL D 150 14.74 -20.31 60.91
CA VAL D 150 13.84 -21.09 61.75
C VAL D 150 13.89 -22.54 61.29
N VAL D 151 14.36 -23.43 62.17
CA VAL D 151 14.33 -24.86 61.93
C VAL D 151 13.52 -25.53 63.03
N TRP D 152 12.45 -26.20 62.64
CA TRP D 152 11.55 -26.88 63.56
C TRP D 152 12.05 -28.29 63.84
N LYS D 153 12.25 -28.61 65.11
CA LYS D 153 12.64 -29.95 65.52
C LYS D 153 11.55 -30.56 66.40
N ALA D 154 11.26 -31.84 66.16
CA ALA D 154 10.29 -32.61 66.94
C ALA D 154 11.05 -33.77 67.57
N ASP D 155 11.55 -33.56 68.78
CA ASP D 155 12.27 -34.59 69.54
C ASP D 155 13.55 -35.01 68.80
N GLY D 156 14.24 -34.04 68.20
CA GLY D 156 15.51 -34.28 67.56
C GLY D 156 15.44 -34.35 66.05
N SER D 157 14.30 -34.71 65.48
CA SER D 157 14.12 -34.79 64.04
C SER D 157 13.51 -33.48 63.53
N THR D 158 13.76 -33.20 62.25
CA THR D 158 13.39 -31.93 61.64
C THR D 158 12.09 -32.07 60.85
N ILE D 159 11.15 -31.15 61.09
CA ILE D 159 9.85 -31.15 60.45
C ILE D 159 9.71 -29.89 59.59
N THR D 160 9.24 -30.07 58.35
CA THR D 160 9.16 -28.99 57.38
C THR D 160 7.76 -28.68 56.89
N ARG D 161 6.81 -29.59 57.07
CA ARG D 161 5.47 -29.41 56.51
C ARG D 161 4.66 -28.40 57.31
N ASN D 162 3.91 -27.56 56.59
CA ASN D 162 3.01 -26.58 57.19
C ASN D 162 3.73 -25.62 58.13
N VAL D 163 4.99 -25.33 57.84
CA VAL D 163 5.74 -24.32 58.57
C VAL D 163 5.56 -22.98 57.85
N GLU D 164 5.18 -21.96 58.62
CA GLU D 164 4.76 -20.69 58.06
C GLU D 164 5.52 -19.57 58.77
N THR D 165 6.33 -18.84 58.01
CA THR D 165 7.21 -17.82 58.58
C THR D 165 7.06 -16.51 57.81
N THR D 166 7.04 -15.40 58.55
CA THR D 166 6.98 -14.07 57.96
C THR D 166 8.39 -13.49 57.83
N ARG D 167 8.55 -12.57 56.88
CA ARG D 167 9.81 -11.85 56.76
C ARG D 167 10.04 -11.02 58.01
N ALA D 168 11.32 -10.74 58.29
CA ALA D 168 11.66 -9.93 59.45
C ALA D 168 11.29 -8.47 59.20
N SER D 169 10.71 -7.84 60.22
CA SER D 169 10.28 -6.45 60.15
C SER D 169 10.80 -5.68 61.37
N LYS D 170 11.25 -4.46 61.15
CA LYS D 170 11.89 -3.68 62.19
C LYS D 170 10.85 -2.99 63.07
N GLN D 171 11.13 -2.95 64.38
CA GLN D 171 10.22 -2.36 65.34
C GLN D 171 10.48 -0.85 65.45
N SER D 172 9.98 -0.24 66.53
CA SER D 172 10.24 1.18 66.77
C SER D 172 11.68 1.40 67.21
N ASN D 173 12.23 0.49 68.00
CA ASN D 173 13.55 0.64 68.60
C ASN D 173 14.69 0.20 67.67
N SER D 174 14.50 0.33 66.36
CA SER D 174 15.53 -0.02 65.37
C SER D 174 16.03 -1.45 65.57
N LYS D 175 15.12 -2.36 65.91
CA LYS D 175 15.38 -3.78 65.97
C LYS D 175 14.25 -4.51 65.25
N TYR D 176 14.56 -5.68 64.72
CA TYR D 176 13.63 -6.42 63.86
C TYR D 176 12.83 -7.44 64.67
N ALA D 177 11.74 -7.92 64.06
CA ALA D 177 10.85 -8.86 64.72
C ALA D 177 10.07 -9.64 63.67
N ALA D 178 9.81 -10.92 63.95
CA ALA D 178 9.05 -11.77 63.04
C ALA D 178 8.31 -12.81 63.88
N SER D 179 7.61 -13.71 63.19
CA SER D 179 6.80 -14.73 63.85
C SER D 179 6.73 -15.96 62.96
N SER D 180 6.47 -17.11 63.59
CA SER D 180 6.41 -18.38 62.88
C SER D 180 5.31 -19.25 63.48
N TYR D 181 4.48 -19.83 62.61
CA TYR D 181 3.33 -20.64 63.01
C TYR D 181 3.45 -22.03 62.39
N LEU D 182 3.40 -23.06 63.23
CA LEU D 182 3.40 -24.45 62.78
C LEU D 182 1.98 -24.99 62.92
N SER D 183 1.27 -25.07 61.80
CA SER D 183 -0.13 -25.50 61.78
C SER D 183 -0.17 -27.02 61.64
N LEU D 184 -0.44 -27.70 62.75
CA LEU D 184 -0.57 -29.14 62.80
C LEU D 184 -2.04 -29.52 62.91
N THR D 185 -2.29 -30.83 62.99
CA THR D 185 -3.59 -31.35 63.39
C THR D 185 -3.47 -31.93 64.79
N SER D 186 -4.59 -31.92 65.52
CA SER D 186 -4.57 -32.36 66.91
C SER D 186 -4.10 -33.81 67.04
N SER D 187 -4.29 -34.62 65.99
CA SER D 187 -3.88 -36.02 66.04
C SER D 187 -2.37 -36.14 66.21
N ASP D 188 -1.60 -35.54 65.30
CA ASP D 188 -0.15 -35.67 65.38
C ASP D 188 0.49 -34.65 66.31
N TRP D 189 -0.28 -33.73 66.90
CA TRP D 189 0.30 -32.86 67.92
C TRP D 189 0.45 -33.61 69.24
N LYS D 190 -0.52 -34.46 69.57
CA LYS D 190 -0.43 -35.29 70.76
C LYS D 190 0.44 -36.52 70.56
N SER D 191 0.69 -36.91 69.30
CA SER D 191 1.43 -38.14 69.05
C SER D 191 2.89 -38.01 69.47
N LYS D 192 3.53 -36.89 69.14
CA LYS D 192 4.95 -36.73 69.43
C LYS D 192 5.16 -36.43 70.91
N GLY D 193 6.43 -36.33 71.29
CA GLY D 193 6.79 -36.17 72.69
C GLY D 193 7.39 -34.81 73.00
N SER D 194 7.96 -34.16 71.98
CA SER D 194 8.59 -32.87 72.21
C SER D 194 8.65 -32.11 70.89
N TYR D 195 8.43 -30.80 70.96
CA TYR D 195 8.58 -29.88 69.83
C TYR D 195 9.54 -28.77 70.22
N SER D 196 10.39 -28.37 69.27
CA SER D 196 11.39 -27.33 69.48
C SER D 196 11.35 -26.31 68.37
N CYS D 197 11.45 -25.03 68.74
CA CYS D 197 11.60 -23.92 67.79
C CYS D 197 13.05 -23.46 67.87
N GLU D 198 13.87 -23.88 66.91
CA GLU D 198 15.28 -23.56 66.88
C GLU D 198 15.48 -22.36 65.95
N VAL D 199 15.61 -21.18 66.52
CA VAL D 199 15.94 -19.98 65.77
C VAL D 199 17.43 -19.72 65.92
N THR D 200 18.10 -19.42 64.81
CA THR D 200 19.53 -19.17 64.78
C THR D 200 19.77 -17.78 64.22
N HIS D 201 20.63 -17.00 64.89
CA HIS D 201 20.90 -15.62 64.47
C HIS D 201 22.36 -15.31 64.73
N GLU D 202 23.11 -15.08 63.65
CA GLU D 202 24.53 -14.73 63.72
C GLU D 202 25.34 -15.79 64.49
N GLY D 203 25.11 -17.05 64.13
CA GLY D 203 25.87 -18.16 64.67
C GLY D 203 25.35 -18.74 65.96
N SER D 204 24.58 -17.98 66.73
CA SER D 204 24.02 -18.46 67.99
C SER D 204 22.63 -19.04 67.75
N THR D 205 22.31 -20.10 68.48
CA THR D 205 21.05 -20.82 68.34
C THR D 205 20.28 -20.69 69.65
N VAL D 206 19.19 -19.93 69.64
CA VAL D 206 18.31 -19.79 70.79
C VAL D 206 17.12 -20.72 70.58
N THR D 207 16.95 -21.70 71.48
CA THR D 207 15.96 -22.75 71.32
C THR D 207 14.95 -22.69 72.45
N LYS D 208 13.67 -22.79 72.10
CA LYS D 208 12.59 -23.00 73.06
C LYS D 208 11.85 -24.28 72.69
N THR D 209 11.29 -24.94 73.70
CA THR D 209 10.75 -26.28 73.51
C THR D 209 9.54 -26.48 74.40
N VAL D 210 8.46 -27.00 73.82
CA VAL D 210 7.28 -27.40 74.57
C VAL D 210 7.10 -28.90 74.42
N LYS D 211 6.49 -29.51 75.44
CA LYS D 211 6.18 -30.93 75.42
C LYS D 211 4.68 -31.12 75.62
N PRO D 212 4.01 -31.90 74.77
CA PRO D 212 2.54 -31.96 74.85
C PRO D 212 2.02 -32.55 76.15
N SER D 213 2.62 -33.64 76.62
CA SER D 213 2.15 -34.29 77.84
C SER D 213 2.41 -33.44 79.07
N GLU D 214 3.58 -32.81 79.14
CA GLU D 214 3.99 -32.01 80.30
C GLU D 214 3.50 -30.57 80.22
N CYS D 215 2.42 -30.31 79.48
CA CYS D 215 1.88 -28.96 79.34
C CYS D 215 0.45 -28.82 79.82
N SER D 216 -0.38 -29.86 79.65
CA SER D 216 -1.78 -29.84 80.07
C SER D 216 -2.53 -28.64 79.51
N GLN E 1 -37.37 -7.76 -2.11
CA GLN E 1 -37.25 -6.31 -2.32
C GLN E 1 -36.79 -5.62 -1.05
N VAL E 2 -36.10 -4.49 -1.21
CA VAL E 2 -35.57 -3.73 -0.08
C VAL E 2 -36.68 -2.85 0.48
N GLN E 3 -36.98 -3.03 1.76
CA GLN E 3 -37.95 -2.20 2.46
C GLN E 3 -37.44 -1.92 3.86
N LEU E 4 -37.72 -0.72 4.35
CA LEU E 4 -37.26 -0.29 5.67
C LEU E 4 -38.48 0.12 6.51
N ARG E 5 -38.49 -0.32 7.76
CA ARG E 5 -39.62 -0.12 8.66
C ARG E 5 -39.16 0.67 9.87
N GLU E 6 -39.67 1.90 10.01
CA GLU E 6 -39.37 2.75 11.15
C GLU E 6 -40.34 2.45 12.29
N SER E 7 -39.82 2.33 13.50
CA SER E 7 -40.62 2.02 14.67
C SER E 7 -40.19 2.90 15.83
N GLY E 8 -41.16 3.42 16.56
CA GLY E 8 -40.90 4.28 17.70
C GLY E 8 -42.16 4.96 18.21
N PRO E 9 -42.01 5.78 19.24
CA PRO E 9 -43.18 6.50 19.75
C PRO E 9 -43.58 7.64 18.82
N SER E 10 -44.88 7.78 18.60
CA SER E 10 -45.41 8.86 17.78
C SER E 10 -45.76 10.10 18.59
N LEU E 11 -45.50 10.08 19.89
CA LEU E 11 -45.69 11.23 20.77
C LEU E 11 -44.57 11.25 21.80
N VAL E 12 -44.00 12.43 22.02
CA VAL E 12 -42.96 12.63 23.02
C VAL E 12 -43.11 14.03 23.61
N LYS E 13 -42.94 14.11 24.92
CA LYS E 13 -42.96 15.37 25.63
C LYS E 13 -41.60 16.06 25.52
N PRO E 14 -41.57 17.39 25.64
CA PRO E 14 -40.30 18.11 25.52
C PRO E 14 -39.25 17.64 26.52
N SER E 15 -37.98 17.88 26.18
CA SER E 15 -36.83 17.59 27.05
C SER E 15 -36.71 16.09 27.37
N GLN E 16 -36.99 15.25 26.38
CA GLN E 16 -36.79 13.81 26.50
C GLN E 16 -35.77 13.36 25.46
N THR E 17 -35.42 12.08 25.50
CA THR E 17 -34.49 11.49 24.56
C THR E 17 -35.31 10.58 23.64
N LEU E 18 -35.64 11.09 22.46
CA LEU E 18 -36.41 10.33 21.50
C LEU E 18 -35.52 9.24 20.89
N SER E 19 -35.92 7.98 21.05
CA SER E 19 -35.22 6.85 20.48
C SER E 19 -36.11 6.18 19.43
N LEU E 20 -35.54 5.95 18.26
CA LEU E 20 -36.23 5.30 17.15
C LEU E 20 -35.50 4.03 16.75
N THR E 21 -36.11 3.28 15.83
CA THR E 21 -35.56 2.02 15.39
C THR E 21 -35.96 1.77 13.94
N CYS E 22 -34.99 1.43 13.10
CA CYS E 22 -35.21 1.09 11.69
C CYS E 22 -34.79 -0.35 11.47
N THR E 23 -35.77 -1.21 11.22
CA THR E 23 -35.53 -2.62 10.98
C THR E 23 -35.55 -2.89 9.49
N ALA E 24 -34.51 -3.56 9.00
CA ALA E 24 -34.29 -3.77 7.57
C ALA E 24 -34.85 -5.12 7.16
N SER E 25 -35.73 -5.12 6.16
CA SER E 25 -36.24 -6.34 5.56
C SER E 25 -35.85 -6.33 4.09
N GLY E 26 -35.03 -7.30 3.70
CA GLY E 26 -34.59 -7.41 2.33
C GLY E 26 -33.10 -7.23 2.09
N PHE E 27 -32.31 -7.03 3.13
CA PHE E 27 -30.86 -6.97 3.00
C PHE E 27 -30.25 -7.09 4.40
N SER E 28 -28.93 -7.02 4.45
CA SER E 28 -28.20 -7.01 5.71
C SER E 28 -27.41 -5.73 5.84
N LEU E 29 -27.28 -5.26 7.08
CA LEU E 29 -26.54 -4.04 7.38
C LEU E 29 -25.04 -4.18 7.14
N SER E 30 -24.59 -5.36 6.70
CA SER E 30 -23.19 -5.54 6.33
C SER E 30 -22.91 -5.14 4.89
N ASP E 31 -23.95 -4.97 4.08
CA ASP E 31 -23.79 -4.71 2.65
C ASP E 31 -24.30 -3.34 2.23
N LYS E 32 -24.85 -2.55 3.15
CA LYS E 32 -25.39 -1.24 2.82
C LYS E 32 -25.22 -0.29 3.99
N ALA E 33 -24.85 0.94 3.69
CA ALA E 33 -24.91 2.01 4.69
C ALA E 33 -26.32 2.58 4.73
N VAL E 34 -26.71 3.08 5.90
CA VAL E 34 -28.07 3.55 6.11
C VAL E 34 -28.03 4.95 6.74
N GLY E 35 -29.12 5.69 6.54
CA GLY E 35 -29.16 7.08 6.97
C GLY E 35 -30.53 7.52 7.42
N TRP E 36 -30.53 8.57 8.23
CA TRP E 36 -31.74 9.14 8.81
C TRP E 36 -31.98 10.55 8.25
N VAL E 37 -33.22 10.80 7.82
CA VAL E 37 -33.62 12.11 7.29
C VAL E 37 -35.01 12.41 7.82
N ARG E 38 -35.22 13.66 8.29
CA ARG E 38 -36.51 14.11 8.79
C ARG E 38 -37.01 15.28 7.96
N GLN E 39 -38.31 15.53 8.04
CA GLN E 39 -38.92 16.68 7.36
C GLN E 39 -40.08 17.19 8.20
N ALA E 40 -39.93 18.40 8.73
CA ALA E 40 -41.04 19.09 9.36
C ALA E 40 -42.03 19.52 8.29
N PRO E 41 -43.32 19.60 8.64
CA PRO E 41 -44.35 19.89 7.62
C PRO E 41 -44.14 21.25 6.98
N GLY E 42 -44.18 21.28 5.65
CA GLY E 42 -43.92 22.49 4.90
C GLY E 42 -42.49 22.98 4.94
N LYS E 43 -41.59 22.27 5.60
CA LYS E 43 -40.19 22.63 5.70
C LYS E 43 -39.35 21.78 4.76
N ALA E 44 -38.16 22.27 4.46
CA ALA E 44 -37.22 21.49 3.65
C ALA E 44 -36.75 20.27 4.43
N LEU E 45 -36.36 19.24 3.68
CA LEU E 45 -35.84 18.03 4.30
C LEU E 45 -34.53 18.31 5.02
N GLU E 46 -34.39 17.79 6.24
CA GLU E 46 -33.21 17.99 7.06
C GLU E 46 -32.49 16.67 7.23
N TRP E 47 -31.17 16.70 7.08
CA TRP E 47 -30.34 15.52 7.22
C TRP E 47 -29.95 15.35 8.68
N LEU E 48 -29.91 14.09 9.14
CA LEU E 48 -29.64 13.79 10.54
C LEU E 48 -28.33 13.04 10.72
N GLY E 49 -28.19 11.85 10.14
CA GLY E 49 -26.95 11.10 10.31
C GLY E 49 -26.98 9.86 9.45
N SER E 50 -25.84 9.16 9.44
CA SER E 50 -25.68 7.93 8.70
C SER E 50 -24.60 7.10 9.38
N ILE E 51 -24.72 5.79 9.25
CA ILE E 51 -23.77 4.86 9.84
C ILE E 51 -23.18 4.00 8.75
N ASP E 52 -21.87 3.81 8.79
CA ASP E 52 -21.16 3.03 7.78
C ASP E 52 -21.62 1.58 7.78
N THR E 53 -21.10 0.82 6.82
CA THR E 53 -21.24 -0.63 6.87
C THR E 53 -20.41 -1.23 7.99
N GLY E 54 -19.26 -0.62 8.31
CA GLY E 54 -18.44 -1.10 9.39
C GLY E 54 -18.82 -0.59 10.76
N GLY E 55 -19.54 0.53 10.82
CA GLY E 55 -20.02 1.07 12.07
C GLY E 55 -19.48 2.44 12.45
N SER E 56 -18.83 3.15 11.53
CA SER E 56 -18.37 4.50 11.82
C SER E 56 -19.49 5.49 11.57
N THR E 57 -19.72 6.39 12.53
CA THR E 57 -20.87 7.28 12.51
C THR E 57 -20.50 8.66 11.99
N GLY E 58 -21.40 9.24 11.20
CA GLY E 58 -21.24 10.60 10.72
C GLY E 58 -22.57 11.33 10.68
N TYR E 59 -22.72 12.38 11.47
CA TYR E 59 -23.98 13.10 11.59
C TYR E 59 -23.87 14.49 10.97
N ASN E 60 -25.02 15.14 10.86
CA ASN E 60 -25.12 16.57 10.63
C ASN E 60 -24.35 17.29 11.74
N PRO E 61 -23.36 18.12 11.41
CA PRO E 61 -22.51 18.69 12.47
C PRO E 61 -23.26 19.56 13.46
N GLY E 62 -24.17 20.42 12.99
CA GLY E 62 -24.91 21.27 13.90
C GLY E 62 -25.73 20.51 14.91
N LEU E 63 -26.12 19.28 14.59
CA LEU E 63 -26.94 18.44 15.46
C LEU E 63 -26.16 17.28 16.05
N LYS E 64 -24.83 17.28 15.93
CA LYS E 64 -24.05 16.16 16.46
C LYS E 64 -24.18 16.05 17.97
N SER E 65 -24.28 17.18 18.65
CA SER E 65 -24.30 17.18 20.12
C SER E 65 -25.45 16.33 20.67
N ARG E 66 -26.59 16.34 20.01
CA ARG E 66 -27.78 15.66 20.50
C ARG E 66 -28.04 14.32 19.82
N LEU E 67 -27.44 14.07 18.67
CA LEU E 67 -27.69 12.82 17.95
C LEU E 67 -26.75 11.72 18.41
N SER E 68 -27.28 10.50 18.40
CA SER E 68 -26.50 9.30 18.66
C SER E 68 -27.09 8.18 17.81
N ILE E 69 -26.29 7.61 16.93
CA ILE E 69 -26.73 6.53 16.05
C ILE E 69 -25.82 5.33 16.27
N THR E 70 -26.44 4.18 16.51
CA THR E 70 -25.73 2.91 16.58
C THR E 70 -26.50 1.88 15.76
N LYS E 71 -25.87 0.74 15.51
CA LYS E 71 -26.51 -0.30 14.72
C LYS E 71 -26.18 -1.66 15.31
N ASP E 72 -27.03 -2.64 14.98
CA ASP E 72 -26.91 -4.01 15.45
C ASP E 72 -26.97 -4.90 14.20
N ASN E 73 -25.80 -5.33 13.73
CA ASN E 73 -25.74 -6.10 12.49
C ASN E 73 -26.56 -7.37 12.55
N SER E 74 -26.64 -7.99 13.73
CA SER E 74 -27.34 -9.28 13.84
C SER E 74 -28.85 -9.12 13.69
N GLU E 75 -29.42 -8.13 14.37
CA GLU E 75 -30.86 -7.90 14.30
C GLU E 75 -31.30 -7.22 13.02
N SER E 76 -30.37 -6.72 12.21
CA SER E 76 -30.70 -5.85 11.08
C SER E 76 -31.53 -4.65 11.55
N GLN E 77 -31.02 -3.98 12.57
CA GLN E 77 -31.71 -2.85 13.19
C GLN E 77 -30.74 -1.68 13.33
N VAL E 78 -31.23 -0.47 13.08
CA VAL E 78 -30.46 0.76 13.22
C VAL E 78 -31.22 1.66 14.17
N SER E 79 -30.50 2.22 15.14
CA SER E 79 -31.12 3.05 16.15
C SER E 79 -30.79 4.53 15.92
N LEU E 80 -31.63 5.39 16.47
CA LEU E 80 -31.43 6.82 16.47
C LEU E 80 -31.75 7.35 17.85
N SER E 81 -30.96 8.31 18.34
CA SER E 81 -31.13 8.85 19.69
C SER E 81 -30.98 10.37 19.65
N VAL E 82 -32.09 11.05 19.38
CA VAL E 82 -32.15 12.50 19.53
C VAL E 82 -32.47 12.81 20.98
N SER E 83 -31.56 13.50 21.65
CA SER E 83 -31.75 13.82 23.06
C SER E 83 -32.21 15.27 23.22
N SER E 84 -32.89 15.52 24.34
CA SER E 84 -33.31 16.86 24.74
C SER E 84 -34.15 17.53 23.65
N VAL E 85 -35.24 16.84 23.27
CA VAL E 85 -36.06 17.31 22.16
C VAL E 85 -36.88 18.52 22.58
N THR E 86 -37.39 19.24 21.59
CA THR E 86 -38.20 20.43 21.80
C THR E 86 -39.34 20.45 20.78
N THR E 87 -40.10 21.55 20.77
CA THR E 87 -41.24 21.67 19.87
C THR E 87 -40.81 21.75 18.41
N GLU E 88 -39.52 21.97 18.15
CA GLU E 88 -39.04 22.08 16.78
C GLU E 88 -38.69 20.73 16.17
N ASP E 89 -38.42 19.73 16.99
CA ASP E 89 -38.02 18.41 16.51
C ASP E 89 -39.17 17.60 15.95
N SER E 90 -40.41 18.10 16.01
CA SER E 90 -41.55 17.38 15.45
C SER E 90 -41.43 17.36 13.93
N ALA E 91 -41.32 16.15 13.37
CA ALA E 91 -41.18 15.96 11.94
C ALA E 91 -41.48 14.51 11.62
N THR E 92 -41.55 14.22 10.32
CA THR E 92 -41.67 12.84 9.85
C THR E 92 -40.26 12.28 9.63
N TYR E 93 -39.94 11.21 10.34
CA TYR E 93 -38.58 10.67 10.35
C TYR E 93 -38.48 9.51 9.37
N TYR E 94 -37.73 9.72 8.31
CA TYR E 94 -37.55 8.71 7.27
C TYR E 94 -36.25 7.96 7.53
N CYS E 95 -36.33 6.64 7.44
CA CYS E 95 -35.13 5.79 7.46
C CYS E 95 -34.75 5.48 6.02
N THR E 96 -33.49 5.72 5.67
CA THR E 96 -33.06 5.70 4.28
C THR E 96 -31.76 4.93 4.12
N THR E 97 -31.68 4.13 3.04
CA THR E 97 -30.40 3.62 2.58
C THR E 97 -29.69 4.69 1.78
N VAL E 98 -28.37 4.76 1.93
CA VAL E 98 -27.60 5.85 1.37
C VAL E 98 -26.26 5.31 0.86
N HIS E 99 -25.74 5.95 -0.18
CA HIS E 99 -24.38 5.71 -0.66
C HIS E 99 -23.54 6.96 -0.42
N GLN E 100 -22.38 6.77 0.19
CA GLN E 100 -21.42 7.84 0.43
C GLN E 100 -20.14 7.53 -0.33
N TYR E 101 -19.53 8.56 -0.91
CA TYR E 101 -18.32 8.38 -1.70
C TYR E 101 -17.55 9.69 -1.77
N THR E 102 -16.23 9.61 -1.58
CA THR E 102 -15.34 10.74 -1.70
C THR E 102 -14.66 10.67 -3.07
N HIS E 103 -15.18 11.42 -4.03
CA HIS E 103 -14.55 11.49 -5.34
C HIS E 103 -13.26 12.31 -5.25
N LYS E 104 -12.20 11.80 -5.86
CA LYS E 104 -10.95 12.52 -5.95
C LYS E 104 -10.91 13.30 -7.27
N ARG E 105 -10.55 14.57 -7.17
CA ARG E 105 -10.65 15.49 -8.30
C ARG E 105 -9.24 15.87 -8.77
N CYS E 106 -8.89 15.47 -10.00
CA CYS E 106 -7.68 15.92 -10.65
C CYS E 106 -8.04 16.64 -11.95
N PRO E 107 -7.28 17.68 -12.34
CA PRO E 107 -7.65 18.48 -13.51
C PRO E 107 -7.50 17.74 -14.84
N ASP E 108 -7.53 18.51 -15.94
CA ASP E 108 -7.69 17.95 -17.27
C ASP E 108 -6.45 17.21 -17.78
N GLY E 109 -5.30 17.35 -17.13
CA GLY E 109 -4.09 16.76 -17.67
C GLY E 109 -3.40 15.75 -16.78
N TYR E 110 -3.87 15.63 -15.54
CA TYR E 110 -3.26 14.75 -14.56
C TYR E 110 -4.14 13.53 -14.32
N THR E 111 -3.61 12.59 -13.55
CA THR E 111 -4.31 11.38 -13.16
C THR E 111 -3.95 11.05 -11.73
N TYR E 112 -4.92 10.57 -10.97
CA TYR E 112 -4.67 10.27 -9.56
C TYR E 112 -3.86 8.98 -9.48
N GLY E 113 -2.72 9.05 -8.79
CA GLY E 113 -1.87 7.91 -8.56
C GLY E 113 -1.04 8.12 -7.32
N TYR E 114 -0.11 7.20 -7.11
CA TYR E 114 0.72 7.18 -5.92
C TYR E 114 2.20 7.28 -6.29
N TRP E 115 2.94 8.10 -5.57
CA TRP E 115 4.39 8.09 -5.65
C TRP E 115 4.93 6.80 -5.06
N CYS E 116 5.96 6.25 -5.69
CA CYS E 116 6.48 4.96 -5.27
C CYS E 116 7.02 5.02 -3.85
N GLY E 117 6.44 4.22 -2.97
CA GLY E 117 6.80 4.23 -1.56
C GLY E 117 5.91 5.08 -0.69
N TYR E 118 5.65 6.32 -1.12
CA TYR E 118 4.79 7.23 -0.38
C TYR E 118 3.33 6.79 -0.54
N GLY E 119 2.65 6.53 0.56
CA GLY E 119 1.33 5.94 0.52
C GLY E 119 0.16 6.90 0.52
N THR E 120 0.39 8.16 0.18
CA THR E 120 -0.65 9.18 0.09
C THR E 120 -0.88 9.56 -1.36
N GLY E 121 -2.14 9.55 -1.78
CA GLY E 121 -2.45 9.80 -3.18
C GLY E 121 -2.38 11.28 -3.52
N SER E 122 -1.72 11.58 -4.63
CA SER E 122 -1.62 12.94 -5.15
C SER E 122 -2.09 12.95 -6.60
N CYS E 123 -2.26 14.16 -7.14
CA CYS E 123 -2.51 14.33 -8.57
C CYS E 123 -1.16 14.35 -9.27
N VAL E 124 -0.82 13.26 -9.95
CA VAL E 124 0.43 13.19 -10.71
C VAL E 124 0.15 13.49 -12.17
N GLY E 125 1.15 14.05 -12.86
CA GLY E 125 0.93 14.64 -14.16
C GLY E 125 1.33 13.75 -15.33
N SER E 126 0.99 14.24 -16.52
CA SER E 126 1.42 13.59 -17.76
C SER E 126 2.95 13.52 -17.85
N ASN E 127 3.62 14.51 -17.27
CA ASN E 127 5.08 14.64 -17.24
C ASN E 127 5.75 13.63 -16.30
N CYS E 128 4.99 12.67 -15.77
CA CYS E 128 5.50 11.70 -14.81
C CYS E 128 5.61 10.32 -15.46
N VAL E 129 6.64 9.57 -15.06
CA VAL E 129 6.85 8.22 -15.55
C VAL E 129 6.09 7.24 -14.66
N TYR E 130 5.40 6.30 -15.28
CA TYR E 130 4.58 5.31 -14.57
C TYR E 130 5.23 3.95 -14.67
N TYR E 131 5.42 3.30 -13.53
CA TYR E 131 5.96 1.95 -13.47
C TYR E 131 4.81 0.97 -13.23
N PRO E 132 4.18 0.44 -14.28
CA PRO E 132 2.96 -0.36 -14.06
C PRO E 132 3.20 -1.61 -13.23
N SER E 133 4.44 -2.11 -13.21
CA SER E 133 4.72 -3.33 -12.45
C SER E 133 4.56 -3.12 -10.95
N ARG E 134 4.85 -1.91 -10.46
CA ARG E 134 4.66 -1.60 -9.05
C ARG E 134 3.47 -0.67 -8.80
N GLY E 135 2.75 -0.28 -9.85
CA GLY E 135 1.54 0.50 -9.68
C GLY E 135 1.75 1.85 -9.03
N CYS E 136 2.89 2.48 -9.28
CA CYS E 136 3.19 3.77 -8.70
C CYS E 136 4.01 4.60 -9.69
N TYR E 137 3.91 5.92 -9.53
CA TYR E 137 4.55 6.87 -10.43
C TYR E 137 5.90 7.30 -9.89
N GLY E 138 6.78 7.72 -10.80
CA GLY E 138 8.11 8.17 -10.44
C GLY E 138 8.36 9.59 -10.92
N GLY E 139 9.25 10.27 -10.23
CA GLY E 139 9.61 11.63 -10.60
C GLY E 139 8.87 12.68 -9.81
N TYR E 140 9.17 12.78 -8.52
CA TYR E 140 8.57 13.79 -7.66
C TYR E 140 9.04 15.19 -8.06
N GLY E 141 10.05 15.70 -7.36
CA GLY E 141 10.49 17.09 -7.45
C GLY E 141 10.47 17.74 -8.82
N GLY E 142 10.62 16.95 -9.88
CA GLY E 142 10.65 17.49 -11.22
C GLY E 142 9.30 17.56 -11.92
N CYS E 143 8.67 16.41 -12.11
CA CYS E 143 7.41 16.35 -12.84
C CYS E 143 6.33 17.15 -12.14
N SER E 144 5.49 17.83 -12.93
CA SER E 144 4.49 18.72 -12.36
C SER E 144 3.36 17.91 -11.73
N SER E 145 2.96 18.29 -10.52
CA SER E 145 2.02 17.54 -9.71
C SER E 145 1.66 18.35 -8.47
N PHE E 146 0.42 18.22 -8.01
CA PHE E 146 -0.03 18.94 -6.82
C PHE E 146 -1.06 18.12 -6.06
N SER E 147 -1.59 18.71 -4.99
CA SER E 147 -2.45 18.00 -4.06
C SER E 147 -3.77 17.62 -4.72
N ALA E 148 -4.39 16.57 -4.19
CA ALA E 148 -5.62 16.03 -4.76
C ALA E 148 -6.81 16.73 -4.14
N GLY E 149 -7.53 17.51 -4.95
CA GLY E 149 -8.80 18.05 -4.50
C GLY E 149 -9.86 16.96 -4.43
N SER E 150 -10.80 17.14 -3.51
CA SER E 150 -11.85 16.17 -3.29
C SER E 150 -13.21 16.85 -3.27
N SER E 151 -14.21 16.15 -3.82
CA SER E 151 -15.59 16.59 -3.81
C SER E 151 -16.47 15.42 -3.40
N TYR E 152 -17.40 15.66 -2.49
CA TYR E 152 -18.11 14.59 -1.80
C TYR E 152 -19.47 14.34 -2.45
N GLU E 153 -19.80 13.06 -2.64
CA GLU E 153 -21.12 12.66 -3.10
C GLU E 153 -21.88 11.98 -1.97
N LEU E 154 -23.17 12.26 -1.89
CA LEU E 154 -24.08 11.56 -1.00
C LEU E 154 -25.46 11.58 -1.63
N TYR E 155 -26.17 10.46 -1.54
CA TYR E 155 -27.53 10.41 -2.06
C TYR E 155 -28.23 9.19 -1.49
N VAL E 156 -29.52 9.34 -1.18
CA VAL E 156 -30.34 8.25 -0.66
C VAL E 156 -30.75 7.34 -1.81
N ASP E 157 -30.75 6.03 -1.55
CA ASP E 157 -31.18 5.03 -2.52
C ASP E 157 -32.62 4.57 -2.29
N ALA E 158 -32.95 4.12 -1.08
CA ALA E 158 -34.29 3.64 -0.77
C ALA E 158 -34.81 4.40 0.45
N TRP E 159 -36.05 4.84 0.37
CA TRP E 159 -36.68 5.60 1.44
C TRP E 159 -37.64 4.70 2.22
N GLY E 160 -37.74 4.96 3.52
CA GLY E 160 -38.74 4.31 4.34
C GLY E 160 -40.10 4.97 4.17
N GLN E 161 -41.06 4.48 4.96
CA GLN E 161 -42.39 5.08 4.94
C GLN E 161 -42.39 6.45 5.63
N GLY E 162 -41.77 6.53 6.79
CA GLY E 162 -41.76 7.76 7.58
C GLY E 162 -42.69 7.63 8.77
N LEU E 163 -42.22 8.12 9.92
CA LEU E 163 -42.98 8.05 11.17
C LEU E 163 -43.34 9.46 11.60
N LEU E 164 -44.64 9.69 11.83
CA LEU E 164 -45.12 11.01 12.25
C LEU E 164 -44.92 11.14 13.74
N VAL E 165 -43.82 11.78 14.14
CA VAL E 165 -43.52 12.04 15.54
C VAL E 165 -43.91 13.47 15.86
N THR E 166 -44.72 13.65 16.89
CA THR E 166 -45.16 14.97 17.34
C THR E 166 -44.63 15.21 18.74
N VAL E 167 -43.89 16.29 18.91
CA VAL E 167 -43.37 16.66 20.22
C VAL E 167 -44.34 17.67 20.85
N SER E 168 -44.99 17.26 21.93
CA SER E 168 -45.91 18.12 22.66
C SER E 168 -45.95 17.67 24.11
N SER E 169 -46.02 18.65 25.02
CA SER E 169 -46.14 18.32 26.43
C SER E 169 -47.49 17.68 26.75
N ALA E 170 -48.47 17.83 25.88
CA ALA E 170 -49.81 17.32 26.13
C ALA E 170 -49.83 15.80 26.06
N SER E 171 -50.79 15.20 26.78
CA SER E 171 -50.96 13.76 26.78
C SER E 171 -52.00 13.38 25.71
N THR E 172 -52.43 12.12 25.73
CA THR E 172 -53.19 11.54 24.62
C THR E 172 -54.67 11.43 24.95
N THR E 173 -55.48 11.35 23.88
CA THR E 173 -56.91 11.09 23.99
C THR E 173 -57.30 10.13 22.88
N ALA E 174 -57.80 8.94 23.26
CA ALA E 174 -58.13 7.92 22.28
C ALA E 174 -59.42 8.29 21.54
N PRO E 175 -59.61 7.79 20.32
CA PRO E 175 -60.76 8.20 19.52
C PRO E 175 -62.04 7.50 19.95
N LYS E 176 -63.15 8.02 19.43
CA LYS E 176 -64.47 7.41 19.58
C LYS E 176 -64.98 7.09 18.18
N VAL E 177 -65.18 5.81 17.91
CA VAL E 177 -65.53 5.34 16.57
C VAL E 177 -67.03 5.11 16.50
N TYR E 178 -67.66 5.63 15.44
CA TYR E 178 -69.08 5.44 15.20
C TYR E 178 -69.30 4.94 13.77
N PRO E 179 -70.26 4.05 13.56
CA PRO E 179 -70.54 3.56 12.21
C PRO E 179 -71.27 4.60 11.37
N LEU E 180 -71.07 4.51 10.06
CA LEU E 180 -71.71 5.40 9.10
C LEU E 180 -72.35 4.55 8.01
N SER E 181 -73.66 4.75 7.80
CA SER E 181 -74.38 4.05 6.75
C SER E 181 -75.34 5.02 6.08
N SER E 182 -75.62 4.77 4.80
CA SER E 182 -76.44 5.68 4.01
C SER E 182 -77.89 5.66 4.49
N CYS E 183 -78.64 6.68 4.07
CA CYS E 183 -80.04 6.79 4.46
C CYS E 183 -80.91 5.84 3.64
N CYS E 184 -82.05 5.47 4.21
CA CYS E 184 -82.98 4.55 3.56
C CYS E 184 -83.85 5.28 2.55
N THR E 191 -75.88 -0.56 -5.85
CA THR E 191 -74.68 -0.69 -5.02
C THR E 191 -74.90 -0.12 -3.63
N VAL E 192 -73.83 -0.05 -2.83
CA VAL E 192 -73.93 0.39 -1.44
C VAL E 192 -72.61 1.05 -1.05
N THR E 193 -72.68 1.96 -0.06
CA THR E 193 -71.52 2.60 0.52
C THR E 193 -71.63 2.56 2.04
N LEU E 194 -70.57 2.10 2.70
CA LEU E 194 -70.49 2.05 4.15
C LEU E 194 -69.32 2.90 4.64
N GLY E 195 -69.38 3.25 5.93
CA GLY E 195 -68.42 4.16 6.52
C GLY E 195 -68.11 3.82 7.96
N CYS E 196 -67.19 4.58 8.54
CA CYS E 196 -66.68 4.32 9.89
C CYS E 196 -65.97 5.58 10.34
N LEU E 197 -66.57 6.29 11.30
CA LEU E 197 -66.14 7.64 11.67
C LEU E 197 -65.25 7.59 12.91
N VAL E 198 -63.99 7.99 12.74
CA VAL E 198 -63.06 8.14 13.85
C VAL E 198 -63.09 9.61 14.26
N SER E 199 -63.58 9.88 15.47
CA SER E 199 -63.81 11.25 15.90
C SER E 199 -63.20 11.50 17.28
N SER E 200 -62.73 12.74 17.48
CA SER E 200 -62.29 13.24 18.77
C SER E 200 -61.08 12.48 19.32
N TYR E 201 -59.91 12.69 18.72
CA TYR E 201 -58.69 12.04 19.17
C TYR E 201 -57.51 12.96 18.94
N MET E 202 -56.37 12.60 19.53
CA MET E 202 -55.12 13.34 19.42
C MET E 202 -54.01 12.56 20.10
N PRO E 203 -52.77 12.58 19.56
CA PRO E 203 -52.30 13.20 18.31
C PRO E 203 -52.71 12.49 17.02
N GLU E 204 -52.22 13.03 15.90
CA GLU E 204 -52.73 12.81 14.54
C GLU E 204 -52.52 11.39 13.99
N PRO E 205 -51.44 10.65 14.34
CA PRO E 205 -51.33 9.28 13.83
C PRO E 205 -52.52 8.40 14.23
N VAL E 206 -53.32 8.03 13.24
CA VAL E 206 -54.43 7.09 13.44
C VAL E 206 -54.64 6.35 12.12
N THR E 207 -54.67 5.03 12.19
CA THR E 207 -54.74 4.17 11.01
C THR E 207 -56.00 3.31 11.06
N VAL E 208 -56.62 3.12 9.89
CA VAL E 208 -57.89 2.42 9.77
C VAL E 208 -57.74 1.32 8.73
N THR E 209 -58.03 0.09 9.12
CA THR E 209 -58.12 -1.05 8.20
C THR E 209 -59.48 -1.71 8.38
N TRP E 210 -59.95 -2.37 7.31
CA TRP E 210 -61.24 -3.04 7.30
C TRP E 210 -61.05 -4.55 7.27
N ASN E 211 -61.77 -5.25 8.15
CA ASN E 211 -61.69 -6.70 8.26
C ASN E 211 -60.25 -7.17 8.47
N SER E 212 -59.51 -6.42 9.28
CA SER E 212 -58.13 -6.73 9.65
C SER E 212 -57.21 -6.80 8.43
N GLY E 213 -57.57 -6.08 7.36
CA GLY E 213 -56.76 -6.01 6.17
C GLY E 213 -57.25 -6.87 5.02
N ALA E 214 -58.23 -7.75 5.25
CA ALA E 214 -58.73 -8.61 4.18
C ALA E 214 -59.47 -7.80 3.12
N LEU E 215 -60.16 -6.73 3.53
CA LEU E 215 -60.88 -5.88 2.60
C LEU E 215 -59.95 -4.74 2.17
N LYS E 216 -59.60 -4.73 0.89
CA LYS E 216 -58.68 -3.73 0.35
C LYS E 216 -59.24 -2.97 -0.84
N SER E 217 -60.44 -3.33 -1.33
CA SER E 217 -61.00 -2.72 -2.52
C SER E 217 -62.11 -1.74 -2.13
N GLY E 218 -62.05 -0.54 -2.70
CA GLY E 218 -63.09 0.45 -2.50
C GLY E 218 -63.08 1.16 -1.17
N VAL E 219 -62.02 1.00 -0.37
CA VAL E 219 -61.90 1.70 0.90
C VAL E 219 -61.15 3.01 0.68
N HIS E 220 -61.70 4.11 1.20
CA HIS E 220 -61.11 5.43 1.05
C HIS E 220 -61.05 6.09 2.43
N THR E 221 -59.87 6.09 3.04
CA THR E 221 -59.64 6.78 4.30
C THR E 221 -59.21 8.21 4.02
N PHE E 222 -59.78 9.16 4.74
CA PHE E 222 -59.67 10.58 4.46
C PHE E 222 -58.74 11.27 5.46
N PRO E 223 -58.30 12.49 5.15
CA PRO E 223 -57.48 13.23 6.11
C PRO E 223 -58.33 13.77 7.25
N ALA E 224 -57.66 13.99 8.38
CA ALA E 224 -58.35 14.43 9.58
C ALA E 224 -58.66 15.92 9.49
N VAL E 225 -59.51 16.37 10.41
CA VAL E 225 -59.81 17.78 10.62
C VAL E 225 -59.45 18.12 12.06
N LEU E 226 -59.09 19.38 12.28
CA LEU E 226 -58.67 19.86 13.59
C LEU E 226 -59.70 20.85 14.11
N GLN E 227 -60.17 20.63 15.33
CA GLN E 227 -61.15 21.49 15.96
C GLN E 227 -60.45 22.47 16.91
N SER E 228 -61.21 23.46 17.37
CA SER E 228 -60.67 24.38 18.37
C SER E 228 -60.31 23.66 19.65
N SER E 229 -60.95 22.51 19.91
CA SER E 229 -60.66 21.72 21.11
C SER E 229 -59.28 21.08 21.06
N GLY E 230 -58.71 20.91 19.87
CA GLY E 230 -57.43 20.25 19.71
C GLY E 230 -57.52 18.81 19.24
N LEU E 231 -58.72 18.24 19.19
CA LEU E 231 -58.92 16.85 18.79
C LEU E 231 -59.15 16.76 17.30
N TYR E 232 -58.71 15.63 16.73
CA TYR E 232 -58.85 15.38 15.31
C TYR E 232 -60.02 14.44 15.04
N SER E 233 -60.37 14.32 13.76
CA SER E 233 -61.47 13.45 13.35
C SER E 233 -61.33 13.15 11.86
N LEU E 234 -61.22 11.87 11.51
CA LEU E 234 -61.17 11.43 10.12
C LEU E 234 -62.20 10.33 9.88
N SER E 235 -62.63 10.21 8.64
CA SER E 235 -63.59 9.18 8.25
C SER E 235 -62.92 8.14 7.35
N SER E 236 -63.61 7.02 7.19
CA SER E 236 -63.15 5.94 6.32
C SER E 236 -64.36 5.33 5.64
N MET E 237 -64.27 5.10 4.32
CA MET E 237 -65.42 4.72 3.53
C MET E 237 -65.07 3.56 2.61
N VAL E 238 -65.88 2.51 2.63
CA VAL E 238 -65.72 1.35 1.76
C VAL E 238 -66.97 1.18 0.93
N THR E 239 -66.81 0.78 -0.35
CA THR E 239 -67.91 0.68 -1.29
C THR E 239 -67.94 -0.72 -1.89
N VAL E 240 -69.14 -1.29 -1.97
CA VAL E 240 -69.32 -2.61 -2.59
C VAL E 240 -70.29 -2.52 -3.77
N THR E 248 -70.87 -7.95 7.32
CA THR E 248 -69.76 -8.43 8.13
C THR E 248 -68.52 -7.56 7.93
N PHE E 249 -68.63 -6.29 8.31
CA PHE E 249 -67.57 -5.31 8.10
C PHE E 249 -67.19 -4.68 9.44
N THR E 250 -65.96 -4.92 9.87
CA THR E 250 -65.44 -4.43 11.15
C THR E 250 -64.22 -3.57 10.87
N CYS E 251 -64.38 -2.26 10.90
CA CYS E 251 -63.25 -1.36 10.70
C CYS E 251 -62.34 -1.38 11.93
N ASN E 252 -61.04 -1.50 11.70
CA ASN E 252 -60.05 -1.56 12.77
C ASN E 252 -59.31 -0.24 12.84
N VAL E 253 -59.57 0.51 13.91
CA VAL E 253 -58.93 1.79 14.14
C VAL E 253 -57.81 1.59 15.17
N ALA E 254 -56.64 2.16 14.90
CA ALA E 254 -55.52 2.13 15.81
C ALA E 254 -55.06 3.56 16.09
N HIS E 255 -54.55 3.77 17.29
CA HIS E 255 -54.12 5.10 17.73
C HIS E 255 -52.90 4.89 18.59
N PRO E 256 -51.70 4.95 17.99
CA PRO E 256 -50.51 4.45 18.70
C PRO E 256 -50.03 5.32 19.83
N ALA E 257 -50.39 6.61 19.85
CA ALA E 257 -50.05 7.44 21.00
C ALA E 257 -50.72 6.91 22.26
N SER E 258 -52.04 6.66 22.20
CA SER E 258 -52.75 6.00 23.28
C SER E 258 -52.56 4.49 23.27
N SER E 259 -51.92 3.94 22.25
CA SER E 259 -51.66 2.51 22.10
C SER E 259 -52.95 1.69 22.27
N THR E 260 -53.94 2.04 21.45
CA THR E 260 -55.20 1.32 21.40
C THR E 260 -55.51 0.88 19.98
N LYS E 261 -56.12 -0.29 19.85
CA LYS E 261 -56.77 -0.73 18.62
C LYS E 261 -58.20 -1.08 18.96
N VAL E 262 -59.14 -0.59 18.16
CA VAL E 262 -60.55 -0.87 18.38
C VAL E 262 -61.15 -1.46 17.11
N ASP E 263 -62.15 -2.32 17.30
CA ASP E 263 -62.90 -2.92 16.21
C ASP E 263 -64.37 -2.55 16.37
N LYS E 264 -64.95 -1.98 15.31
CA LYS E 264 -66.35 -1.58 15.31
C LYS E 264 -67.03 -2.14 14.08
N ALA E 265 -68.08 -2.92 14.28
CA ALA E 265 -68.82 -3.53 13.17
C ALA E 265 -69.86 -2.57 12.63
N VAL E 266 -69.99 -2.53 11.30
CA VAL E 266 -70.89 -1.62 10.62
C VAL E 266 -71.81 -2.44 9.72
N GLU E 267 -73.12 -2.24 9.86
CA GLU E 267 -74.11 -2.90 9.02
C GLU E 267 -75.24 -1.92 8.75
N PRO E 268 -75.77 -1.88 7.51
CA PRO E 268 -76.91 -1.02 7.19
C PRO E 268 -78.20 -1.48 7.87
N GLN F 1 21.18 -33.55 20.61
CA GLN F 1 21.15 -32.11 20.85
C GLN F 1 21.16 -31.80 22.34
N VAL F 2 21.24 -30.51 22.68
CA VAL F 2 21.31 -30.04 24.06
C VAL F 2 19.95 -29.47 24.45
N GLN F 3 19.33 -30.03 25.49
CA GLN F 3 17.99 -29.64 25.92
C GLN F 3 17.92 -29.57 27.44
N LEU F 4 16.93 -28.82 27.92
CA LEU F 4 16.73 -28.61 29.35
C LEU F 4 15.25 -28.77 29.66
N ARG F 5 14.92 -29.70 30.57
CA ARG F 5 13.54 -30.06 30.89
C ARG F 5 13.24 -29.61 32.32
N GLU F 6 12.37 -28.60 32.46
CA GLU F 6 11.91 -28.20 33.78
C GLU F 6 10.73 -29.08 34.19
N SER F 7 10.75 -29.53 35.44
CA SER F 7 9.69 -30.38 35.96
C SER F 7 9.37 -29.96 37.39
N GLY F 8 8.10 -29.70 37.65
CA GLY F 8 7.66 -29.30 38.98
C GLY F 8 6.18 -29.03 39.06
N PRO F 9 5.71 -28.71 40.27
CA PRO F 9 4.28 -28.38 40.44
C PRO F 9 3.93 -27.05 39.78
N SER F 10 2.80 -27.04 39.07
CA SER F 10 2.29 -25.83 38.42
C SER F 10 1.35 -25.04 39.33
N LEU F 11 1.45 -25.23 40.65
CA LEU F 11 0.63 -24.51 41.62
C LEU F 11 1.19 -24.78 43.01
N VAL F 12 1.27 -23.72 43.84
CA VAL F 12 1.74 -23.84 45.21
C VAL F 12 0.90 -22.94 46.11
N LYS F 13 1.04 -23.16 47.40
CA LYS F 13 0.34 -22.34 48.37
C LYS F 13 1.33 -21.47 49.14
N PRO F 14 0.90 -20.27 49.56
CA PRO F 14 1.82 -19.32 50.21
C PRO F 14 2.66 -19.89 51.35
N SER F 15 3.83 -19.28 51.56
CA SER F 15 4.73 -19.59 52.67
C SER F 15 5.28 -21.00 52.62
N GLN F 16 4.92 -21.77 51.59
CA GLN F 16 5.50 -23.09 51.38
C GLN F 16 6.69 -23.00 50.44
N THR F 17 7.49 -24.05 50.42
CA THR F 17 8.73 -24.06 49.64
C THR F 17 8.46 -24.62 48.25
N LEU F 18 8.65 -23.79 47.23
CA LEU F 18 8.56 -24.23 45.84
C LEU F 18 9.85 -24.97 45.46
N SER F 19 9.72 -26.23 45.11
CA SER F 19 10.84 -27.05 44.68
C SER F 19 10.72 -27.35 43.19
N LEU F 20 11.85 -27.29 42.49
CA LEU F 20 11.87 -27.51 41.05
C LEU F 20 13.05 -28.39 40.67
N THR F 21 12.89 -29.13 39.57
CA THR F 21 13.90 -30.03 39.06
C THR F 21 14.10 -29.78 37.57
N CYS F 22 15.37 -29.79 37.14
CA CYS F 22 15.74 -29.59 35.75
C CYS F 22 16.49 -30.81 35.24
N THR F 23 15.94 -31.48 34.25
CA THR F 23 16.53 -32.68 33.67
C THR F 23 17.35 -32.28 32.44
N ALA F 24 18.64 -32.56 32.46
CA ALA F 24 19.57 -32.14 31.41
C ALA F 24 19.89 -33.33 30.53
N SER F 25 19.48 -33.27 29.27
CA SER F 25 19.74 -34.33 28.30
C SER F 25 20.50 -33.74 27.11
N GLY F 26 21.64 -34.36 26.78
CA GLY F 26 22.46 -33.93 25.68
C GLY F 26 23.75 -33.25 26.05
N PHE F 27 24.06 -33.16 27.35
CA PHE F 27 25.33 -32.60 27.80
C PHE F 27 25.58 -33.06 29.22
N SER F 28 26.76 -32.72 29.74
CA SER F 28 27.17 -33.16 31.06
C SER F 28 27.08 -32.01 32.05
N LEU F 29 26.69 -32.34 33.28
CA LEU F 29 26.61 -31.33 34.34
C LEU F 29 27.99 -30.99 34.89
N SER F 30 28.94 -31.93 34.81
CA SER F 30 30.32 -31.65 35.17
C SER F 30 31.10 -31.00 34.04
N ASP F 31 30.41 -30.53 32.99
CA ASP F 31 31.03 -29.80 31.90
C ASP F 31 30.45 -28.42 31.67
N LYS F 32 29.17 -28.20 31.95
CA LYS F 32 28.52 -26.92 31.73
C LYS F 32 27.98 -26.35 33.03
N ALA F 33 27.85 -25.03 33.07
CA ALA F 33 27.27 -24.33 34.20
C ALA F 33 25.77 -24.14 33.98
N VAL F 34 25.00 -24.23 35.08
CA VAL F 34 23.55 -24.17 35.03
C VAL F 34 23.06 -23.06 35.94
N GLY F 35 22.05 -22.31 35.47
CA GLY F 35 21.46 -21.25 36.25
C GLY F 35 19.95 -21.26 36.13
N TRP F 36 19.31 -20.50 37.02
CA TRP F 36 17.86 -20.43 37.10
C TRP F 36 17.41 -19.00 36.83
N VAL F 37 16.48 -18.85 35.89
CA VAL F 37 15.95 -17.54 35.51
C VAL F 37 14.43 -17.65 35.46
N ARG F 38 13.74 -16.73 36.13
CA ARG F 38 12.29 -16.70 36.15
C ARG F 38 11.80 -15.37 35.59
N GLN F 39 10.57 -15.36 35.10
CA GLN F 39 9.96 -14.14 34.57
C GLN F 39 8.52 -14.05 35.05
N ALA F 40 8.23 -12.98 35.80
CA ALA F 40 6.84 -12.63 36.08
C ALA F 40 6.09 -12.44 34.75
N PRO F 41 4.79 -12.73 34.72
CA PRO F 41 4.08 -12.78 33.43
C PRO F 41 3.98 -11.43 32.72
N GLY F 42 4.37 -10.33 33.36
CA GLY F 42 4.32 -9.04 32.69
C GLY F 42 5.52 -8.16 33.00
N LYS F 43 6.52 -8.75 33.65
CA LYS F 43 7.70 -7.99 34.06
C LYS F 43 8.95 -8.48 33.33
N ALA F 44 10.11 -8.28 33.93
CA ALA F 44 11.39 -8.57 33.32
C ALA F 44 11.97 -9.89 33.82
N LEU F 45 13.03 -10.33 33.17
CA LEU F 45 13.73 -11.53 33.62
C LEU F 45 14.49 -11.22 34.91
N GLU F 46 14.36 -12.11 35.89
CA GLU F 46 15.04 -11.97 37.17
C GLU F 46 16.03 -13.11 37.35
N TRP F 47 17.29 -12.75 37.57
CA TRP F 47 18.30 -13.75 37.89
C TRP F 47 18.04 -14.29 39.30
N LEU F 48 18.14 -15.61 39.45
CA LEU F 48 17.99 -16.26 40.75
C LEU F 48 19.34 -16.79 41.24
N GLY F 49 19.91 -17.77 40.57
CA GLY F 49 21.21 -18.30 40.97
C GLY F 49 21.75 -19.27 39.95
N SER F 50 23.02 -19.62 40.12
CA SER F 50 23.67 -20.57 39.24
C SER F 50 24.62 -21.45 40.03
N ILE F 51 24.92 -22.61 39.44
CA ILE F 51 25.97 -23.49 39.94
C ILE F 51 26.80 -23.93 38.74
N ASP F 52 28.11 -23.72 38.84
CA ASP F 52 29.00 -24.08 37.74
C ASP F 52 29.22 -25.59 37.71
N THR F 53 30.36 -26.02 37.18
CA THR F 53 30.65 -27.45 37.13
C THR F 53 31.24 -27.96 38.43
N GLY F 54 31.92 -27.10 39.19
CA GLY F 54 32.66 -27.45 40.38
C GLY F 54 31.90 -27.35 41.69
N GLY F 55 30.58 -27.18 41.65
CA GLY F 55 29.78 -27.15 42.85
C GLY F 55 29.70 -25.83 43.57
N SER F 56 30.36 -24.78 43.06
CA SER F 56 30.25 -23.47 43.68
C SER F 56 28.89 -22.86 43.37
N THR F 57 28.35 -22.13 44.34
CA THR F 57 27.01 -21.57 44.23
C THR F 57 27.07 -20.05 44.29
N GLY F 58 26.20 -19.40 43.51
CA GLY F 58 26.05 -17.96 43.52
C GLY F 58 24.63 -17.56 43.17
N TYR F 59 24.04 -16.64 43.93
CA TYR F 59 22.64 -16.28 43.75
C TYR F 59 22.49 -14.77 43.65
N ASN F 60 21.29 -14.37 43.21
CA ASN F 60 20.86 -12.97 43.26
C ASN F 60 20.86 -12.53 44.72
N PRO F 61 21.59 -11.47 45.08
CA PRO F 61 21.61 -11.04 46.49
C PRO F 61 20.25 -10.72 47.06
N GLY F 62 19.33 -10.18 46.27
CA GLY F 62 18.02 -9.83 46.80
C GLY F 62 17.23 -11.02 47.27
N LEU F 63 17.51 -12.20 46.72
CA LEU F 63 16.79 -13.43 47.07
C LEU F 63 17.72 -14.53 47.57
N LYS F 64 18.93 -14.17 48.00
CA LYS F 64 19.90 -15.19 48.41
C LYS F 64 19.44 -15.91 49.67
N SER F 65 18.77 -15.20 50.57
CA SER F 65 18.28 -15.84 51.79
C SER F 65 17.24 -16.91 51.47
N ARG F 66 16.39 -16.67 50.48
CA ARG F 66 15.26 -17.53 50.19
C ARG F 66 15.57 -18.64 49.20
N LEU F 67 16.80 -18.71 48.67
CA LEU F 67 17.12 -19.58 47.56
C LEU F 67 18.17 -20.61 47.96
N SER F 68 18.18 -21.73 47.23
CA SER F 68 19.22 -22.74 47.37
C SER F 68 19.17 -23.63 46.12
N ILE F 69 20.35 -23.94 45.59
CA ILE F 69 20.49 -24.69 44.35
C ILE F 69 21.52 -25.79 44.56
N THR F 70 21.17 -27.01 44.14
CA THR F 70 22.11 -28.13 44.10
C THR F 70 21.89 -28.92 42.81
N LYS F 71 22.82 -29.83 42.52
CA LYS F 71 22.75 -30.64 41.32
C LYS F 71 23.28 -32.04 41.63
N ASP F 72 22.97 -32.98 40.74
CA ASP F 72 23.47 -34.34 40.80
C ASP F 72 24.00 -34.70 39.41
N ASN F 73 25.32 -34.91 39.31
CA ASN F 73 25.91 -35.23 38.01
C ASN F 73 25.43 -36.59 37.53
N SER F 74 25.31 -37.57 38.42
CA SER F 74 24.88 -38.90 38.04
C SER F 74 23.49 -38.88 37.42
N GLU F 75 22.54 -38.21 38.10
CA GLU F 75 21.17 -38.14 37.60
C GLU F 75 20.99 -37.07 36.53
N SER F 76 22.00 -36.21 36.31
CA SER F 76 21.91 -35.11 35.34
C SER F 76 20.70 -34.21 35.63
N GLN F 77 20.63 -33.73 36.87
CA GLN F 77 19.53 -32.87 37.29
C GLN F 77 20.05 -31.75 38.16
N VAL F 78 19.32 -30.64 38.16
CA VAL F 78 19.61 -29.48 38.99
C VAL F 78 18.35 -29.11 39.75
N SER F 79 18.52 -28.67 41.00
CA SER F 79 17.40 -28.43 41.90
C SER F 79 17.35 -26.96 42.31
N LEU F 80 16.14 -26.44 42.44
CA LEU F 80 15.91 -25.08 42.90
C LEU F 80 14.89 -25.11 44.03
N SER F 81 15.06 -24.23 45.01
CA SER F 81 14.15 -24.15 46.14
C SER F 81 13.89 -22.69 46.47
N VAL F 82 12.61 -22.29 46.46
CA VAL F 82 12.18 -20.95 46.81
C VAL F 82 11.26 -21.08 48.02
N SER F 83 11.72 -20.60 49.17
CA SER F 83 10.96 -20.73 50.41
C SER F 83 10.12 -19.48 50.66
N SER F 84 9.03 -19.67 51.40
CA SER F 84 8.12 -18.60 51.79
C SER F 84 7.69 -17.77 50.58
N VAL F 85 7.11 -18.48 49.59
CA VAL F 85 6.70 -17.82 48.36
C VAL F 85 5.51 -16.89 48.64
N THR F 86 5.38 -15.87 47.80
CA THR F 86 4.27 -14.93 47.87
C THR F 86 3.59 -14.90 46.49
N THR F 87 2.56 -14.06 46.37
CA THR F 87 1.94 -13.85 45.07
C THR F 87 2.93 -13.27 44.06
N GLU F 88 4.00 -12.63 44.53
CA GLU F 88 5.04 -12.11 43.66
C GLU F 88 5.89 -13.21 43.05
N ASP F 89 5.99 -14.37 43.71
CA ASP F 89 6.80 -15.46 43.21
C ASP F 89 6.15 -16.20 42.05
N SER F 90 4.89 -15.90 41.73
CA SER F 90 4.23 -16.50 40.58
C SER F 90 4.94 -16.05 39.31
N ALA F 91 5.49 -17.01 38.56
CA ALA F 91 6.27 -16.68 37.37
C ALA F 91 6.48 -17.92 36.54
N THR F 92 6.97 -17.72 35.32
CA THR F 92 7.48 -18.80 34.48
C THR F 92 8.97 -18.97 34.76
N TYR F 93 9.38 -20.21 35.01
CA TYR F 93 10.72 -20.51 35.53
C TYR F 93 11.53 -21.19 34.44
N TYR F 94 12.65 -20.57 34.06
CA TYR F 94 13.49 -21.08 32.98
C TYR F 94 14.76 -21.67 33.54
N CYS F 95 15.06 -22.90 33.12
CA CYS F 95 16.33 -23.55 33.38
C CYS F 95 17.27 -23.27 32.23
N THR F 96 18.49 -22.85 32.55
CA THR F 96 19.42 -22.37 31.53
C THR F 96 20.81 -22.93 31.75
N THR F 97 21.60 -22.89 30.67
CA THR F 97 23.04 -23.12 30.74
C THR F 97 23.74 -21.78 30.53
N VAL F 98 24.65 -21.44 31.44
CA VAL F 98 25.33 -20.16 31.40
C VAL F 98 26.83 -20.40 31.25
N HIS F 99 27.53 -19.34 30.85
CA HIS F 99 28.99 -19.35 30.77
C HIS F 99 29.52 -18.23 31.65
N GLN F 100 30.26 -18.60 32.70
CA GLN F 100 30.74 -17.64 33.69
C GLN F 100 32.26 -17.57 33.62
N TYR F 101 32.79 -16.35 33.69
CA TYR F 101 34.22 -16.15 33.54
C TYR F 101 34.61 -14.81 34.16
N THR F 102 35.49 -14.85 35.14
CA THR F 102 36.02 -13.65 35.78
C THR F 102 37.27 -13.23 35.00
N HIS F 103 37.12 -12.22 34.15
CA HIS F 103 38.24 -11.68 33.37
C HIS F 103 39.01 -10.67 34.19
N LYS F 104 40.33 -10.78 34.14
CA LYS F 104 41.20 -9.82 34.79
C LYS F 104 41.35 -8.56 33.93
N ARG F 105 41.90 -7.50 34.53
CA ARG F 105 41.84 -6.18 33.91
C ARG F 105 42.95 -5.26 34.42
N CYS F 106 44.20 -5.68 34.22
CA CYS F 106 45.36 -4.88 34.55
C CYS F 106 45.59 -3.84 33.47
N PRO F 107 46.34 -2.76 33.78
CA PRO F 107 46.66 -1.74 32.77
C PRO F 107 47.80 -2.16 31.84
N ALA F 148 45.13 -4.70 39.49
CA ALA F 148 44.54 -5.99 39.85
C ALA F 148 43.02 -5.93 39.84
N GLY F 149 42.45 -5.53 38.69
CA GLY F 149 41.02 -5.37 38.56
C GLY F 149 40.35 -6.61 37.96
N SER F 150 39.04 -6.49 37.74
CA SER F 150 38.27 -7.59 37.19
C SER F 150 37.01 -7.04 36.54
N SER F 151 36.59 -7.70 35.46
CA SER F 151 35.37 -7.37 34.75
C SER F 151 34.61 -8.66 34.50
N TYR F 152 33.40 -8.76 35.03
CA TYR F 152 32.71 -10.03 35.16
C TYR F 152 31.82 -10.30 33.96
N GLU F 153 31.80 -11.57 33.52
CA GLU F 153 30.98 -12.01 32.41
C GLU F 153 30.11 -13.19 32.83
N LEU F 154 28.83 -13.09 32.48
CA LEU F 154 27.88 -14.20 32.56
C LEU F 154 26.83 -13.97 31.48
N TYR F 155 26.41 -15.05 30.84
CA TYR F 155 25.32 -14.97 29.86
C TYR F 155 24.72 -16.35 29.69
N VAL F 156 23.46 -16.37 29.26
CA VAL F 156 22.70 -17.62 29.12
C VAL F 156 23.00 -18.21 27.75
N ASP F 157 23.43 -19.48 27.73
CA ASP F 157 23.71 -20.17 26.48
C ASP F 157 22.45 -20.77 25.86
N ALA F 158 21.82 -21.70 26.58
CA ALA F 158 20.61 -22.38 26.11
C ALA F 158 19.50 -22.20 27.12
N TRP F 159 18.30 -21.89 26.63
CA TRP F 159 17.14 -21.66 27.47
C TRP F 159 16.27 -22.90 27.52
N GLY F 160 15.62 -23.13 28.68
CA GLY F 160 14.64 -24.18 28.81
C GLY F 160 13.26 -23.72 28.37
N GLN F 161 12.35 -24.69 28.26
CA GLN F 161 11.00 -24.39 27.80
C GLN F 161 10.24 -23.49 28.77
N GLY F 162 10.48 -23.67 30.07
CA GLY F 162 9.80 -22.87 31.07
C GLY F 162 8.58 -23.56 31.64
N LEU F 163 8.46 -23.53 32.98
CA LEU F 163 7.31 -24.09 33.68
C LEU F 163 6.54 -22.94 34.33
N LEU F 164 5.23 -22.94 34.15
CA LEU F 164 4.38 -21.88 34.69
C LEU F 164 3.93 -22.28 36.09
N VAL F 165 4.62 -21.75 37.10
CA VAL F 165 4.19 -21.89 38.49
C VAL F 165 3.20 -20.79 38.81
N THR F 166 2.06 -21.17 39.38
CA THR F 166 1.00 -20.23 39.73
C THR F 166 0.69 -20.39 41.21
N VAL F 167 1.07 -19.40 42.01
CA VAL F 167 0.86 -19.47 43.45
C VAL F 167 -0.56 -19.03 43.78
N SER F 168 -1.18 -19.72 44.76
CA SER F 168 -2.56 -19.47 45.18
C SER F 168 -2.91 -20.25 46.44
N THR F 172 -5.93 -26.69 43.43
CA THR F 172 -6.22 -27.04 42.03
C THR F 172 -7.66 -27.53 41.88
N THR F 173 -8.27 -27.28 40.73
CA THR F 173 -9.69 -27.53 40.54
C THR F 173 -9.95 -28.15 39.17
N ALA F 174 -10.82 -29.16 39.14
CA ALA F 174 -11.15 -29.81 37.88
C ALA F 174 -12.13 -28.95 37.09
N PRO F 175 -11.99 -28.89 35.77
CA PRO F 175 -12.86 -28.02 34.97
C PRO F 175 -14.23 -28.65 34.77
N LYS F 176 -15.16 -27.79 34.34
CA LYS F 176 -16.49 -28.21 33.93
C LYS F 176 -16.72 -27.71 32.51
N VAL F 177 -17.22 -28.59 31.65
CA VAL F 177 -17.30 -28.33 30.22
C VAL F 177 -18.77 -28.20 29.81
N TYR F 178 -19.07 -27.16 29.02
CA TYR F 178 -20.40 -26.86 28.55
C TYR F 178 -20.39 -26.63 27.05
N PRO F 179 -21.44 -27.02 26.33
CA PRO F 179 -21.51 -26.76 24.89
C PRO F 179 -22.04 -25.38 24.59
N LEU F 180 -21.56 -24.83 23.46
CA LEU F 180 -22.02 -23.52 23.01
C LEU F 180 -22.48 -23.62 21.57
N SER F 181 -23.68 -23.10 21.30
CA SER F 181 -24.25 -23.10 19.96
C SER F 181 -24.85 -21.72 19.67
N SER F 182 -25.06 -21.46 18.38
CA SER F 182 -25.62 -20.19 17.96
C SER F 182 -27.12 -20.15 18.24
N CYS F 183 -27.63 -18.94 18.47
CA CYS F 183 -29.06 -18.74 18.60
C CYS F 183 -29.70 -18.66 17.21
N CYS F 184 -31.02 -18.52 17.18
CA CYS F 184 -31.75 -18.50 15.92
C CYS F 184 -32.13 -17.07 15.53
N THR F 191 -22.82 -19.95 7.02
CA THR F 191 -21.66 -19.73 7.87
C THR F 191 -22.05 -19.77 9.35
N VAL F 192 -21.89 -20.93 9.97
CA VAL F 192 -22.35 -21.16 11.33
C VAL F 192 -21.15 -21.48 12.23
N THR F 193 -21.30 -21.15 13.51
CA THR F 193 -20.24 -21.31 14.50
C THR F 193 -20.77 -22.07 15.71
N LEU F 194 -19.95 -23.01 16.22
CA LEU F 194 -20.25 -23.72 17.44
C LEU F 194 -19.11 -23.52 18.43
N GLY F 195 -19.42 -23.62 19.72
CA GLY F 195 -18.46 -23.32 20.77
C GLY F 195 -18.42 -24.40 21.83
N CYS F 196 -17.37 -24.33 22.65
CA CYS F 196 -17.12 -25.32 23.70
C CYS F 196 -16.39 -24.59 24.82
N LEU F 197 -17.03 -24.52 25.99
CA LEU F 197 -16.59 -23.66 27.08
C LEU F 197 -15.98 -24.50 28.20
N VAL F 198 -14.69 -24.32 28.45
CA VAL F 198 -14.02 -24.93 29.59
C VAL F 198 -14.12 -23.95 30.75
N SER F 199 -14.89 -24.30 31.78
CA SER F 199 -15.24 -23.37 32.85
C SER F 199 -14.58 -23.76 34.16
N SER F 200 -14.01 -22.78 34.85
CA SER F 200 -13.62 -22.90 36.25
C SER F 200 -12.59 -24.00 36.49
N TYR F 201 -11.31 -23.73 36.23
CA TYR F 201 -10.25 -24.65 36.58
C TYR F 201 -9.09 -23.88 37.20
N MET F 202 -8.31 -24.57 38.05
CA MET F 202 -7.07 -24.06 38.60
C MET F 202 -5.91 -24.91 38.08
N PRO F 203 -4.64 -24.56 38.42
CA PRO F 203 -3.50 -24.96 37.59
C PRO F 203 -3.75 -24.63 36.12
N GLU F 204 -3.06 -23.57 35.65
CA GLU F 204 -3.44 -22.89 34.40
C GLU F 204 -3.39 -23.72 33.14
N PRO F 205 -2.40 -24.60 32.91
CA PRO F 205 -2.29 -25.27 31.60
C PRO F 205 -3.54 -26.07 31.24
N VAL F 206 -3.92 -25.99 29.97
CA VAL F 206 -5.05 -26.75 29.44
C VAL F 206 -4.93 -26.79 27.92
N THR F 207 -5.31 -27.93 27.34
CA THR F 207 -5.31 -28.12 25.90
C THR F 207 -6.58 -28.87 25.51
N VAL F 208 -7.27 -28.37 24.48
CA VAL F 208 -8.58 -28.86 24.11
C VAL F 208 -8.53 -29.38 22.66
N THR F 209 -9.32 -30.41 22.39
CA THR F 209 -9.40 -31.02 21.08
C THR F 209 -10.87 -31.24 20.72
N TRP F 210 -11.14 -31.26 19.42
CA TRP F 210 -12.48 -31.50 18.89
C TRP F 210 -12.49 -32.84 18.18
N ASN F 211 -13.48 -33.68 18.52
CA ASN F 211 -13.67 -34.99 17.89
C ASN F 211 -12.44 -35.89 18.09
N SER F 212 -11.91 -35.91 19.32
CA SER F 212 -10.70 -36.65 19.66
C SER F 212 -9.52 -36.23 18.78
N GLY F 213 -9.47 -34.93 18.44
CA GLY F 213 -8.39 -34.38 17.66
C GLY F 213 -8.61 -34.38 16.16
N ALA F 214 -9.76 -34.84 15.68
CA ALA F 214 -9.99 -34.99 14.25
C ALA F 214 -10.57 -33.73 13.60
N LEU F 215 -10.88 -32.71 14.38
CA LEU F 215 -11.48 -31.47 13.86
C LEU F 215 -10.50 -30.33 14.12
N LYS F 216 -9.79 -29.90 13.07
CA LYS F 216 -8.80 -28.83 13.19
C LYS F 216 -9.09 -27.65 12.27
N SER F 217 -10.30 -27.57 11.70
CA SER F 217 -10.64 -26.53 10.75
C SER F 217 -11.58 -25.52 11.39
N GLY F 218 -11.30 -24.23 11.19
CA GLY F 218 -12.18 -23.17 11.65
C GLY F 218 -12.20 -23.02 13.15
N VAL F 219 -11.45 -23.86 13.85
CA VAL F 219 -11.43 -23.83 15.30
C VAL F 219 -10.46 -22.77 15.78
N HIS F 220 -10.87 -22.00 16.78
CA HIS F 220 -10.07 -20.93 17.35
C HIS F 220 -10.17 -21.01 18.87
N THR F 221 -9.03 -21.19 19.54
CA THR F 221 -8.97 -21.29 20.99
C THR F 221 -8.43 -19.98 21.56
N PHE F 222 -9.11 -19.48 22.59
CA PHE F 222 -8.84 -18.19 23.21
C PHE F 222 -8.08 -18.36 24.51
N PRO F 223 -7.39 -17.33 24.98
CA PRO F 223 -6.71 -17.45 26.27
C PRO F 223 -7.69 -17.38 27.42
N ALA F 224 -7.28 -17.96 28.53
CA ALA F 224 -8.15 -18.06 29.69
C ALA F 224 -8.22 -16.71 30.42
N VAL F 225 -9.31 -16.52 31.15
CA VAL F 225 -9.53 -15.35 31.98
C VAL F 225 -9.47 -15.78 33.43
N LEU F 226 -9.07 -14.86 34.30
CA LEU F 226 -9.01 -15.11 35.74
C LEU F 226 -10.29 -14.56 36.37
N GLN F 227 -11.16 -15.46 36.81
CA GLN F 227 -12.45 -15.06 37.34
C GLN F 227 -12.29 -14.48 38.75
N SER F 228 -13.40 -13.98 39.31
CA SER F 228 -13.39 -13.49 40.67
C SER F 228 -13.06 -14.60 41.67
N SER F 229 -13.37 -15.84 41.31
CA SER F 229 -13.12 -16.99 42.18
C SER F 229 -11.67 -17.46 42.16
N GLY F 230 -10.85 -16.95 41.24
CA GLY F 230 -9.51 -17.48 41.10
C GLY F 230 -9.44 -18.74 40.27
N LEU F 231 -10.47 -19.03 39.50
CA LEU F 231 -10.50 -20.15 38.57
C LEU F 231 -10.49 -19.61 37.15
N TYR F 232 -9.63 -20.17 36.31
CA TYR F 232 -9.61 -19.75 34.92
C TYR F 232 -10.81 -20.31 34.17
N SER F 233 -11.07 -19.75 32.99
CA SER F 233 -12.16 -20.21 32.15
C SER F 233 -11.87 -19.74 30.73
N LEU F 234 -11.43 -20.66 29.88
CA LEU F 234 -11.16 -20.39 28.47
C LEU F 234 -12.23 -21.04 27.60
N SER F 235 -12.30 -20.57 26.36
CA SER F 235 -13.27 -21.07 25.39
C SER F 235 -12.60 -21.29 24.05
N SER F 236 -13.21 -22.17 23.26
CA SER F 236 -12.72 -22.51 21.93
C SER F 236 -13.91 -22.68 21.01
N MET F 237 -13.92 -21.92 19.92
CA MET F 237 -15.01 -21.94 18.96
C MET F 237 -14.54 -22.56 17.64
N VAL F 238 -15.51 -22.99 16.84
CA VAL F 238 -15.23 -23.63 15.55
C VAL F 238 -16.25 -23.11 14.55
N THR F 239 -15.82 -22.99 13.29
CA THR F 239 -16.60 -22.34 12.24
C THR F 239 -16.74 -23.25 11.02
N VAL F 240 -17.90 -23.17 10.36
CA VAL F 240 -18.14 -23.90 9.12
C VAL F 240 -18.51 -22.93 7.99
N THR F 248 -21.00 -34.22 12.91
CA THR F 248 -20.75 -34.78 14.23
C THR F 248 -19.60 -34.04 14.92
N PHE F 249 -19.89 -33.33 16.01
CA PHE F 249 -18.92 -32.42 16.62
C PHE F 249 -19.07 -32.45 18.14
N THR F 250 -18.14 -33.13 18.80
CA THR F 250 -17.97 -33.11 20.25
C THR F 250 -16.55 -32.64 20.56
N CYS F 251 -16.33 -32.18 21.79
CA CYS F 251 -15.01 -31.72 22.19
C CYS F 251 -14.51 -32.56 23.36
N ASN F 252 -13.21 -32.87 23.33
CA ASN F 252 -12.53 -33.57 24.41
C ASN F 252 -11.50 -32.62 25.03
N VAL F 253 -11.57 -32.47 26.34
CA VAL F 253 -10.74 -31.52 27.07
C VAL F 253 -9.80 -32.30 27.98
N ALA F 254 -8.58 -31.77 28.13
CA ALA F 254 -7.54 -32.41 28.92
C ALA F 254 -7.01 -31.43 29.96
N HIS F 255 -7.04 -31.84 31.23
CA HIS F 255 -6.50 -31.04 32.33
C HIS F 255 -5.47 -31.88 33.07
N PRO F 256 -4.19 -31.47 33.11
CA PRO F 256 -3.15 -32.30 33.73
C PRO F 256 -3.31 -32.51 35.22
N ALA F 257 -3.57 -31.42 35.96
CA ALA F 257 -3.60 -31.51 37.42
C ALA F 257 -4.71 -32.44 37.90
N SER F 258 -5.93 -32.21 37.45
CA SER F 258 -7.06 -33.04 37.88
C SER F 258 -7.15 -34.35 37.12
N SER F 259 -6.37 -34.51 36.04
CA SER F 259 -6.34 -35.74 35.25
C SER F 259 -7.74 -36.11 34.76
N THR F 260 -8.49 -35.11 34.31
CA THR F 260 -9.87 -35.28 33.86
C THR F 260 -9.95 -35.11 32.35
N LYS F 261 -10.62 -36.05 31.69
CA LYS F 261 -10.89 -35.97 30.25
C LYS F 261 -12.29 -36.53 30.01
N VAL F 262 -13.25 -35.65 29.75
CA VAL F 262 -14.63 -36.04 29.50
C VAL F 262 -15.00 -35.71 28.06
N ASP F 263 -16.17 -36.17 27.65
CA ASP F 263 -16.64 -36.03 26.28
C ASP F 263 -18.07 -35.51 26.28
N LYS F 264 -18.26 -34.31 25.73
CA LYS F 264 -19.56 -33.67 25.64
C LYS F 264 -19.83 -33.30 24.19
N ALA F 265 -20.96 -33.76 23.66
CA ALA F 265 -21.33 -33.51 22.28
C ALA F 265 -22.03 -32.16 22.14
N VAL F 266 -21.89 -31.54 20.97
CA VAL F 266 -22.41 -30.21 20.70
C VAL F 266 -23.19 -30.24 19.40
N GLU F 267 -24.47 -29.83 19.47
CA GLU F 267 -25.34 -29.69 18.31
C GLU F 267 -26.23 -28.48 18.52
N PRO F 268 -26.53 -27.71 17.46
CA PRO F 268 -27.36 -26.52 17.55
C PRO F 268 -28.85 -26.83 17.74
N ALA G 2 19.37 -3.75 40.47
CA ALA G 2 18.52 -4.92 40.33
C ALA G 2 17.96 -4.99 38.91
N VAL G 3 17.93 -3.86 38.22
CA VAL G 3 17.38 -3.78 36.86
C VAL G 3 18.19 -2.77 36.06
N LEU G 4 18.20 -2.96 34.74
CA LEU G 4 18.90 -2.08 33.79
C LEU G 4 17.89 -1.21 33.05
N ASN G 5 18.28 0.01 32.72
CA ASN G 5 17.39 0.92 32.02
C ASN G 5 17.40 0.58 30.53
N GLN G 6 16.22 0.55 29.94
CA GLN G 6 16.02 0.26 28.52
C GLN G 6 14.56 0.55 28.20
N PRO G 7 14.26 1.16 27.06
CA PRO G 7 12.96 1.82 26.88
C PRO G 7 11.79 0.85 26.91
N SER G 8 10.75 1.20 27.68
CA SER G 8 9.62 0.32 27.87
C SER G 8 8.92 -0.03 26.56
N SER G 9 9.06 0.82 25.54
CA SER G 9 8.37 0.58 24.29
C SER G 9 9.15 1.19 23.12
N VAL G 10 9.08 0.52 21.97
CA VAL G 10 9.77 0.95 20.76
C VAL G 10 8.90 0.57 19.58
N SER G 11 8.99 1.33 18.50
CA SER G 11 8.29 0.96 17.28
C SER G 11 9.18 1.17 16.08
N GLY G 12 8.91 0.42 15.02
CA GLY G 12 9.65 0.55 13.79
C GLY G 12 8.83 0.12 12.60
N SER G 13 9.39 0.34 11.42
CA SER G 13 8.72 0.03 10.17
C SER G 13 9.39 -1.16 9.49
N LEU G 14 8.62 -1.85 8.66
CA LEU G 14 9.12 -3.04 7.98
C LEU G 14 10.20 -2.64 6.97
N GLY G 15 11.23 -3.48 6.87
CA GLY G 15 12.37 -3.19 6.01
C GLY G 15 13.27 -2.07 6.50
N GLN G 16 12.80 -1.22 7.42
CA GLN G 16 13.62 -0.16 7.97
C GLN G 16 14.54 -0.73 9.05
N ARG G 17 15.13 0.14 9.86
CA ARG G 17 15.98 -0.28 10.95
C ARG G 17 15.56 0.41 12.24
N VAL G 18 15.76 -0.28 13.37
CA VAL G 18 15.53 0.30 14.69
C VAL G 18 16.65 -0.14 15.61
N SER G 19 16.84 0.63 16.68
CA SER G 19 17.87 0.36 17.67
C SER G 19 17.27 0.47 19.05
N ILE G 20 17.77 -0.35 19.98
CA ILE G 20 17.28 -0.39 21.35
C ILE G 20 18.45 -0.16 22.29
N THR G 21 18.31 0.83 23.18
CA THR G 21 19.37 1.23 24.09
C THR G 21 19.28 0.48 25.42
N CYS G 22 20.44 0.12 25.97
CA CYS G 22 20.55 -0.57 27.26
C CYS G 22 21.59 0.18 28.08
N SER G 23 21.12 1.09 28.94
CA SER G 23 21.98 1.98 29.69
C SER G 23 22.07 1.55 31.14
N GLY G 24 23.27 1.64 31.70
CA GLY G 24 23.50 1.28 33.09
C GLY G 24 24.61 2.13 33.67
N SER G 25 25.27 1.60 34.69
CA SER G 25 26.29 2.32 35.45
C SER G 25 27.69 1.78 35.13
N SER G 26 28.69 2.36 35.79
CA SER G 26 30.08 1.92 35.67
C SER G 26 30.33 0.53 36.25
N SER G 27 29.30 -0.10 36.82
CA SER G 27 29.46 -1.41 37.47
C SER G 27 28.91 -2.57 36.65
N ASN G 28 27.99 -2.31 35.72
CA ASN G 28 27.44 -3.39 34.91
C ASN G 28 27.82 -3.21 33.44
N VAL G 29 27.06 -2.39 32.70
CA VAL G 29 27.39 -2.15 31.30
C VAL G 29 28.77 -1.52 31.15
N GLY G 30 29.16 -0.68 32.11
CA GLY G 30 30.50 -0.11 32.09
C GLY G 30 31.58 -1.19 32.09
N ASN G 31 31.39 -2.24 32.89
CA ASN G 31 32.34 -3.34 32.88
C ASN G 31 32.35 -4.05 31.54
N GLY G 32 31.25 -3.96 30.79
CA GLY G 32 31.15 -4.62 29.51
C GLY G 32 30.51 -5.99 29.63
N TYR G 33 30.60 -6.72 28.52
CA TYR G 33 30.09 -8.09 28.40
C TYR G 33 28.58 -8.12 28.58
N VAL G 34 27.90 -7.34 27.75
CA VAL G 34 26.45 -7.28 27.72
C VAL G 34 25.92 -8.49 26.95
N SER G 35 24.70 -8.90 27.28
CA SER G 35 24.05 -10.01 26.61
C SER G 35 22.67 -9.57 26.17
N TRP G 36 22.20 -10.12 25.05
CA TRP G 36 20.92 -9.74 24.47
C TRP G 36 20.09 -10.98 24.18
N TYR G 37 18.79 -10.90 24.47
CA TYR G 37 17.91 -12.05 24.33
C TYR G 37 16.60 -11.61 23.70
N GLN G 38 16.01 -12.50 22.90
CA GLN G 38 14.75 -12.23 22.20
C GLN G 38 13.70 -13.20 22.70
N LEU G 39 12.63 -12.66 23.27
CA LEU G 39 11.54 -13.45 23.85
C LEU G 39 10.29 -13.23 23.02
N ILE G 40 10.06 -14.11 22.05
CA ILE G 40 8.77 -14.15 21.37
C ILE G 40 7.80 -14.96 22.22
N PRO G 41 6.60 -14.45 22.50
CA PRO G 41 5.64 -15.23 23.30
C PRO G 41 5.28 -16.54 22.60
N GLY G 42 4.93 -17.54 23.40
CA GLY G 42 4.70 -18.88 22.89
C GLY G 42 5.95 -19.61 22.45
N SER G 43 7.10 -18.95 22.44
CA SER G 43 8.38 -19.58 22.14
C SER G 43 9.33 -19.37 23.31
N ALA G 44 10.42 -20.11 23.30
CA ALA G 44 11.39 -20.00 24.37
C ALA G 44 12.26 -18.76 24.20
N PRO G 45 12.84 -18.26 25.27
CA PRO G 45 13.78 -17.13 25.15
C PRO G 45 14.96 -17.53 24.28
N ARG G 46 15.27 -16.68 23.31
CA ARG G 46 16.35 -16.93 22.36
C ARG G 46 17.46 -15.91 22.60
N THR G 47 18.66 -16.40 22.91
CA THR G 47 19.80 -15.51 23.08
C THR G 47 20.23 -14.96 21.73
N LEU G 48 20.58 -13.68 21.71
CA LEU G 48 20.91 -12.98 20.46
C LEU G 48 22.40 -12.63 20.42
N ILE G 49 22.85 -11.70 21.27
CA ILE G 49 24.24 -11.27 21.28
C ILE G 49 24.81 -11.43 22.68
N TYR G 50 25.97 -12.06 22.78
CA TYR G 50 26.78 -12.09 23.99
C TYR G 50 28.10 -11.41 23.70
N GLY G 51 28.75 -10.95 24.77
CA GLY G 51 30.01 -10.24 24.63
C GLY G 51 29.92 -9.00 23.77
N ASP G 52 28.96 -8.12 24.08
CA ASP G 52 28.83 -6.81 23.45
C ASP G 52 28.40 -6.91 21.98
N THR G 53 29.13 -7.69 21.18
CA THR G 53 29.00 -7.63 19.72
C THR G 53 28.80 -8.98 19.03
N SER G 54 29.10 -10.10 19.68
CA SER G 54 29.13 -11.39 19.00
C SER G 54 27.73 -12.00 18.91
N ARG G 55 27.37 -12.45 17.71
CA ARG G 55 26.10 -13.12 17.47
C ARG G 55 26.23 -14.60 17.80
N ALA G 56 25.14 -15.17 18.30
CA ALA G 56 25.13 -16.54 18.79
C ALA G 56 24.77 -17.51 17.67
N SER G 57 24.54 -18.77 18.03
CA SER G 57 24.20 -19.79 17.05
C SER G 57 22.89 -19.45 16.36
N GLY G 58 22.92 -19.39 15.03
CA GLY G 58 21.71 -19.12 14.26
C GLY G 58 21.17 -17.72 14.41
N VAL G 59 22.05 -16.73 14.52
CA VAL G 59 21.65 -15.34 14.62
C VAL G 59 22.01 -14.65 13.31
N PRO G 60 21.04 -14.22 12.51
CA PRO G 60 21.37 -13.54 11.25
C PRO G 60 22.13 -12.25 11.52
N ASP G 61 22.78 -11.76 10.46
CA ASP G 61 23.62 -10.56 10.58
C ASP G 61 22.79 -9.31 10.81
N ARG G 62 21.48 -9.37 10.56
CA ARG G 62 20.60 -8.23 10.81
C ARG G 62 20.73 -7.69 12.22
N PHE G 63 20.99 -8.57 13.19
CA PHE G 63 21.14 -8.17 14.58
C PHE G 63 22.61 -7.86 14.85
N SER G 64 22.88 -6.68 15.38
CA SER G 64 24.24 -6.24 15.64
C SER G 64 24.31 -5.64 17.04
N GLY G 65 25.30 -6.10 17.81
CA GLY G 65 25.53 -5.56 19.13
C GLY G 65 26.60 -4.48 19.10
N SER G 66 26.37 -3.42 19.88
CA SER G 66 27.34 -2.36 20.06
C SER G 66 27.24 -1.84 21.49
N ARG G 67 28.23 -1.03 21.87
CA ARG G 67 28.28 -0.50 23.22
C ARG G 67 29.22 0.70 23.25
N SER G 68 28.86 1.68 24.08
CA SER G 68 29.69 2.87 24.29
C SER G 68 29.69 3.18 25.77
N GLY G 69 30.77 2.80 26.45
CA GLY G 69 30.94 3.10 27.86
C GLY G 69 29.86 2.53 28.74
N ASN G 70 28.83 3.33 29.04
CA ASN G 70 27.76 2.93 29.94
C ASN G 70 26.43 2.74 29.21
N THR G 71 26.48 2.37 27.94
CA THR G 71 25.25 2.17 27.17
C THR G 71 25.54 1.19 26.03
N ALA G 72 25.00 -0.01 26.13
CA ALA G 72 25.02 -0.97 25.03
C ALA G 72 23.81 -0.73 24.13
N THR G 73 23.92 -1.19 22.88
CA THR G 73 22.90 -0.90 21.88
C THR G 73 22.71 -2.08 20.95
N LEU G 74 21.49 -2.60 20.90
CA LEU G 74 21.08 -3.61 19.94
C LEU G 74 20.43 -2.91 18.76
N THR G 75 20.89 -3.21 17.55
CA THR G 75 20.37 -2.59 16.34
C THR G 75 19.91 -3.67 15.38
N ILE G 76 18.68 -3.53 14.88
CA ILE G 76 18.08 -4.47 13.94
C ILE G 76 18.05 -3.82 12.57
N SER G 77 18.74 -4.42 11.61
CA SER G 77 18.65 -4.00 10.21
C SER G 77 17.59 -4.83 9.49
N SER G 78 17.09 -4.30 8.37
CA SER G 78 16.08 -4.96 7.55
C SER G 78 14.97 -5.57 8.40
N LEU G 79 14.20 -4.72 9.08
CA LEU G 79 13.24 -5.20 10.07
C LEU G 79 12.15 -6.02 9.42
N GLN G 80 11.81 -7.15 10.05
CA GLN G 80 10.74 -8.01 9.58
C GLN G 80 9.71 -8.19 10.69
N ALA G 81 8.51 -8.61 10.31
CA ALA G 81 7.44 -8.80 11.29
C ALA G 81 7.79 -9.85 12.33
N GLU G 82 8.60 -10.85 11.96
CA GLU G 82 9.01 -11.88 12.91
C GLU G 82 9.72 -11.28 14.12
N ASP G 83 10.42 -10.17 13.93
CA ASP G 83 11.20 -9.57 15.01
C ASP G 83 10.33 -8.97 16.10
N GLU G 84 9.03 -8.83 15.88
CA GLU G 84 8.14 -8.33 16.93
C GLU G 84 8.25 -9.23 18.14
N ALA G 85 8.84 -8.72 19.23
CA ALA G 85 9.08 -9.50 20.43
C ALA G 85 9.62 -8.58 21.52
N ASP G 86 9.77 -9.13 22.72
CA ASP G 86 10.42 -8.44 23.82
C ASP G 86 11.92 -8.72 23.77
N TYR G 87 12.73 -7.67 23.89
CA TYR G 87 14.18 -7.79 23.80
C TYR G 87 14.78 -7.33 25.12
N PHE G 88 15.48 -8.25 25.80
CA PHE G 88 16.08 -7.98 27.09
C PHE G 88 17.60 -7.97 26.97
N CYS G 89 18.23 -6.96 27.53
CA CYS G 89 19.67 -6.94 27.69
C CYS G 89 20.03 -7.46 29.07
N ALA G 90 21.33 -7.65 29.32
CA ALA G 90 21.75 -8.18 30.60
C ALA G 90 23.26 -8.03 30.73
N SER G 91 23.73 -7.96 31.97
CA SER G 91 25.15 -7.98 32.27
C SER G 91 25.35 -8.48 33.69
N ALA G 92 26.60 -8.83 34.00
CA ALA G 92 26.95 -9.29 35.33
C ALA G 92 27.39 -8.11 36.18
N GLU G 93 27.21 -8.25 37.50
CA GLU G 93 27.59 -7.20 38.44
C GLU G 93 28.22 -7.83 39.67
N ASP G 94 29.42 -7.39 40.00
CA ASP G 94 30.12 -7.71 41.25
C ASP G 94 30.58 -9.17 41.33
N SER G 95 29.95 -10.06 40.58
CA SER G 95 30.36 -11.47 40.56
C SER G 95 30.03 -12.06 39.21
N SER G 96 30.79 -13.09 38.85
CA SER G 96 30.51 -13.84 37.63
C SER G 96 29.31 -14.76 37.78
N SER G 97 28.74 -14.86 38.98
CA SER G 97 27.59 -15.72 39.26
C SER G 97 26.33 -14.91 39.56
N ASN G 98 26.33 -13.62 39.26
CA ASN G 98 25.20 -12.75 39.54
C ASN G 98 24.92 -11.90 38.31
N ALA G 99 23.66 -11.84 37.91
CA ALA G 99 23.27 -11.19 36.67
C ALA G 99 22.19 -10.14 36.91
N VAL G 100 22.17 -9.13 36.04
CA VAL G 100 21.14 -8.10 36.03
C VAL G 100 20.54 -8.06 34.62
N PHE G 101 19.28 -7.64 34.52
CA PHE G 101 18.55 -7.66 33.26
C PHE G 101 17.89 -6.32 33.02
N GLY G 102 17.46 -6.12 31.77
CA GLY G 102 16.80 -4.90 31.37
C GLY G 102 15.30 -4.91 31.67
N SER G 103 14.65 -3.81 31.30
CA SER G 103 13.24 -3.63 31.62
C SER G 103 12.32 -4.33 30.63
N GLY G 104 12.76 -4.51 29.39
CA GLY G 104 11.93 -5.15 28.38
C GLY G 104 11.31 -4.18 27.39
N THR G 105 11.75 -4.25 26.13
CA THR G 105 11.15 -3.51 25.02
C THR G 105 9.92 -4.22 24.47
N THR G 106 9.02 -3.43 23.92
CA THR G 106 7.94 -3.94 23.08
C THR G 106 8.25 -3.46 21.67
N LEU G 107 9.09 -4.22 20.96
CA LEU G 107 9.34 -3.94 19.57
C LEU G 107 8.05 -4.17 18.78
N THR G 108 7.65 -3.17 18.01
CA THR G 108 6.43 -3.25 17.21
C THR G 108 6.73 -2.85 15.77
N VAL G 109 6.12 -3.56 14.83
CA VAL G 109 6.32 -3.33 13.41
C VAL G 109 5.01 -2.80 12.85
N LEU G 110 5.00 -1.52 12.48
CA LEU G 110 3.83 -0.93 11.84
C LEU G 110 3.86 -1.24 10.34
N GLY G 111 2.68 -1.44 9.77
CA GLY G 111 2.59 -1.73 8.36
C GLY G 111 1.56 -2.79 8.02
N GLN G 112 1.32 -3.72 8.95
CA GLN G 112 0.30 -4.73 8.74
C GLN G 112 -1.05 -4.05 8.58
N PRO G 113 -1.95 -4.57 7.74
CA PRO G 113 -3.21 -3.88 7.49
C PRO G 113 -4.13 -3.94 8.70
N LYS G 114 -4.81 -2.83 8.97
CA LYS G 114 -5.71 -2.73 10.11
C LYS G 114 -6.92 -3.64 9.88
N SER G 115 -7.02 -4.72 10.66
CA SER G 115 -8.11 -5.70 10.60
C SER G 115 -9.12 -5.43 11.71
N PRO G 116 -10.41 -5.60 11.42
CA PRO G 116 -11.44 -5.33 12.42
C PRO G 116 -11.84 -6.61 13.14
N PRO G 117 -12.54 -6.49 14.27
CA PRO G 117 -12.83 -7.68 15.08
C PRO G 117 -14.00 -8.49 14.54
N SER G 118 -13.82 -9.81 14.52
CA SER G 118 -14.90 -10.75 14.27
C SER G 118 -15.50 -11.16 15.61
N VAL G 119 -16.82 -11.08 15.72
CA VAL G 119 -17.50 -11.25 16.99
C VAL G 119 -18.54 -12.36 16.87
N THR G 120 -18.48 -13.32 17.78
CA THR G 120 -19.53 -14.32 17.94
C THR G 120 -19.94 -14.33 19.41
N LEU G 121 -21.24 -14.21 19.65
CA LEU G 121 -21.79 -14.19 21.00
C LEU G 121 -22.49 -15.52 21.28
N PHE G 122 -22.24 -16.09 22.44
CA PHE G 122 -22.72 -17.41 22.77
C PHE G 122 -23.61 -17.38 24.00
N PRO G 123 -24.80 -17.97 23.94
CA PRO G 123 -25.64 -18.08 25.13
C PRO G 123 -25.13 -19.18 26.04
N PRO G 124 -25.59 -19.24 27.28
CA PRO G 124 -25.25 -20.38 28.12
C PRO G 124 -25.98 -21.61 27.61
N SER G 125 -25.33 -22.76 27.76
CA SER G 125 -25.96 -24.00 27.34
C SER G 125 -27.22 -24.26 28.16
N THR G 126 -28.21 -24.89 27.51
CA THR G 126 -29.37 -25.36 28.26
C THR G 126 -28.95 -26.26 29.40
N GLU G 127 -27.80 -26.91 29.27
CA GLU G 127 -27.22 -27.69 30.37
C GLU G 127 -26.80 -26.79 31.52
N GLU G 128 -26.27 -25.60 31.22
CA GLU G 128 -25.73 -24.74 32.28
C GLU G 128 -26.85 -24.08 33.08
N LEU G 129 -27.95 -23.72 32.43
CA LEU G 129 -29.05 -23.06 33.12
C LEU G 129 -29.67 -23.95 34.19
N ASN G 130 -29.50 -25.28 34.08
CA ASN G 130 -30.05 -26.18 35.08
C ASN G 130 -29.33 -26.07 36.42
N GLY G 131 -28.14 -25.46 36.45
CA GLY G 131 -27.41 -25.27 37.68
C GLY G 131 -27.55 -23.86 38.24
N ASN G 132 -28.62 -23.18 37.84
CA ASN G 132 -28.96 -21.82 38.26
C ASN G 132 -27.90 -20.80 37.91
N LYS G 133 -26.92 -21.16 37.08
CA LYS G 133 -25.88 -20.24 36.63
C LYS G 133 -25.89 -20.16 35.11
N ALA G 134 -25.47 -19.02 34.59
CA ALA G 134 -25.44 -18.77 33.15
C ALA G 134 -24.20 -17.97 32.80
N THR G 135 -23.58 -18.30 31.67
CA THR G 135 -22.36 -17.63 31.24
C THR G 135 -22.50 -17.24 29.77
N LEU G 136 -22.63 -15.93 29.52
CA LEU G 136 -22.54 -15.41 28.17
C LEU G 136 -21.07 -15.26 27.79
N VAL G 137 -20.70 -15.81 26.64
CA VAL G 137 -19.32 -15.82 26.19
C VAL G 137 -19.23 -15.02 24.89
N CYS G 138 -18.42 -13.96 24.91
CA CYS G 138 -18.20 -13.11 23.74
C CYS G 138 -16.76 -13.28 23.29
N LEU G 139 -16.57 -13.96 22.16
CA LEU G 139 -15.26 -14.26 21.62
C LEU G 139 -15.00 -13.38 20.40
N ILE G 140 -13.99 -12.53 20.50
CA ILE G 140 -13.62 -11.60 19.43
C ILE G 140 -12.23 -11.96 18.93
N SER G 141 -12.06 -12.01 17.60
CA SER G 141 -10.84 -12.55 17.04
C SER G 141 -10.49 -11.82 15.75
N ASP G 142 -9.21 -11.90 15.40
CA ASP G 142 -8.69 -11.44 14.10
C ASP G 142 -8.90 -9.94 13.89
N PHE G 143 -8.36 -9.15 14.81
CA PHE G 143 -8.32 -7.71 14.65
C PHE G 143 -6.88 -7.21 14.71
N TYR G 144 -6.71 -5.94 14.36
CA TYR G 144 -5.42 -5.26 14.31
C TYR G 144 -5.67 -3.75 14.27
N PRO G 145 -5.13 -2.98 15.22
CA PRO G 145 -4.29 -3.42 16.33
C PRO G 145 -5.08 -4.01 17.50
N GLY G 146 -4.37 -4.55 18.48
CA GLY G 146 -5.00 -5.20 19.61
C GLY G 146 -5.46 -4.24 20.69
N SER G 147 -6.51 -3.48 20.41
CA SER G 147 -7.10 -2.57 21.38
C SER G 147 -8.59 -2.51 21.12
N VAL G 148 -9.37 -3.16 21.96
CA VAL G 148 -10.81 -3.28 21.78
C VAL G 148 -11.49 -2.92 23.09
N THR G 149 -12.63 -2.23 22.98
CA THR G 149 -13.41 -1.80 24.14
C THR G 149 -14.75 -2.51 24.11
N VAL G 150 -14.93 -3.47 25.01
CA VAL G 150 -16.19 -4.19 25.13
C VAL G 150 -17.07 -3.48 26.16
N VAL G 151 -18.33 -3.27 25.79
CA VAL G 151 -19.34 -2.76 26.71
C VAL G 151 -20.58 -3.63 26.56
N TRP G 152 -20.99 -4.27 27.65
CA TRP G 152 -22.13 -5.17 27.64
C TRP G 152 -23.40 -4.37 27.85
N LYS G 153 -24.43 -4.64 27.04
CA LYS G 153 -25.71 -3.98 27.17
C LYS G 153 -26.82 -5.01 27.28
N ALA G 154 -27.74 -4.77 28.23
CA ALA G 154 -28.89 -5.63 28.46
C ALA G 154 -30.15 -4.78 28.40
N ASP G 155 -30.97 -5.01 27.38
CA ASP G 155 -32.25 -4.34 27.23
C ASP G 155 -32.06 -2.82 27.17
N GLY G 156 -31.05 -2.39 26.42
CA GLY G 156 -30.79 -0.98 26.21
C GLY G 156 -29.92 -0.32 27.24
N SER G 157 -29.74 -0.93 28.40
CA SER G 157 -28.88 -0.40 29.44
C SER G 157 -27.55 -1.14 29.45
N THR G 158 -26.52 -0.47 29.97
CA THR G 158 -25.17 -1.03 30.00
C THR G 158 -24.94 -1.83 31.28
N ILE G 159 -24.34 -3.00 31.15
CA ILE G 159 -24.03 -3.86 32.29
C ILE G 159 -22.61 -3.59 32.75
N THR G 160 -22.43 -3.52 34.07
CA THR G 160 -21.11 -3.45 34.68
C THR G 160 -20.86 -4.57 35.69
N ARG G 161 -21.89 -5.28 36.12
CA ARG G 161 -21.73 -6.31 37.15
C ARG G 161 -21.33 -7.63 36.51
N ASN G 162 -20.32 -8.28 37.09
CA ASN G 162 -19.91 -9.63 36.71
C ASN G 162 -19.40 -9.69 35.27
N VAL G 163 -18.78 -8.62 34.79
CA VAL G 163 -18.16 -8.61 33.47
C VAL G 163 -16.67 -8.84 33.65
N GLU G 164 -16.15 -9.87 32.97
CA GLU G 164 -14.75 -10.24 33.05
C GLU G 164 -14.22 -10.46 31.65
N THR G 165 -13.28 -9.60 31.24
CA THR G 165 -12.76 -9.58 29.88
C THR G 165 -11.25 -9.66 29.88
N THR G 166 -10.69 -10.55 29.07
CA THR G 166 -9.25 -10.75 29.01
C THR G 166 -8.60 -9.68 28.15
N ARG G 167 -7.33 -9.39 28.45
CA ARG G 167 -6.57 -8.48 27.61
C ARG G 167 -6.32 -9.12 26.25
N ALA G 168 -6.07 -8.28 25.25
CA ALA G 168 -5.90 -8.77 23.90
C ALA G 168 -4.63 -9.59 23.76
N SER G 169 -4.72 -10.70 23.02
CA SER G 169 -3.59 -11.59 22.78
C SER G 169 -3.48 -11.90 21.29
N LYS G 170 -2.26 -11.88 20.78
CA LYS G 170 -2.04 -12.11 19.36
C LYS G 170 -2.26 -13.59 19.02
N GLN G 171 -3.12 -13.85 18.03
CA GLN G 171 -3.39 -15.21 17.59
C GLN G 171 -2.24 -15.71 16.72
N SER G 172 -2.41 -16.86 16.09
CA SER G 172 -1.33 -17.44 15.30
C SER G 172 -1.00 -16.58 14.09
N ASN G 173 -2.02 -15.99 13.46
CA ASN G 173 -1.86 -15.29 12.19
C ASN G 173 -1.52 -13.81 12.34
N SER G 174 -0.63 -13.44 13.28
CA SER G 174 -0.19 -12.05 13.47
C SER G 174 -1.36 -11.08 13.66
N LYS G 175 -2.57 -11.60 13.86
CA LYS G 175 -3.74 -10.82 14.24
C LYS G 175 -4.18 -11.27 15.63
N TYR G 176 -4.98 -10.44 16.29
CA TYR G 176 -5.23 -10.59 17.71
C TYR G 176 -6.58 -11.27 17.97
N ALA G 177 -6.85 -11.52 19.25
CA ALA G 177 -8.07 -12.17 19.70
C ALA G 177 -8.22 -11.96 21.19
N ALA G 178 -9.47 -11.90 21.65
CA ALA G 178 -9.75 -11.73 23.07
C ALA G 178 -11.14 -12.27 23.37
N SER G 179 -11.40 -12.50 24.65
CA SER G 179 -12.65 -13.08 25.09
C SER G 179 -13.24 -12.23 26.21
N SER G 180 -14.57 -12.22 26.29
CA SER G 180 -15.28 -11.46 27.31
C SER G 180 -16.43 -12.31 27.84
N TYR G 181 -16.41 -12.61 29.13
CA TYR G 181 -17.43 -13.44 29.76
C TYR G 181 -18.32 -12.60 30.66
N LEU G 182 -19.62 -12.86 30.59
CA LEU G 182 -20.61 -12.26 31.48
C LEU G 182 -21.22 -13.39 32.31
N SER G 183 -20.83 -13.48 33.58
CA SER G 183 -21.27 -14.57 34.45
C SER G 183 -22.52 -14.13 35.19
N LEU G 184 -23.67 -14.55 34.69
CA LEU G 184 -24.97 -14.26 35.29
C LEU G 184 -25.53 -15.51 35.95
N THR G 185 -26.70 -15.35 36.55
CA THR G 185 -27.47 -16.49 37.06
C THR G 185 -28.62 -16.77 36.11
N SER G 186 -29.02 -18.05 36.03
CA SER G 186 -30.14 -18.41 35.18
C SER G 186 -31.40 -17.64 35.54
N SER G 187 -31.47 -17.08 36.75
CA SER G 187 -32.60 -16.28 37.17
C SER G 187 -32.70 -15.00 36.32
N ASP G 188 -31.73 -14.10 36.45
CA ASP G 188 -31.78 -12.83 35.72
C ASP G 188 -31.43 -12.96 34.24
N TRP G 189 -31.10 -14.16 33.77
CA TRP G 189 -30.88 -14.37 32.34
C TRP G 189 -32.20 -14.36 31.58
N LYS G 190 -33.29 -14.74 32.23
CA LYS G 190 -34.62 -14.70 31.63
C LYS G 190 -35.36 -13.41 31.93
N SER G 191 -34.80 -12.52 32.76
CA SER G 191 -35.50 -11.30 33.16
C SER G 191 -35.49 -10.26 32.04
N LYS G 192 -34.34 -10.01 31.44
CA LYS G 192 -34.24 -8.98 30.41
C LYS G 192 -34.65 -9.55 29.05
N GLY G 193 -34.94 -8.65 28.11
CA GLY G 193 -35.41 -9.06 26.80
C GLY G 193 -34.32 -9.34 25.80
N SER G 194 -33.11 -8.81 26.01
CA SER G 194 -32.02 -8.98 25.06
C SER G 194 -30.70 -8.67 25.76
N TYR G 195 -29.67 -9.42 25.39
CA TYR G 195 -28.31 -9.18 25.85
C TYR G 195 -27.43 -8.87 24.66
N SER G 196 -26.55 -7.89 24.82
CA SER G 196 -25.71 -7.43 23.73
C SER G 196 -24.24 -7.45 24.13
N CYS G 197 -23.38 -7.73 23.16
CA CYS G 197 -21.93 -7.59 23.29
C CYS G 197 -21.48 -6.55 22.27
N GLU G 198 -21.26 -5.32 22.76
CA GLU G 198 -20.91 -4.20 21.89
C GLU G 198 -19.40 -3.97 22.00
N VAL G 199 -18.67 -4.38 20.98
CA VAL G 199 -17.23 -4.16 20.90
C VAL G 199 -16.97 -2.96 20.01
N THR G 200 -15.99 -2.15 20.38
CA THR G 200 -15.59 -0.99 19.60
C THR G 200 -14.10 -1.11 19.33
N HIS G 201 -13.70 -0.79 18.10
CA HIS G 201 -12.29 -0.93 17.70
C HIS G 201 -11.99 0.14 16.66
N GLU G 202 -11.17 1.11 17.04
CA GLU G 202 -10.80 2.23 16.17
C GLU G 202 -12.03 2.97 15.66
N GLY G 203 -12.94 3.26 16.59
CA GLY G 203 -14.12 4.05 16.30
C GLY G 203 -15.27 3.32 15.65
N SER G 204 -15.10 2.06 15.29
CA SER G 204 -16.16 1.27 14.69
C SER G 204 -16.76 0.33 15.73
N THR G 205 -18.08 0.19 15.71
CA THR G 205 -18.82 -0.57 16.69
C THR G 205 -19.50 -1.75 15.98
N VAL G 206 -19.06 -2.96 16.32
CA VAL G 206 -19.68 -4.19 15.83
C VAL G 206 -20.43 -4.83 16.99
N THR G 207 -21.71 -5.12 16.78
CA THR G 207 -22.58 -5.58 17.85
C THR G 207 -23.16 -6.95 17.50
N LYS G 208 -22.97 -7.91 18.40
CA LYS G 208 -23.64 -9.20 18.34
C LYS G 208 -24.55 -9.32 19.54
N THR G 209 -25.75 -9.84 19.33
CA THR G 209 -26.78 -9.86 20.37
C THR G 209 -27.58 -11.15 20.30
N VAL G 210 -28.12 -11.55 21.45
CA VAL G 210 -28.93 -12.76 21.57
C VAL G 210 -30.14 -12.45 22.45
N LYS G 211 -31.28 -13.07 22.11
CA LYS G 211 -32.52 -12.88 22.86
C LYS G 211 -32.80 -14.13 23.68
N PRO G 212 -32.99 -14.01 25.00
CA PRO G 212 -33.08 -15.23 25.82
C PRO G 212 -34.23 -16.14 25.43
N SER G 213 -35.43 -15.59 25.26
CA SER G 213 -36.59 -16.39 24.89
C SER G 213 -36.37 -17.12 23.57
N GLU G 214 -36.01 -16.38 22.53
CA GLU G 214 -35.91 -16.91 21.17
C GLU G 214 -34.59 -17.60 20.88
N CYS G 215 -33.84 -18.03 21.90
CA CYS G 215 -32.61 -18.79 21.69
C CYS G 215 -32.83 -20.29 21.85
N SER G 216 -33.48 -20.70 22.93
CA SER G 216 -33.76 -22.12 23.20
C SER G 216 -32.50 -22.97 23.15
N ALA H 2 -28.51 25.56 5.21
CA ALA H 2 -29.38 24.53 5.75
C ALA H 2 -30.36 24.01 4.70
N VAL H 3 -30.33 24.58 3.50
CA VAL H 3 -31.28 24.24 2.45
C VAL H 3 -30.75 24.74 1.12
N LEU H 4 -31.24 24.15 0.02
CA LEU H 4 -30.95 24.56 -1.35
C LEU H 4 -32.10 25.39 -1.93
N ASN H 5 -31.78 26.24 -2.90
CA ASN H 5 -32.79 27.09 -3.53
C ASN H 5 -33.44 26.36 -4.69
N GLN H 6 -34.75 26.19 -4.61
CA GLN H 6 -35.57 25.77 -5.73
C GLN H 6 -36.78 26.68 -5.83
N PRO H 7 -37.35 26.83 -7.03
CA PRO H 7 -38.55 27.66 -7.18
C PRO H 7 -39.67 27.16 -6.28
N SER H 8 -40.34 28.10 -5.60
CA SER H 8 -41.43 27.75 -4.71
C SER H 8 -42.47 26.89 -5.41
N SER H 9 -42.64 27.07 -6.71
CA SER H 9 -43.57 26.28 -7.50
C SER H 9 -43.22 26.43 -8.97
N VAL H 10 -43.37 25.35 -9.72
CA VAL H 10 -43.10 25.31 -11.15
C VAL H 10 -44.30 24.65 -11.82
N SER H 11 -44.61 25.08 -13.05
CA SER H 11 -45.78 24.55 -13.74
C SER H 11 -45.46 24.31 -15.21
N GLY H 12 -46.26 23.46 -15.83
CA GLY H 12 -46.09 23.14 -17.25
C GLY H 12 -47.19 22.24 -17.75
N SER H 13 -47.25 22.11 -19.07
CA SER H 13 -48.40 21.52 -19.75
C SER H 13 -48.23 20.02 -19.94
N LEU H 14 -49.37 19.35 -20.13
CA LEU H 14 -49.41 17.89 -20.24
C LEU H 14 -48.62 17.42 -21.44
N GLY H 15 -47.90 16.30 -21.26
CA GLY H 15 -47.19 15.64 -22.33
C GLY H 15 -45.98 16.37 -22.87
N GLN H 16 -45.72 17.60 -22.42
CA GLN H 16 -44.61 18.36 -23.00
C GLN H 16 -43.37 18.33 -22.12
N ARG H 17 -42.60 19.41 -22.15
CA ARG H 17 -41.30 19.49 -21.49
C ARG H 17 -41.32 20.60 -20.47
N VAL H 18 -40.84 20.29 -19.26
CA VAL H 18 -40.68 21.28 -18.21
C VAL H 18 -39.31 21.10 -17.57
N SER H 19 -38.87 22.12 -16.87
CA SER H 19 -37.55 22.11 -16.24
C SER H 19 -37.64 22.73 -14.85
N ILE H 20 -36.97 22.08 -13.91
CA ILE H 20 -36.96 22.48 -12.50
C ILE H 20 -35.52 22.77 -12.12
N THR H 21 -35.27 23.97 -11.61
CA THR H 21 -33.91 24.38 -11.28
C THR H 21 -33.57 24.05 -9.83
N CYS H 22 -32.30 23.73 -9.60
CA CYS H 22 -31.73 23.59 -8.26
C CYS H 22 -30.42 24.36 -8.20
N SER H 23 -30.39 25.42 -7.40
CA SER H 23 -29.21 26.27 -7.31
C SER H 23 -28.62 26.22 -5.90
N GLY H 24 -27.29 26.10 -5.84
CA GLY H 24 -26.58 26.13 -4.58
C GLY H 24 -25.33 26.96 -4.65
N SER H 25 -24.33 26.64 -3.82
CA SER H 25 -23.07 27.36 -3.81
C SER H 25 -21.98 26.54 -4.47
N SER H 26 -20.81 27.17 -4.62
CA SER H 26 -19.65 26.48 -5.18
C SER H 26 -19.08 25.43 -4.24
N SER H 27 -19.68 25.24 -3.07
CA SER H 27 -19.21 24.24 -2.11
C SER H 27 -20.07 22.98 -2.09
N ASN H 28 -21.34 23.07 -2.46
CA ASN H 28 -22.23 21.91 -2.47
C ASN H 28 -22.58 21.51 -3.90
N VAL H 29 -23.38 22.31 -4.62
CA VAL H 29 -23.73 21.98 -6.00
C VAL H 29 -22.51 22.13 -6.90
N GLY H 30 -21.63 23.07 -6.60
CA GLY H 30 -20.41 23.22 -7.38
C GLY H 30 -19.53 21.99 -7.35
N ASN H 31 -19.51 21.29 -6.20
CA ASN H 31 -18.76 20.04 -6.12
C ASN H 31 -19.40 18.95 -6.96
N GLY H 32 -20.72 19.00 -7.15
CA GLY H 32 -21.42 18.11 -8.06
C GLY H 32 -22.07 16.93 -7.38
N TYR H 33 -22.51 15.99 -8.22
CA TYR H 33 -23.10 14.73 -7.76
C TYR H 33 -24.39 14.98 -7.00
N VAL H 34 -25.25 15.78 -7.62
CA VAL H 34 -26.58 16.11 -7.11
C VAL H 34 -27.47 14.88 -7.18
N SER H 35 -28.61 14.95 -6.53
CA SER H 35 -29.60 13.87 -6.62
C SER H 35 -30.99 14.48 -6.66
N TRP H 36 -31.89 13.80 -7.36
CA TRP H 36 -33.24 14.29 -7.57
C TRP H 36 -34.25 13.27 -7.05
N TYR H 37 -35.35 13.78 -6.51
CA TYR H 37 -36.32 12.92 -5.85
C TYR H 37 -37.73 13.42 -6.08
N GLN H 38 -38.65 12.49 -6.30
CA GLN H 38 -40.07 12.76 -6.51
C GLN H 38 -40.82 12.39 -5.23
N LEU H 39 -41.52 13.37 -4.65
CA LEU H 39 -42.21 13.20 -3.39
C LEU H 39 -43.69 13.57 -3.57
N ILE H 40 -44.55 12.57 -3.61
CA ILE H 40 -46.00 12.82 -3.61
C ILE H 40 -46.45 12.98 -2.15
N PRO H 41 -47.21 14.04 -1.83
CA PRO H 41 -47.65 14.24 -0.44
C PRO H 41 -48.40 13.02 0.09
N GLY H 42 -48.05 12.62 1.31
CA GLY H 42 -48.60 11.41 1.89
C GLY H 42 -47.96 10.13 1.41
N SER H 43 -47.06 10.19 0.45
CA SER H 43 -46.32 9.03 -0.01
C SER H 43 -44.84 9.23 0.26
N ALA H 44 -44.12 8.13 0.36
CA ALA H 44 -42.70 8.21 0.56
C ALA H 44 -42.02 8.75 -0.70
N PRO H 45 -40.94 9.52 -0.53
CA PRO H 45 -40.18 9.97 -1.70
C PRO H 45 -39.48 8.80 -2.35
N ARG H 46 -39.38 8.84 -3.68
CA ARG H 46 -38.60 7.90 -4.44
C ARG H 46 -37.44 8.65 -5.10
N THR H 47 -36.28 8.01 -5.14
CA THR H 47 -35.10 8.65 -5.71
C THR H 47 -35.15 8.56 -7.23
N LEU H 48 -34.82 9.67 -7.89
CA LEU H 48 -34.94 9.78 -9.34
C LEU H 48 -33.57 9.76 -10.00
N ILE H 49 -32.80 10.83 -9.86
CA ILE H 49 -31.49 10.98 -10.46
C ILE H 49 -30.46 11.05 -9.34
N TYR H 50 -29.31 10.43 -9.55
CA TYR H 50 -28.17 10.56 -8.65
C TYR H 50 -26.91 10.83 -9.47
N GLY H 51 -25.96 11.51 -8.85
CA GLY H 51 -24.73 11.85 -9.55
C GLY H 51 -24.99 12.66 -10.80
N ASP H 52 -25.68 13.80 -10.63
CA ASP H 52 -25.88 14.79 -11.69
C ASP H 52 -26.76 14.28 -12.83
N THR H 53 -26.48 13.08 -13.36
CA THR H 53 -27.02 12.67 -14.65
C THR H 53 -27.69 11.29 -14.66
N SER H 54 -27.18 10.34 -13.86
CA SER H 54 -27.65 8.97 -13.94
C SER H 54 -29.03 8.81 -13.31
N ARG H 55 -29.84 7.95 -13.92
CA ARG H 55 -31.17 7.62 -13.41
C ARG H 55 -31.10 6.40 -12.51
N ALA H 56 -31.85 6.43 -11.41
CA ALA H 56 -31.79 5.39 -10.40
C ALA H 56 -32.61 4.18 -10.83
N SER H 57 -32.87 3.29 -9.88
CA SER H 57 -33.62 2.07 -10.17
C SER H 57 -35.05 2.41 -10.55
N GLY H 58 -35.47 1.93 -11.72
CA GLY H 58 -36.85 2.08 -12.14
C GLY H 58 -37.27 3.49 -12.49
N VAL H 59 -36.33 4.33 -12.92
CA VAL H 59 -36.65 5.70 -13.28
C VAL H 59 -36.88 5.73 -14.78
N PRO H 60 -38.01 6.26 -15.24
CA PRO H 60 -38.32 6.24 -16.68
C PRO H 60 -37.30 7.01 -17.50
N ASP H 61 -37.27 6.70 -18.79
CA ASP H 61 -36.22 7.15 -19.69
C ASP H 61 -36.31 8.64 -20.02
N ARG H 62 -37.37 9.34 -19.60
CA ARG H 62 -37.55 10.74 -19.96
C ARG H 62 -37.51 11.68 -18.76
N PHE H 63 -37.06 11.20 -17.60
CA PHE H 63 -36.61 12.06 -16.51
C PHE H 63 -35.11 12.26 -16.68
N SER H 64 -34.71 13.46 -17.08
CA SER H 64 -33.32 13.73 -17.44
C SER H 64 -32.70 14.69 -16.43
N GLY H 65 -31.54 14.30 -15.91
CA GLY H 65 -30.78 15.15 -15.01
C GLY H 65 -29.66 15.87 -15.73
N SER H 66 -29.48 17.14 -15.39
CA SER H 66 -28.43 17.96 -15.99
C SER H 66 -27.85 18.86 -14.92
N ARG H 67 -26.74 19.52 -15.26
CA ARG H 67 -26.07 20.42 -14.33
C ARG H 67 -25.24 21.41 -15.13
N SER H 68 -25.24 22.67 -14.68
CA SER H 68 -24.49 23.76 -15.34
C SER H 68 -23.92 24.67 -14.26
N GLY H 69 -22.80 24.27 -13.69
CA GLY H 69 -22.09 25.11 -12.73
C GLY H 69 -22.64 25.00 -11.32
N ASN H 70 -23.38 26.02 -10.88
CA ASN H 70 -23.99 26.03 -9.55
C ASN H 70 -25.51 25.96 -9.63
N THR H 71 -26.03 25.28 -10.64
CA THR H 71 -27.49 25.17 -10.81
C THR H 71 -27.78 23.88 -11.56
N ALA H 72 -28.14 22.84 -10.82
CA ALA H 72 -28.58 21.59 -11.43
C ALA H 72 -30.02 21.73 -11.90
N THR H 73 -30.37 20.96 -12.93
CA THR H 73 -31.66 21.10 -13.60
C THR H 73 -32.25 19.73 -13.88
N LEU H 74 -33.37 19.43 -13.24
CA LEU H 74 -34.17 18.27 -13.59
C LEU H 74 -35.19 18.68 -14.65
N THR H 75 -35.30 17.89 -15.71
CA THR H 75 -36.20 18.18 -16.82
C THR H 75 -37.05 16.96 -17.09
N ILE H 76 -38.36 17.09 -16.95
CA ILE H 76 -39.30 15.99 -17.18
C ILE H 76 -39.84 16.15 -18.60
N SER H 77 -39.51 15.19 -19.45
CA SER H 77 -40.08 15.12 -20.79
C SER H 77 -41.31 14.21 -20.76
N SER H 78 -42.33 14.59 -21.52
CA SER H 78 -43.60 13.87 -21.60
C SER H 78 -44.29 13.82 -20.23
N LEU H 79 -44.84 14.98 -19.85
CA LEU H 79 -45.54 15.07 -18.57
C LEU H 79 -46.80 14.22 -18.57
N GLN H 80 -46.97 13.46 -17.52
CA GLN H 80 -48.14 12.64 -17.29
C GLN H 80 -48.92 13.21 -16.10
N ALA H 81 -50.19 12.84 -16.02
CA ALA H 81 -51.01 13.25 -14.88
C ALA H 81 -50.35 12.84 -13.57
N GLU H 82 -49.87 11.59 -13.49
CA GLU H 82 -49.23 11.05 -12.30
C GLU H 82 -47.92 11.76 -11.94
N ASP H 83 -47.35 12.54 -12.87
CA ASP H 83 -46.11 13.24 -12.61
C ASP H 83 -46.29 14.46 -11.70
N GLU H 84 -47.52 14.79 -11.33
CA GLU H 84 -47.80 15.94 -10.47
C GLU H 84 -47.35 15.63 -9.05
N ALA H 85 -46.30 16.30 -8.58
CA ALA H 85 -45.75 16.05 -7.25
C ALA H 85 -44.74 17.14 -6.91
N ASP H 86 -44.03 16.95 -5.79
CA ASP H 86 -42.90 17.79 -5.40
C ASP H 86 -41.61 17.12 -5.86
N TYR H 87 -40.74 17.91 -6.50
CA TYR H 87 -39.44 17.44 -6.95
C TYR H 87 -38.37 18.24 -6.19
N PHE H 88 -37.68 17.59 -5.26
CA PHE H 88 -36.68 18.27 -4.47
C PHE H 88 -35.29 17.75 -4.81
N CYS H 89 -34.32 18.63 -4.55
CA CYS H 89 -32.93 18.49 -4.88
C CYS H 89 -32.16 18.01 -3.65
N ALA H 90 -30.88 17.69 -3.84
CA ALA H 90 -30.09 17.21 -2.72
C ALA H 90 -28.62 17.12 -3.12
N SER H 91 -27.76 17.51 -2.19
CA SER H 91 -26.32 17.40 -2.40
C SER H 91 -25.64 17.22 -1.04
N ALA H 92 -24.42 16.72 -1.08
CA ALA H 92 -23.59 16.67 0.11
C ALA H 92 -22.97 18.04 0.36
N GLU H 93 -22.64 18.31 1.62
CA GLU H 93 -22.00 19.57 1.99
C GLU H 93 -20.77 19.29 2.84
N ASP H 94 -19.60 19.63 2.31
CA ASP H 94 -18.34 19.65 3.05
C ASP H 94 -17.84 18.26 3.41
N SER H 95 -18.74 17.29 3.52
CA SER H 95 -18.36 15.92 3.84
C SER H 95 -19.33 14.97 3.15
N SER H 96 -18.96 13.68 3.16
CA SER H 96 -19.85 12.63 2.70
C SER H 96 -20.85 12.20 3.76
N SER H 97 -20.68 12.65 5.01
CA SER H 97 -21.57 12.29 6.11
C SER H 97 -22.50 13.44 6.49
N ASN H 98 -22.68 14.41 5.60
CA ASN H 98 -23.61 15.51 5.85
C ASN H 98 -24.19 15.95 4.53
N ALA H 99 -25.51 16.13 4.48
CA ALA H 99 -26.21 16.45 3.25
C ALA H 99 -27.11 17.66 3.46
N VAL H 100 -27.32 18.39 2.37
CA VAL H 100 -28.29 19.48 2.32
C VAL H 100 -29.32 19.17 1.25
N PHE H 101 -30.55 19.61 1.49
CA PHE H 101 -31.68 19.24 0.65
C PHE H 101 -32.30 20.51 0.07
N GLY H 102 -33.02 20.34 -1.03
CA GLY H 102 -33.74 21.42 -1.63
C GLY H 102 -35.11 21.61 -1.02
N SER H 103 -35.61 22.84 -1.11
CA SER H 103 -36.97 23.11 -0.64
C SER H 103 -37.99 22.36 -1.47
N GLY H 104 -37.67 22.05 -2.73
CA GLY H 104 -38.57 21.31 -3.59
C GLY H 104 -39.63 22.18 -4.23
N THR H 105 -39.93 21.92 -5.50
CA THR H 105 -40.92 22.67 -6.25
C THR H 105 -42.18 21.83 -6.46
N THR H 106 -43.32 22.51 -6.62
CA THR H 106 -44.61 21.86 -6.78
C THR H 106 -44.99 21.89 -8.26
N LEU H 107 -44.80 20.78 -8.95
CA LEU H 107 -45.14 20.69 -10.37
C LEU H 107 -46.65 20.52 -10.55
N THR H 108 -47.20 21.20 -11.54
CA THR H 108 -48.61 21.09 -11.87
C THR H 108 -48.75 20.84 -13.37
N VAL H 109 -49.59 19.89 -13.73
CA VAL H 109 -49.79 19.50 -15.13
C VAL H 109 -51.09 20.12 -15.61
N LEU H 110 -51.01 20.99 -16.61
CA LEU H 110 -52.18 21.63 -17.18
C LEU H 110 -52.76 20.77 -18.29
N GLY H 111 -53.92 21.20 -18.80
CA GLY H 111 -54.58 20.46 -19.85
C GLY H 111 -55.14 19.13 -19.43
N GLN H 112 -55.41 18.95 -18.15
CA GLN H 112 -56.01 17.73 -17.63
C GLN H 112 -57.52 17.77 -17.84
N PRO H 113 -58.17 16.60 -17.93
CA PRO H 113 -59.59 16.58 -18.32
C PRO H 113 -60.51 17.33 -17.37
N LYS H 114 -60.05 17.67 -16.16
CA LYS H 114 -60.87 18.37 -15.17
C LYS H 114 -62.11 17.56 -14.76
N SER H 115 -61.92 16.49 -13.97
CA SER H 115 -63.02 15.68 -13.49
C SER H 115 -63.67 16.29 -12.24
N PRO H 116 -64.98 16.15 -12.10
CA PRO H 116 -65.69 16.78 -10.99
C PRO H 116 -65.73 15.87 -9.77
N PRO H 117 -66.33 16.31 -8.64
CA PRO H 117 -66.32 15.46 -7.44
C PRO H 117 -67.55 14.58 -7.26
N SER H 118 -67.33 13.33 -6.86
CA SER H 118 -68.37 12.46 -6.38
C SER H 118 -68.32 12.49 -4.85
N VAL H 119 -69.44 12.86 -4.24
CA VAL H 119 -69.51 13.07 -2.80
C VAL H 119 -70.61 12.21 -2.22
N THR H 120 -70.30 11.54 -1.11
CA THR H 120 -71.29 10.77 -0.35
C THR H 120 -71.46 11.42 1.02
N LEU H 121 -72.71 11.49 1.47
CA LEU H 121 -73.05 12.16 2.72
C LEU H 121 -73.53 11.13 3.73
N PHE H 122 -73.07 11.26 4.97
CA PHE H 122 -73.38 10.31 6.03
C PHE H 122 -74.11 10.99 7.18
N PRO H 123 -75.19 10.41 7.68
CA PRO H 123 -75.86 10.95 8.86
C PRO H 123 -75.14 10.54 10.13
N PRO H 124 -75.49 11.09 11.28
CA PRO H 124 -74.85 10.64 12.52
C PRO H 124 -75.42 9.31 12.94
N SER H 125 -74.56 8.46 13.50
CA SER H 125 -75.03 7.16 13.97
C SER H 125 -76.03 7.34 15.10
N THR H 126 -77.02 6.46 15.14
CA THR H 126 -77.91 6.42 16.31
C THR H 126 -77.11 6.24 17.59
N GLU H 127 -75.94 5.60 17.50
CA GLU H 127 -75.05 5.49 18.64
C GLU H 127 -74.52 6.85 19.08
N GLU H 128 -74.03 7.64 18.12
CA GLU H 128 -73.58 8.99 18.45
C GLU H 128 -74.73 9.81 19.03
N LEU H 129 -75.94 9.61 18.50
CA LEU H 129 -77.09 10.34 19.00
C LEU H 129 -77.38 10.02 20.46
N ASN H 130 -77.02 8.81 20.91
CA ASN H 130 -77.26 8.41 22.28
C ASN H 130 -76.37 9.15 23.28
N GLY H 131 -75.39 9.90 22.80
CA GLY H 131 -74.62 10.80 23.65
C GLY H 131 -75.05 12.24 23.45
N ASN H 132 -76.23 12.42 22.85
CA ASN H 132 -76.79 13.73 22.51
C ASN H 132 -75.84 14.56 21.65
N LYS H 133 -74.95 13.90 20.92
CA LYS H 133 -74.05 14.54 19.97
C LYS H 133 -74.34 14.00 18.57
N ALA H 134 -74.09 14.84 17.57
CA ALA H 134 -74.32 14.45 16.19
C ALA H 134 -73.22 15.03 15.31
N THR H 135 -72.84 14.27 14.28
CA THR H 135 -71.77 14.71 13.38
C THR H 135 -72.13 14.27 11.97
N LEU H 136 -72.41 15.24 11.09
CA LEU H 136 -72.65 14.96 9.69
C LEU H 136 -71.32 14.86 8.97
N VAL H 137 -71.16 13.82 8.16
CA VAL H 137 -69.91 13.53 7.49
C VAL H 137 -70.14 13.58 5.98
N CYS H 138 -69.49 14.53 5.32
CA CYS H 138 -69.64 14.76 3.88
C CYS H 138 -68.29 14.50 3.22
N LEU H 139 -68.14 13.34 2.60
CA LEU H 139 -66.87 12.90 2.04
C LEU H 139 -66.83 13.17 0.54
N ILE H 140 -65.85 13.97 0.11
CA ILE H 140 -65.72 14.39 -1.28
C ILE H 140 -64.51 13.69 -1.89
N SER H 141 -64.65 13.24 -3.13
CA SER H 141 -63.62 12.38 -3.72
C SER H 141 -63.48 12.62 -5.21
N ASP H 142 -62.29 12.32 -5.72
CA ASP H 142 -62.05 12.04 -7.13
C ASP H 142 -62.32 13.25 -8.02
N PHE H 143 -61.70 14.38 -7.69
CA PHE H 143 -61.90 15.60 -8.46
C PHE H 143 -60.56 16.27 -8.76
N TYR H 144 -60.59 17.16 -9.76
CA TYR H 144 -59.45 17.94 -10.23
C TYR H 144 -59.96 19.18 -10.96
N PRO H 145 -59.40 20.37 -10.68
CA PRO H 145 -58.32 20.63 -9.71
C PRO H 145 -58.77 20.60 -8.25
N GLY H 146 -57.87 20.98 -7.35
CA GLY H 146 -58.11 20.82 -5.93
C GLY H 146 -58.57 22.05 -5.18
N SER H 147 -59.69 22.63 -5.61
CA SER H 147 -60.33 23.71 -4.88
C SER H 147 -61.85 23.52 -4.97
N VAL H 148 -62.48 23.43 -3.81
CA VAL H 148 -63.92 23.18 -3.72
C VAL H 148 -64.49 24.02 -2.58
N THR H 149 -65.66 24.62 -2.81
CA THR H 149 -66.32 25.49 -1.84
C THR H 149 -67.51 24.76 -1.26
N VAL H 150 -67.45 24.45 0.04
CA VAL H 150 -68.51 23.74 0.73
C VAL H 150 -69.33 24.73 1.53
N VAL H 151 -70.66 24.65 1.38
CA VAL H 151 -71.59 25.47 2.15
C VAL H 151 -72.73 24.57 2.62
N TRP H 152 -73.00 24.60 3.92
CA TRP H 152 -74.05 23.78 4.51
C TRP H 152 -75.39 24.51 4.46
N LYS H 153 -76.41 23.84 3.95
CA LYS H 153 -77.77 24.36 3.94
C LYS H 153 -78.67 23.44 4.76
N ALA H 154 -79.42 24.03 5.70
CA ALA H 154 -80.34 23.30 6.56
C ALA H 154 -81.74 23.90 6.38
N ASP H 155 -82.58 23.21 5.63
CA ASP H 155 -83.97 23.61 5.41
C ASP H 155 -84.05 25.01 4.79
N GLY H 156 -83.16 25.28 3.84
CA GLY H 156 -83.17 26.51 3.09
C GLY H 156 -82.15 27.54 3.53
N SER H 157 -81.84 27.59 4.82
CA SER H 157 -80.89 28.54 5.35
C SER H 157 -79.48 27.95 5.37
N THR H 158 -78.49 28.83 5.31
CA THR H 158 -77.09 28.43 5.26
C THR H 158 -76.46 28.56 6.64
N ILE H 159 -75.66 27.56 7.01
CA ILE H 159 -75.11 27.45 8.37
C ILE H 159 -73.68 27.96 8.37
N THR H 160 -73.31 28.67 9.43
CA THR H 160 -71.97 29.21 9.61
C THR H 160 -71.20 28.56 10.75
N ARG H 161 -71.87 28.22 11.83
CA ARG H 161 -71.21 27.76 13.04
C ARG H 161 -71.02 26.24 13.01
N ASN H 162 -69.96 25.79 13.69
CA ASN H 162 -69.65 24.37 13.87
C ASN H 162 -69.39 23.65 12.55
N VAL H 163 -68.96 24.38 11.53
CA VAL H 163 -68.53 23.80 10.27
C VAL H 163 -67.01 23.84 10.24
N GLU H 164 -66.40 22.70 9.88
CA GLU H 164 -64.96 22.63 9.73
C GLU H 164 -64.62 21.76 8.53
N THR H 165 -63.80 22.28 7.63
CA THR H 165 -63.49 21.62 6.36
C THR H 165 -61.98 21.56 6.16
N THR H 166 -61.50 20.41 5.69
CA THR H 166 -60.09 20.21 5.41
C THR H 166 -59.74 20.72 4.02
N ARG H 167 -58.47 21.12 3.86
CA ARG H 167 -57.97 21.46 2.53
C ARG H 167 -58.03 20.23 1.61
N ALA H 168 -58.05 20.49 0.31
CA ALA H 168 -58.02 19.40 -0.66
C ALA H 168 -56.66 18.72 -0.62
N SER H 169 -56.67 17.39 -0.83
CA SER H 169 -55.46 16.58 -0.73
C SER H 169 -55.48 15.51 -1.80
N LYS H 170 -54.32 15.25 -2.40
CA LYS H 170 -54.22 14.28 -3.48
C LYS H 170 -54.41 12.87 -2.95
N GLN H 171 -55.25 12.09 -3.62
CA GLN H 171 -55.38 10.67 -3.31
C GLN H 171 -54.43 9.89 -4.22
N SER H 172 -54.63 8.57 -4.30
CA SER H 172 -53.68 7.73 -5.03
C SER H 172 -53.72 8.00 -6.53
N ASN H 173 -54.92 8.20 -7.09
CA ASN H 173 -55.09 8.34 -8.53
C ASN H 173 -54.88 9.77 -9.02
N SER H 174 -53.90 10.48 -8.45
CA SER H 174 -53.50 11.81 -8.88
C SER H 174 -54.67 12.79 -8.94
N LYS H 175 -55.70 12.54 -8.14
CA LYS H 175 -56.85 13.43 -7.98
C LYS H 175 -56.91 13.88 -6.54
N TYR H 176 -57.73 14.90 -6.29
CA TYR H 176 -57.85 15.49 -4.96
C TYR H 176 -59.09 14.97 -4.24
N ALA H 177 -59.09 15.15 -2.91
CA ALA H 177 -60.18 14.69 -2.06
C ALA H 177 -60.21 15.55 -0.80
N ALA H 178 -61.42 15.83 -0.31
CA ALA H 178 -61.60 16.63 0.88
C ALA H 178 -62.83 16.15 1.64
N SER H 179 -63.01 16.67 2.85
CA SER H 179 -64.08 16.24 3.72
C SER H 179 -64.47 17.40 4.62
N SER H 180 -65.75 17.46 4.98
CA SER H 180 -66.29 18.53 5.80
C SER H 180 -67.26 17.96 6.82
N TYR H 181 -67.07 18.33 8.09
CA TYR H 181 -67.80 17.75 9.21
C TYR H 181 -68.63 18.83 9.89
N LEU H 182 -69.95 18.64 9.89
CA LEU H 182 -70.86 19.53 10.62
C LEU H 182 -71.19 18.87 11.96
N SER H 183 -70.69 19.47 13.04
CA SER H 183 -70.85 18.93 14.39
C SER H 183 -72.01 19.65 15.06
N LEU H 184 -73.17 19.02 15.04
CA LEU H 184 -74.37 19.55 15.67
C LEU H 184 -74.66 18.77 16.94
N THR H 185 -75.77 19.12 17.59
CA THR H 185 -76.26 18.32 18.70
C THR H 185 -77.49 17.53 18.27
N SER H 186 -77.75 16.45 19.00
CA SER H 186 -78.91 15.62 18.68
C SER H 186 -80.19 16.41 18.68
N SER H 187 -80.25 17.48 19.47
CA SER H 187 -81.42 18.36 19.46
C SER H 187 -81.57 19.06 18.12
N ASP H 188 -80.51 19.74 17.66
CA ASP H 188 -80.58 20.48 16.41
C ASP H 188 -80.57 19.56 15.18
N TRP H 189 -80.17 18.30 15.35
CA TRP H 189 -80.24 17.37 14.22
C TRP H 189 -81.68 16.96 13.93
N LYS H 190 -82.44 16.64 14.99
CA LYS H 190 -83.85 16.33 14.82
C LYS H 190 -84.69 17.59 14.60
N SER H 191 -84.13 18.76 14.89
CA SER H 191 -84.90 19.99 14.81
C SER H 191 -85.27 20.31 13.37
N LYS H 192 -84.29 20.38 12.48
CA LYS H 192 -84.54 20.79 11.11
C LYS H 192 -85.23 19.67 10.33
N GLY H 193 -85.74 20.02 9.15
CA GLY H 193 -86.46 19.07 8.33
C GLY H 193 -85.58 18.37 7.34
N SER H 194 -84.47 19.00 6.97
CA SER H 194 -83.58 18.43 5.96
C SER H 194 -82.23 19.12 6.04
N TYR H 195 -81.17 18.35 5.75
CA TYR H 195 -79.80 18.84 5.74
C TYR H 195 -79.17 18.55 4.39
N SER H 196 -78.36 19.50 3.90
CA SER H 196 -77.77 19.41 2.58
C SER H 196 -76.31 19.83 2.61
N CYS H 197 -75.46 19.08 1.90
CA CYS H 197 -74.04 19.38 1.77
C CYS H 197 -73.83 19.91 0.35
N GLU H 198 -73.58 21.21 0.23
CA GLU H 198 -73.47 21.89 -1.06
C GLU H 198 -71.99 22.14 -1.36
N VAL H 199 -71.38 21.25 -2.13
CA VAL H 199 -70.02 21.45 -2.62
C VAL H 199 -70.10 21.98 -4.05
N THR H 200 -69.31 23.02 -4.33
CA THR H 200 -69.29 23.66 -5.64
C THR H 200 -67.86 23.61 -6.16
N HIS H 201 -67.70 23.25 -7.43
CA HIS H 201 -66.38 22.97 -7.99
C HIS H 201 -66.36 23.43 -9.44
N GLU H 202 -65.69 24.56 -9.70
CA GLU H 202 -65.61 25.16 -11.04
C GLU H 202 -67.01 25.45 -11.60
N GLY H 203 -67.80 26.22 -10.83
CA GLY H 203 -69.10 26.64 -11.27
C GLY H 203 -70.20 25.61 -11.21
N SER H 204 -69.86 24.32 -11.21
CA SER H 204 -70.85 23.26 -11.08
C SER H 204 -71.05 22.90 -9.62
N THR H 205 -72.30 22.65 -9.25
CA THR H 205 -72.67 22.42 -7.85
C THR H 205 -73.24 21.02 -7.71
N VAL H 206 -72.51 20.15 -7.01
CA VAL H 206 -72.96 18.79 -6.71
C VAL H 206 -73.44 18.76 -5.27
N THR H 207 -74.66 18.26 -5.06
CA THR H 207 -75.31 18.34 -3.75
C THR H 207 -75.85 16.97 -3.35
N LYS H 208 -75.56 16.57 -2.12
CA LYS H 208 -76.17 15.42 -1.48
C LYS H 208 -76.97 15.88 -0.27
N THR H 209 -78.09 15.21 -0.01
CA THR H 209 -79.03 15.67 1.01
C THR H 209 -79.58 14.48 1.77
N VAL H 210 -79.59 14.57 3.09
CA VAL H 210 -80.24 13.59 3.95
C VAL H 210 -81.26 14.31 4.83
N LYS H 211 -82.35 13.62 5.15
CA LYS H 211 -83.38 14.14 6.01
C LYS H 211 -83.37 13.40 7.33
N PRO H 212 -83.46 14.10 8.47
CA PRO H 212 -83.30 13.40 9.76
C PRO H 212 -84.45 12.46 10.06
N SER H 213 -85.69 12.86 9.77
CA SER H 213 -86.84 12.04 10.11
C SER H 213 -86.89 10.76 9.28
N GLU H 214 -86.61 10.86 7.99
CA GLU H 214 -86.68 9.70 7.10
C GLU H 214 -85.42 8.84 7.18
N CYS H 215 -84.78 8.80 8.35
CA CYS H 215 -83.62 7.96 8.57
C CYS H 215 -83.94 6.86 9.58
N GLN I 1 -34.27 -18.68 -5.81
CA GLN I 1 -33.32 -17.74 -6.41
C GLN I 1 -33.38 -17.81 -7.94
N VAL I 2 -32.41 -17.18 -8.60
CA VAL I 2 -32.32 -17.14 -10.06
C VAL I 2 -30.99 -17.76 -10.46
N GLN I 3 -31.05 -18.87 -11.20
CA GLN I 3 -29.85 -19.56 -11.65
C GLN I 3 -30.01 -19.96 -13.10
N LEU I 4 -28.89 -20.24 -13.75
CA LEU I 4 -28.85 -20.61 -15.16
C LEU I 4 -27.89 -21.79 -15.30
N ARG I 5 -28.42 -22.94 -15.71
CA ARG I 5 -27.63 -24.16 -15.86
C ARG I 5 -27.41 -24.41 -17.35
N GLU I 6 -26.14 -24.41 -17.77
CA GLU I 6 -25.79 -24.78 -19.14
C GLU I 6 -25.66 -26.29 -19.25
N SER I 7 -26.25 -26.86 -20.29
CA SER I 7 -26.21 -28.30 -20.52
C SER I 7 -25.97 -28.58 -21.99
N GLY I 8 -25.04 -29.50 -22.26
CA GLY I 8 -24.73 -29.87 -23.62
C GLY I 8 -23.50 -30.77 -23.71
N PRO I 9 -23.22 -31.27 -24.91
CA PRO I 9 -22.05 -32.13 -25.09
C PRO I 9 -20.76 -31.34 -24.90
N SER I 10 -19.99 -31.71 -23.89
CA SER I 10 -18.69 -31.08 -23.62
C SER I 10 -17.60 -31.57 -24.57
N LEU I 11 -17.97 -31.90 -25.82
CA LEU I 11 -17.05 -32.41 -26.84
C LEU I 11 -17.77 -32.56 -28.19
N VAL I 12 -17.26 -31.91 -29.22
CA VAL I 12 -17.77 -32.09 -30.58
C VAL I 12 -16.59 -32.14 -31.55
N LYS I 13 -16.80 -32.83 -32.66
CA LYS I 13 -15.85 -33.05 -33.74
C LYS I 13 -15.96 -31.94 -34.78
N PRO I 14 -14.85 -31.60 -35.43
CA PRO I 14 -14.82 -30.37 -36.24
C PRO I 14 -15.76 -30.44 -37.44
N SER I 15 -16.13 -29.25 -37.91
CA SER I 15 -17.05 -29.05 -39.04
C SER I 15 -18.45 -29.60 -38.76
N GLN I 16 -18.80 -29.78 -37.49
CA GLN I 16 -20.14 -30.22 -37.11
C GLN I 16 -20.88 -29.08 -36.42
N THR I 17 -22.16 -29.32 -36.16
CA THR I 17 -23.03 -28.31 -35.55
C THR I 17 -23.01 -28.50 -34.02
N LEU I 18 -22.61 -27.45 -33.31
CA LEU I 18 -22.62 -27.48 -31.85
C LEU I 18 -23.94 -26.92 -31.33
N SER I 19 -24.69 -27.74 -30.60
CA SER I 19 -25.96 -27.35 -30.02
C SER I 19 -25.87 -27.37 -28.51
N LEU I 20 -26.48 -26.36 -27.87
CA LEU I 20 -26.43 -26.22 -26.42
C LEU I 20 -27.79 -25.76 -25.91
N THR I 21 -28.14 -26.21 -24.71
CA THR I 21 -29.41 -25.88 -24.08
C THR I 21 -29.18 -25.33 -22.68
N CYS I 22 -29.93 -24.29 -22.33
CA CYS I 22 -29.84 -23.64 -21.03
C CYS I 22 -31.17 -23.79 -20.31
N THR I 23 -31.13 -24.34 -19.10
CA THR I 23 -32.33 -24.56 -18.28
C THR I 23 -32.43 -23.46 -17.23
N ALA I 24 -33.55 -22.73 -17.24
CA ALA I 24 -33.74 -21.54 -16.40
C ALA I 24 -34.68 -21.88 -15.25
N SER I 25 -34.15 -21.82 -14.04
CA SER I 25 -34.93 -22.02 -12.82
C SER I 25 -34.93 -20.74 -12.00
N GLY I 26 -36.11 -20.26 -11.63
CA GLY I 26 -36.25 -19.08 -10.79
C GLY I 26 -36.89 -17.87 -11.46
N PHE I 27 -37.28 -17.96 -12.72
CA PHE I 27 -37.99 -16.89 -13.42
C PHE I 27 -38.57 -17.49 -14.69
N SER I 28 -39.42 -16.73 -15.37
CA SER I 28 -40.03 -17.17 -16.61
C SER I 28 -39.29 -16.59 -17.80
N LEU I 29 -39.31 -17.32 -18.90
CA LEU I 29 -38.63 -16.86 -20.11
C LEU I 29 -39.39 -15.78 -20.85
N SER I 30 -40.69 -15.64 -20.57
CA SER I 30 -41.46 -14.49 -21.05
C SER I 30 -41.26 -13.27 -20.15
N ASP I 31 -40.38 -13.37 -19.17
CA ASP I 31 -40.09 -12.30 -18.22
C ASP I 31 -38.73 -11.65 -18.44
N LYS I 32 -37.69 -12.45 -18.64
CA LYS I 32 -36.34 -11.95 -18.85
C LYS I 32 -35.87 -12.26 -20.26
N ALA I 33 -34.85 -11.53 -20.70
CA ALA I 33 -34.15 -11.82 -21.93
C ALA I 33 -32.91 -12.64 -21.63
N VAL I 34 -32.57 -13.57 -22.53
CA VAL I 34 -31.46 -14.49 -22.33
C VAL I 34 -30.42 -14.26 -23.42
N GLY I 35 -29.15 -14.21 -23.03
CA GLY I 35 -28.06 -14.07 -23.98
C GLY I 35 -27.03 -15.18 -23.89
N TRP I 36 -26.24 -15.37 -24.95
CA TRP I 36 -25.19 -16.38 -24.97
C TRP I 36 -23.84 -15.69 -25.11
N VAL I 37 -22.92 -15.99 -24.19
CA VAL I 37 -21.59 -15.41 -24.17
C VAL I 37 -20.58 -16.53 -24.00
N ARG I 38 -19.50 -16.49 -24.78
CA ARG I 38 -18.43 -17.47 -24.66
C ARG I 38 -17.11 -16.77 -24.41
N GLN I 39 -16.17 -17.54 -23.82
CA GLN I 39 -14.80 -17.08 -23.62
C GLN I 39 -13.85 -18.18 -24.04
N ALA I 40 -13.08 -17.92 -25.10
CA ALA I 40 -12.00 -18.81 -25.49
C ALA I 40 -10.84 -18.69 -24.50
N PRO I 41 -10.03 -19.74 -24.35
CA PRO I 41 -8.94 -19.68 -23.36
C PRO I 41 -7.90 -18.64 -23.73
N GLY I 42 -7.46 -17.89 -22.70
CA GLY I 42 -6.53 -16.80 -22.93
C GLY I 42 -7.10 -15.68 -23.77
N LYS I 43 -8.41 -15.63 -23.94
CA LYS I 43 -9.07 -14.69 -24.84
C LYS I 43 -10.05 -13.84 -24.04
N ALA I 44 -10.74 -12.96 -24.75
CA ALA I 44 -11.73 -12.07 -24.17
C ALA I 44 -13.13 -12.67 -24.31
N LEU I 45 -14.04 -12.18 -23.48
CA LEU I 45 -15.44 -12.58 -23.59
C LEU I 45 -16.00 -12.13 -24.93
N GLU I 46 -16.71 -13.05 -25.60
CA GLU I 46 -17.23 -12.82 -26.93
C GLU I 46 -18.75 -12.89 -26.90
N TRP I 47 -19.40 -11.81 -27.30
CA TRP I 47 -20.85 -11.81 -27.40
C TRP I 47 -21.28 -12.67 -28.58
N LEU I 48 -22.33 -13.47 -28.37
CA LEU I 48 -22.84 -14.36 -29.41
C LEU I 48 -24.24 -14.02 -29.87
N GLY I 49 -25.22 -13.95 -28.98
CA GLY I 49 -26.59 -13.72 -29.40
C GLY I 49 -27.52 -13.61 -28.21
N SER I 50 -28.75 -13.19 -28.52
CA SER I 50 -29.76 -12.97 -27.49
C SER I 50 -31.14 -13.21 -28.09
N ILE I 51 -32.06 -13.65 -27.23
CA ILE I 51 -33.48 -13.73 -27.57
C ILE I 51 -34.26 -13.16 -26.40
N ASP I 52 -35.08 -12.15 -26.67
CA ASP I 52 -35.86 -11.51 -25.62
C ASP I 52 -37.10 -12.35 -25.26
N THR I 53 -38.05 -11.73 -24.56
CA THR I 53 -39.28 -12.42 -24.22
C THR I 53 -40.18 -12.60 -25.44
N GLY I 54 -40.31 -11.55 -26.26
CA GLY I 54 -41.20 -11.58 -27.39
C GLY I 54 -40.74 -12.46 -28.53
N GLY I 55 -39.67 -13.23 -28.32
CA GLY I 55 -39.16 -14.14 -29.31
C GLY I 55 -38.19 -13.54 -30.30
N SER I 56 -37.88 -12.25 -30.17
CA SER I 56 -36.96 -11.60 -31.11
C SER I 56 -35.52 -12.00 -30.82
N THR I 57 -34.78 -12.33 -31.88
CA THR I 57 -33.41 -12.79 -31.76
C THR I 57 -32.46 -11.72 -32.30
N GLY I 58 -31.28 -11.64 -31.69
CA GLY I 58 -30.22 -10.77 -32.15
C GLY I 58 -28.87 -11.37 -31.85
N TYR I 59 -28.01 -11.46 -32.86
CA TYR I 59 -26.70 -12.12 -32.73
C TYR I 59 -25.59 -11.12 -32.98
N ASN I 60 -24.37 -11.56 -32.67
CA ASN I 60 -23.16 -10.86 -33.06
C ASN I 60 -23.11 -10.84 -34.58
N PRO I 61 -23.06 -9.67 -35.22
CA PRO I 61 -23.14 -9.64 -36.70
C PRO I 61 -22.03 -10.41 -37.39
N GLY I 62 -20.85 -10.54 -36.77
CA GLY I 62 -19.78 -11.32 -37.35
C GLY I 62 -20.08 -12.80 -37.44
N LEU I 63 -20.98 -13.29 -36.59
CA LEU I 63 -21.31 -14.71 -36.52
C LEU I 63 -22.78 -14.99 -36.81
N LYS I 64 -23.47 -14.08 -37.50
CA LYS I 64 -24.90 -14.24 -37.71
C LYS I 64 -25.18 -15.41 -38.64
N SER I 65 -24.31 -15.63 -39.64
CA SER I 65 -24.49 -16.74 -40.56
C SER I 65 -24.47 -18.07 -39.83
N ARG I 66 -23.51 -18.25 -38.92
CA ARG I 66 -23.29 -19.53 -38.26
C ARG I 66 -24.18 -19.75 -37.05
N LEU I 67 -24.95 -18.76 -36.62
CA LEU I 67 -25.65 -18.83 -35.34
C LEU I 67 -27.16 -18.81 -35.52
N SER I 68 -27.84 -19.49 -34.59
CA SER I 68 -29.28 -19.49 -34.48
C SER I 68 -29.65 -19.83 -33.04
N ILE I 69 -30.69 -19.17 -32.52
CA ILE I 69 -31.10 -19.34 -31.13
C ILE I 69 -32.62 -19.45 -31.09
N THR I 70 -33.12 -20.48 -30.40
CA THR I 70 -34.54 -20.65 -30.16
C THR I 70 -34.79 -20.91 -28.68
N LYS I 71 -36.07 -20.86 -28.31
CA LYS I 71 -36.48 -21.09 -26.94
C LYS I 71 -37.86 -21.72 -26.92
N ASP I 72 -38.18 -22.38 -25.81
CA ASP I 72 -39.50 -22.94 -25.58
C ASP I 72 -40.00 -22.45 -24.23
N ASN I 73 -41.01 -21.58 -24.25
CA ASN I 73 -41.53 -20.99 -23.01
C ASN I 73 -42.01 -22.08 -22.05
N SER I 74 -42.61 -23.15 -22.59
CA SER I 74 -43.27 -24.14 -21.75
C SER I 74 -42.31 -24.81 -20.78
N GLU I 75 -41.20 -25.34 -21.30
CA GLU I 75 -40.18 -25.95 -20.45
C GLU I 75 -39.11 -24.97 -20.00
N SER I 76 -39.20 -23.71 -20.43
CA SER I 76 -38.27 -22.65 -20.04
C SER I 76 -36.82 -23.06 -20.30
N GLN I 77 -36.53 -23.34 -21.57
CA GLN I 77 -35.20 -23.72 -22.03
C GLN I 77 -34.81 -22.88 -23.24
N VAL I 78 -33.53 -22.52 -23.33
CA VAL I 78 -33.00 -21.77 -24.45
C VAL I 78 -31.96 -22.63 -25.17
N SER I 79 -32.02 -22.64 -26.49
CA SER I 79 -31.12 -23.45 -27.30
C SER I 79 -30.26 -22.56 -28.18
N LEU I 80 -29.00 -22.95 -28.33
CA LEU I 80 -28.03 -22.25 -29.17
C LEU I 80 -27.47 -23.22 -30.20
N SER I 81 -27.27 -22.75 -31.42
CA SER I 81 -26.77 -23.58 -32.51
C SER I 81 -25.59 -22.88 -33.17
N VAL I 82 -24.41 -23.48 -33.05
CA VAL I 82 -23.21 -23.05 -33.76
C VAL I 82 -22.94 -24.07 -34.86
N SER I 83 -22.97 -23.61 -36.11
CA SER I 83 -22.81 -24.48 -37.26
C SER I 83 -21.39 -24.40 -37.83
N SER I 84 -20.92 -25.53 -38.37
CA SER I 84 -19.60 -25.63 -38.98
C SER I 84 -18.51 -25.16 -38.01
N VAL I 85 -18.57 -25.70 -36.78
CA VAL I 85 -17.64 -25.25 -35.75
C VAL I 85 -16.21 -25.66 -36.10
N THR I 86 -15.26 -24.98 -35.48
CA THR I 86 -13.84 -25.12 -35.75
C THR I 86 -13.09 -25.33 -34.45
N THR I 87 -11.76 -25.37 -34.55
CA THR I 87 -10.92 -25.44 -33.37
C THR I 87 -10.79 -24.11 -32.64
N GLU I 88 -11.33 -23.02 -33.21
CA GLU I 88 -11.44 -21.78 -32.45
C GLU I 88 -12.60 -21.83 -31.46
N ASP I 89 -13.70 -22.48 -31.84
CA ASP I 89 -14.93 -22.38 -31.07
C ASP I 89 -14.83 -23.10 -29.72
N SER I 90 -13.83 -23.95 -29.54
CA SER I 90 -13.61 -24.56 -28.23
C SER I 90 -13.41 -23.47 -27.19
N ALA I 91 -14.33 -23.41 -26.22
CA ALA I 91 -14.33 -22.31 -25.26
C ALA I 91 -15.26 -22.68 -24.10
N THR I 92 -15.28 -21.79 -23.09
CA THR I 92 -16.22 -21.91 -21.99
C THR I 92 -17.45 -21.07 -22.32
N TYR I 93 -18.61 -21.72 -22.37
CA TYR I 93 -19.86 -21.10 -22.82
C TYR I 93 -20.73 -20.75 -21.61
N TYR I 94 -21.11 -19.48 -21.51
CA TYR I 94 -21.87 -18.95 -20.39
C TYR I 94 -23.28 -18.61 -20.85
N CYS I 95 -24.28 -19.00 -20.06
CA CYS I 95 -25.66 -18.64 -20.28
C CYS I 95 -26.02 -17.46 -19.38
N THR I 96 -26.67 -16.46 -19.94
CA THR I 96 -26.87 -15.19 -19.24
C THR I 96 -28.28 -14.68 -19.42
N THR I 97 -28.71 -13.87 -18.45
CA THR I 97 -29.90 -13.03 -18.58
C THR I 97 -29.44 -11.60 -18.83
N VAL I 98 -30.02 -10.95 -19.83
CA VAL I 98 -29.62 -9.60 -20.20
C VAL I 98 -30.84 -8.68 -20.16
N HIS I 99 -30.54 -7.38 -20.11
CA HIS I 99 -31.54 -6.32 -20.17
C HIS I 99 -31.19 -5.43 -21.36
N GLN I 100 -32.08 -5.39 -22.34
CA GLN I 100 -31.84 -4.65 -23.58
C GLN I 100 -32.86 -3.52 -23.70
N TYR I 101 -32.40 -2.37 -24.19
CA TYR I 101 -33.29 -1.24 -24.33
C TYR I 101 -32.66 -0.24 -25.29
N THR I 102 -33.41 0.11 -26.34
CA THR I 102 -33.01 1.13 -27.30
C THR I 102 -33.52 2.48 -26.80
N HIS I 103 -32.59 3.37 -26.45
CA HIS I 103 -32.95 4.67 -25.91
C HIS I 103 -33.13 5.68 -27.04
N LYS I 104 -34.09 6.59 -26.85
CA LYS I 104 -34.41 7.59 -27.86
C LYS I 104 -33.27 8.57 -28.08
N ARG I 105 -33.07 9.48 -27.13
CA ARG I 105 -31.98 10.48 -27.18
C ARG I 105 -32.12 11.38 -28.41
N CYS I 106 -33.28 12.03 -28.50
CA CYS I 106 -33.59 12.93 -29.61
C CYS I 106 -33.75 14.34 -29.04
N PRO I 107 -32.64 15.08 -28.86
CA PRO I 107 -32.71 16.46 -28.37
C PRO I 107 -32.53 17.48 -29.48
N SER I 145 -38.65 16.58 -37.18
CA SER I 145 -39.13 15.38 -37.86
C SER I 145 -37.97 14.50 -38.31
N PHE I 146 -37.25 13.92 -37.34
CA PHE I 146 -36.09 13.08 -37.66
C PHE I 146 -35.92 11.87 -36.76
N SER I 147 -36.33 11.90 -35.49
CA SER I 147 -36.10 10.81 -34.54
C SER I 147 -34.63 10.37 -34.60
N ALA I 148 -33.75 11.36 -34.57
CA ALA I 148 -32.36 11.14 -34.97
C ALA I 148 -31.60 10.28 -33.97
N GLY I 149 -31.97 10.35 -32.69
CA GLY I 149 -31.17 9.72 -31.66
C GLY I 149 -31.08 8.21 -31.82
N SER I 150 -30.03 7.66 -31.19
CA SER I 150 -29.76 6.23 -31.23
C SER I 150 -28.73 5.86 -30.17
N SER I 151 -29.18 5.30 -29.05
CA SER I 151 -28.29 4.94 -27.94
C SER I 151 -28.74 3.60 -27.39
N TYR I 152 -27.92 2.57 -27.56
CA TYR I 152 -28.33 1.19 -27.31
C TYR I 152 -27.71 0.69 -26.02
N GLU I 153 -28.56 0.16 -25.14
CA GLU I 153 -28.13 -0.44 -23.88
C GLU I 153 -28.20 -1.96 -23.98
N LEU I 154 -27.14 -2.62 -23.51
CA LEU I 154 -27.16 -4.04 -23.23
C LEU I 154 -26.17 -4.31 -22.12
N TYR I 155 -26.52 -5.23 -21.24
CA TYR I 155 -25.61 -5.70 -20.21
C TYR I 155 -26.15 -7.02 -19.66
N VAL I 156 -25.29 -7.74 -18.95
CA VAL I 156 -25.62 -9.06 -18.42
C VAL I 156 -26.12 -8.89 -16.99
N ASP I 157 -27.22 -9.54 -16.66
CA ASP I 157 -27.81 -9.48 -15.32
C ASP I 157 -27.27 -10.60 -14.43
N ALA I 158 -27.50 -11.86 -14.83
CA ALA I 158 -27.03 -13.03 -14.10
C ALA I 158 -26.23 -13.92 -15.04
N TRP I 159 -25.12 -14.44 -14.54
CA TRP I 159 -24.24 -15.31 -15.31
C TRP I 159 -24.54 -16.76 -14.98
N GLY I 160 -24.51 -17.61 -16.00
CA GLY I 160 -24.53 -19.04 -15.78
C GLY I 160 -23.20 -19.50 -15.21
N GLN I 161 -23.09 -20.83 -15.04
CA GLN I 161 -21.87 -21.37 -14.47
C GLN I 161 -20.77 -21.50 -15.53
N GLY I 162 -21.14 -21.88 -16.75
CA GLY I 162 -20.18 -22.06 -17.81
C GLY I 162 -19.83 -23.51 -18.05
N LEU I 163 -20.03 -23.97 -19.27
CA LEU I 163 -19.65 -25.32 -19.68
C LEU I 163 -18.47 -25.22 -20.63
N LEU I 164 -17.47 -26.06 -20.41
CA LEU I 164 -16.23 -26.04 -21.19
C LEU I 164 -16.35 -27.11 -22.27
N VAL I 165 -16.79 -26.69 -23.46
CA VAL I 165 -16.82 -27.55 -24.63
C VAL I 165 -15.52 -27.37 -25.40
N THR I 166 -14.92 -28.48 -25.80
CA THR I 166 -13.65 -28.47 -26.52
C THR I 166 -13.83 -29.23 -27.83
N VAL I 167 -13.45 -28.59 -28.94
CA VAL I 167 -13.60 -29.18 -30.27
C VAL I 167 -12.33 -29.93 -30.62
N SER I 168 -12.45 -31.22 -30.94
CA SER I 168 -11.30 -32.06 -31.28
C SER I 168 -11.71 -33.41 -31.86
N SER I 169 -10.88 -34.42 -31.63
CA SER I 169 -11.14 -35.81 -32.04
C SER I 169 -10.45 -36.78 -31.08
N THR I 172 -11.79 -39.78 -27.84
CA THR I 172 -12.17 -39.56 -26.45
C THR I 172 -11.50 -40.59 -25.54
N THR I 173 -11.20 -40.19 -24.30
CA THR I 173 -10.51 -41.04 -23.35
C THR I 173 -11.17 -40.94 -21.98
N ALA I 174 -11.51 -42.10 -21.39
CA ALA I 174 -12.00 -42.14 -20.03
C ALA I 174 -10.83 -42.17 -19.05
N PRO I 175 -11.00 -41.61 -17.86
CA PRO I 175 -9.89 -41.52 -16.91
C PRO I 175 -9.65 -42.82 -16.16
N LYS I 176 -8.44 -42.92 -15.62
CA LYS I 176 -8.03 -44.02 -14.76
C LYS I 176 -7.82 -43.49 -13.36
N VAL I 177 -8.36 -44.20 -12.36
CA VAL I 177 -8.43 -43.73 -11.00
C VAL I 177 -7.62 -44.65 -10.10
N TYR I 178 -6.75 -44.06 -9.27
CA TYR I 178 -5.82 -44.79 -8.41
C TYR I 178 -5.84 -44.18 -7.01
N PRO I 179 -5.98 -44.98 -5.96
CA PRO I 179 -5.88 -44.45 -4.60
C PRO I 179 -4.47 -43.97 -4.28
N LEU I 180 -4.38 -42.94 -3.43
CA LEU I 180 -3.09 -42.40 -3.00
C LEU I 180 -3.03 -42.38 -1.48
N SER I 181 -2.03 -43.06 -0.92
CA SER I 181 -1.72 -42.98 0.50
C SER I 181 -0.25 -42.61 0.67
N SER I 182 0.07 -42.07 1.85
CA SER I 182 1.36 -41.44 2.05
C SER I 182 2.47 -42.47 2.31
N CYS I 183 3.66 -42.14 1.84
CA CYS I 183 4.86 -42.91 2.13
C CYS I 183 5.48 -42.39 3.43
N CYS I 184 6.60 -43.02 3.83
CA CYS I 184 7.27 -42.62 5.07
C CYS I 184 8.50 -41.77 4.77
N THR I 191 -2.50 -34.81 11.37
CA THR I 191 -1.16 -35.24 10.95
C THR I 191 -1.23 -36.15 9.73
N VAL I 192 -2.39 -36.18 9.08
CA VAL I 192 -2.67 -37.18 8.05
C VAL I 192 -2.99 -36.48 6.72
N THR I 193 -2.66 -37.16 5.62
CA THR I 193 -2.95 -36.71 4.26
C THR I 193 -3.41 -37.89 3.43
N LEU I 194 -4.47 -37.70 2.64
CA LEU I 194 -4.97 -38.71 1.72
C LEU I 194 -5.03 -38.14 0.31
N GLY I 195 -5.03 -39.05 -0.68
CA GLY I 195 -5.03 -38.64 -2.07
C GLY I 195 -5.95 -39.52 -2.89
N CYS I 196 -6.10 -39.13 -4.16
CA CYS I 196 -7.00 -39.81 -5.09
C CYS I 196 -6.67 -39.30 -6.48
N LEU I 197 -5.77 -40.02 -7.16
CA LEU I 197 -5.17 -39.56 -8.42
C LEU I 197 -5.99 -40.04 -9.61
N VAL I 198 -6.43 -39.10 -10.44
CA VAL I 198 -7.15 -39.38 -11.67
C VAL I 198 -6.18 -39.19 -12.82
N SER I 199 -5.88 -40.27 -13.55
CA SER I 199 -4.83 -40.26 -14.55
C SER I 199 -5.38 -40.51 -15.95
N SER I 200 -4.82 -39.76 -16.92
CA SER I 200 -5.01 -40.02 -18.34
C SER I 200 -6.47 -39.92 -18.78
N TYR I 201 -6.89 -38.72 -19.17
CA TYR I 201 -8.24 -38.49 -19.66
C TYR I 201 -8.26 -37.26 -20.55
N MET I 202 -9.18 -37.26 -21.51
CA MET I 202 -9.43 -36.15 -22.42
C MET I 202 -10.86 -36.28 -22.92
N PRO I 203 -11.58 -35.17 -23.10
CA PRO I 203 -11.18 -33.77 -22.89
C PRO I 203 -11.26 -33.35 -21.41
N GLU I 204 -10.74 -32.19 -21.07
CA GLU I 204 -10.77 -31.77 -19.67
C GLU I 204 -12.18 -31.41 -19.23
N PRO I 205 -12.84 -32.26 -18.45
CA PRO I 205 -14.00 -31.82 -17.68
C PRO I 205 -14.17 -32.75 -16.49
N VAL I 206 -13.33 -32.61 -15.47
CA VAL I 206 -13.33 -33.51 -14.33
C VAL I 206 -14.12 -32.88 -13.19
N THR I 207 -15.08 -33.63 -12.66
CA THR I 207 -15.87 -33.25 -11.50
C THR I 207 -15.61 -34.28 -10.41
N VAL I 208 -15.05 -33.83 -9.29
CA VAL I 208 -14.57 -34.72 -8.23
C VAL I 208 -15.32 -34.42 -6.95
N THR I 209 -15.87 -35.47 -6.32
CA THR I 209 -16.46 -35.39 -4.99
C THR I 209 -15.81 -36.43 -4.09
N TRP I 210 -15.99 -36.26 -2.78
CA TRP I 210 -15.48 -37.19 -1.79
C TRP I 210 -16.67 -37.74 -0.99
N ASN I 211 -16.96 -39.02 -1.18
CA ASN I 211 -18.10 -39.69 -0.55
C ASN I 211 -19.39 -38.90 -0.81
N SER I 212 -19.59 -38.54 -2.08
CA SER I 212 -20.78 -37.82 -2.54
C SER I 212 -20.88 -36.43 -1.90
N GLY I 213 -19.72 -35.80 -1.67
CA GLY I 213 -19.66 -34.48 -1.07
C GLY I 213 -19.93 -34.43 0.41
N ALA I 214 -19.83 -35.55 1.12
CA ALA I 214 -20.09 -35.58 2.56
C ALA I 214 -18.94 -35.04 3.38
N LEU I 215 -17.72 -35.04 2.85
CA LEU I 215 -16.56 -34.45 3.51
C LEU I 215 -15.99 -33.39 2.59
N LYS I 216 -16.24 -32.13 2.93
CA LYS I 216 -15.72 -30.98 2.20
C LYS I 216 -14.60 -30.28 2.95
N SER I 217 -14.06 -30.89 3.99
CA SER I 217 -13.08 -30.26 4.86
C SER I 217 -11.67 -30.72 4.52
N GLY I 218 -10.73 -29.77 4.53
CA GLY I 218 -9.35 -30.08 4.22
C GLY I 218 -9.09 -30.52 2.80
N VAL I 219 -10.08 -30.42 1.91
CA VAL I 219 -9.96 -30.94 0.55
C VAL I 219 -9.37 -29.85 -0.36
N HIS I 220 -8.40 -30.25 -1.18
CA HIS I 220 -7.81 -29.38 -2.20
C HIS I 220 -7.81 -30.15 -3.51
N THR I 221 -8.73 -29.80 -4.41
CA THR I 221 -8.74 -30.34 -5.76
C THR I 221 -7.83 -29.48 -6.63
N PHE I 222 -6.96 -30.13 -7.40
CA PHE I 222 -5.83 -29.50 -8.05
C PHE I 222 -6.07 -29.30 -9.55
N PRO I 223 -5.28 -28.44 -10.20
CA PRO I 223 -5.37 -28.34 -11.67
C PRO I 223 -4.61 -29.47 -12.32
N ALA I 224 -5.16 -29.98 -13.42
CA ALA I 224 -4.53 -31.07 -14.14
C ALA I 224 -3.24 -30.59 -14.80
N VAL I 225 -2.40 -31.55 -15.17
CA VAL I 225 -1.24 -31.30 -15.99
C VAL I 225 -1.57 -31.71 -17.42
N LEU I 226 -0.74 -31.27 -18.35
CA LEU I 226 -0.91 -31.61 -19.77
C LEU I 226 0.26 -32.48 -20.17
N GLN I 227 0.05 -33.79 -20.17
CA GLN I 227 1.10 -34.73 -20.53
C GLN I 227 1.52 -34.55 -21.98
N SER I 228 2.69 -35.09 -22.31
CA SER I 228 3.15 -35.06 -23.70
C SER I 228 2.19 -35.82 -24.61
N SER I 229 1.51 -36.83 -24.08
CA SER I 229 0.55 -37.63 -24.84
C SER I 229 -0.73 -36.87 -25.17
N GLY I 230 -0.87 -35.64 -24.67
CA GLY I 230 -2.10 -34.90 -24.85
C GLY I 230 -3.25 -35.34 -23.98
N LEU I 231 -2.97 -36.09 -22.92
CA LEU I 231 -3.99 -36.55 -21.99
C LEU I 231 -3.73 -35.93 -20.62
N TYR I 232 -4.76 -35.32 -20.04
CA TYR I 232 -4.61 -34.63 -18.77
C TYR I 232 -4.57 -35.63 -17.61
N SER I 233 -4.21 -35.12 -16.43
CA SER I 233 -4.21 -35.92 -15.20
C SER I 233 -4.12 -34.98 -14.01
N LEU I 234 -5.17 -34.92 -13.21
CA LEU I 234 -5.21 -34.10 -12.01
C LEU I 234 -5.16 -34.98 -10.77
N SER I 235 -4.94 -34.34 -9.62
CA SER I 235 -4.91 -35.02 -8.35
C SER I 235 -5.86 -34.34 -7.38
N SER I 236 -6.24 -35.06 -6.34
CA SER I 236 -7.12 -34.56 -5.29
C SER I 236 -6.52 -34.94 -3.95
N MET I 237 -6.92 -34.19 -2.91
CA MET I 237 -6.32 -34.34 -1.59
C MET I 237 -7.34 -33.91 -0.54
N VAL I 238 -7.25 -34.52 0.64
CA VAL I 238 -8.09 -34.11 1.78
C VAL I 238 -7.23 -33.93 3.03
N CYS I 251 -13.41 -41.65 -2.91
CA CYS I 251 -13.53 -40.51 -3.82
C CYS I 251 -14.30 -40.88 -5.09
N ASN I 252 -15.14 -39.97 -5.55
CA ASN I 252 -15.98 -40.19 -6.72
C ASN I 252 -15.52 -39.26 -7.84
N VAL I 253 -15.24 -39.84 -9.01
CA VAL I 253 -14.74 -39.11 -10.17
C VAL I 253 -15.71 -39.30 -11.32
N ALA I 254 -16.00 -38.20 -12.04
CA ALA I 254 -16.92 -38.21 -13.17
C ALA I 254 -16.29 -37.52 -14.37
N HIS I 255 -16.64 -38.02 -15.55
CA HIS I 255 -16.13 -37.48 -16.81
C HIS I 255 -17.28 -37.43 -17.81
N PRO I 256 -17.74 -36.25 -18.21
CA PRO I 256 -18.97 -36.17 -19.01
C PRO I 256 -18.83 -36.71 -20.42
N ALA I 257 -17.65 -36.55 -21.04
CA ALA I 257 -17.45 -37.03 -22.40
C ALA I 257 -17.67 -38.54 -22.49
N SER I 258 -16.98 -39.30 -21.64
CA SER I 258 -17.17 -40.74 -21.56
C SER I 258 -18.32 -41.14 -20.65
N SER I 259 -18.91 -40.20 -19.92
CA SER I 259 -20.01 -40.48 -18.99
C SER I 259 -19.64 -41.58 -18.00
N THR I 260 -18.43 -41.50 -17.45
CA THR I 260 -17.94 -42.49 -16.51
C THR I 260 -18.08 -41.97 -15.08
N LYS I 261 -18.50 -42.85 -14.17
CA LYS I 261 -18.70 -42.51 -12.77
C LYS I 261 -18.23 -43.70 -11.93
N VAL I 262 -17.00 -43.63 -11.44
CA VAL I 262 -16.40 -44.71 -10.67
C VAL I 262 -16.12 -44.21 -9.25
N ASP I 263 -16.02 -45.16 -8.32
CA ASP I 263 -15.84 -44.86 -6.90
C ASP I 263 -14.79 -45.80 -6.34
N LYS I 264 -13.67 -45.24 -5.89
CA LYS I 264 -12.58 -46.02 -5.29
C LYS I 264 -12.19 -45.39 -3.97
N ALA I 265 -12.42 -46.10 -2.87
CA ALA I 265 -12.00 -45.62 -1.57
C ALA I 265 -10.49 -45.71 -1.43
N VAL I 266 -9.95 -44.95 -0.48
CA VAL I 266 -8.52 -44.83 -0.27
C VAL I 266 -8.22 -45.00 1.21
N GLU I 267 -7.29 -45.91 1.52
CA GLU I 267 -6.85 -46.16 2.88
C GLU I 267 -5.33 -46.18 2.94
N PRO I 268 -4.74 -45.78 4.07
CA PRO I 268 -3.28 -45.80 4.23
C PRO I 268 -2.72 -47.22 4.43
N ALA J 2 -15.50 -6.92 -33.19
CA ALA J 2 -14.61 -5.91 -32.63
C ALA J 2 -14.60 -5.94 -31.10
N VAL J 3 -13.89 -4.99 -30.50
CA VAL J 3 -13.52 -5.07 -29.08
C VAL J 3 -13.21 -3.67 -28.58
N LEU J 4 -13.41 -3.44 -27.28
CA LEU J 4 -13.06 -2.19 -26.62
C LEU J 4 -11.64 -2.26 -26.05
N ASN J 5 -11.05 -1.08 -25.82
CA ASN J 5 -9.66 -0.98 -25.38
C ASN J 5 -9.62 -1.02 -23.86
N GLN J 6 -8.84 -1.94 -23.32
CA GLN J 6 -8.48 -2.01 -21.91
C GLN J 6 -6.99 -2.34 -21.84
N PRO J 7 -6.32 -1.97 -20.75
CA PRO J 7 -4.96 -2.46 -20.54
C PRO J 7 -4.97 -3.97 -20.35
N SER J 8 -3.94 -4.64 -20.87
CA SER J 8 -3.85 -6.07 -20.63
C SER J 8 -3.43 -6.37 -19.20
N SER J 9 -2.67 -5.47 -18.58
CA SER J 9 -2.13 -5.69 -17.25
C SER J 9 -2.15 -4.37 -16.48
N VAL J 10 -2.65 -4.42 -15.24
CA VAL J 10 -2.66 -3.27 -14.36
C VAL J 10 -2.27 -3.76 -12.96
N SER J 11 -1.85 -2.81 -12.12
CA SER J 11 -1.38 -3.19 -10.80
C SER J 11 -1.59 -2.03 -9.83
N GLY J 12 -1.82 -2.38 -8.56
CA GLY J 12 -1.91 -1.42 -7.49
C GLY J 12 -1.71 -2.14 -6.17
N SER J 13 -1.44 -1.36 -5.12
CA SER J 13 -1.07 -1.92 -3.83
C SER J 13 -2.27 -2.03 -2.91
N LEU J 14 -2.12 -2.89 -1.90
CA LEU J 14 -3.17 -3.19 -0.94
C LEU J 14 -3.67 -1.91 -0.27
N GLY J 15 -4.99 -1.82 -0.11
CA GLY J 15 -5.60 -0.74 0.64
C GLY J 15 -5.63 0.60 -0.05
N GLN J 16 -4.98 0.76 -1.19
CA GLN J 16 -5.00 2.02 -1.92
C GLN J 16 -6.14 2.00 -2.93
N ARG J 17 -6.01 2.78 -4.01
CA ARG J 17 -7.03 2.88 -5.03
C ARG J 17 -6.39 2.66 -6.40
N VAL J 18 -7.12 1.96 -7.27
CA VAL J 18 -6.69 1.72 -8.64
C VAL J 18 -7.88 1.92 -9.56
N SER J 19 -7.60 2.39 -10.77
CA SER J 19 -8.62 2.62 -11.77
C SER J 19 -8.28 1.84 -13.04
N ILE J 20 -9.32 1.35 -13.70
CA ILE J 20 -9.20 0.55 -14.91
C ILE J 20 -9.94 1.27 -16.03
N THR J 21 -9.21 1.64 -17.08
CA THR J 21 -9.78 2.41 -18.18
C THR J 21 -10.43 1.50 -19.22
N CYS J 22 -11.55 1.97 -19.76
CA CYS J 22 -12.27 1.31 -20.84
C CYS J 22 -12.62 2.36 -21.88
N SER J 23 -11.90 2.36 -22.99
CA SER J 23 -12.01 3.42 -24.00
C SER J 23 -12.58 2.86 -25.28
N GLY J 24 -13.52 3.60 -25.88
CA GLY J 24 -14.13 3.21 -27.14
C GLY J 24 -14.32 4.36 -28.11
N SER J 25 -15.32 4.25 -28.98
CA SER J 25 -15.59 5.24 -30.02
C SER J 25 -16.83 6.04 -29.68
N SER J 26 -17.18 6.97 -30.57
CA SER J 26 -18.37 7.79 -30.40
C SER J 26 -19.66 7.04 -30.64
N SER J 27 -19.60 5.74 -30.94
CA SER J 27 -20.79 4.94 -31.20
C SER J 27 -21.07 3.91 -30.12
N ASN J 28 -20.05 3.44 -29.41
CA ASN J 28 -20.23 2.40 -28.40
C ASN J 28 -20.10 3.01 -26.98
N VAL J 29 -18.93 3.47 -26.59
CA VAL J 29 -18.82 4.19 -25.32
C VAL J 29 -19.31 5.62 -25.48
N GLY J 30 -19.44 6.10 -26.72
CA GLY J 30 -19.95 7.45 -26.95
C GLY J 30 -21.37 7.62 -26.46
N ASN J 31 -22.28 6.75 -26.91
CA ASN J 31 -23.64 6.77 -26.39
C ASN J 31 -23.64 6.54 -24.88
N GLY J 32 -22.73 5.71 -24.39
CA GLY J 32 -22.40 5.65 -22.97
C GLY J 32 -23.32 4.89 -22.05
N TYR J 33 -23.34 3.57 -22.15
CA TYR J 33 -24.03 2.71 -21.20
C TYR J 33 -23.15 1.49 -20.92
N VAL J 34 -21.92 1.79 -20.49
CA VAL J 34 -20.92 0.77 -20.24
C VAL J 34 -21.33 -0.09 -19.05
N SER J 35 -20.91 -1.35 -19.07
CA SER J 35 -21.09 -2.27 -17.97
C SER J 35 -19.73 -2.82 -17.56
N TRP J 36 -19.68 -3.45 -16.39
CA TRP J 36 -18.43 -3.96 -15.84
C TRP J 36 -18.65 -5.33 -15.22
N TYR J 37 -17.61 -6.15 -15.26
CA TYR J 37 -17.71 -7.54 -14.85
C TYR J 37 -16.40 -8.00 -14.21
N GLN J 38 -16.53 -8.78 -13.13
CA GLN J 38 -15.39 -9.30 -12.39
C GLN J 38 -15.26 -10.79 -12.66
N LEU J 39 -14.15 -11.19 -13.26
CA LEU J 39 -13.87 -12.57 -13.66
C LEU J 39 -12.80 -13.17 -12.75
N ILE J 40 -13.23 -13.76 -11.63
CA ILE J 40 -12.30 -14.49 -10.77
C ILE J 40 -12.08 -15.88 -11.35
N PRO J 41 -10.84 -16.35 -11.48
CA PRO J 41 -10.62 -17.64 -12.16
C PRO J 41 -11.34 -18.81 -11.51
N GLY J 42 -11.64 -18.73 -10.22
CA GLY J 42 -12.27 -19.85 -9.54
C GLY J 42 -13.79 -19.82 -9.57
N SER J 43 -14.36 -18.67 -9.91
CA SER J 43 -15.80 -18.46 -9.85
C SER J 43 -16.37 -18.21 -11.24
N ALA J 44 -17.68 -18.08 -11.30
CA ALA J 44 -18.39 -17.61 -12.48
C ALA J 44 -18.45 -16.09 -12.45
N PRO J 45 -18.45 -15.45 -13.62
CA PRO J 45 -18.48 -13.99 -13.68
C PRO J 45 -19.63 -13.42 -12.85
N ARG J 46 -19.32 -12.40 -12.06
CA ARG J 46 -20.35 -11.58 -11.45
C ARG J 46 -20.26 -10.19 -12.08
N THR J 47 -21.42 -9.61 -12.33
CA THR J 47 -21.47 -8.27 -12.88
C THR J 47 -21.18 -7.26 -11.78
N LEU J 48 -20.56 -6.14 -12.16
CA LEU J 48 -20.13 -5.12 -11.21
C LEU J 48 -20.99 -3.87 -11.34
N ILE J 49 -20.81 -3.09 -12.41
CA ILE J 49 -21.54 -1.85 -12.62
C ILE J 49 -22.20 -1.91 -13.99
N TYR J 50 -23.45 -1.47 -14.07
CA TYR J 50 -24.17 -1.33 -15.32
C TYR J 50 -24.59 0.13 -15.49
N GLY J 51 -24.83 0.52 -16.74
CA GLY J 51 -25.23 1.87 -17.05
C GLY J 51 -24.31 2.94 -16.48
N ASP J 52 -23.03 2.86 -16.82
CA ASP J 52 -22.02 3.84 -16.43
C ASP J 52 -21.71 3.82 -14.93
N THR J 53 -22.72 4.05 -14.08
CA THR J 53 -22.45 4.36 -12.69
C THR J 53 -23.18 3.48 -11.69
N SER J 54 -24.34 2.93 -12.07
CA SER J 54 -25.14 2.16 -11.14
C SER J 54 -24.43 0.89 -10.72
N ARG J 55 -24.33 0.67 -9.41
CA ARG J 55 -23.75 -0.55 -8.85
C ARG J 55 -24.81 -1.65 -8.80
N ALA J 56 -24.44 -2.85 -9.24
CA ALA J 56 -25.39 -3.94 -9.34
C ALA J 56 -25.69 -4.52 -7.96
N SER J 57 -26.47 -5.60 -7.95
CA SER J 57 -26.85 -6.25 -6.72
C SER J 57 -25.61 -6.76 -5.98
N GLY J 58 -25.47 -6.33 -4.73
CA GLY J 58 -24.40 -6.83 -3.89
C GLY J 58 -23.02 -6.35 -4.29
N VAL J 59 -22.93 -5.19 -4.92
CA VAL J 59 -21.66 -4.60 -5.30
C VAL J 59 -21.33 -3.53 -4.29
N PRO J 60 -20.35 -3.73 -3.40
CA PRO J 60 -20.02 -2.73 -2.39
C PRO J 60 -19.67 -1.39 -3.03
N ASP J 61 -19.73 -0.34 -2.22
CA ASP J 61 -19.44 1.01 -2.67
C ASP J 61 -17.98 1.20 -3.08
N ARG J 62 -17.09 0.28 -2.72
CA ARG J 62 -15.69 0.41 -3.13
C ARG J 62 -15.55 0.36 -4.65
N PHE J 63 -16.39 -0.42 -5.33
CA PHE J 63 -16.36 -0.51 -6.78
C PHE J 63 -17.18 0.65 -7.33
N SER J 64 -16.50 1.60 -7.99
CA SER J 64 -17.14 2.80 -8.47
C SER J 64 -17.07 2.87 -9.99
N GLY J 65 -18.18 3.21 -10.61
CA GLY J 65 -18.24 3.38 -12.06
C GLY J 65 -18.28 4.86 -12.42
N SER J 66 -17.49 5.22 -13.43
CA SER J 66 -17.41 6.60 -13.90
C SER J 66 -17.07 6.60 -15.38
N ARG J 67 -17.33 7.73 -16.03
CA ARG J 67 -17.17 7.83 -17.47
C ARG J 67 -16.82 9.26 -17.84
N SER J 68 -15.94 9.40 -18.85
CA SER J 68 -15.53 10.70 -19.37
C SER J 68 -15.57 10.62 -20.90
N GLY J 69 -16.74 10.90 -21.48
CA GLY J 69 -16.89 10.94 -22.92
C GLY J 69 -16.73 9.58 -23.59
N ASN J 70 -15.55 9.32 -24.15
CA ASN J 70 -15.28 8.08 -24.86
C ASN J 70 -14.37 7.14 -24.08
N THR J 71 -14.28 7.31 -22.77
CA THR J 71 -13.44 6.44 -21.95
C THR J 71 -14.10 6.28 -20.58
N ALA J 72 -14.60 5.08 -20.32
CA ALA J 72 -15.16 4.75 -19.01
C ALA J 72 -14.04 4.28 -18.09
N THR J 73 -14.32 4.29 -16.79
CA THR J 73 -13.29 4.03 -15.80
C THR J 73 -13.91 3.30 -14.61
N LEU J 74 -13.52 2.05 -14.41
CA LEU J 74 -13.84 1.32 -13.19
C LEU J 74 -12.76 1.59 -12.15
N THR J 75 -13.17 2.02 -10.97
CA THR J 75 -12.25 2.40 -9.91
C THR J 75 -12.58 1.61 -8.66
N ILE J 76 -11.61 0.83 -8.18
CA ILE J 76 -11.78 0.03 -6.98
C ILE J 76 -11.03 0.71 -5.84
N SER J 77 -11.71 0.93 -4.73
CA SER J 77 -11.15 1.57 -3.56
C SER J 77 -10.93 0.56 -2.44
N SER J 78 -10.06 0.92 -1.50
CA SER J 78 -9.66 0.03 -0.41
C SER J 78 -9.34 -1.36 -0.94
N LEU J 79 -8.25 -1.48 -1.69
CA LEU J 79 -7.93 -2.73 -2.36
C LEU J 79 -7.77 -3.87 -1.36
N GLN J 80 -8.26 -5.03 -1.75
CA GLN J 80 -8.08 -6.28 -1.01
C GLN J 80 -7.54 -7.32 -1.97
N ALA J 81 -6.91 -8.36 -1.41
CA ALA J 81 -6.37 -9.42 -2.25
C ALA J 81 -7.47 -10.12 -3.04
N GLU J 82 -8.69 -10.15 -2.49
CA GLU J 82 -9.80 -10.85 -3.12
C GLU J 82 -10.26 -10.21 -4.42
N ASP J 83 -9.91 -8.94 -4.65
CA ASP J 83 -10.28 -8.27 -5.89
C ASP J 83 -9.44 -8.70 -7.07
N GLU J 84 -8.31 -9.38 -6.81
CA GLU J 84 -7.40 -9.83 -7.86
C GLU J 84 -8.12 -10.73 -8.86
N ALA J 85 -8.45 -10.20 -10.04
CA ALA J 85 -9.23 -10.94 -11.03
C ALA J 85 -9.03 -10.30 -12.39
N ASP J 86 -9.80 -10.76 -13.38
CA ASP J 86 -9.88 -10.13 -14.69
C ASP J 86 -11.14 -9.29 -14.77
N TYR J 87 -10.98 -8.01 -15.11
CA TYR J 87 -12.09 -7.08 -15.18
C TYR J 87 -12.38 -6.74 -16.64
N PHE J 88 -13.61 -7.01 -17.07
CA PHE J 88 -14.05 -6.72 -18.43
C PHE J 88 -15.10 -5.62 -18.42
N CYS J 89 -14.96 -4.68 -19.35
CA CYS J 89 -16.00 -3.69 -19.64
C CYS J 89 -16.75 -4.11 -20.90
N ALA J 90 -17.88 -3.45 -21.15
CA ALA J 90 -18.70 -3.82 -22.30
C ALA J 90 -19.72 -2.74 -22.57
N SER J 91 -20.09 -2.62 -23.84
CA SER J 91 -21.15 -1.72 -24.27
C SER J 91 -21.74 -2.27 -25.56
N ALA J 92 -23.02 -1.97 -25.78
CA ALA J 92 -23.68 -2.38 -27.00
C ALA J 92 -23.30 -1.46 -28.15
N GLU J 93 -23.28 -2.01 -29.36
CA GLU J 93 -22.98 -1.23 -30.56
C GLU J 93 -23.99 -1.55 -31.64
N ASP J 94 -24.62 -0.50 -32.19
CA ASP J 94 -25.48 -0.56 -33.36
C ASP J 94 -26.84 -1.18 -33.11
N SER J 95 -26.97 -2.06 -32.12
CA SER J 95 -28.24 -2.70 -31.83
C SER J 95 -28.35 -2.97 -30.35
N SER J 96 -29.60 -2.99 -29.87
CA SER J 96 -29.85 -3.43 -28.50
C SER J 96 -29.56 -4.91 -28.31
N SER J 97 -29.18 -5.62 -29.37
CA SER J 97 -28.97 -7.05 -29.34
C SER J 97 -27.53 -7.46 -29.59
N ASN J 98 -26.63 -6.49 -29.82
CA ASN J 98 -25.21 -6.78 -30.04
C ASN J 98 -24.37 -5.95 -29.09
N ALA J 99 -23.57 -6.63 -28.27
CA ALA J 99 -22.66 -5.98 -27.35
C ALA J 99 -21.23 -6.24 -27.79
N VAL J 100 -20.33 -5.34 -27.39
CA VAL J 100 -18.90 -5.50 -27.58
C VAL J 100 -18.24 -5.50 -26.21
N PHE J 101 -17.22 -6.33 -26.04
CA PHE J 101 -16.52 -6.46 -24.78
C PHE J 101 -15.11 -5.88 -24.93
N GLY J 102 -14.56 -5.41 -23.82
CA GLY J 102 -13.18 -4.98 -23.82
C GLY J 102 -12.21 -6.15 -23.77
N SER J 103 -10.95 -5.84 -24.08
CA SER J 103 -9.91 -6.87 -24.01
C SER J 103 -9.76 -7.43 -22.60
N GLY J 104 -10.12 -6.66 -21.58
CA GLY J 104 -10.05 -7.12 -20.21
C GLY J 104 -8.70 -6.88 -19.56
N THR J 105 -8.71 -6.32 -18.36
CA THR J 105 -7.50 -6.13 -17.58
C THR J 105 -7.38 -7.20 -16.50
N THR J 106 -6.15 -7.48 -16.11
CA THR J 106 -5.86 -8.44 -15.04
C THR J 106 -5.29 -7.65 -13.86
N LEU J 107 -6.12 -7.40 -12.86
CA LEU J 107 -5.72 -6.61 -11.70
C LEU J 107 -4.85 -7.44 -10.77
N THR J 108 -3.82 -6.79 -10.22
CA THR J 108 -2.86 -7.44 -9.35
C THR J 108 -2.67 -6.59 -8.11
N VAL J 109 -2.84 -7.20 -6.94
CA VAL J 109 -2.72 -6.50 -5.66
C VAL J 109 -1.36 -6.83 -5.07
N LEU J 110 -0.52 -5.80 -4.91
CA LEU J 110 0.81 -5.98 -4.34
C LEU J 110 0.74 -6.37 -2.87
N SER J 118 3.42 -25.50 0.83
CA SER J 118 3.05 -26.79 1.40
C SER J 118 3.24 -27.90 0.38
N VAL J 119 4.21 -28.78 0.63
CA VAL J 119 4.58 -29.85 -0.28
C VAL J 119 4.35 -31.18 0.40
N THR J 120 3.56 -32.03 -0.24
CA THR J 120 3.41 -33.44 0.14
C THR J 120 3.69 -34.28 -1.09
N LEU J 121 4.55 -35.28 -0.93
CA LEU J 121 4.97 -36.15 -2.03
C LEU J 121 4.25 -37.49 -1.94
N PHE J 122 3.82 -38.00 -3.10
CA PHE J 122 3.05 -39.22 -3.17
C PHE J 122 3.77 -40.28 -4.00
N PRO J 123 3.89 -41.51 -3.51
CA PRO J 123 4.38 -42.60 -4.35
C PRO J 123 3.27 -43.15 -5.23
N PRO J 124 3.58 -43.98 -6.21
CA PRO J 124 2.53 -44.56 -7.05
C PRO J 124 1.67 -45.54 -6.27
N SER J 125 0.41 -45.63 -6.68
CA SER J 125 -0.52 -46.55 -6.03
C SER J 125 -0.08 -47.99 -6.24
N THR J 126 -0.47 -48.85 -5.29
CA THR J 126 -0.20 -50.28 -5.44
C THR J 126 -0.89 -50.84 -6.68
N GLU J 127 -2.05 -50.27 -7.04
CA GLU J 127 -2.77 -50.73 -8.22
C GLU J 127 -2.06 -50.34 -9.52
N GLU J 128 -1.35 -49.21 -9.51
CA GLU J 128 -0.74 -48.70 -10.74
C GLU J 128 0.45 -49.54 -11.17
N LEU J 129 1.26 -50.01 -10.20
CA LEU J 129 2.42 -50.84 -10.54
C LEU J 129 2.03 -52.17 -11.15
N ASN J 130 0.75 -52.55 -11.08
CA ASN J 130 0.28 -53.76 -11.76
C ASN J 130 0.24 -53.59 -13.27
N GLY J 131 0.23 -52.36 -13.77
CA GLY J 131 0.32 -52.11 -15.19
C GLY J 131 1.73 -51.73 -15.60
N ASN J 132 2.69 -52.04 -14.73
CA ASN J 132 4.10 -51.72 -14.91
C ASN J 132 4.35 -50.23 -15.15
N LYS J 133 3.40 -49.40 -14.73
CA LYS J 133 3.51 -47.95 -14.82
C LYS J 133 3.56 -47.35 -13.43
N ALA J 134 4.17 -46.18 -13.32
CA ALA J 134 4.34 -45.52 -12.03
C ALA J 134 4.33 -44.01 -12.24
N THR J 135 3.79 -43.30 -11.26
CA THR J 135 3.68 -41.84 -11.34
C THR J 135 3.91 -41.24 -9.98
N LEU J 136 4.93 -40.38 -9.86
CA LEU J 136 5.19 -39.62 -8.66
C LEU J 136 4.37 -38.33 -8.68
N VAL J 137 3.64 -38.07 -7.61
CA VAL J 137 2.76 -36.91 -7.51
C VAL J 137 3.31 -36.00 -6.42
N CYS J 138 3.75 -34.80 -6.81
CA CYS J 138 4.24 -33.79 -5.87
C CYS J 138 3.27 -32.61 -5.94
N LEU J 139 2.45 -32.47 -4.90
CA LEU J 139 1.38 -31.48 -4.87
C LEU J 139 1.79 -30.31 -3.99
N ILE J 140 1.73 -29.10 -4.55
CA ILE J 140 2.18 -27.88 -3.87
C ILE J 140 0.97 -26.97 -3.66
N SER J 141 0.87 -26.40 -2.45
CA SER J 141 -0.28 -25.58 -2.10
C SER J 141 0.16 -24.44 -1.19
N ASP J 142 -0.64 -23.37 -1.21
CA ASP J 142 -0.55 -22.23 -0.28
C ASP J 142 0.86 -21.63 -0.26
N PHE J 143 1.20 -20.98 -1.37
CA PHE J 143 2.41 -20.19 -1.46
C PHE J 143 2.11 -18.91 -2.21
N TYR J 144 2.91 -17.88 -1.93
CA TYR J 144 2.80 -16.61 -2.64
C TYR J 144 4.17 -15.94 -2.64
N PRO J 145 4.66 -15.44 -3.79
CA PRO J 145 4.00 -15.42 -5.09
C PRO J 145 4.14 -16.73 -5.87
N GLY J 146 3.38 -16.84 -6.97
CA GLY J 146 3.32 -18.06 -7.73
C GLY J 146 4.52 -18.33 -8.62
N SER J 147 5.70 -18.49 -8.03
CA SER J 147 6.92 -18.83 -8.76
C SER J 147 7.58 -20.02 -8.07
N VAL J 148 7.57 -21.17 -8.74
CA VAL J 148 8.12 -22.40 -8.20
C VAL J 148 8.99 -23.07 -9.26
N THR J 149 10.15 -23.56 -8.84
CA THR J 149 11.07 -24.31 -9.70
C THR J 149 11.16 -25.73 -9.17
N VAL J 150 10.57 -26.67 -9.91
CA VAL J 150 10.57 -28.07 -9.52
C VAL J 150 11.75 -28.77 -10.17
N VAL J 151 12.62 -29.35 -9.35
CA VAL J 151 13.75 -30.16 -9.82
C VAL J 151 13.69 -31.50 -9.10
N TRP J 152 13.67 -32.59 -9.88
CA TRP J 152 13.59 -33.93 -9.34
C TRP J 152 14.99 -34.47 -9.08
N LYS J 153 15.19 -35.06 -7.90
CA LYS J 153 16.49 -35.60 -7.50
C LYS J 153 16.41 -37.10 -7.29
N ALA J 154 17.42 -37.81 -7.79
CA ALA J 154 17.55 -39.26 -7.63
C ALA J 154 18.97 -39.57 -7.16
N ASP J 155 19.10 -39.87 -5.86
CA ASP J 155 20.39 -40.13 -5.23
C ASP J 155 21.34 -38.94 -5.40
N GLY J 156 20.82 -37.74 -5.20
CA GLY J 156 21.61 -36.52 -5.31
C GLY J 156 21.70 -35.95 -6.71
N SER J 157 21.45 -36.75 -7.73
CA SER J 157 21.47 -36.28 -9.11
C SER J 157 20.07 -35.92 -9.57
N THR J 158 19.99 -35.11 -10.61
CA THR J 158 18.74 -34.51 -11.05
C THR J 158 18.13 -35.26 -12.23
N ILE J 159 16.80 -35.35 -12.25
CA ILE J 159 16.06 -36.09 -13.26
C ILE J 159 15.45 -35.10 -14.26
N THR J 160 15.57 -35.42 -15.55
CA THR J 160 15.01 -34.59 -16.61
C THR J 160 13.92 -35.27 -17.42
N ARG J 161 13.98 -36.58 -17.58
CA ARG J 161 13.04 -37.29 -18.43
C ARG J 161 11.71 -37.51 -17.70
N ASN J 162 10.61 -37.37 -18.45
CA ASN J 162 9.25 -37.61 -17.95
C ASN J 162 8.89 -36.68 -16.80
N VAL J 163 9.47 -35.48 -16.78
CA VAL J 163 9.08 -34.46 -15.82
C VAL J 163 7.96 -33.63 -16.43
N GLU J 164 6.80 -33.62 -15.77
CA GLU J 164 5.63 -32.90 -16.25
C GLU J 164 5.05 -32.10 -15.09
N THR J 165 5.11 -30.78 -15.18
CA THR J 165 4.64 -29.89 -14.14
C THR J 165 3.59 -28.95 -14.72
N THR J 166 2.57 -28.62 -13.92
CA THR J 166 1.56 -27.66 -14.35
C THR J 166 2.02 -26.25 -14.03
N ARG J 167 1.52 -25.30 -14.82
CA ARG J 167 1.74 -23.89 -14.51
C ARG J 167 1.03 -23.54 -13.21
N ALA J 168 1.58 -22.58 -12.48
CA ALA J 168 0.97 -22.16 -11.22
C ALA J 168 -0.38 -21.51 -11.48
N SER J 169 -1.35 -21.83 -10.63
CA SER J 169 -2.70 -21.30 -10.74
C SER J 169 -3.17 -20.88 -9.34
N LYS J 170 -3.75 -19.70 -9.23
CA LYS J 170 -4.14 -19.19 -7.93
C LYS J 170 -5.47 -19.81 -7.49
N GLN J 171 -5.54 -20.17 -6.21
CA GLN J 171 -6.74 -20.74 -5.63
C GLN J 171 -7.74 -19.62 -5.31
N SER J 172 -8.70 -19.91 -4.42
CA SER J 172 -9.71 -18.91 -4.09
C SER J 172 -9.11 -17.77 -3.28
N ASN J 173 -8.31 -18.09 -2.26
CA ASN J 173 -7.72 -17.09 -1.36
C ASN J 173 -6.51 -16.38 -1.95
N SER J 174 -6.54 -16.07 -3.25
CA SER J 174 -5.48 -15.32 -3.94
C SER J 174 -4.09 -15.93 -3.73
N LYS J 175 -4.03 -17.22 -3.42
CA LYS J 175 -2.78 -17.95 -3.30
C LYS J 175 -2.73 -19.00 -4.40
N TYR J 176 -1.52 -19.29 -4.87
CA TYR J 176 -1.33 -20.11 -6.05
C TYR J 176 -1.03 -21.56 -5.68
N ALA J 177 -1.40 -22.47 -6.59
CA ALA J 177 -1.23 -23.90 -6.38
C ALA J 177 -0.74 -24.54 -7.67
N ALA J 178 0.00 -25.64 -7.53
CA ALA J 178 0.61 -26.31 -8.67
C ALA J 178 0.62 -27.81 -8.43
N SER J 179 1.30 -28.53 -9.32
CA SER J 179 1.45 -29.97 -9.24
C SER J 179 2.51 -30.38 -10.25
N SER J 180 3.34 -31.36 -9.88
CA SER J 180 4.42 -31.83 -10.73
C SER J 180 4.40 -33.36 -10.73
N TYR J 181 4.44 -33.96 -11.92
CA TYR J 181 4.26 -35.39 -12.08
C TYR J 181 5.48 -36.00 -12.76
N LEU J 182 6.00 -37.07 -12.18
CA LEU J 182 7.09 -37.86 -12.77
C LEU J 182 6.50 -39.20 -13.21
N SER J 183 6.25 -39.34 -14.51
CA SER J 183 5.65 -40.54 -15.07
C SER J 183 6.74 -41.58 -15.31
N LEU J 184 6.82 -42.58 -14.44
CA LEU J 184 7.83 -43.62 -14.50
C LEU J 184 7.20 -44.96 -14.88
N THR J 185 8.03 -46.00 -14.92
CA THR J 185 7.57 -47.38 -15.02
C THR J 185 7.92 -48.10 -13.74
N SER J 186 7.17 -49.16 -13.45
CA SER J 186 7.35 -49.89 -12.20
C SER J 186 8.76 -50.46 -12.05
N SER J 187 9.47 -50.67 -13.16
CA SER J 187 10.82 -51.22 -13.11
C SER J 187 11.81 -50.18 -12.59
N ASP J 188 12.02 -49.10 -13.34
CA ASP J 188 13.01 -48.11 -12.91
C ASP J 188 12.55 -47.30 -11.70
N TRP J 189 11.34 -47.54 -11.19
CA TRP J 189 10.95 -46.92 -9.92
C TRP J 189 11.70 -47.56 -8.75
N LYS J 190 11.89 -48.88 -8.80
CA LYS J 190 12.71 -49.56 -7.80
C LYS J 190 14.20 -49.39 -8.04
N SER J 191 14.59 -48.76 -9.15
CA SER J 191 16.01 -48.72 -9.53
C SER J 191 16.81 -47.84 -8.59
N LYS J 192 16.37 -46.60 -8.39
CA LYS J 192 17.09 -45.68 -7.52
C LYS J 192 16.77 -45.97 -6.05
N GLY J 193 17.63 -45.46 -5.17
CA GLY J 193 17.44 -45.66 -3.75
C GLY J 193 16.62 -44.58 -3.09
N SER J 194 16.62 -43.38 -3.68
CA SER J 194 15.93 -42.23 -3.09
C SER J 194 15.45 -41.31 -4.20
N TYR J 195 14.22 -40.78 -4.02
CA TYR J 195 13.63 -39.79 -4.90
C TYR J 195 13.24 -38.56 -4.09
N SER J 196 13.49 -37.37 -4.64
CA SER J 196 13.25 -36.12 -3.95
C SER J 196 12.53 -35.15 -4.88
N CYS J 197 11.60 -34.37 -4.31
CA CYS J 197 10.89 -33.33 -5.04
C CYS J 197 11.35 -31.99 -4.47
N GLU J 198 12.43 -31.45 -5.04
CA GLU J 198 13.02 -30.19 -4.60
C GLU J 198 12.32 -29.05 -5.32
N VAL J 199 11.42 -28.36 -4.62
CA VAL J 199 10.77 -27.17 -5.15
C VAL J 199 11.33 -25.96 -4.40
N THR J 200 11.62 -24.89 -5.15
CA THR J 200 12.18 -23.67 -4.61
C THR J 200 11.21 -22.53 -4.80
N HIS J 201 11.07 -21.70 -3.76
CA HIS J 201 10.13 -20.57 -3.78
C HIS J 201 10.83 -19.38 -3.14
N GLU J 202 11.25 -18.42 -3.97
CA GLU J 202 11.89 -17.18 -3.51
C GLU J 202 13.15 -17.47 -2.68
N GLY J 203 13.94 -18.45 -3.14
CA GLY J 203 15.18 -18.80 -2.49
C GLY J 203 15.10 -19.93 -1.49
N SER J 204 13.91 -20.24 -1.00
CA SER J 204 13.72 -21.31 -0.03
C SER J 204 13.30 -22.59 -0.73
N THR J 205 13.92 -23.71 -0.34
CA THR J 205 13.65 -25.01 -0.95
C THR J 205 12.99 -25.90 0.08
N VAL J 206 11.74 -26.28 -0.18
CA VAL J 206 11.04 -27.27 0.62
C VAL J 206 11.05 -28.58 -0.15
N THR J 207 11.55 -29.64 0.48
CA THR J 207 11.77 -30.91 -0.20
C THR J 207 11.11 -32.03 0.59
N LYS J 208 10.38 -32.89 -0.13
CA LYS J 208 9.86 -34.14 0.42
C LYS J 208 10.47 -35.30 -0.35
N THR J 209 10.75 -36.39 0.34
CA THR J 209 11.50 -37.50 -0.23
C THR J 209 10.84 -38.83 0.14
N VAL J 210 10.70 -39.71 -0.85
CA VAL J 210 10.22 -41.07 -0.63
C VAL J 210 11.24 -42.03 -1.19
N LYS J 211 11.36 -43.19 -0.55
CA LYS J 211 12.31 -44.21 -0.96
C LYS J 211 11.56 -45.48 -1.37
N PRO J 212 11.94 -46.10 -2.49
CA PRO J 212 11.15 -47.24 -2.98
C PRO J 212 11.19 -48.45 -2.07
N SER J 213 12.37 -48.79 -1.54
CA SER J 213 12.49 -50.00 -0.74
C SER J 213 11.74 -49.86 0.59
N GLU J 214 11.99 -48.78 1.33
CA GLU J 214 11.44 -48.61 2.66
C GLU J 214 10.05 -47.97 2.65
N CYS J 215 9.22 -48.28 1.67
CA CYS J 215 7.86 -47.75 1.60
C CYS J 215 6.78 -48.81 1.73
N SER J 216 7.02 -50.03 1.26
CA SER J 216 6.06 -51.12 1.33
C SER J 216 4.72 -50.76 0.72
N GLN K 1 15.65 -5.69 -53.35
CA GLN K 1 14.32 -5.62 -52.76
C GLN K 1 14.32 -6.16 -51.32
N VAL K 2 13.51 -5.55 -50.46
CA VAL K 2 13.41 -5.98 -49.06
C VAL K 2 12.43 -7.14 -48.98
N GLN K 3 12.91 -8.29 -48.50
CA GLN K 3 12.10 -9.50 -48.39
C GLN K 3 12.40 -10.18 -47.08
N LEU K 4 11.34 -10.64 -46.41
CA LEU K 4 11.45 -11.34 -45.13
C LEU K 4 10.90 -12.75 -45.29
N ARG K 5 11.68 -13.74 -44.88
CA ARG K 5 11.29 -15.14 -44.96
C ARG K 5 11.32 -15.73 -43.56
N GLU K 6 10.18 -16.22 -43.10
CA GLU K 6 10.05 -16.84 -41.79
C GLU K 6 10.10 -18.35 -41.92
N SER K 7 10.86 -19.00 -41.03
CA SER K 7 11.10 -20.43 -41.11
C SER K 7 10.90 -21.07 -39.75
N GLY K 8 10.24 -22.23 -39.74
CA GLY K 8 10.02 -22.97 -38.52
C GLY K 8 9.09 -24.15 -38.70
N PRO K 9 8.84 -24.88 -37.63
CA PRO K 9 7.87 -25.99 -37.69
C PRO K 9 6.45 -25.48 -37.73
N SER K 10 5.62 -26.12 -38.56
CA SER K 10 4.22 -25.77 -38.65
C SER K 10 3.35 -26.55 -37.67
N LEU K 11 3.94 -27.48 -36.90
CA LEU K 11 3.27 -28.16 -35.80
C LEU K 11 4.23 -28.23 -34.62
N VAL K 12 3.69 -28.03 -33.43
CA VAL K 12 4.43 -28.18 -32.18
C VAL K 12 3.49 -28.73 -31.13
N LYS K 13 3.93 -29.74 -30.41
CA LYS K 13 3.14 -30.32 -29.34
C LYS K 13 3.15 -29.42 -28.11
N PRO K 14 2.08 -29.46 -27.31
CA PRO K 14 1.99 -28.59 -26.13
C PRO K 14 3.17 -28.73 -25.18
N SER K 15 3.40 -27.68 -24.40
CA SER K 15 4.40 -27.64 -23.34
C SER K 15 5.82 -27.80 -23.89
N GLN K 16 6.04 -27.37 -25.13
CA GLN K 16 7.37 -27.37 -25.74
C GLN K 16 7.82 -25.92 -25.95
N THR K 17 9.02 -25.76 -26.48
CA THR K 17 9.57 -24.43 -26.77
C THR K 17 9.54 -24.22 -28.28
N LEU K 18 8.60 -23.39 -28.72
CA LEU K 18 8.50 -23.05 -30.15
C LEU K 18 9.62 -22.09 -30.51
N SER K 19 10.49 -22.52 -31.41
CA SER K 19 11.62 -21.72 -31.88
C SER K 19 11.45 -21.42 -33.35
N LEU K 20 11.50 -20.15 -33.72
CA LEU K 20 11.32 -19.72 -35.10
C LEU K 20 12.56 -18.99 -35.58
N THR K 21 12.53 -18.62 -36.86
CA THR K 21 13.68 -18.01 -37.51
C THR K 21 13.21 -17.16 -38.68
N CYS K 22 13.74 -15.94 -38.79
CA CYS K 22 13.42 -15.02 -39.87
C CYS K 22 14.71 -14.73 -40.65
N THR K 23 14.69 -15.05 -41.94
CA THR K 23 15.83 -14.77 -42.81
C THR K 23 15.60 -13.44 -43.52
N ALA K 24 16.55 -12.52 -43.38
CA ALA K 24 16.43 -11.18 -43.93
C ALA K 24 17.21 -11.12 -45.25
N SER K 25 16.50 -10.81 -46.34
CA SER K 25 17.11 -10.62 -47.65
C SER K 25 16.75 -9.23 -48.14
N GLY K 26 17.76 -8.44 -48.48
CA GLY K 26 17.55 -7.08 -48.96
C GLY K 26 18.11 -5.98 -48.08
N PHE K 27 18.72 -6.29 -46.93
CA PHE K 27 19.31 -5.28 -46.06
C PHE K 27 20.20 -6.00 -45.05
N SER K 28 20.76 -5.24 -44.11
CA SER K 28 21.60 -5.79 -43.05
C SER K 28 20.99 -5.45 -41.70
N LEU K 29 21.19 -6.34 -40.73
CA LEU K 29 20.68 -6.15 -39.38
C LEU K 29 21.50 -5.16 -38.58
N SER K 30 22.27 -4.29 -39.24
CA SER K 30 22.99 -3.20 -38.60
C SER K 30 22.30 -1.86 -38.80
N ASP K 31 21.27 -1.79 -39.64
CA ASP K 31 20.54 -0.55 -39.89
C ASP K 31 19.03 -0.74 -39.85
N LYS K 32 18.53 -1.87 -39.36
CA LYS K 32 17.11 -2.12 -39.30
C LYS K 32 16.78 -2.95 -38.06
N ALA K 33 15.77 -2.53 -37.32
CA ALA K 33 15.24 -3.30 -36.20
C ALA K 33 14.15 -4.24 -36.70
N VAL K 34 14.03 -5.39 -36.06
CA VAL K 34 13.11 -6.44 -36.47
C VAL K 34 12.22 -6.82 -35.29
N GLY K 35 10.92 -6.91 -35.55
CA GLY K 35 9.97 -7.30 -34.52
C GLY K 35 9.15 -8.52 -34.90
N TRP K 36 8.60 -9.20 -33.90
CA TRP K 36 7.76 -10.37 -34.09
C TRP K 36 6.32 -10.05 -33.72
N VAL K 37 5.41 -10.30 -34.66
CA VAL K 37 3.98 -10.15 -34.43
C VAL K 37 3.30 -11.45 -34.82
N ARG K 38 2.31 -11.86 -34.04
CA ARG K 38 1.49 -13.02 -34.35
C ARG K 38 0.04 -12.60 -34.45
N GLN K 39 -0.79 -13.52 -34.94
CA GLN K 39 -2.22 -13.24 -35.11
C GLN K 39 -2.97 -14.56 -35.12
N ALA K 40 -3.66 -14.85 -34.02
CA ALA K 40 -4.56 -16.00 -34.01
C ALA K 40 -5.72 -15.75 -34.97
N PRO K 41 -6.28 -16.80 -35.56
CA PRO K 41 -7.33 -16.61 -36.56
C PRO K 41 -8.59 -16.01 -35.93
N GLY K 42 -9.10 -14.96 -36.56
CA GLY K 42 -10.22 -14.24 -35.99
C GLY K 42 -9.88 -13.32 -34.85
N LYS K 43 -8.60 -13.05 -34.61
CA LYS K 43 -8.14 -12.17 -33.55
C LYS K 43 -7.54 -10.90 -34.12
N ALA K 44 -7.21 -9.99 -33.21
CA ALA K 44 -6.36 -8.86 -33.54
C ALA K 44 -4.90 -9.23 -33.27
N LEU K 45 -4.00 -8.52 -33.95
CA LEU K 45 -2.57 -8.84 -33.89
C LEU K 45 -2.02 -8.65 -32.48
N GLU K 46 -1.16 -9.57 -32.08
CA GLU K 46 -0.55 -9.58 -30.76
C GLU K 46 0.95 -9.34 -30.92
N TRP K 47 1.45 -8.28 -30.29
CA TRP K 47 2.86 -7.95 -30.37
C TRP K 47 3.68 -8.88 -29.48
N LEU K 48 4.80 -9.37 -30.00
CA LEU K 48 5.67 -10.26 -29.23
C LEU K 48 6.90 -9.54 -28.69
N GLY K 49 7.74 -9.02 -29.57
CA GLY K 49 8.97 -8.37 -29.14
C GLY K 49 9.82 -8.01 -30.33
N SER K 50 10.86 -7.23 -30.06
CA SER K 50 11.73 -6.72 -31.10
C SER K 50 13.16 -6.66 -30.60
N ILE K 51 14.08 -6.62 -31.56
CA ILE K 51 15.50 -6.43 -31.29
C ILE K 51 16.01 -5.29 -32.15
N ASP K 52 16.71 -4.35 -31.53
CA ASP K 52 17.26 -3.20 -32.24
C ASP K 52 18.45 -3.63 -33.09
N THR K 53 19.14 -2.66 -33.67
CA THR K 53 20.41 -2.96 -34.32
C THR K 53 21.50 -3.26 -33.29
N GLY K 54 21.45 -2.60 -32.13
CA GLY K 54 22.49 -2.72 -31.13
C GLY K 54 22.46 -3.99 -30.30
N GLY K 55 21.43 -4.81 -30.46
CA GLY K 55 21.32 -6.05 -29.70
C GLY K 55 20.43 -5.97 -28.48
N SER K 56 20.02 -4.77 -28.07
CA SER K 56 19.10 -4.65 -26.95
C SER K 56 17.73 -5.17 -27.36
N THR K 57 17.04 -5.81 -26.42
CA THR K 57 15.79 -6.48 -26.72
C THR K 57 14.66 -5.87 -25.90
N GLY K 58 13.46 -5.87 -26.47
CA GLY K 58 12.27 -5.42 -25.79
C GLY K 58 11.04 -6.22 -26.19
N TYR K 59 10.36 -6.81 -25.22
CA TYR K 59 9.23 -7.70 -25.49
C TYR K 59 7.94 -7.12 -24.92
N ASN K 60 6.84 -7.78 -25.28
CA ASN K 60 5.57 -7.54 -24.62
C ASN K 60 5.68 -7.97 -23.16
N PRO K 61 5.27 -7.12 -22.21
CA PRO K 61 5.52 -7.44 -20.78
C PRO K 61 4.83 -8.70 -20.31
N GLY K 62 3.57 -8.91 -20.71
CA GLY K 62 2.83 -10.06 -20.22
C GLY K 62 3.44 -11.39 -20.65
N LEU K 63 4.11 -11.40 -21.80
CA LEU K 63 4.67 -12.61 -22.37
C LEU K 63 6.19 -12.67 -22.25
N LYS K 64 6.81 -11.71 -21.56
CA LYS K 64 8.26 -11.66 -21.47
C LYS K 64 8.82 -12.87 -20.72
N SER K 65 8.09 -13.36 -19.70
CA SER K 65 8.58 -14.51 -18.94
C SER K 65 8.92 -15.69 -19.84
N ARG K 66 8.09 -15.92 -20.87
CA ARG K 66 8.26 -17.05 -21.77
C ARG K 66 8.97 -16.69 -23.07
N LEU K 67 9.08 -15.41 -23.40
CA LEU K 67 9.64 -15.00 -24.67
C LEU K 67 11.15 -14.85 -24.59
N SER K 68 11.81 -15.03 -25.73
CA SER K 68 13.27 -14.87 -25.82
C SER K 68 13.63 -14.66 -27.28
N ILE K 69 14.23 -13.52 -27.59
CA ILE K 69 14.62 -13.16 -28.94
C ILE K 69 16.14 -12.95 -28.97
N THR K 70 16.78 -13.54 -29.97
CA THR K 70 18.19 -13.29 -30.26
C THR K 70 18.35 -13.17 -31.77
N LYS K 71 19.55 -12.79 -32.19
CA LYS K 71 19.83 -12.61 -33.61
C LYS K 71 21.26 -13.02 -33.89
N ASP K 72 21.59 -13.07 -35.18
CA ASP K 72 22.95 -13.32 -35.65
C ASP K 72 23.23 -12.31 -36.77
N ASN K 73 23.99 -11.26 -36.45
CA ASN K 73 24.22 -10.19 -37.41
C ASN K 73 24.93 -10.68 -38.68
N SER K 74 25.50 -11.89 -38.65
CA SER K 74 26.24 -12.41 -39.80
C SER K 74 25.29 -12.90 -40.89
N GLU K 75 24.66 -14.05 -40.68
CA GLU K 75 23.79 -14.65 -41.68
C GLU K 75 22.46 -13.90 -41.83
N SER K 76 22.31 -12.72 -41.23
CA SER K 76 21.11 -11.88 -41.37
C SER K 76 19.86 -12.62 -40.90
N GLN K 77 19.90 -13.08 -39.65
CA GLN K 77 18.84 -13.92 -39.13
C GLN K 77 18.54 -13.53 -37.68
N VAL K 78 17.25 -13.57 -37.33
CA VAL K 78 16.76 -13.28 -35.99
C VAL K 78 15.90 -14.43 -35.51
N SER K 79 16.03 -14.78 -34.24
CA SER K 79 15.33 -15.93 -33.68
C SER K 79 14.31 -15.51 -32.64
N LEU K 80 13.37 -16.41 -32.38
CA LEU K 80 12.30 -16.21 -31.41
C LEU K 80 12.13 -17.50 -30.63
N SER K 81 11.94 -17.38 -29.32
CA SER K 81 11.83 -18.56 -28.44
C SER K 81 10.64 -18.39 -27.51
N VAL K 82 9.47 -18.84 -27.98
CA VAL K 82 8.29 -18.94 -27.13
C VAL K 82 8.35 -20.27 -26.39
N SER K 83 8.22 -20.23 -25.07
CA SER K 83 8.31 -21.42 -24.25
C SER K 83 6.97 -21.77 -23.62
N SER K 84 6.82 -23.04 -23.28
CA SER K 84 5.64 -23.57 -22.60
C SER K 84 4.36 -23.23 -23.37
N VAL K 85 4.35 -23.65 -24.64
CA VAL K 85 3.25 -23.25 -25.52
C VAL K 85 1.98 -24.01 -25.16
N THR K 86 0.85 -23.43 -25.55
CA THR K 86 -0.46 -24.02 -25.34
C THR K 86 -1.28 -23.87 -26.62
N THR K 87 -2.51 -24.38 -26.58
CA THR K 87 -3.41 -24.21 -27.71
C THR K 87 -3.70 -22.75 -28.00
N GLU K 88 -3.49 -21.86 -27.03
CA GLU K 88 -3.72 -20.44 -27.24
C GLU K 88 -2.65 -19.83 -28.14
N ASP K 89 -1.42 -20.37 -28.10
CA ASP K 89 -0.32 -19.81 -28.88
C ASP K 89 -0.46 -20.09 -30.37
N SER K 90 -1.40 -20.93 -30.78
CA SER K 90 -1.64 -21.17 -32.21
C SER K 90 -1.98 -19.85 -32.90
N ALA K 91 -1.09 -19.40 -33.77
CA ALA K 91 -1.27 -18.14 -34.50
C ALA K 91 -0.35 -18.14 -35.69
N THR K 92 -0.59 -17.18 -36.60
CA THR K 92 0.32 -16.93 -37.70
C THR K 92 1.36 -15.93 -37.26
N TYR K 93 2.63 -16.28 -37.39
CA TYR K 93 3.74 -15.46 -36.90
C TYR K 93 4.34 -14.66 -38.05
N TYR K 94 4.30 -13.34 -37.93
CA TYR K 94 4.80 -12.44 -38.96
C TYR K 94 6.12 -11.82 -38.51
N CYS K 95 7.11 -11.83 -39.40
CA CYS K 95 8.40 -11.18 -39.18
C CYS K 95 8.37 -9.79 -39.80
N THR K 96 8.76 -8.78 -39.02
CA THR K 96 8.57 -7.40 -39.42
C THR K 96 9.81 -6.58 -39.14
N THR K 97 10.11 -5.65 -40.03
CA THR K 97 11.03 -4.56 -39.73
C THR K 97 10.23 -3.41 -39.11
N VAL K 98 10.67 -2.95 -37.95
CA VAL K 98 9.97 -1.89 -37.24
C VAL K 98 10.91 -0.72 -37.05
N HIS K 99 10.33 0.43 -36.76
CA HIS K 99 11.09 1.64 -36.44
C HIS K 99 10.58 2.16 -35.11
N GLN K 100 11.51 2.39 -34.17
CA GLN K 100 11.16 2.70 -32.80
C GLN K 100 11.81 4.03 -32.39
N TYR K 101 11.02 4.90 -31.76
CA TYR K 101 11.50 6.23 -31.41
C TYR K 101 10.81 6.69 -30.12
N THR K 102 11.47 7.60 -29.41
CA THR K 102 10.97 8.17 -28.16
C THR K 102 10.82 9.69 -28.35
N HIS K 103 9.62 10.11 -28.73
CA HIS K 103 9.31 11.53 -28.84
C HIS K 103 9.21 12.14 -27.45
N LYS K 104 9.94 13.24 -27.22
CA LYS K 104 9.80 14.02 -26.01
C LYS K 104 8.86 15.20 -26.26
N ARG K 105 8.01 15.50 -25.29
CA ARG K 105 6.91 16.44 -25.46
C ARG K 105 7.13 17.65 -24.53
N CYS K 106 7.31 18.82 -25.15
CA CYS K 106 7.36 20.09 -24.44
C CYS K 106 6.23 20.99 -24.91
N PRO K 107 5.70 21.85 -24.03
CA PRO K 107 4.59 22.74 -24.42
C PRO K 107 5.03 23.76 -25.46
N ASP K 108 4.04 24.42 -26.06
CA ASP K 108 4.31 25.48 -27.02
C ASP K 108 4.81 26.72 -26.28
N GLY K 109 6.06 27.11 -26.58
CA GLY K 109 6.74 28.17 -25.86
C GLY K 109 8.04 27.71 -25.23
N TYR K 110 8.13 26.43 -24.88
CA TYR K 110 9.34 25.81 -24.35
C TYR K 110 9.98 24.92 -25.40
N THR K 111 11.26 24.60 -25.21
CA THR K 111 11.98 23.71 -26.09
C THR K 111 12.82 22.75 -25.25
N TYR K 112 13.08 21.58 -25.82
CA TYR K 112 13.79 20.53 -25.09
C TYR K 112 15.28 20.80 -25.12
N GLY K 113 15.86 21.01 -23.94
CA GLY K 113 17.27 21.30 -23.80
C GLY K 113 17.78 20.73 -22.49
N TYR K 114 19.07 20.93 -22.26
CA TYR K 114 19.75 20.36 -21.10
C TYR K 114 20.23 21.49 -20.20
N TRP K 115 19.95 21.36 -18.91
CA TRP K 115 20.62 22.20 -17.93
C TRP K 115 22.11 21.97 -18.02
N CYS K 116 22.89 22.98 -17.66
CA CYS K 116 24.33 22.88 -17.86
C CYS K 116 24.90 21.93 -16.83
N GLY K 117 25.26 20.73 -17.26
CA GLY K 117 25.75 19.71 -16.36
C GLY K 117 24.83 18.51 -16.27
N TYR K 118 23.53 18.75 -16.11
CA TYR K 118 22.55 17.67 -15.99
C TYR K 118 22.28 17.07 -17.37
N GLY K 119 22.58 15.78 -17.53
CA GLY K 119 22.45 15.05 -18.78
C GLY K 119 21.07 14.51 -19.09
N THR K 120 20.06 14.87 -18.30
CA THR K 120 18.68 14.50 -18.58
C THR K 120 17.92 15.74 -19.03
N GLY K 121 17.16 15.61 -20.11
CA GLY K 121 16.51 16.77 -20.70
C GLY K 121 15.26 17.19 -19.94
N SER K 122 15.12 18.50 -19.77
CA SER K 122 13.92 19.11 -19.26
C SER K 122 13.40 20.10 -20.29
N CYS K 123 12.20 20.60 -20.07
CA CYS K 123 11.61 21.62 -20.94
C CYS K 123 12.02 22.98 -20.42
N VAL K 124 12.92 23.66 -21.14
CA VAL K 124 13.40 24.97 -20.74
C VAL K 124 12.60 26.04 -21.48
N GLY K 125 12.44 27.20 -20.85
CA GLY K 125 11.56 28.23 -21.36
C GLY K 125 12.31 29.39 -21.99
N SER K 126 11.52 30.38 -22.42
CA SER K 126 12.08 31.61 -22.98
C SER K 126 12.71 32.50 -21.91
N ASN K 127 12.38 32.28 -20.64
CA ASN K 127 12.89 33.08 -19.55
C ASN K 127 14.27 32.61 -19.10
N CYS K 128 15.04 32.01 -19.99
CA CYS K 128 16.21 31.27 -19.58
C CYS K 128 17.39 31.57 -20.50
N VAL K 129 18.59 31.52 -19.93
CA VAL K 129 19.81 31.87 -20.66
C VAL K 129 20.35 30.63 -21.35
N TYR K 130 20.81 30.81 -22.60
CA TYR K 130 21.34 29.72 -23.41
C TYR K 130 22.76 30.06 -23.79
N TYR K 131 23.70 29.15 -23.49
CA TYR K 131 25.10 29.31 -23.89
C TYR K 131 25.32 28.46 -25.14
N PRO K 132 25.23 29.04 -26.34
CA PRO K 132 25.30 28.21 -27.55
C PRO K 132 26.63 27.48 -27.71
N SER K 133 27.72 28.05 -27.19
CA SER K 133 29.01 27.37 -27.26
C SER K 133 29.02 26.10 -26.42
N ARG K 134 28.28 26.08 -25.32
CA ARG K 134 28.22 24.90 -24.45
C ARG K 134 27.09 23.93 -24.80
N GLY K 135 26.17 24.32 -25.67
CA GLY K 135 25.00 23.50 -25.93
C GLY K 135 24.20 23.20 -24.69
N CYS K 136 24.11 24.15 -23.76
CA CYS K 136 23.54 23.95 -22.44
C CYS K 136 22.82 25.23 -22.01
N TYR K 137 21.81 25.07 -21.15
CA TYR K 137 21.11 26.20 -20.57
C TYR K 137 21.58 26.42 -19.13
N GLY K 138 21.29 27.60 -18.61
CA GLY K 138 21.74 27.97 -17.29
C GLY K 138 20.63 28.54 -16.44
N GLY K 139 20.68 28.22 -15.14
CA GLY K 139 19.75 28.77 -14.19
C GLY K 139 18.54 27.91 -13.94
N TYR K 140 18.67 26.91 -13.06
CA TYR K 140 17.54 26.04 -12.73
C TYR K 140 16.41 26.86 -12.09
N GLY K 141 16.74 27.74 -11.15
CA GLY K 141 15.73 28.51 -10.47
C GLY K 141 15.28 29.73 -11.24
N GLY K 142 14.13 30.28 -10.83
CA GLY K 142 13.59 31.46 -11.47
C GLY K 142 13.19 31.24 -12.91
N CYS K 143 14.19 30.97 -13.75
CA CYS K 143 13.99 30.46 -15.10
C CYS K 143 12.91 29.38 -15.11
N SER K 144 11.77 29.66 -15.73
CA SER K 144 10.63 28.75 -15.69
C SER K 144 10.94 27.46 -16.46
N SER K 145 10.61 26.32 -15.86
CA SER K 145 11.04 25.03 -16.39
C SER K 145 10.05 23.94 -16.03
N PHE K 146 9.88 22.98 -16.95
CA PHE K 146 9.04 21.80 -16.76
C PHE K 146 9.86 20.53 -16.97
N SER K 147 9.23 19.39 -16.68
CA SER K 147 9.83 18.10 -16.95
C SER K 147 9.41 17.60 -18.32
N ALA K 148 10.20 16.69 -18.87
CA ALA K 148 10.00 16.22 -20.23
C ALA K 148 8.85 15.22 -20.28
N GLY K 149 7.78 15.58 -20.99
CA GLY K 149 6.76 14.60 -21.32
C GLY K 149 7.23 13.62 -22.37
N SER K 150 6.60 12.46 -22.42
CA SER K 150 7.08 11.37 -23.26
C SER K 150 5.93 10.72 -24.01
N SER K 151 6.09 10.62 -25.34
CA SER K 151 5.16 9.91 -26.21
C SER K 151 5.96 8.95 -27.08
N TYR K 152 5.42 7.75 -27.30
CA TYR K 152 6.20 6.64 -27.83
C TYR K 152 5.76 6.25 -29.24
N GLU K 153 6.76 5.91 -30.07
CA GLU K 153 6.58 5.54 -31.46
C GLU K 153 7.00 4.10 -31.66
N LEU K 154 6.20 3.35 -32.41
CA LEU K 154 6.56 2.01 -32.84
C LEU K 154 5.60 1.62 -33.97
N TYR K 155 6.16 1.22 -35.11
CA TYR K 155 5.33 0.83 -36.23
C TYR K 155 6.15 -0.08 -37.14
N VAL K 156 5.45 -0.94 -37.86
CA VAL K 156 6.08 -1.88 -38.78
C VAL K 156 6.34 -1.18 -40.10
N ASP K 157 7.52 -1.45 -40.68
CA ASP K 157 7.92 -0.92 -41.99
C ASP K 157 7.69 -1.93 -43.10
N ALA K 158 8.12 -3.17 -42.91
CA ALA K 158 7.90 -4.24 -43.87
C ALA K 158 7.41 -5.48 -43.13
N TRP K 159 6.60 -6.29 -43.80
CA TRP K 159 6.00 -7.47 -43.22
C TRP K 159 6.52 -8.72 -43.91
N GLY K 160 6.55 -9.82 -43.16
CA GLY K 160 6.97 -11.09 -43.70
C GLY K 160 5.83 -11.82 -44.38
N GLN K 161 6.10 -13.06 -44.78
CA GLN K 161 5.10 -13.85 -45.49
C GLN K 161 3.94 -14.22 -44.57
N GLY K 162 4.24 -14.69 -43.36
CA GLY K 162 3.21 -15.26 -42.50
C GLY K 162 3.39 -16.76 -42.38
N LEU K 163 3.58 -17.26 -41.16
CA LEU K 163 3.88 -18.66 -40.90
C LEU K 163 2.78 -19.27 -40.06
N LEU K 164 2.10 -20.27 -40.60
CA LEU K 164 0.95 -20.89 -39.94
C LEU K 164 1.45 -21.94 -38.96
N VAL K 165 1.38 -21.62 -37.67
CA VAL K 165 1.76 -22.53 -36.60
C VAL K 165 0.51 -22.98 -35.88
N THR K 166 0.36 -24.29 -35.70
CA THR K 166 -0.74 -24.87 -34.94
C THR K 166 -0.15 -25.71 -33.81
N VAL K 167 -0.46 -25.33 -32.58
CA VAL K 167 -0.09 -26.13 -31.41
C VAL K 167 -1.17 -27.18 -31.20
N SER K 168 -0.79 -28.45 -31.29
CA SER K 168 -1.73 -29.54 -31.15
C SER K 168 -1.03 -30.75 -30.55
N SER K 169 -1.75 -31.44 -29.66
CA SER K 169 -1.24 -32.69 -29.10
C SER K 169 -1.32 -33.85 -30.07
N ALA K 170 -2.03 -33.67 -31.19
CA ALA K 170 -2.22 -34.74 -32.16
C ALA K 170 -1.03 -34.86 -33.09
N SER K 171 -0.86 -36.05 -33.66
CA SER K 171 0.24 -36.36 -34.56
C SER K 171 -0.17 -36.02 -36.00
N THR K 172 0.68 -36.39 -36.95
CA THR K 172 0.55 -35.92 -38.33
C THR K 172 0.02 -37.01 -39.25
N THR K 173 -0.59 -36.57 -40.36
CA THR K 173 -1.06 -37.48 -41.40
C THR K 173 -0.79 -36.84 -42.75
N ALA K 174 0.04 -37.50 -43.57
CA ALA K 174 0.41 -36.98 -44.88
C ALA K 174 -0.67 -37.32 -45.90
N PRO K 175 -0.83 -36.49 -46.93
CA PRO K 175 -1.99 -36.62 -47.82
C PRO K 175 -1.80 -37.72 -48.87
N LYS K 176 -2.88 -38.00 -49.57
CA LYS K 176 -2.90 -38.87 -50.74
C LYS K 176 -3.37 -38.04 -51.93
N VAL K 177 -2.47 -37.84 -52.89
CA VAL K 177 -2.70 -36.91 -54.00
C VAL K 177 -3.22 -37.68 -55.21
N TYR K 178 -4.30 -37.18 -55.80
CA TYR K 178 -4.93 -37.78 -56.97
C TYR K 178 -5.02 -36.76 -58.09
N PRO K 179 -4.95 -37.20 -59.35
CA PRO K 179 -5.05 -36.27 -60.48
C PRO K 179 -6.49 -36.02 -60.90
N LEU K 180 -6.73 -34.81 -61.39
CA LEU K 180 -8.05 -34.39 -61.83
C LEU K 180 -8.02 -34.09 -63.32
N SER K 181 -8.94 -34.68 -64.08
CA SER K 181 -9.06 -34.46 -65.51
C SER K 181 -10.53 -34.32 -65.88
N SER K 182 -10.79 -33.52 -66.91
CA SER K 182 -12.15 -33.25 -67.33
C SER K 182 -12.82 -34.51 -67.88
N CYS K 183 -14.15 -34.44 -68.01
CA CYS K 183 -14.90 -35.55 -68.55
C CYS K 183 -14.82 -35.58 -70.08
N CYS K 184 -15.21 -36.72 -70.65
CA CYS K 184 -15.15 -36.91 -72.09
C CYS K 184 -16.29 -36.18 -72.78
N THR K 191 -9.68 -25.38 -75.24
CA THR K 191 -8.75 -25.41 -74.12
C THR K 191 -9.12 -26.53 -73.16
N VAL K 192 -8.26 -26.77 -72.16
CA VAL K 192 -8.45 -27.88 -71.22
C VAL K 192 -8.07 -27.44 -69.82
N THR K 193 -8.67 -28.12 -68.83
CA THR K 193 -8.39 -27.88 -67.42
C THR K 193 -8.08 -29.21 -66.74
N LEU K 194 -7.08 -29.20 -65.86
CA LEU K 194 -6.67 -30.38 -65.13
C LEU K 194 -6.24 -29.97 -63.73
N GLY K 195 -6.14 -30.96 -62.83
CA GLY K 195 -5.91 -30.62 -61.44
C GLY K 195 -5.31 -31.72 -60.61
N CYS K 196 -5.14 -31.42 -59.33
CA CYS K 196 -4.54 -32.32 -58.35
C CYS K 196 -5.35 -32.25 -57.06
N LEU K 197 -5.95 -33.35 -56.66
CA LEU K 197 -6.73 -33.40 -55.43
C LEU K 197 -5.83 -33.87 -54.30
N VAL K 198 -5.43 -32.94 -53.44
CA VAL K 198 -4.69 -33.27 -52.22
C VAL K 198 -5.70 -33.57 -51.14
N SER K 199 -5.71 -34.81 -50.67
CA SER K 199 -6.79 -35.29 -49.80
C SER K 199 -6.24 -35.94 -48.54
N SER K 200 -6.99 -35.76 -47.45
CA SER K 200 -6.80 -36.51 -46.21
C SER K 200 -5.44 -36.25 -45.59
N TYR K 201 -5.28 -35.04 -45.04
CA TYR K 201 -4.05 -34.67 -44.36
C TYR K 201 -4.38 -33.77 -43.18
N MET K 202 -3.35 -33.51 -42.37
CA MET K 202 -3.39 -32.60 -41.23
C MET K 202 -1.98 -32.46 -40.67
N PRO K 203 -1.59 -31.29 -40.15
CA PRO K 203 -2.31 -30.01 -40.14
C PRO K 203 -2.46 -29.34 -41.50
N GLU K 204 -3.04 -28.14 -41.49
CA GLU K 204 -3.49 -27.40 -42.67
C GLU K 204 -2.39 -26.96 -43.65
N PRO K 205 -1.20 -26.50 -43.20
CA PRO K 205 -0.25 -25.95 -44.18
C PRO K 205 0.27 -26.95 -45.20
N VAL K 206 -0.11 -26.75 -46.47
CA VAL K 206 0.49 -27.44 -47.61
C VAL K 206 0.71 -26.43 -48.73
N THR K 207 1.66 -26.75 -49.60
CA THR K 207 2.02 -25.89 -50.74
C THR K 207 2.02 -26.73 -52.01
N VAL K 208 1.34 -26.24 -53.03
CA VAL K 208 1.19 -26.94 -54.30
C VAL K 208 1.86 -26.12 -55.38
N THR K 209 2.80 -26.73 -56.09
CA THR K 209 3.44 -26.14 -57.25
C THR K 209 3.30 -27.09 -58.43
N TRP K 210 3.43 -26.53 -59.63
CA TRP K 210 3.40 -27.31 -60.86
C TRP K 210 4.75 -27.18 -61.56
N ASN K 211 5.31 -28.31 -61.98
CA ASN K 211 6.59 -28.35 -62.70
C ASN K 211 7.71 -27.70 -61.89
N SER K 212 7.68 -27.86 -60.57
CA SER K 212 8.73 -27.38 -59.67
C SER K 212 8.94 -25.87 -59.82
N GLY K 213 7.86 -25.15 -60.08
CA GLY K 213 7.88 -23.70 -60.19
C GLY K 213 7.97 -23.18 -61.60
N ALA K 214 8.25 -24.05 -62.58
CA ALA K 214 8.27 -23.63 -63.97
C ALA K 214 6.89 -23.15 -64.40
N LEU K 215 5.86 -23.95 -64.16
CA LEU K 215 4.50 -23.58 -64.50
C LEU K 215 3.97 -22.63 -63.44
N LYS K 216 3.60 -21.42 -63.85
CA LYS K 216 3.03 -20.44 -62.94
C LYS K 216 1.81 -19.74 -63.49
N SER K 217 1.43 -19.98 -64.74
CA SER K 217 0.33 -19.28 -65.39
C SER K 217 -0.92 -20.14 -65.38
N GLY K 218 -2.07 -19.51 -65.12
CA GLY K 218 -3.33 -20.22 -65.19
C GLY K 218 -3.56 -21.27 -64.13
N VAL K 219 -2.82 -21.21 -63.02
CA VAL K 219 -2.96 -22.16 -61.93
C VAL K 219 -3.80 -21.53 -60.82
N HIS K 220 -4.74 -22.29 -60.28
CA HIS K 220 -5.61 -21.82 -59.19
C HIS K 220 -5.74 -22.94 -58.15
N THR K 221 -4.91 -22.86 -57.12
CA THR K 221 -5.05 -23.75 -55.96
C THR K 221 -6.06 -23.15 -55.00
N PHE K 222 -6.87 -24.00 -54.39
CA PHE K 222 -8.02 -23.59 -53.60
C PHE K 222 -7.74 -23.75 -52.11
N PRO K 223 -8.52 -23.09 -51.25
CA PRO K 223 -8.39 -23.35 -49.81
C PRO K 223 -8.97 -24.70 -49.45
N ALA K 224 -8.49 -25.21 -48.32
CA ALA K 224 -8.86 -26.56 -47.90
C ALA K 224 -10.22 -26.56 -47.20
N VAL K 225 -10.84 -27.74 -47.16
CA VAL K 225 -12.06 -27.98 -46.41
C VAL K 225 -11.75 -29.01 -45.33
N LEU K 226 -12.58 -29.01 -44.28
CA LEU K 226 -12.37 -29.87 -43.12
C LEU K 226 -13.54 -30.83 -42.99
N GLN K 227 -13.24 -32.11 -42.81
CA GLN K 227 -14.24 -33.16 -42.69
C GLN K 227 -14.42 -33.55 -41.22
N SER K 228 -15.58 -34.14 -40.93
CA SER K 228 -15.89 -34.56 -39.56
C SER K 228 -14.81 -35.44 -38.96
N SER K 229 -14.02 -36.12 -39.79
CA SER K 229 -12.92 -36.92 -39.27
C SER K 229 -11.80 -36.07 -38.68
N GLY K 230 -11.68 -34.81 -39.13
CA GLY K 230 -10.63 -33.92 -38.69
C GLY K 230 -9.54 -33.65 -39.71
N LEU K 231 -9.57 -34.31 -40.86
CA LEU K 231 -8.55 -34.15 -41.89
C LEU K 231 -8.97 -33.09 -42.91
N TYR K 232 -7.98 -32.48 -43.55
CA TYR K 232 -8.22 -31.45 -44.55
C TYR K 232 -8.12 -32.03 -45.96
N SER K 233 -8.59 -31.25 -46.94
CA SER K 233 -8.51 -31.63 -48.34
C SER K 233 -8.64 -30.38 -49.20
N LEU K 234 -7.70 -30.17 -50.12
CA LEU K 234 -7.73 -29.03 -51.01
C LEU K 234 -7.35 -29.47 -52.42
N SER K 235 -7.81 -28.71 -53.41
CA SER K 235 -7.57 -28.98 -54.81
C SER K 235 -6.67 -27.92 -55.42
N SER K 236 -6.30 -28.14 -56.68
CA SER K 236 -5.41 -27.24 -57.40
C SER K 236 -5.64 -27.45 -58.89
N MET K 237 -5.82 -26.36 -59.63
CA MET K 237 -6.30 -26.45 -61.00
C MET K 237 -5.50 -25.55 -61.93
N VAL K 238 -5.23 -26.05 -63.14
CA VAL K 238 -4.45 -25.34 -64.15
C VAL K 238 -5.16 -25.45 -65.50
N THR K 239 -5.21 -24.35 -66.24
CA THR K 239 -5.93 -24.27 -67.51
C THR K 239 -4.98 -23.85 -68.62
N VAL K 240 -5.06 -24.54 -69.76
CA VAL K 240 -4.27 -24.18 -70.94
C VAL K 240 -5.21 -23.62 -72.01
N THR K 248 2.35 -34.17 -69.42
CA THR K 248 3.59 -33.42 -69.23
C THR K 248 3.47 -32.45 -68.06
N PHE K 249 2.46 -32.65 -67.22
CA PHE K 249 2.16 -31.74 -66.12
C PHE K 249 2.16 -32.53 -64.82
N THR K 250 3.15 -32.28 -63.97
CA THR K 250 3.32 -32.99 -62.70
C THR K 250 3.24 -31.98 -61.57
N CYS K 251 2.12 -31.99 -60.83
CA CYS K 251 2.00 -31.11 -59.69
C CYS K 251 2.83 -31.64 -58.52
N ASN K 252 3.46 -30.71 -57.80
CA ASN K 252 4.30 -31.05 -56.66
C ASN K 252 3.61 -30.58 -55.39
N VAL K 253 3.29 -31.52 -54.50
CA VAL K 253 2.63 -31.23 -53.24
C VAL K 253 3.62 -31.44 -52.11
N ALA K 254 3.66 -30.48 -51.19
CA ALA K 254 4.51 -30.55 -50.02
C ALA K 254 3.67 -30.37 -48.76
N HIS K 255 4.00 -31.14 -47.73
CA HIS K 255 3.30 -31.09 -46.45
C HIS K 255 4.38 -31.06 -45.38
N PRO K 256 4.77 -29.86 -44.93
CA PRO K 256 5.96 -29.75 -44.09
C PRO K 256 5.76 -30.18 -42.65
N ALA K 257 4.53 -30.36 -42.20
CA ALA K 257 4.30 -30.89 -40.86
C ALA K 257 4.80 -32.33 -40.76
N SER K 258 4.31 -33.20 -41.66
CA SER K 258 4.84 -34.54 -41.81
C SER K 258 6.17 -34.57 -42.54
N SER K 259 6.65 -33.43 -43.02
CA SER K 259 7.90 -33.32 -43.77
C SER K 259 7.91 -34.29 -44.95
N THR K 260 6.87 -34.19 -45.79
CA THR K 260 6.76 -34.99 -46.99
C THR K 260 6.56 -34.09 -48.20
N LYS K 261 7.01 -34.56 -49.36
CA LYS K 261 6.81 -33.91 -50.64
C LYS K 261 6.54 -35.00 -51.67
N VAL K 262 5.50 -34.81 -52.48
CA VAL K 262 5.16 -35.77 -53.50
C VAL K 262 5.03 -35.06 -54.85
N ASP K 263 5.36 -35.77 -55.91
CA ASP K 263 5.14 -35.32 -57.28
C ASP K 263 4.19 -36.30 -57.95
N LYS K 264 3.17 -35.77 -58.61
CA LYS K 264 2.16 -36.58 -59.28
C LYS K 264 1.95 -36.06 -60.70
N ALA K 265 2.24 -36.90 -61.69
CA ALA K 265 1.98 -36.53 -63.06
C ALA K 265 0.49 -36.64 -63.37
N VAL K 266 0.01 -35.78 -64.26
CA VAL K 266 -1.40 -35.73 -64.65
C VAL K 266 -1.48 -35.76 -66.16
N GLU K 267 -2.28 -36.70 -66.69
CA GLU K 267 -2.45 -36.87 -68.12
C GLU K 267 -3.94 -36.90 -68.48
N PRO K 268 -4.32 -36.32 -69.62
CA PRO K 268 -5.70 -36.37 -70.13
C PRO K 268 -6.09 -37.76 -70.63
N ALA L 2 -5.15 -7.57 -25.19
CA ALA L 2 -5.05 -6.12 -25.38
C ALA L 2 -5.23 -5.71 -26.84
N VAL L 3 -6.25 -4.90 -27.13
CA VAL L 3 -6.61 -4.56 -28.51
C VAL L 3 -7.10 -3.12 -28.56
N LEU L 4 -7.24 -2.61 -29.79
CA LEU L 4 -7.80 -1.29 -30.06
C LEU L 4 -9.20 -1.43 -30.63
N ASN L 5 -10.01 -0.39 -30.47
CA ASN L 5 -11.41 -0.43 -30.90
C ASN L 5 -11.55 0.16 -32.29
N GLN L 6 -12.01 -0.66 -33.22
CA GLN L 6 -12.33 -0.26 -34.58
C GLN L 6 -13.63 -0.94 -34.99
N PRO L 7 -14.49 -0.25 -35.73
CA PRO L 7 -15.80 -0.81 -36.07
C PRO L 7 -15.66 -2.05 -36.96
N SER L 8 -16.43 -3.09 -36.62
CA SER L 8 -16.23 -4.39 -37.24
C SER L 8 -16.34 -4.33 -38.76
N SER L 9 -17.32 -3.60 -39.27
CA SER L 9 -17.57 -3.59 -40.72
C SER L 9 -18.03 -2.20 -41.15
N VAL L 10 -17.30 -1.61 -42.11
CA VAL L 10 -17.71 -0.38 -42.77
C VAL L 10 -17.84 -0.66 -44.27
N SER L 11 -18.52 0.24 -44.97
CA SER L 11 -18.76 0.04 -46.38
C SER L 11 -19.01 1.38 -47.06
N GLY L 12 -18.68 1.44 -48.34
CA GLY L 12 -18.91 2.63 -49.15
C GLY L 12 -18.91 2.28 -50.61
N SER L 13 -19.30 3.26 -51.42
CA SER L 13 -19.48 3.04 -52.85
C SER L 13 -18.16 3.21 -53.61
N LEU L 14 -18.16 2.72 -54.85
CA LEU L 14 -17.00 2.84 -55.72
C LEU L 14 -16.65 4.32 -55.94
N GLY L 15 -15.35 4.59 -56.00
CA GLY L 15 -14.86 5.92 -56.30
C GLY L 15 -15.21 7.00 -55.30
N GLN L 16 -15.83 6.66 -54.18
CA GLN L 16 -16.24 7.64 -53.19
C GLN L 16 -15.22 7.71 -52.06
N ARG L 17 -15.61 8.33 -50.96
CA ARG L 17 -14.75 8.48 -49.79
C ARG L 17 -15.33 7.69 -48.62
N VAL L 18 -14.48 6.94 -47.94
CA VAL L 18 -14.88 6.21 -46.73
C VAL L 18 -13.84 6.46 -45.64
N SER L 19 -14.30 6.42 -44.41
CA SER L 19 -13.47 6.70 -43.25
C SER L 19 -13.57 5.55 -42.25
N ILE L 20 -12.45 5.18 -41.66
CA ILE L 20 -12.37 4.10 -40.69
C ILE L 20 -11.79 4.65 -39.40
N THR L 21 -12.55 4.55 -38.32
CA THR L 21 -12.14 5.11 -37.05
C THR L 21 -11.39 4.09 -36.20
N CYS L 22 -10.53 4.61 -35.33
CA CYS L 22 -9.70 3.79 -34.45
C CYS L 22 -9.45 4.58 -33.16
N SER L 23 -10.12 4.20 -32.09
CA SER L 23 -10.09 4.94 -30.84
C SER L 23 -9.38 4.16 -29.75
N GLY L 24 -8.64 4.87 -28.89
CA GLY L 24 -7.94 4.27 -27.79
C GLY L 24 -7.94 5.08 -26.50
N SER L 25 -7.00 4.79 -25.61
CA SER L 25 -6.90 5.46 -24.33
C SER L 25 -5.94 6.65 -24.43
N SER L 26 -5.93 7.47 -23.38
CA SER L 26 -4.98 8.56 -23.28
C SER L 26 -3.55 8.08 -23.07
N SER L 27 -3.33 6.77 -23.03
CA SER L 27 -2.00 6.22 -22.80
C SER L 27 -1.33 5.69 -24.07
N ASN L 28 -2.12 5.30 -25.07
CA ASN L 28 -1.58 4.75 -26.31
C ASN L 28 -1.82 5.72 -27.47
N VAL L 29 -3.05 5.80 -27.98
CA VAL L 29 -3.39 6.73 -29.05
C VAL L 29 -3.29 8.17 -28.58
N GLY L 30 -3.60 8.42 -27.30
CA GLY L 30 -3.43 9.75 -26.75
C GLY L 30 -2.00 10.25 -26.88
N ASN L 31 -1.03 9.35 -26.69
CA ASN L 31 0.36 9.70 -26.97
C ASN L 31 0.54 10.07 -28.43
N GLY L 32 -0.26 9.49 -29.32
CA GLY L 32 -0.21 9.83 -30.73
C GLY L 32 0.69 8.90 -31.52
N TYR L 33 1.06 9.37 -32.72
CA TYR L 33 1.97 8.67 -33.61
C TYR L 33 1.48 7.25 -33.88
N VAL L 34 0.28 7.18 -34.49
CA VAL L 34 -0.37 5.90 -34.78
C VAL L 34 0.20 5.32 -36.06
N SER L 35 -0.27 4.11 -36.41
CA SER L 35 0.17 3.42 -37.61
C SER L 35 -1.01 2.66 -38.21
N TRP L 36 -1.11 2.68 -39.53
CA TRP L 36 -2.21 2.06 -40.26
C TRP L 36 -1.66 1.04 -41.25
N TYR L 37 -2.47 0.01 -41.53
CA TYR L 37 -2.02 -1.08 -42.38
C TYR L 37 -3.23 -1.63 -43.12
N GLN L 38 -3.00 -2.14 -44.33
CA GLN L 38 -4.04 -2.78 -45.13
C GLN L 38 -3.71 -4.25 -45.29
N LEU L 39 -4.69 -5.11 -45.00
CA LEU L 39 -4.53 -6.57 -45.02
C LEU L 39 -5.61 -7.20 -45.88
N ILE L 40 -5.23 -7.68 -47.05
CA ILE L 40 -6.08 -8.64 -47.77
C ILE L 40 -5.84 -10.02 -47.20
N PRO L 41 -6.88 -10.74 -46.76
CA PRO L 41 -6.67 -11.94 -45.92
C PRO L 41 -5.67 -12.95 -46.48
N GLY L 42 -5.70 -13.19 -47.79
CA GLY L 42 -4.76 -14.14 -48.36
C GLY L 42 -3.32 -13.68 -48.31
N SER L 43 -3.07 -12.39 -48.22
CA SER L 43 -1.74 -11.82 -48.29
C SER L 43 -1.26 -11.38 -46.90
N ALA L 44 -0.03 -10.88 -46.86
CA ALA L 44 0.50 -10.24 -45.68
C ALA L 44 0.11 -8.77 -45.67
N PRO L 45 0.07 -8.14 -44.49
CA PRO L 45 -0.31 -6.73 -44.44
C PRO L 45 0.76 -5.84 -45.04
N ARG L 46 0.31 -4.76 -45.68
CA ARG L 46 1.19 -3.69 -46.15
C ARG L 46 0.91 -2.44 -45.34
N THR L 47 1.97 -1.74 -44.97
CA THR L 47 1.84 -0.55 -44.14
C THR L 47 1.31 0.60 -44.99
N LEU L 48 0.35 1.35 -44.42
CA LEU L 48 -0.33 2.41 -45.16
C LEU L 48 0.12 3.79 -44.69
N ILE L 49 -0.24 4.19 -43.48
CA ILE L 49 0.13 5.49 -42.93
C ILE L 49 0.81 5.27 -41.59
N TYR L 50 1.81 6.10 -41.31
CA TYR L 50 2.54 6.08 -40.05
C TYR L 50 2.64 7.50 -39.52
N GLY L 51 2.85 7.61 -38.20
CA GLY L 51 2.96 8.90 -37.56
C GLY L 51 1.77 9.82 -37.81
N ASP L 52 0.57 9.36 -37.46
CA ASP L 52 -0.67 10.14 -37.58
C ASP L 52 -1.05 10.43 -39.03
N THR L 53 -0.12 10.95 -39.83
CA THR L 53 -0.49 11.54 -41.11
C THR L 53 0.39 11.13 -42.29
N SER L 54 1.67 10.81 -42.09
CA SER L 54 2.56 10.59 -43.22
C SER L 54 2.27 9.27 -43.92
N ARG L 55 2.20 9.31 -45.25
CA ARG L 55 1.93 8.14 -46.06
C ARG L 55 3.23 7.39 -46.35
N ALA L 56 3.12 6.07 -46.50
CA ALA L 56 4.31 5.24 -46.55
C ALA L 56 4.75 5.00 -47.99
N SER L 57 5.76 4.15 -48.15
CA SER L 57 6.31 3.86 -49.47
C SER L 57 5.28 3.21 -50.37
N GLY L 58 5.10 3.76 -51.57
CA GLY L 58 4.16 3.23 -52.52
C GLY L 58 2.71 3.38 -52.17
N VAL L 59 2.37 4.21 -51.18
CA VAL L 59 0.99 4.41 -50.77
C VAL L 59 0.44 5.61 -51.56
N PRO L 60 -0.55 5.41 -52.43
CA PRO L 60 -1.10 6.54 -53.18
C PRO L 60 -1.71 7.58 -52.26
N ASP L 61 -1.83 8.80 -52.79
CA ASP L 61 -2.33 9.93 -52.01
C ASP L 61 -3.81 9.79 -51.66
N ARG L 62 -4.51 8.81 -52.23
CA ARG L 62 -5.91 8.59 -51.87
C ARG L 62 -6.07 8.20 -50.41
N PHE L 63 -5.05 7.56 -49.84
CA PHE L 63 -5.08 7.15 -48.44
C PHE L 63 -4.67 8.34 -47.57
N SER L 64 -5.58 8.82 -46.73
CA SER L 64 -5.34 10.00 -45.92
C SER L 64 -5.46 9.64 -44.44
N GLY L 65 -4.46 10.02 -43.66
CA GLY L 65 -4.43 9.76 -42.23
C GLY L 65 -4.70 11.02 -41.43
N SER L 66 -5.51 10.88 -40.38
CA SER L 66 -5.91 12.00 -39.54
C SER L 66 -6.01 11.53 -38.10
N ARG L 67 -6.11 12.50 -37.18
CA ARG L 67 -6.23 12.20 -35.77
C ARG L 67 -6.85 13.38 -35.05
N SER L 68 -7.72 13.07 -34.08
CA SER L 68 -8.35 14.10 -33.23
C SER L 68 -8.33 13.57 -31.81
N GLY L 69 -7.22 13.80 -31.10
CA GLY L 69 -7.11 13.42 -29.71
C GLY L 69 -6.94 11.94 -29.46
N ASN L 70 -8.03 11.25 -29.13
CA ASN L 70 -7.99 9.83 -28.77
C ASN L 70 -8.72 8.95 -29.78
N THR L 71 -8.87 9.41 -31.02
CA THR L 71 -9.63 8.67 -32.03
C THR L 71 -9.10 9.08 -33.40
N ALA L 72 -8.15 8.30 -33.93
CA ALA L 72 -7.62 8.54 -35.26
C ALA L 72 -8.57 7.99 -36.32
N THR L 73 -8.35 8.42 -37.57
CA THR L 73 -9.25 8.09 -38.66
C THR L 73 -8.45 7.90 -39.94
N LEU L 74 -8.57 6.72 -40.55
CA LEU L 74 -8.08 6.48 -41.90
C LEU L 74 -9.20 6.70 -42.89
N THR L 75 -8.93 7.51 -43.92
CA THR L 75 -9.92 7.85 -44.92
C THR L 75 -9.39 7.46 -46.29
N ILE L 76 -10.14 6.65 -47.02
CA ILE L 76 -9.79 6.23 -48.37
C ILE L 76 -10.59 7.07 -49.35
N SER L 77 -9.89 7.71 -50.30
CA SER L 77 -10.53 8.57 -51.28
C SER L 77 -10.57 7.85 -52.62
N SER L 78 -11.70 7.91 -53.30
CA SER L 78 -11.91 7.26 -54.60
C SER L 78 -11.65 5.76 -54.48
N LEU L 79 -12.65 5.02 -54.01
CA LEU L 79 -12.47 3.59 -53.76
C LEU L 79 -12.32 2.81 -55.05
N GLN L 80 -11.54 1.73 -54.98
CA GLN L 80 -11.35 0.79 -56.08
C GLN L 80 -11.60 -0.62 -55.59
N ALA L 81 -11.71 -1.55 -56.53
CA ALA L 81 -11.92 -2.95 -56.19
C ALA L 81 -10.75 -3.50 -55.38
N GLU L 82 -9.52 -3.17 -55.78
CA GLU L 82 -8.33 -3.66 -55.10
C GLU L 82 -8.27 -3.24 -53.63
N ASP L 83 -9.09 -2.28 -53.23
CA ASP L 83 -9.03 -1.72 -51.89
C ASP L 83 -9.80 -2.52 -50.85
N GLU L 84 -10.63 -3.47 -51.27
CA GLU L 84 -11.40 -4.27 -50.33
C GLU L 84 -10.49 -5.12 -49.46
N ALA L 85 -10.45 -4.82 -48.16
CA ALA L 85 -9.56 -5.51 -47.23
C ALA L 85 -9.84 -5.11 -45.78
N ASP L 86 -9.09 -5.70 -44.85
CA ASP L 86 -9.10 -5.29 -43.46
C ASP L 86 -8.03 -4.23 -43.23
N TYR L 87 -8.35 -3.23 -42.41
CA TYR L 87 -7.46 -2.11 -42.15
C TYR L 87 -7.09 -2.07 -40.68
N PHE L 88 -5.80 -2.25 -40.39
CA PHE L 88 -5.30 -2.42 -39.03
C PHE L 88 -5.33 -1.10 -38.28
N CYS L 89 -4.56 -1.06 -37.19
CA CYS L 89 -4.34 0.09 -36.35
C CYS L 89 -3.20 -0.26 -35.41
N ALA L 90 -2.42 0.75 -35.03
CA ALA L 90 -1.25 0.43 -34.21
C ALA L 90 -0.82 1.65 -33.43
N SER L 91 -0.33 1.42 -32.21
CA SER L 91 0.24 2.46 -31.38
C SER L 91 1.08 1.80 -30.30
N ALA L 92 2.12 2.51 -29.87
CA ALA L 92 2.88 2.04 -28.73
C ALA L 92 2.07 2.24 -27.46
N GLU L 93 2.42 1.47 -26.43
CA GLU L 93 1.69 1.55 -25.17
C GLU L 93 2.68 1.41 -24.03
N ASP L 94 2.78 2.46 -23.20
CA ASP L 94 3.58 2.48 -21.98
C ASP L 94 5.08 2.43 -22.24
N SER L 95 5.47 2.00 -23.44
CA SER L 95 6.88 1.87 -23.79
C SER L 95 7.02 1.97 -25.30
N SER L 96 8.27 2.17 -25.74
CA SER L 96 8.57 2.19 -27.16
C SER L 96 8.80 0.80 -27.73
N SER L 97 8.83 -0.23 -26.88
CA SER L 97 9.07 -1.60 -27.30
C SER L 97 7.86 -2.49 -27.05
N ASN L 98 6.67 -1.90 -26.93
CA ASN L 98 5.44 -2.65 -26.65
C ASN L 98 4.31 -2.00 -27.43
N ALA L 99 3.62 -2.79 -28.26
CA ALA L 99 2.65 -2.26 -29.20
C ALA L 99 1.29 -2.93 -29.00
N VAL L 100 0.23 -2.21 -29.39
CA VAL L 100 -1.13 -2.71 -29.36
C VAL L 100 -1.78 -2.46 -30.71
N PHE L 101 -2.64 -3.39 -31.14
CA PHE L 101 -3.14 -3.42 -32.51
C PHE L 101 -4.66 -3.34 -32.53
N GLY L 102 -5.18 -2.64 -33.53
CA GLY L 102 -6.61 -2.62 -33.76
C GLY L 102 -7.13 -3.97 -34.24
N SER L 103 -8.43 -4.19 -34.01
CA SER L 103 -9.06 -5.40 -34.52
C SER L 103 -9.10 -5.41 -36.05
N GLY L 104 -9.08 -4.23 -36.67
CA GLY L 104 -9.18 -4.16 -38.12
C GLY L 104 -10.61 -4.15 -38.59
N THR L 105 -10.93 -3.27 -39.53
CA THR L 105 -12.27 -3.14 -40.07
C THR L 105 -12.32 -3.68 -41.50
N THR L 106 -13.47 -4.25 -41.85
CA THR L 106 -13.65 -4.94 -43.13
C THR L 106 -14.34 -3.99 -44.10
N LEU L 107 -13.55 -3.38 -44.98
CA LEU L 107 -14.09 -2.48 -46.00
C LEU L 107 -14.83 -3.28 -47.06
N THR L 108 -15.91 -2.69 -47.58
CA THR L 108 -16.68 -3.31 -48.66
C THR L 108 -17.03 -2.24 -49.67
N VAL L 109 -16.69 -2.48 -50.93
CA VAL L 109 -16.93 -1.53 -52.01
C VAL L 109 -18.24 -1.88 -52.69
N LEU L 110 -19.18 -0.93 -52.71
CA LEU L 110 -20.54 -1.23 -53.12
C LEU L 110 -20.73 -1.17 -54.63
N GLY L 111 -19.94 -0.36 -55.34
CA GLY L 111 -20.22 -0.10 -56.74
C GLY L 111 -19.86 -1.23 -57.67
N GLN L 112 -19.11 -2.23 -57.21
CA GLN L 112 -18.59 -3.26 -58.11
C GLN L 112 -19.71 -4.00 -58.81
N PRO L 113 -19.69 -4.08 -60.15
CA PRO L 113 -20.66 -4.92 -60.85
C PRO L 113 -20.39 -6.39 -60.60
N LYS L 114 -21.47 -7.17 -60.52
CA LYS L 114 -21.36 -8.58 -60.15
C LYS L 114 -20.96 -9.43 -61.34
N SER L 115 -20.21 -10.49 -61.05
CA SER L 115 -19.80 -11.47 -62.06
C SER L 115 -20.20 -12.86 -61.58
N PRO L 116 -20.88 -13.65 -62.42
CA PRO L 116 -21.23 -15.02 -62.03
C PRO L 116 -19.99 -15.88 -61.90
N PRO L 117 -20.10 -17.06 -61.32
CA PRO L 117 -18.92 -17.90 -61.13
C PRO L 117 -18.65 -18.85 -62.29
N SER L 118 -17.41 -18.89 -62.75
CA SER L 118 -16.98 -19.89 -63.73
C SER L 118 -16.68 -21.19 -62.98
N VAL L 119 -17.48 -22.22 -63.25
CA VAL L 119 -17.44 -23.45 -62.48
C VAL L 119 -17.08 -24.59 -63.41
N THR L 120 -16.17 -25.46 -62.94
CA THR L 120 -15.82 -26.70 -63.62
C THR L 120 -15.93 -27.84 -62.61
N LEU L 121 -16.48 -28.97 -63.05
CA LEU L 121 -16.79 -30.08 -62.16
C LEU L 121 -15.88 -31.25 -62.48
N PHE L 122 -15.24 -31.81 -61.45
CA PHE L 122 -14.27 -32.89 -61.61
C PHE L 122 -14.78 -34.18 -61.01
N PRO L 123 -14.66 -35.30 -61.72
CA PRO L 123 -15.01 -36.60 -61.15
C PRO L 123 -13.83 -37.17 -60.36
N PRO L 124 -14.02 -38.28 -59.65
CA PRO L 124 -12.91 -38.84 -58.87
C PRO L 124 -11.92 -39.54 -59.77
N SER L 125 -10.66 -39.54 -59.32
CA SER L 125 -9.60 -40.18 -60.09
C SER L 125 -9.79 -41.68 -60.10
N THR L 126 -9.34 -42.31 -61.19
CA THR L 126 -9.43 -43.77 -61.29
C THR L 126 -8.55 -44.45 -60.25
N GLU L 127 -7.48 -43.79 -59.80
CA GLU L 127 -6.68 -44.33 -58.71
C GLU L 127 -7.48 -44.32 -57.41
N GLU L 128 -8.21 -43.24 -57.15
CA GLU L 128 -9.12 -43.21 -56.00
C GLU L 128 -10.21 -44.27 -56.15
N LEU L 129 -10.74 -44.42 -57.37
CA LEU L 129 -11.74 -45.47 -57.62
C LEU L 129 -11.19 -46.84 -57.30
N ASN L 130 -9.88 -47.04 -57.46
CA ASN L 130 -9.26 -48.32 -57.16
C ASN L 130 -9.16 -48.57 -55.66
N GLY L 131 -9.35 -47.55 -54.83
CA GLY L 131 -9.33 -47.71 -53.40
C GLY L 131 -10.72 -47.70 -52.79
N ASN L 132 -11.73 -47.93 -53.64
CA ASN L 132 -13.13 -48.02 -53.27
C ASN L 132 -13.67 -46.73 -52.65
N LYS L 133 -12.92 -45.63 -52.71
CA LYS L 133 -13.41 -44.32 -52.31
C LYS L 133 -13.56 -43.44 -53.55
N ALA L 134 -14.31 -42.36 -53.40
CA ALA L 134 -14.54 -41.44 -54.50
C ALA L 134 -14.80 -40.05 -53.95
N THR L 135 -14.46 -39.03 -54.75
CA THR L 135 -14.60 -37.65 -54.32
C THR L 135 -14.87 -36.76 -55.54
N LEU L 136 -16.10 -36.29 -55.67
CA LEU L 136 -16.41 -35.26 -56.65
C LEU L 136 -15.87 -33.91 -56.18
N VAL L 137 -15.15 -33.23 -57.06
CA VAL L 137 -14.58 -31.92 -56.77
C VAL L 137 -15.26 -30.91 -57.69
N CYS L 138 -15.79 -29.84 -57.11
CA CYS L 138 -16.49 -28.79 -57.85
C CYS L 138 -15.82 -27.46 -57.49
N LEU L 139 -15.05 -26.91 -58.43
CA LEU L 139 -14.26 -25.71 -58.18
C LEU L 139 -14.96 -24.50 -58.75
N ILE L 140 -15.22 -23.51 -57.89
CA ILE L 140 -15.99 -22.32 -58.22
C ILE L 140 -15.06 -21.11 -58.15
N SER L 141 -15.08 -20.28 -59.19
CA SER L 141 -14.08 -19.24 -59.32
C SER L 141 -14.68 -17.95 -59.89
N ASP L 142 -14.00 -16.84 -59.59
CA ASP L 142 -14.18 -15.57 -60.29
C ASP L 142 -15.62 -15.07 -60.22
N PHE L 143 -16.08 -14.81 -59.00
CA PHE L 143 -17.40 -14.22 -58.80
C PHE L 143 -17.33 -13.12 -57.74
N TYR L 144 -18.31 -12.23 -57.78
CA TYR L 144 -18.48 -11.17 -56.81
C TYR L 144 -19.96 -10.80 -56.80
N PRO L 145 -20.57 -10.60 -55.61
CA PRO L 145 -19.95 -10.79 -54.30
C PRO L 145 -19.95 -12.25 -53.86
N GLY L 146 -19.45 -12.52 -52.65
CA GLY L 146 -19.14 -13.87 -52.25
C GLY L 146 -20.23 -14.67 -51.56
N SER L 147 -21.38 -14.80 -52.22
CA SER L 147 -22.44 -15.68 -51.73
C SER L 147 -22.77 -16.69 -52.83
N VAL L 148 -22.58 -17.97 -52.54
CA VAL L 148 -22.88 -19.04 -53.47
C VAL L 148 -23.54 -20.18 -52.69
N THR L 149 -24.60 -20.73 -53.26
CA THR L 149 -25.36 -21.82 -52.65
C THR L 149 -25.21 -23.06 -53.53
N VAL L 150 -24.55 -24.08 -52.99
CA VAL L 150 -24.25 -25.29 -53.73
C VAL L 150 -25.26 -26.37 -53.37
N VAL L 151 -25.87 -26.98 -54.37
CA VAL L 151 -26.77 -28.11 -54.20
C VAL L 151 -26.37 -29.19 -55.19
N TRP L 152 -26.15 -30.40 -54.68
CA TRP L 152 -25.71 -31.52 -55.51
C TRP L 152 -26.92 -32.30 -56.00
N LYS L 153 -26.96 -32.57 -57.30
CA LYS L 153 -28.04 -33.32 -57.92
C LYS L 153 -27.53 -34.64 -58.46
N ALA L 154 -28.25 -35.72 -58.17
CA ALA L 154 -27.95 -37.05 -58.68
C ALA L 154 -29.20 -37.56 -59.37
N ASP L 155 -29.17 -37.57 -60.72
CA ASP L 155 -30.31 -38.01 -61.52
C ASP L 155 -31.56 -37.19 -61.22
N GLY L 156 -31.37 -35.88 -61.01
CA GLY L 156 -32.47 -34.98 -60.74
C GLY L 156 -32.80 -34.79 -59.28
N SER L 157 -32.37 -35.71 -58.41
CA SER L 157 -32.62 -35.64 -56.98
C SER L 157 -31.44 -34.98 -56.28
N THR L 158 -31.74 -34.27 -55.19
CA THR L 158 -30.75 -33.48 -54.47
C THR L 158 -30.09 -34.33 -53.38
N ILE L 159 -28.78 -34.17 -53.23
CA ILE L 159 -27.99 -34.94 -52.27
C ILE L 159 -27.72 -34.08 -51.05
N THR L 160 -27.86 -34.69 -49.86
CA THR L 160 -27.64 -34.01 -48.59
C THR L 160 -26.48 -34.57 -47.78
N ARG L 161 -26.20 -35.86 -47.93
CA ARG L 161 -25.22 -36.52 -47.09
C ARG L 161 -23.82 -36.44 -47.70
N ASN L 162 -22.82 -36.24 -46.85
CA ASN L 162 -21.40 -36.33 -47.18
C ASN L 162 -20.92 -35.18 -48.06
N VAL L 163 -21.66 -34.09 -48.11
CA VAL L 163 -21.24 -32.89 -48.82
C VAL L 163 -20.57 -31.94 -47.83
N GLU L 164 -19.48 -31.31 -48.26
CA GLU L 164 -18.73 -30.41 -47.39
C GLU L 164 -18.24 -29.23 -48.21
N THR L 165 -18.67 -28.02 -47.86
CA THR L 165 -18.36 -26.81 -48.62
C THR L 165 -17.69 -25.76 -47.74
N THR L 166 -16.70 -25.09 -48.31
CA THR L 166 -16.02 -24.00 -47.62
C THR L 166 -16.68 -22.67 -47.94
N ARG L 167 -16.50 -21.70 -47.05
CA ARG L 167 -16.99 -20.35 -47.30
C ARG L 167 -16.15 -19.70 -48.40
N ALA L 168 -16.66 -18.58 -48.92
CA ALA L 168 -15.99 -17.92 -50.04
C ALA L 168 -14.70 -17.26 -49.59
N SER L 169 -13.69 -17.29 -50.47
CA SER L 169 -12.40 -16.67 -50.21
C SER L 169 -11.99 -15.81 -51.40
N LYS L 170 -11.31 -14.71 -51.10
CA LYS L 170 -10.97 -13.72 -52.13
C LYS L 170 -9.78 -14.18 -52.96
N GLN L 171 -9.88 -13.99 -54.27
CA GLN L 171 -8.85 -14.42 -55.21
C GLN L 171 -7.78 -13.33 -55.36
N SER L 172 -6.76 -13.62 -56.17
CA SER L 172 -5.79 -12.59 -56.51
C SER L 172 -6.46 -11.43 -57.24
N ASN L 173 -7.48 -11.72 -58.04
CA ASN L 173 -8.14 -10.70 -58.85
C ASN L 173 -9.23 -9.97 -58.08
N SER L 174 -9.09 -9.90 -56.74
CA SER L 174 -10.04 -9.22 -55.85
C SER L 174 -11.48 -9.74 -56.02
N LYS L 175 -11.65 -10.96 -56.52
CA LYS L 175 -12.93 -11.64 -56.63
C LYS L 175 -12.90 -12.86 -55.72
N TYR L 176 -14.07 -13.45 -55.47
CA TYR L 176 -14.18 -14.56 -54.53
C TYR L 176 -14.21 -15.91 -55.23
N ALA L 177 -13.93 -16.96 -54.45
CA ALA L 177 -13.92 -18.33 -54.94
C ALA L 177 -14.23 -19.26 -53.78
N ALA L 178 -14.56 -20.51 -54.11
CA ALA L 178 -14.89 -21.50 -53.09
C ALA L 178 -14.83 -22.89 -53.72
N SER L 179 -14.88 -23.90 -52.86
CA SER L 179 -14.81 -25.29 -53.29
C SER L 179 -15.81 -26.12 -52.50
N SER L 180 -16.24 -27.24 -53.10
CA SER L 180 -17.25 -28.11 -52.50
C SER L 180 -16.96 -29.55 -52.92
N TYR L 181 -16.87 -30.44 -51.93
CA TYR L 181 -16.45 -31.82 -52.15
C TYR L 181 -17.58 -32.77 -51.78
N LEU L 182 -17.92 -33.67 -52.71
CA LEU L 182 -18.89 -34.73 -52.47
C LEU L 182 -18.11 -36.04 -52.29
N SER L 183 -18.02 -36.52 -51.06
CA SER L 183 -17.26 -37.73 -50.74
C SER L 183 -18.20 -38.93 -50.80
N LEU L 184 -18.18 -39.65 -51.91
CA LEU L 184 -18.98 -40.85 -52.09
C LEU L 184 -18.10 -42.09 -51.92
N THR L 185 -18.74 -43.25 -52.05
CA THR L 185 -18.02 -44.51 -52.23
C THR L 185 -18.14 -44.94 -53.68
N SER L 186 -17.10 -45.61 -54.18
CA SER L 186 -17.11 -46.09 -55.56
C SER L 186 -18.35 -46.93 -55.82
N SER L 187 -18.88 -47.60 -54.79
CA SER L 187 -20.07 -48.42 -54.93
C SER L 187 -21.24 -47.62 -55.47
N ASP L 188 -21.81 -46.72 -54.67
CA ASP L 188 -22.95 -45.95 -55.14
C ASP L 188 -22.56 -44.85 -56.13
N TRP L 189 -21.26 -44.60 -56.32
CA TRP L 189 -20.86 -43.67 -57.38
C TRP L 189 -21.17 -44.25 -58.75
N LYS L 190 -20.98 -45.57 -58.92
CA LYS L 190 -21.36 -46.25 -60.15
C LYS L 190 -22.86 -46.47 -60.26
N SER L 191 -23.61 -46.27 -59.18
CA SER L 191 -25.03 -46.60 -59.19
C SER L 191 -25.83 -45.57 -59.99
N LYS L 192 -25.60 -44.28 -59.72
CA LYS L 192 -26.42 -43.24 -60.33
C LYS L 192 -25.99 -43.00 -61.77
N GLY L 193 -26.84 -42.30 -62.51
CA GLY L 193 -26.61 -42.08 -63.92
C GLY L 193 -26.03 -40.71 -64.25
N SER L 194 -26.18 -39.75 -63.34
CA SER L 194 -25.73 -38.39 -63.62
C SER L 194 -25.56 -37.61 -62.32
N TYR L 195 -24.50 -36.82 -62.24
CA TYR L 195 -24.24 -35.95 -61.11
C TYR L 195 -24.08 -34.51 -61.59
N SER L 196 -24.59 -33.57 -60.80
CA SER L 196 -24.55 -32.16 -61.13
C SER L 196 -24.07 -31.34 -59.95
N CYS L 197 -23.28 -30.30 -60.22
CA CYS L 197 -22.91 -29.29 -59.24
C CYS L 197 -23.68 -28.02 -59.59
N GLU L 198 -24.78 -27.77 -58.87
CA GLU L 198 -25.64 -26.61 -59.10
C GLU L 198 -25.28 -25.53 -58.09
N VAL L 199 -24.48 -24.56 -58.52
CA VAL L 199 -24.15 -23.39 -57.72
C VAL L 199 -25.03 -22.22 -58.21
N THR L 200 -25.61 -21.51 -57.25
CA THR L 200 -26.46 -20.35 -57.53
C THR L 200 -25.82 -19.13 -56.91
N HIS L 201 -25.80 -18.02 -57.65
CA HIS L 201 -25.15 -16.81 -57.18
C HIS L 201 -25.87 -15.60 -57.73
N GLU L 202 -26.47 -14.81 -56.85
CA GLU L 202 -27.19 -13.58 -57.22
C GLU L 202 -28.31 -13.87 -58.22
N GLY L 203 -29.11 -14.90 -57.91
CA GLY L 203 -30.28 -15.20 -58.72
C GLY L 203 -29.98 -16.07 -59.92
N SER L 204 -28.77 -15.97 -60.46
CA SER L 204 -28.35 -16.79 -61.58
C SER L 204 -27.83 -18.14 -61.08
N THR L 205 -28.13 -19.20 -61.83
CA THR L 205 -27.76 -20.56 -61.45
C THR L 205 -26.86 -21.13 -62.52
N VAL L 206 -25.58 -21.32 -62.20
CA VAL L 206 -24.61 -21.91 -63.12
C VAL L 206 -24.46 -23.39 -62.77
N THR L 207 -24.63 -24.26 -63.76
CA THR L 207 -24.67 -25.70 -63.54
C THR L 207 -23.64 -26.39 -64.43
N LYS L 208 -22.85 -27.27 -63.82
CA LYS L 208 -22.00 -28.21 -64.55
C LYS L 208 -22.44 -29.63 -64.20
N THR L 209 -22.29 -30.53 -65.16
CA THR L 209 -22.81 -31.88 -65.04
C THR L 209 -21.83 -32.87 -65.64
N VAL L 210 -21.52 -33.92 -64.88
CA VAL L 210 -20.68 -35.02 -65.35
C VAL L 210 -21.45 -36.33 -65.16
N LYS L 211 -21.25 -37.26 -66.08
CA LYS L 211 -21.86 -38.58 -66.08
C LYS L 211 -20.80 -39.65 -65.82
N PRO L 212 -21.09 -40.62 -64.95
CA PRO L 212 -20.02 -41.55 -64.52
C PRO L 212 -19.49 -42.40 -65.65
N SER L 213 -20.35 -42.91 -66.53
CA SER L 213 -19.90 -43.71 -67.65
C SER L 213 -18.96 -42.90 -68.55
N GLU L 214 -19.35 -41.67 -68.84
CA GLU L 214 -18.60 -40.82 -69.77
C GLU L 214 -17.52 -40.02 -69.07
N VAL M 2 22.55 4.83 -60.10
CA VAL M 2 23.43 4.31 -59.06
C VAL M 2 24.52 5.33 -58.72
N GLN M 3 25.25 5.79 -59.74
CA GLN M 3 26.28 6.81 -59.58
C GLN M 3 26.04 7.93 -60.59
N LEU M 4 26.65 9.08 -60.32
CA LEU M 4 26.52 10.25 -61.17
C LEU M 4 27.91 10.82 -61.42
N ARG M 5 28.29 10.90 -62.70
CA ARG M 5 29.60 11.38 -63.11
C ARG M 5 29.46 12.81 -63.64
N GLU M 6 30.13 13.75 -62.98
CA GLU M 6 30.22 15.12 -63.47
C GLU M 6 31.58 15.34 -64.11
N SER M 7 31.58 15.80 -65.36
CA SER M 7 32.81 16.03 -66.10
C SER M 7 32.73 17.41 -66.75
N GLY M 8 33.73 18.24 -66.48
CA GLY M 8 33.76 19.57 -67.03
C GLY M 8 35.02 20.33 -66.69
N PRO M 9 35.15 21.55 -67.24
CA PRO M 9 36.34 22.37 -66.97
C PRO M 9 36.38 22.86 -65.52
N SER M 10 37.51 22.64 -64.86
CA SER M 10 37.71 23.08 -63.49
C SER M 10 38.26 24.51 -63.39
N LEU M 11 38.07 25.32 -64.44
CA LEU M 11 38.55 26.70 -64.48
C LEU M 11 37.94 27.43 -65.67
N VAL M 12 37.37 28.61 -65.44
CA VAL M 12 36.85 29.46 -66.50
C VAL M 12 37.21 30.91 -66.19
N LYS M 13 37.21 31.73 -67.22
CA LYS M 13 37.50 33.16 -67.06
C LYS M 13 36.22 33.97 -67.19
N PRO M 14 36.18 35.17 -66.58
CA PRO M 14 34.91 35.91 -66.47
C PRO M 14 34.22 36.16 -67.79
N SER M 15 32.90 36.38 -67.68
CA SER M 15 32.02 36.69 -68.80
C SER M 15 32.01 35.60 -69.86
N GLN M 16 32.34 34.38 -69.50
CA GLN M 16 32.24 33.25 -70.42
C GLN M 16 31.00 32.43 -70.06
N THR M 17 30.81 31.35 -70.81
CA THR M 17 29.69 30.43 -70.58
C THR M 17 30.24 29.10 -70.11
N LEU M 18 29.78 28.65 -68.95
CA LEU M 18 30.20 27.37 -68.39
C LEU M 18 29.28 26.26 -68.88
N SER M 19 29.86 25.25 -69.52
CA SER M 19 29.13 24.09 -70.00
C SER M 19 29.59 22.86 -69.23
N LEU M 20 28.62 22.13 -68.66
CA LEU M 20 28.90 20.99 -67.81
C LEU M 20 28.05 19.81 -68.24
N THR M 21 28.58 18.60 -68.07
CA THR M 21 27.92 17.38 -68.51
C THR M 21 27.90 16.36 -67.38
N CYS M 22 26.83 15.58 -67.32
CA CYS M 22 26.63 14.56 -66.30
C CYS M 22 26.37 13.21 -66.96
N THR M 23 27.24 12.24 -66.69
CA THR M 23 27.11 10.89 -67.22
C THR M 23 26.42 10.00 -66.19
N ALA M 24 25.23 9.52 -66.53
CA ALA M 24 24.43 8.71 -65.63
C ALA M 24 24.79 7.24 -65.81
N SER M 25 25.32 6.62 -64.75
CA SER M 25 25.71 5.22 -64.76
C SER M 25 24.91 4.47 -63.70
N GLY M 26 24.24 3.40 -64.12
CA GLY M 26 23.46 2.58 -63.22
C GLY M 26 21.96 2.73 -63.32
N PHE M 27 21.46 3.62 -64.18
CA PHE M 27 20.03 3.80 -64.38
C PHE M 27 19.82 4.46 -65.73
N SER M 28 18.55 4.63 -66.10
CA SER M 28 18.18 5.19 -67.39
C SER M 28 17.61 6.59 -67.22
N LEU M 29 17.76 7.41 -68.26
CA LEU M 29 17.32 8.80 -68.19
C LEU M 29 15.84 8.97 -68.47
N SER M 30 15.19 7.97 -69.05
CA SER M 30 13.75 7.99 -69.25
C SER M 30 12.98 7.38 -68.08
N ASP M 31 13.68 7.06 -66.99
CA ASP M 31 13.06 6.59 -65.75
C ASP M 31 13.17 7.59 -64.62
N LYS M 32 14.28 8.34 -64.54
CA LYS M 32 14.53 9.26 -63.44
C LYS M 32 14.80 10.66 -63.97
N ALA M 33 14.53 11.66 -63.12
CA ALA M 33 14.75 13.06 -63.44
C ALA M 33 16.09 13.53 -62.88
N VAL M 34 16.73 14.45 -63.59
CA VAL M 34 18.06 14.93 -63.25
C VAL M 34 18.00 16.43 -62.97
N GLY M 35 18.55 16.84 -61.84
CA GLY M 35 18.62 18.23 -61.48
C GLY M 35 20.05 18.71 -61.24
N TRP M 36 20.25 20.02 -61.24
CA TRP M 36 21.56 20.63 -61.02
C TRP M 36 21.53 21.48 -59.76
N VAL M 37 22.48 21.24 -58.88
CA VAL M 37 22.61 21.97 -57.61
C VAL M 37 24.09 22.30 -57.40
N ARG M 38 24.39 23.57 -57.15
CA ARG M 38 25.74 23.97 -56.84
C ARG M 38 25.79 24.55 -55.43
N GLN M 39 26.99 24.57 -54.86
CA GLN M 39 27.21 25.16 -53.55
C GLN M 39 28.50 25.97 -53.57
N ALA M 40 28.39 27.26 -53.31
CA ALA M 40 29.57 28.09 -53.13
C ALA M 40 30.23 27.74 -51.79
N PRO M 41 31.55 27.80 -51.71
CA PRO M 41 32.22 27.35 -50.47
C PRO M 41 31.95 28.29 -49.31
N GLY M 42 31.60 27.73 -48.17
CA GLY M 42 31.21 28.51 -47.02
C GLY M 42 29.82 29.11 -47.09
N LYS M 43 29.03 28.79 -48.13
CA LYS M 43 27.68 29.33 -48.27
C LYS M 43 26.65 28.20 -48.27
N ALA M 44 25.50 28.46 -48.88
CA ALA M 44 24.39 27.51 -48.89
C ALA M 44 24.26 26.83 -50.25
N LEU M 45 23.57 25.70 -50.24
CA LEU M 45 23.22 25.03 -51.49
C LEU M 45 22.31 25.93 -52.32
N GLU M 46 22.51 25.93 -53.63
CA GLU M 46 21.73 26.75 -54.54
C GLU M 46 21.12 25.87 -55.62
N TRP M 47 19.79 25.84 -55.67
CA TRP M 47 19.11 25.13 -56.73
C TRP M 47 19.36 25.82 -58.06
N LEU M 48 19.72 25.03 -59.08
CA LEU M 48 19.92 25.57 -60.43
C LEU M 48 18.78 25.18 -61.37
N GLY M 49 18.60 23.91 -61.65
CA GLY M 49 17.54 23.52 -62.56
C GLY M 49 17.43 22.01 -62.64
N SER M 50 16.35 21.56 -63.28
CA SER M 50 16.09 20.14 -63.43
C SER M 50 15.43 19.87 -64.78
N ILE M 51 15.66 18.67 -65.29
CA ILE M 51 14.95 18.14 -66.44
C ILE M 51 14.41 16.76 -66.08
N ASP M 52 13.11 16.55 -66.27
CA ASP M 52 12.51 15.26 -65.91
C ASP M 52 12.67 14.26 -67.05
N THR M 53 11.91 13.17 -67.00
CA THR M 53 12.05 12.13 -68.00
C THR M 53 11.50 12.59 -69.35
N GLY M 54 10.39 13.31 -69.34
CA GLY M 54 9.70 13.68 -70.56
C GLY M 54 10.20 14.95 -71.22
N GLY M 55 11.39 15.40 -70.82
CA GLY M 55 12.04 16.52 -71.46
C GLY M 55 11.59 17.89 -71.00
N SER M 56 10.64 17.97 -70.07
CA SER M 56 10.26 19.27 -69.51
C SER M 56 11.40 19.85 -68.68
N THR M 57 11.54 21.17 -68.73
CA THR M 57 12.64 21.87 -68.08
C THR M 57 12.13 22.77 -66.97
N GLY M 58 12.92 22.87 -65.91
CA GLY M 58 12.62 23.77 -64.81
C GLY M 58 13.89 24.29 -64.18
N TYR M 59 13.97 25.60 -63.98
CA TYR M 59 15.15 26.23 -63.40
C TYR M 59 14.75 27.12 -62.23
N ASN M 60 15.77 27.54 -61.49
CA ASN M 60 15.61 28.56 -60.46
C ASN M 60 15.19 29.87 -61.13
N PRO M 61 14.09 30.49 -60.70
CA PRO M 61 13.64 31.73 -61.36
C PRO M 61 14.67 32.83 -61.40
N GLY M 62 15.50 32.96 -60.36
CA GLY M 62 16.51 34.02 -60.35
C GLY M 62 17.57 33.85 -61.41
N LEU M 63 17.92 32.61 -61.73
CA LEU M 63 19.02 32.31 -62.64
C LEU M 63 18.55 31.75 -63.98
N LYS M 64 17.24 31.77 -64.24
CA LYS M 64 16.70 31.15 -65.43
C LYS M 64 17.24 31.81 -66.71
N SER M 65 17.50 33.12 -66.65
CA SER M 65 18.00 33.83 -67.82
C SER M 65 19.37 33.29 -68.24
N ARG M 66 20.19 32.88 -67.27
CA ARG M 66 21.55 32.46 -67.55
C ARG M 66 21.69 30.94 -67.65
N LEU M 67 20.60 30.18 -67.56
CA LEU M 67 20.68 28.73 -67.43
C LEU M 67 19.94 28.04 -68.58
N SER M 68 20.39 26.83 -68.90
CA SER M 68 19.77 25.97 -69.89
C SER M 68 20.29 24.55 -69.71
N ILE M 69 19.40 23.56 -69.87
CA ILE M 69 19.69 22.16 -69.59
C ILE M 69 19.11 21.29 -70.71
N THR M 70 19.90 20.34 -71.20
CA THR M 70 19.45 19.38 -72.21
C THR M 70 20.02 18.01 -71.86
N LYS M 71 19.51 16.99 -72.56
CA LYS M 71 19.91 15.62 -72.31
C LYS M 71 19.78 14.79 -73.58
N ASP M 72 20.52 13.68 -73.61
CA ASP M 72 20.44 12.71 -74.71
C ASP M 72 20.45 11.32 -74.10
N ASN M 73 19.32 10.63 -74.19
CA ASN M 73 19.17 9.33 -73.52
C ASN M 73 20.15 8.30 -74.06
N SER M 74 20.41 8.33 -75.37
CA SER M 74 21.27 7.34 -76.00
C SER M 74 22.64 7.27 -75.33
N GLU M 75 23.25 8.42 -75.10
CA GLU M 75 24.55 8.45 -74.44
C GLU M 75 24.43 8.58 -72.92
N SER M 76 23.20 8.69 -72.40
CA SER M 76 22.94 8.79 -70.96
C SER M 76 23.71 9.95 -70.34
N GLN M 77 23.41 11.15 -70.82
CA GLN M 77 24.07 12.35 -70.32
C GLN M 77 23.11 13.53 -70.31
N VAL M 78 23.31 14.41 -69.34
CA VAL M 78 22.57 15.67 -69.22
C VAL M 78 23.57 16.81 -69.25
N SER M 79 23.14 17.92 -69.84
CA SER M 79 24.01 19.08 -70.04
C SER M 79 23.51 20.27 -69.23
N LEU M 80 24.44 21.14 -68.84
CA LEU M 80 24.12 22.38 -68.16
C LEU M 80 24.83 23.53 -68.87
N SER M 81 24.21 24.71 -68.85
CA SER M 81 24.78 25.90 -69.46
C SER M 81 24.58 27.08 -68.53
N VAL M 82 25.69 27.65 -68.03
CA VAL M 82 25.66 28.84 -67.20
C VAL M 82 26.34 29.96 -67.99
N SER M 83 25.56 30.95 -68.42
CA SER M 83 26.05 31.98 -69.31
C SER M 83 26.43 33.23 -68.52
N SER M 84 27.43 33.95 -69.05
CA SER M 84 27.90 35.21 -68.49
C SER M 84 28.22 35.08 -67.00
N VAL M 85 29.22 34.24 -66.73
CA VAL M 85 29.58 33.93 -65.35
C VAL M 85 30.33 35.09 -64.73
N THR M 86 30.24 35.20 -63.41
CA THR M 86 30.92 36.21 -62.61
C THR M 86 31.78 35.52 -61.56
N THR M 87 32.44 36.32 -60.72
CA THR M 87 33.18 35.77 -59.60
C THR M 87 32.28 35.08 -58.58
N GLU M 88 30.96 35.31 -58.65
CA GLU M 88 30.04 34.69 -57.73
C GLU M 88 29.82 33.21 -58.02
N ASP M 89 30.05 32.79 -59.26
CA ASP M 89 29.69 31.46 -59.70
C ASP M 89 30.75 30.41 -59.40
N SER M 90 31.87 30.80 -58.79
CA SER M 90 32.83 29.81 -58.31
C SER M 90 32.17 28.90 -57.27
N ALA M 91 31.97 27.63 -57.63
CA ALA M 91 31.31 26.70 -56.73
C ALA M 91 31.59 25.29 -57.19
N THR M 92 31.38 24.33 -56.29
CA THR M 92 31.29 22.94 -56.69
C THR M 92 29.88 22.67 -57.19
N TYR M 93 29.78 21.96 -58.31
CA TYR M 93 28.51 21.71 -58.98
C TYR M 93 28.14 20.24 -58.79
N TYR M 94 26.96 19.99 -58.23
CA TYR M 94 26.50 18.64 -57.97
C TYR M 94 25.45 18.23 -58.99
N CYS M 95 25.62 17.05 -59.56
CA CYS M 95 24.62 16.43 -60.40
C CYS M 95 23.72 15.56 -59.53
N THR M 96 22.41 15.66 -59.75
CA THR M 96 21.46 15.05 -58.84
C THR M 96 20.33 14.38 -59.60
N THR M 97 19.74 13.37 -58.95
CA THR M 97 18.47 12.79 -59.37
C THR M 97 17.39 13.28 -58.43
N VAL M 98 16.36 13.93 -58.98
CA VAL M 98 15.31 14.52 -58.16
C VAL M 98 14.00 13.80 -58.43
N HIS M 99 13.10 13.89 -57.45
CA HIS M 99 11.74 13.37 -57.55
C HIS M 99 10.78 14.55 -57.53
N GLN M 100 10.02 14.71 -58.61
CA GLN M 100 9.14 15.85 -58.79
C GLN M 100 7.70 15.36 -58.83
N TYR M 101 6.85 15.95 -58.01
CA TYR M 101 5.45 15.54 -57.96
C TYR M 101 4.59 16.69 -57.45
N THR M 102 3.59 17.06 -58.22
CA THR M 102 2.54 17.97 -57.78
C THR M 102 1.45 17.14 -57.11
N HIS M 103 1.26 17.36 -55.81
CA HIS M 103 0.37 16.50 -55.04
C HIS M 103 -1.09 16.88 -55.21
N LYS M 104 -1.40 18.18 -55.30
CA LYS M 104 -2.75 18.65 -55.62
C LYS M 104 -3.75 18.28 -54.53
N ARG M 105 -4.02 19.22 -53.62
CA ARG M 105 -4.91 19.01 -52.49
C ARG M 105 -6.29 19.59 -52.79
N CYS M 106 -7.31 19.08 -52.08
CA CYS M 106 -8.69 19.49 -52.29
C CYS M 106 -9.56 19.17 -51.07
N SER M 147 -12.07 25.20 -58.43
CA SER M 147 -11.07 24.26 -58.92
C SER M 147 -10.47 23.43 -57.77
N ALA M 148 -9.14 23.36 -57.73
CA ALA M 148 -8.42 22.62 -56.70
C ALA M 148 -7.02 23.21 -56.56
N GLY M 149 -6.44 23.04 -55.37
CA GLY M 149 -5.11 23.54 -55.07
C GLY M 149 -4.02 22.53 -55.37
N SER M 150 -2.80 22.89 -54.99
CA SER M 150 -1.65 22.02 -55.22
C SER M 150 -0.56 22.34 -54.21
N SER M 151 0.04 21.28 -53.66
CA SER M 151 1.19 21.38 -52.78
C SER M 151 2.35 20.65 -53.42
N TYR M 152 3.51 21.30 -53.50
CA TYR M 152 4.61 20.85 -54.36
C TYR M 152 5.70 20.15 -53.55
N GLU M 153 6.16 19.02 -54.07
CA GLU M 153 7.28 18.28 -53.52
C GLU M 153 8.43 18.23 -54.50
N LEU M 154 9.64 18.45 -53.99
CA LEU M 154 10.86 18.07 -54.68
C LEU M 154 11.89 17.69 -53.62
N TYR M 155 12.75 16.74 -53.95
CA TYR M 155 13.87 16.38 -53.12
C TYR M 155 14.86 15.59 -53.97
N VAL M 156 16.12 15.59 -53.52
CA VAL M 156 17.21 14.97 -54.26
C VAL M 156 17.36 13.53 -53.79
N ASP M 157 17.48 12.60 -54.74
CA ASP M 157 17.64 11.18 -54.43
C ASP M 157 19.12 10.80 -54.33
N ALA M 158 19.87 11.03 -55.40
CA ALA M 158 21.29 10.67 -55.44
C ALA M 158 22.11 11.90 -55.75
N TRP M 159 23.23 12.05 -55.05
CA TRP M 159 24.13 13.18 -55.20
C TRP M 159 25.40 12.73 -55.92
N GLY M 160 25.88 13.56 -56.83
CA GLY M 160 27.21 13.37 -57.40
C GLY M 160 28.28 13.71 -56.38
N GLN M 161 29.53 13.62 -56.83
CA GLN M 161 30.64 13.89 -55.93
C GLN M 161 31.01 15.36 -55.86
N GLY M 162 30.68 16.14 -56.89
CA GLY M 162 31.02 17.55 -56.91
C GLY M 162 32.25 17.86 -57.73
N LEU M 163 32.11 18.71 -58.73
CA LEU M 163 33.24 19.18 -59.53
C LEU M 163 33.52 20.62 -59.17
N LEU M 164 34.77 20.89 -58.77
CA LEU M 164 35.15 22.22 -58.28
C LEU M 164 35.45 23.12 -59.48
N VAL M 165 34.47 23.96 -59.84
CA VAL M 165 34.68 25.00 -60.83
C VAL M 165 35.12 26.27 -60.11
N THR M 166 36.20 26.88 -60.62
CA THR M 166 36.71 28.13 -60.08
C THR M 166 36.87 29.10 -61.24
N VAL M 167 36.03 30.14 -61.26
CA VAL M 167 36.21 31.22 -62.21
C VAL M 167 37.34 32.11 -61.70
N SER M 168 38.20 32.57 -62.62
CA SER M 168 39.36 33.36 -62.25
C SER M 168 39.96 33.99 -63.49
N SER M 169 40.55 35.17 -63.32
CA SER M 169 41.25 35.82 -64.43
C SER M 169 42.43 34.98 -64.89
N ALA M 170 43.19 34.41 -63.94
CA ALA M 170 44.43 33.74 -64.29
C ALA M 170 44.19 32.56 -65.22
N SER M 171 45.12 32.34 -66.13
CA SER M 171 45.13 31.17 -67.00
C SER M 171 45.83 30.00 -66.30
N THR M 172 45.56 28.80 -66.80
CA THR M 172 46.10 27.59 -66.17
C THR M 172 47.63 27.66 -66.10
N THR M 173 48.16 27.46 -64.90
CA THR M 173 49.60 27.57 -64.65
C THR M 173 50.11 26.28 -64.04
N ALA M 174 51.20 25.75 -64.62
CA ALA M 174 51.85 24.57 -64.09
C ALA M 174 52.68 24.93 -62.85
N PRO M 175 52.62 24.13 -61.79
CA PRO M 175 53.29 24.49 -60.55
C PRO M 175 54.80 24.38 -60.65
N LYS M 176 55.46 25.00 -59.67
CA LYS M 176 56.89 24.84 -59.44
C LYS M 176 57.07 24.08 -58.13
N VAL M 177 58.00 23.12 -58.13
CA VAL M 177 58.22 22.21 -56.99
C VAL M 177 59.51 22.59 -56.29
N TYR M 178 59.42 22.79 -54.98
CA TYR M 178 60.56 23.19 -54.16
C TYR M 178 60.67 22.28 -52.95
N PRO M 179 61.83 21.67 -52.71
CA PRO M 179 61.98 20.77 -51.55
C PRO M 179 62.10 21.53 -50.23
N LEU M 180 61.54 20.93 -49.18
CA LEU M 180 61.52 21.52 -47.85
C LEU M 180 62.31 20.64 -46.88
N SER M 181 63.26 21.25 -46.17
CA SER M 181 64.00 20.58 -45.11
C SER M 181 64.25 21.56 -43.97
N SER M 182 64.26 21.04 -42.75
CA SER M 182 64.31 21.88 -41.56
C SER M 182 65.70 22.47 -41.35
N CYS M 183 65.77 23.47 -40.48
CA CYS M 183 67.01 24.15 -40.15
C CYS M 183 67.82 23.33 -39.15
N CYS M 184 69.06 23.76 -38.93
CA CYS M 184 69.95 23.08 -38.00
C CYS M 184 69.93 23.76 -36.63
N THR M 191 63.56 11.67 -34.98
CA THR M 191 62.36 11.83 -35.81
C THR M 191 62.42 13.13 -36.61
N VAL M 192 62.47 13.00 -37.92
CA VAL M 192 62.67 14.12 -38.82
C VAL M 192 61.38 14.33 -39.64
N THR M 193 61.28 15.49 -40.27
CA THR M 193 60.14 15.84 -41.13
C THR M 193 60.66 16.38 -42.45
N LEU M 194 60.15 15.83 -43.55
CA LEU M 194 60.50 16.25 -44.90
C LEU M 194 59.27 16.83 -45.61
N GLY M 195 59.51 17.80 -46.49
CA GLY M 195 58.44 18.47 -47.19
C GLY M 195 58.62 18.42 -48.69
N CYS M 196 57.61 18.93 -49.40
CA CYS M 196 57.60 18.92 -50.86
C CYS M 196 56.60 20.02 -51.28
N LEU M 197 57.12 21.24 -51.42
CA LEU M 197 56.29 22.45 -51.57
C LEU M 197 55.91 22.65 -53.03
N VAL M 198 54.61 22.76 -53.28
CA VAL M 198 54.07 23.08 -54.60
C VAL M 198 53.66 24.55 -54.57
N SER M 199 54.34 25.38 -55.36
CA SER M 199 54.13 26.82 -55.35
C SER M 199 53.55 27.29 -56.67
N SER M 200 52.57 28.18 -56.59
CA SER M 200 52.05 28.93 -57.74
C SER M 200 51.51 28.02 -58.84
N TYR M 201 50.22 27.66 -58.75
CA TYR M 201 49.58 26.86 -59.79
C TYR M 201 48.09 27.16 -59.80
N MET M 202 47.48 26.97 -60.97
CA MET M 202 46.04 27.04 -61.16
C MET M 202 45.70 26.18 -62.36
N PRO M 203 44.53 25.53 -62.36
CA PRO M 203 43.52 25.46 -61.30
C PRO M 203 43.76 24.31 -60.32
N GLU M 204 43.03 24.31 -59.20
CA GLU M 204 43.21 23.28 -58.19
C GLU M 204 42.77 21.92 -58.73
N PRO M 205 43.62 20.89 -58.63
CA PRO M 205 43.50 19.49 -59.06
C PRO M 205 44.74 18.69 -58.67
N THR M 207 47.70 16.54 -57.06
CA THR M 207 47.88 15.21 -56.48
C THR M 207 49.34 14.96 -56.16
N VAL M 208 49.62 14.50 -54.93
CA VAL M 208 50.98 14.34 -54.43
C VAL M 208 51.16 12.92 -53.93
N THR M 209 52.29 12.30 -54.32
CA THR M 209 52.67 10.99 -53.81
C THR M 209 54.12 11.03 -53.35
N TRP M 210 54.48 10.07 -52.51
CA TRP M 210 55.85 9.92 -52.02
C TRP M 210 56.35 8.53 -52.40
N ASN M 211 57.51 8.49 -53.05
CA ASN M 211 58.09 7.23 -53.54
C ASN M 211 57.14 6.49 -54.47
N SER M 212 56.47 7.24 -55.34
CA SER M 212 55.55 6.70 -56.34
C SER M 212 54.43 5.89 -55.69
N GLY M 213 53.86 6.45 -54.62
CA GLY M 213 52.78 5.79 -53.91
C GLY M 213 53.20 4.68 -52.98
N ALA M 214 54.49 4.36 -52.90
CA ALA M 214 54.98 3.32 -52.02
C ALA M 214 55.26 3.82 -50.61
N LEU M 215 55.30 5.13 -50.39
CA LEU M 215 55.46 5.73 -49.06
C LEU M 215 54.12 6.34 -48.66
N LYS M 216 53.41 5.70 -47.74
CA LYS M 216 52.11 6.16 -47.28
C LYS M 216 52.11 6.53 -45.80
N SER M 217 53.28 6.67 -45.18
CA SER M 217 53.40 6.90 -43.74
C SER M 217 53.77 8.36 -43.45
N GLY M 218 53.13 8.92 -42.42
CA GLY M 218 53.39 10.28 -42.01
C GLY M 218 53.15 11.36 -43.04
N VAL M 219 52.45 11.05 -44.14
CA VAL M 219 52.25 12.04 -45.20
C VAL M 219 51.07 12.94 -44.82
N HIS M 220 51.27 14.25 -44.95
CA HIS M 220 50.24 15.25 -44.67
C HIS M 220 50.14 16.20 -45.86
N THR M 221 49.18 15.93 -46.75
CA THR M 221 48.87 16.83 -47.85
C THR M 221 47.86 17.87 -47.37
N PHE M 222 48.17 19.14 -47.60
CA PHE M 222 47.45 20.26 -47.03
C PHE M 222 46.50 20.88 -48.04
N PRO M 223 45.52 21.65 -47.58
CA PRO M 223 44.67 22.40 -48.51
C PRO M 223 45.40 23.63 -49.03
N ALA M 224 45.26 23.86 -50.33
CA ALA M 224 45.97 24.96 -50.96
C ALA M 224 45.44 26.30 -50.47
N VAL M 225 46.24 27.34 -50.70
CA VAL M 225 45.87 28.72 -50.41
C VAL M 225 45.84 29.49 -51.72
N LEU M 226 44.98 30.50 -51.78
CA LEU M 226 44.81 31.31 -52.97
C LEU M 226 45.62 32.59 -52.78
N GLN M 227 46.76 32.66 -53.48
CA GLN M 227 47.73 33.71 -53.23
C GLN M 227 47.34 35.01 -53.92
N SER M 228 48.14 36.06 -53.67
CA SER M 228 47.90 37.35 -54.30
C SER M 228 47.95 37.27 -55.82
N SER M 229 48.62 36.25 -56.36
CA SER M 229 48.72 36.03 -57.80
C SER M 229 47.53 35.27 -58.36
N GLY M 230 46.59 34.82 -57.52
CA GLY M 230 45.53 33.97 -58.00
C GLY M 230 45.95 32.56 -58.32
N LEU M 231 47.17 32.18 -57.94
CA LEU M 231 47.69 30.84 -58.13
C LEU M 231 47.77 30.14 -56.77
N TYR M 232 47.31 28.89 -56.74
CA TYR M 232 47.28 28.13 -55.49
C TYR M 232 48.67 27.62 -55.14
N SER M 233 48.82 27.22 -53.87
CA SER M 233 50.11 26.74 -53.37
C SER M 233 49.85 25.86 -52.16
N LEU M 234 50.10 24.55 -52.31
CA LEU M 234 49.95 23.60 -51.22
C LEU M 234 51.30 22.95 -50.92
N SER M 235 51.40 22.36 -49.72
CA SER M 235 52.60 21.68 -49.28
C SER M 235 52.24 20.27 -48.83
N SER M 236 53.19 19.34 -49.02
CA SER M 236 53.01 17.95 -48.66
C SER M 236 54.20 17.49 -47.84
N MET M 237 53.94 17.06 -46.60
CA MET M 237 54.98 16.73 -45.64
C MET M 237 54.89 15.26 -45.24
N VAL M 238 56.05 14.65 -45.01
CA VAL M 238 56.15 13.26 -44.59
C VAL M 238 56.99 13.20 -43.32
N THR M 239 56.53 12.41 -42.34
CA THR M 239 57.15 12.32 -41.02
C THR M 239 57.57 10.88 -40.75
N VAL M 240 58.84 10.66 -40.42
CA VAL M 240 59.36 9.35 -40.05
C VAL M 240 59.99 9.41 -38.67
N THR M 248 66.22 7.55 -50.52
CA THR M 248 65.99 8.23 -51.79
C THR M 248 64.52 8.67 -51.90
N PHE M 249 64.06 9.43 -50.91
CA PHE M 249 62.65 9.79 -50.81
C PHE M 249 62.35 10.95 -51.76
N THR M 250 61.72 10.64 -52.88
CA THR M 250 61.34 11.63 -53.88
C THR M 250 59.82 11.72 -53.95
N CYS M 251 59.31 12.91 -54.25
CA CYS M 251 57.87 13.14 -54.36
C CYS M 251 57.49 13.38 -55.82
N ASN M 252 56.49 12.67 -56.30
CA ASN M 252 55.94 12.84 -57.64
C ASN M 252 54.66 13.66 -57.54
N VAL M 253 54.63 14.78 -58.25
CA VAL M 253 53.47 15.67 -58.25
C VAL M 253 52.88 15.71 -59.66
N ALA M 254 51.55 15.74 -59.73
CA ALA M 254 50.84 15.73 -61.00
C ALA M 254 49.76 16.80 -61.02
N HIS M 255 49.63 17.48 -62.16
CA HIS M 255 48.66 18.57 -62.32
C HIS M 255 47.83 18.29 -63.56
N PRO M 256 46.55 17.93 -63.40
CA PRO M 256 45.78 17.46 -64.57
C PRO M 256 45.63 18.47 -65.69
N ALA M 257 45.43 19.74 -65.36
CA ALA M 257 45.16 20.73 -66.40
C ALA M 257 46.36 20.92 -67.32
N SER M 258 47.54 21.17 -66.74
CA SER M 258 48.75 21.37 -67.53
C SER M 258 49.37 20.06 -68.01
N SER M 259 48.84 18.92 -67.59
CA SER M 259 49.36 17.60 -67.95
C SER M 259 50.86 17.50 -67.64
N THR M 260 51.21 17.89 -66.42
CA THR M 260 52.59 17.91 -65.96
C THR M 260 52.79 16.89 -64.85
N LYS M 261 53.86 16.10 -64.95
CA LYS M 261 54.21 15.10 -63.95
C LYS M 261 55.72 15.18 -63.73
N VAL M 262 56.13 15.76 -62.60
CA VAL M 262 57.54 15.95 -62.30
C VAL M 262 57.91 15.11 -61.08
N ASP M 263 59.21 14.90 -60.92
CA ASP M 263 59.76 14.09 -59.82
C ASP M 263 60.92 14.86 -59.22
N LYS M 264 60.78 15.30 -57.97
CA LYS M 264 61.82 16.06 -57.29
C LYS M 264 62.19 15.35 -56.00
N ALA M 265 63.47 15.02 -55.85
CA ALA M 265 63.93 14.34 -54.64
C ALA M 265 64.04 15.33 -53.48
N VAL M 266 63.83 14.80 -52.27
CA VAL M 266 63.89 15.60 -51.05
C VAL M 266 64.77 14.89 -50.05
N GLU M 267 65.89 15.52 -49.68
CA GLU M 267 66.80 15.05 -48.66
C GLU M 267 67.17 16.20 -47.74
N PRO M 268 67.42 15.92 -46.44
CA PRO M 268 67.79 16.98 -45.50
C PRO M 268 69.18 17.55 -45.77
N ALA N 2 15.96 33.85 -52.85
CA ALA N 2 15.01 33.10 -52.02
C ALA N 2 15.68 31.92 -51.33
N VAL N 3 15.51 31.83 -50.01
CA VAL N 3 16.23 30.84 -49.21
C VAL N 3 15.47 30.64 -47.91
N LEU N 4 15.76 29.55 -47.21
CA LEU N 4 15.05 29.19 -46.00
C LEU N 4 15.91 29.46 -44.77
N ASN N 5 15.26 29.63 -43.62
CA ASN N 5 15.93 30.08 -42.41
C ASN N 5 16.30 28.90 -41.52
N GLN N 6 17.57 28.86 -41.10
CA GLN N 6 18.08 27.92 -40.11
C GLN N 6 19.07 28.66 -39.22
N PRO N 7 19.12 28.35 -37.93
CA PRO N 7 20.06 29.05 -37.04
C PRO N 7 21.48 28.56 -37.23
N SER N 8 22.33 29.42 -37.78
CA SER N 8 23.62 29.00 -38.32
C SER N 8 24.42 28.15 -37.32
N SER N 9 24.45 28.56 -36.05
CA SER N 9 25.28 27.90 -35.05
C SER N 9 24.42 27.13 -34.07
N VAL N 10 24.53 25.80 -34.10
CA VAL N 10 23.93 24.94 -33.09
C VAL N 10 25.01 24.02 -32.56
N SER N 11 24.80 23.52 -31.34
CA SER N 11 25.83 22.72 -30.69
C SER N 11 25.20 21.90 -29.57
N GLY N 12 25.69 20.67 -29.43
CA GLY N 12 25.19 19.78 -28.39
C GLY N 12 26.25 18.79 -27.99
N SER N 13 26.10 18.25 -26.78
CA SER N 13 27.10 17.36 -26.23
C SER N 13 26.99 15.96 -26.84
N LEU N 14 28.07 15.19 -26.69
CA LEU N 14 28.12 13.82 -27.17
C LEU N 14 27.07 12.97 -26.45
N GLY N 15 26.32 12.20 -27.22
CA GLY N 15 25.32 11.30 -26.68
C GLY N 15 23.98 11.92 -26.36
N GLN N 16 23.91 13.24 -26.22
CA GLN N 16 22.66 13.93 -25.95
C GLN N 16 21.80 13.95 -27.22
N ARG N 17 20.82 14.86 -27.27
CA ARG N 17 20.02 15.02 -28.47
C ARG N 17 19.84 16.51 -28.74
N VAL N 18 19.78 16.84 -30.03
CA VAL N 18 19.66 18.23 -30.47
C VAL N 18 18.69 18.28 -31.65
N SER N 19 18.03 19.42 -31.80
CA SER N 19 17.14 19.66 -32.91
C SER N 19 17.62 20.86 -33.71
N ILE N 20 17.36 20.84 -35.01
CA ILE N 20 17.69 21.92 -35.93
C ILE N 20 16.39 22.37 -36.60
N THR N 21 16.07 23.65 -36.49
CA THR N 21 14.82 24.16 -37.03
C THR N 21 14.98 24.63 -38.46
N CYS N 22 13.90 24.52 -39.23
CA CYS N 22 13.85 24.95 -40.62
C CYS N 22 12.51 25.63 -40.84
N SER N 23 12.50 26.95 -40.76
CA SER N 23 11.27 27.74 -40.78
C SER N 23 11.14 28.50 -42.09
N GLY N 24 9.92 28.50 -42.62
CA GLY N 24 9.61 29.23 -43.83
C GLY N 24 8.23 29.85 -43.81
N SER N 25 7.67 30.17 -44.97
CA SER N 25 6.38 30.84 -45.09
C SER N 25 5.30 29.85 -45.52
N SER N 26 4.13 30.39 -45.87
CA SER N 26 3.00 29.60 -46.32
C SER N 26 3.13 29.14 -47.77
N SER N 27 4.23 29.49 -48.45
CA SER N 27 4.46 29.06 -49.82
C SER N 27 5.41 27.87 -49.91
N ASN N 28 6.27 27.69 -48.91
CA ASN N 28 7.33 26.67 -48.98
C ASN N 28 7.16 25.58 -47.94
N VAL N 29 7.55 25.85 -46.69
CA VAL N 29 7.33 24.89 -45.61
C VAL N 29 5.84 24.69 -45.37
N GLY N 30 5.02 25.68 -45.73
CA GLY N 30 3.58 25.53 -45.58
C GLY N 30 3.02 24.37 -46.38
N ASN N 31 3.56 24.14 -47.58
CA ASN N 31 3.14 22.96 -48.34
C ASN N 31 3.61 21.67 -47.67
N GLY N 32 4.76 21.71 -46.99
CA GLY N 32 5.14 20.68 -46.06
C GLY N 32 6.18 19.69 -46.56
N TYR N 33 6.27 19.46 -47.86
CA TYR N 33 7.11 18.39 -48.37
C TYR N 33 8.58 18.81 -48.30
N VAL N 34 9.04 18.95 -47.05
CA VAL N 34 10.40 19.38 -46.74
C VAL N 34 11.34 18.18 -46.81
N SER N 35 12.60 18.43 -47.18
CA SER N 35 13.63 17.42 -47.17
C SER N 35 14.83 17.91 -46.37
N TRP N 36 15.70 16.97 -46.01
CA TRP N 36 16.85 17.26 -45.16
C TRP N 36 18.10 16.59 -45.72
N TYR N 37 19.24 17.24 -45.54
CA TYR N 37 20.48 16.80 -46.17
C TYR N 37 21.66 17.01 -45.23
N GLN N 38 22.58 16.05 -45.22
CA GLN N 38 23.77 16.08 -44.37
C GLN N 38 25.00 16.17 -45.25
N LEU N 39 25.77 17.25 -45.09
CA LEU N 39 26.99 17.46 -45.87
C LEU N 39 28.19 17.38 -44.92
N ILE N 40 28.83 16.22 -44.88
CA ILE N 40 30.11 16.06 -44.19
C ILE N 40 31.19 16.54 -45.16
N PRO N 41 32.15 17.35 -44.72
CA PRO N 41 33.15 17.88 -45.65
C PRO N 41 33.97 16.77 -46.30
N GLY N 42 34.32 16.99 -47.57
CA GLY N 42 35.05 16.00 -48.35
C GLY N 42 34.20 14.91 -48.95
N SER N 43 32.97 14.74 -48.49
CA SER N 43 32.07 13.71 -48.98
C SER N 43 30.89 14.34 -49.70
N ALA N 44 30.19 13.52 -50.48
CA ALA N 44 29.02 13.99 -51.18
C ALA N 44 27.87 14.21 -50.20
N PRO N 45 26.91 15.08 -50.54
CA PRO N 45 25.73 15.24 -49.70
C PRO N 45 25.00 13.92 -49.51
N ARG N 46 24.60 13.66 -48.28
CA ARG N 46 23.84 12.47 -47.92
C ARG N 46 22.43 12.90 -47.55
N THR N 47 21.44 12.46 -48.32
CA THR N 47 20.06 12.77 -48.00
C THR N 47 19.65 12.07 -46.71
N LEU N 48 18.75 12.70 -45.96
CA LEU N 48 18.34 12.21 -44.65
C LEU N 48 16.84 11.96 -44.60
N ILE N 49 16.02 13.00 -44.73
CA ILE N 49 14.58 12.91 -44.57
C ILE N 49 13.93 13.56 -45.78
N TYR N 50 12.91 12.91 -46.34
CA TYR N 50 12.11 13.49 -47.41
C TYR N 50 10.65 13.45 -47.02
N GLY N 51 9.89 14.42 -47.54
CA GLY N 51 8.47 14.51 -47.25
C GLY N 51 8.15 14.47 -45.76
N ASP N 52 8.57 15.50 -45.04
CA ASP N 52 8.31 15.65 -43.61
C ASP N 52 9.08 14.67 -42.75
N THR N 53 8.80 13.37 -42.86
CA THR N 53 9.18 12.41 -41.83
C THR N 53 9.93 11.17 -42.32
N SER N 54 9.83 10.80 -43.59
CA SER N 54 10.39 9.53 -44.05
C SER N 54 11.91 9.58 -44.10
N ARG N 55 12.55 8.56 -43.53
CA ARG N 55 13.99 8.40 -43.61
C ARG N 55 14.37 7.68 -44.90
N ALA N 56 15.46 8.12 -45.51
CA ALA N 56 15.92 7.56 -46.77
C ALA N 56 16.74 6.30 -46.52
N SER N 57 17.42 5.81 -47.55
CA SER N 57 18.20 4.60 -47.44
C SER N 57 19.40 4.81 -46.52
N GLY N 58 19.57 3.91 -45.56
CA GLY N 58 20.71 3.97 -44.66
C GLY N 58 20.66 5.13 -43.68
N VAL N 59 19.46 5.55 -43.30
CA VAL N 59 19.28 6.68 -42.40
C VAL N 59 18.79 6.13 -41.05
N PRO N 60 19.60 6.16 -40.00
CA PRO N 60 19.17 5.61 -38.72
C PRO N 60 18.00 6.39 -38.13
N ASP N 61 17.32 5.75 -37.17
CA ASP N 61 16.22 6.39 -36.47
C ASP N 61 16.66 7.58 -35.63
N ARG N 62 17.96 7.74 -35.40
CA ARG N 62 18.44 8.91 -34.66
C ARG N 62 18.09 10.20 -35.40
N PHE N 63 18.03 10.14 -36.73
CA PHE N 63 17.69 11.28 -37.56
C PHE N 63 16.20 11.25 -37.84
N SER N 64 15.47 12.21 -37.28
CA SER N 64 14.01 12.21 -37.36
C SER N 64 13.54 13.57 -37.87
N GLY N 65 12.60 13.55 -38.81
CA GLY N 65 12.01 14.76 -39.34
C GLY N 65 10.65 15.03 -38.71
N SER N 66 10.40 16.29 -38.37
CA SER N 66 9.14 16.73 -37.78
C SER N 66 8.80 18.11 -38.30
N ARG N 67 7.50 18.42 -38.33
CA ARG N 67 7.04 19.70 -38.86
C ARG N 67 5.80 20.15 -38.12
N SER N 68 5.69 21.48 -37.93
CA SER N 68 4.51 22.11 -37.35
C SER N 68 4.24 23.36 -38.18
N GLY N 69 3.37 23.21 -39.19
CA GLY N 69 2.95 24.35 -39.99
C GLY N 69 4.02 24.95 -40.88
N ASN N 70 4.62 26.06 -40.44
CA ASN N 70 5.63 26.77 -41.22
C ASN N 70 7.02 26.62 -40.63
N THR N 71 7.28 25.55 -39.89
CA THR N 71 8.60 25.34 -39.29
C THR N 71 8.84 23.83 -39.19
N ALA N 72 9.79 23.33 -39.97
CA ALA N 72 10.21 21.95 -39.89
C ALA N 72 11.38 21.80 -38.92
N THR N 73 11.61 20.58 -38.45
CA THR N 73 12.58 20.33 -37.40
C THR N 73 13.25 18.98 -37.61
N LEU N 74 14.55 19.01 -37.93
CA LEU N 74 15.37 17.81 -37.90
C LEU N 74 15.87 17.59 -36.47
N THR N 75 15.71 16.37 -35.96
CA THR N 75 16.09 16.03 -34.61
C THR N 75 17.06 14.86 -34.64
N ILE N 76 18.18 15.01 -33.92
CA ILE N 76 19.21 13.98 -33.86
C ILE N 76 19.19 13.40 -32.44
N SER N 77 19.02 12.09 -32.34
CA SER N 77 18.67 11.45 -31.08
C SER N 77 19.86 11.10 -30.21
N SER N 78 20.91 10.51 -30.79
CA SER N 78 22.10 10.11 -30.03
C SER N 78 23.32 10.67 -30.76
N LEU N 79 23.71 11.89 -30.37
CA LEU N 79 24.78 12.61 -31.07
C LEU N 79 26.07 11.81 -31.10
N GLN N 80 26.71 11.79 -32.27
CA GLN N 80 27.96 11.08 -32.47
C GLN N 80 28.87 11.96 -33.33
N ALA N 81 30.18 11.69 -33.26
CA ALA N 81 31.14 12.47 -34.03
C ALA N 81 30.83 12.40 -35.52
N GLU N 82 30.30 11.27 -35.98
CA GLU N 82 29.93 11.10 -37.39
C GLU N 82 28.88 12.11 -37.84
N ASP N 83 28.11 12.66 -36.91
CA ASP N 83 27.04 13.58 -37.26
C ASP N 83 27.50 15.02 -37.37
N GLU N 84 28.71 15.33 -36.91
CA GLU N 84 29.27 16.67 -37.02
C GLU N 84 29.43 17.06 -38.49
N ALA N 85 28.57 17.94 -38.97
CA ALA N 85 28.55 18.33 -40.39
C ALA N 85 27.63 19.53 -40.54
N ASP N 86 27.42 19.94 -41.79
CA ASP N 86 26.42 20.95 -42.12
C ASP N 86 25.14 20.24 -42.55
N TYR N 87 24.02 20.64 -41.95
CA TYR N 87 22.71 20.09 -42.29
C TYR N 87 21.89 21.16 -42.99
N PHE N 88 21.31 20.81 -44.13
CA PHE N 88 20.42 21.69 -44.87
C PHE N 88 19.03 21.07 -44.94
N CYS N 89 18.02 21.93 -44.85
CA CYS N 89 16.65 21.56 -45.18
C CYS N 89 16.33 22.11 -46.57
N ALA N 90 15.16 21.74 -47.06
CA ALA N 90 14.79 22.17 -48.41
C ALA N 90 13.33 21.84 -48.66
N SER N 91 12.66 22.75 -49.37
CA SER N 91 11.30 22.51 -49.85
C SER N 91 11.16 23.14 -51.22
N ALA N 92 10.13 22.71 -51.94
CA ALA N 92 9.84 23.32 -53.22
C ALA N 92 8.90 24.52 -53.03
N GLU N 93 9.05 25.51 -53.91
CA GLU N 93 8.21 26.71 -53.87
C GLU N 93 7.61 26.95 -55.24
N ASP N 94 6.28 26.99 -55.31
CA ASP N 94 5.50 27.35 -56.50
C ASP N 94 5.52 26.28 -57.58
N SER N 95 6.60 25.52 -57.68
CA SER N 95 6.73 24.50 -58.72
C SER N 95 7.35 23.24 -58.12
N SER N 96 7.06 22.11 -58.77
CA SER N 96 7.74 20.86 -58.43
C SER N 96 9.18 20.84 -58.95
N SER N 97 9.54 21.76 -59.83
CA SER N 97 10.87 21.83 -60.42
C SER N 97 11.72 22.94 -59.83
N ASN N 98 11.21 23.65 -58.83
CA ASN N 98 11.91 24.76 -58.19
C ASN N 98 12.04 24.49 -56.71
N ALA N 99 13.27 24.41 -56.23
CA ALA N 99 13.56 24.10 -54.83
C ALA N 99 14.22 25.28 -54.15
N VAL N 100 13.97 25.42 -52.85
CA VAL N 100 14.65 26.38 -52.01
C VAL N 100 15.33 25.62 -50.88
N PHE N 101 16.49 26.11 -50.47
CA PHE N 101 17.30 25.45 -49.45
C PHE N 101 17.34 26.30 -48.19
N GLY N 102 17.84 25.71 -47.11
CA GLY N 102 18.07 26.46 -45.90
C GLY N 102 19.44 27.13 -45.90
N SER N 103 19.59 28.10 -44.99
CA SER N 103 20.90 28.73 -44.82
C SER N 103 21.95 27.72 -44.40
N GLY N 104 21.54 26.66 -43.72
CA GLY N 104 22.47 25.64 -43.27
C GLY N 104 22.98 25.90 -41.87
N THR N 105 22.84 24.91 -41.00
CA THR N 105 23.41 24.95 -39.67
C THR N 105 24.68 24.10 -39.63
N THR N 106 25.55 24.43 -38.67
CA THR N 106 26.79 23.68 -38.47
C THR N 106 26.71 23.00 -37.11
N LEU N 107 26.21 21.77 -37.11
CA LEU N 107 26.13 20.99 -35.89
C LEU N 107 27.53 20.71 -35.36
N THR N 108 27.70 20.87 -34.06
CA THR N 108 28.99 20.64 -33.41
C THR N 108 28.80 19.64 -32.29
N VAL N 109 29.57 18.57 -32.32
CA VAL N 109 29.48 17.51 -31.32
C VAL N 109 30.63 17.69 -30.34
N LEU N 110 30.28 17.93 -29.07
CA LEU N 110 31.27 18.19 -28.04
C LEU N 110 31.82 16.87 -27.51
N GLY N 111 32.57 16.93 -26.42
CA GLY N 111 33.18 15.73 -25.86
C GLY N 111 34.67 15.67 -26.13
N GLN N 112 35.06 15.55 -27.40
CA GLN N 112 36.46 15.64 -27.76
C GLN N 112 37.02 16.97 -27.27
N PRO N 113 38.11 16.96 -26.48
CA PRO N 113 38.50 18.19 -25.78
C PRO N 113 39.96 18.56 -25.92
N LYS N 114 40.21 19.78 -26.39
CA LYS N 114 41.53 20.40 -26.42
C LYS N 114 42.61 19.48 -26.96
N SER N 115 42.63 19.29 -28.28
CA SER N 115 43.65 18.48 -28.93
C SER N 115 44.82 19.35 -29.38
N PRO N 116 45.93 18.73 -29.76
CA PRO N 116 47.17 19.49 -29.97
C PRO N 116 47.26 20.08 -31.36
N PRO N 117 47.70 21.33 -31.47
CA PRO N 117 47.97 21.91 -32.80
C PRO N 117 49.42 21.75 -33.23
N SER N 118 49.72 20.68 -33.96
CA SER N 118 51.10 20.39 -34.35
C SER N 118 51.57 21.38 -35.40
N VAL N 119 52.73 22.02 -35.14
CA VAL N 119 53.28 23.05 -36.01
C VAL N 119 54.75 22.75 -36.26
N THR N 120 55.11 22.59 -37.53
CA THR N 120 56.50 22.47 -37.99
C THR N 120 56.65 23.41 -39.17
N LEU N 121 57.70 24.23 -39.18
CA LEU N 121 57.91 25.20 -40.24
C LEU N 121 59.15 24.85 -41.05
N PHE N 122 59.10 25.17 -42.35
CA PHE N 122 60.17 24.87 -43.27
C PHE N 122 60.77 26.16 -43.83
N PRO N 123 62.09 26.28 -43.85
CA PRO N 123 62.73 27.45 -44.46
C PRO N 123 62.65 27.36 -45.98
N PRO N 124 63.11 28.40 -46.70
CA PRO N 124 63.01 28.35 -48.17
C PRO N 124 64.01 27.37 -48.76
N SER N 125 63.59 26.72 -49.83
CA SER N 125 64.46 25.79 -50.55
C SER N 125 65.63 26.52 -51.16
N THR N 126 66.77 25.82 -51.25
CA THR N 126 67.95 26.41 -51.88
C THR N 126 67.72 26.72 -53.35
N GLU N 127 66.88 25.93 -54.02
CA GLU N 127 66.56 26.20 -55.43
C GLU N 127 65.73 27.47 -55.57
N GLU N 128 64.80 27.71 -54.64
CA GLU N 128 63.94 28.88 -54.73
C GLU N 128 64.75 30.16 -54.64
N LEU N 129 65.76 30.19 -53.77
CA LEU N 129 66.59 31.38 -53.63
C LEU N 129 67.36 31.70 -54.89
N ASN N 130 67.53 30.72 -55.80
CA ASN N 130 68.16 31.02 -57.07
C ASN N 130 67.28 31.90 -57.93
N GLY N 131 65.97 31.89 -57.70
CA GLY N 131 65.03 32.77 -58.36
C GLY N 131 64.77 34.07 -57.62
N ASN N 132 65.62 34.38 -56.63
CA ASN N 132 65.55 35.60 -55.82
C ASN N 132 64.27 35.69 -54.99
N LYS N 133 63.47 34.63 -54.92
CA LYS N 133 62.27 34.61 -54.11
C LYS N 133 62.40 33.55 -53.02
N ALA N 134 61.66 33.76 -51.92
CA ALA N 134 61.70 32.85 -50.79
C ALA N 134 60.31 32.73 -50.19
N THR N 135 59.94 31.52 -49.80
CA THR N 135 58.61 31.25 -49.27
C THR N 135 58.73 30.46 -47.97
N LEU N 136 58.36 31.10 -46.87
CA LEU N 136 58.33 30.42 -45.58
C LEU N 136 57.06 29.59 -45.45
N VAL N 137 57.22 28.30 -45.17
CA VAL N 137 56.12 27.34 -45.13
C VAL N 137 55.94 26.88 -43.70
N CYS N 138 54.77 27.18 -43.12
CA CYS N 138 54.45 26.85 -41.73
C CYS N 138 53.20 25.96 -41.76
N LEU N 139 53.41 24.66 -41.62
CA LEU N 139 52.34 23.67 -41.73
C LEU N 139 51.78 23.35 -40.35
N ILE N 140 50.47 23.53 -40.18
CA ILE N 140 49.84 23.36 -38.87
C ILE N 140 49.04 22.06 -38.80
N SER N 147 40.38 26.81 -33.60
CA SER N 147 40.55 28.21 -33.96
C SER N 147 41.97 28.69 -33.63
N VAL N 148 42.71 29.11 -34.67
CA VAL N 148 44.13 29.41 -34.56
C VAL N 148 44.39 30.82 -35.08
N THR N 149 45.21 31.58 -34.35
CA THR N 149 45.59 32.94 -34.71
C THR N 149 47.09 32.95 -34.98
N VAL N 150 47.47 33.02 -36.25
CA VAL N 150 48.86 33.03 -36.65
C VAL N 150 49.35 34.47 -36.76
N VAL N 151 50.51 34.74 -36.17
CA VAL N 151 51.19 36.01 -36.31
C VAL N 151 52.65 35.73 -36.61
N TRP N 152 53.21 36.46 -37.57
CA TRP N 152 54.59 36.25 -38.02
C TRP N 152 55.50 37.31 -37.42
N LYS N 153 56.58 36.85 -36.78
CA LYS N 153 57.49 37.72 -36.06
C LYS N 153 58.86 37.72 -36.74
N ALA N 154 59.40 38.91 -36.96
CA ALA N 154 60.72 39.09 -37.56
C ALA N 154 61.58 39.89 -36.59
N ASP N 155 62.49 39.20 -35.90
CA ASP N 155 63.37 39.82 -34.90
C ASP N 155 62.55 40.55 -33.84
N GLY N 156 61.52 39.89 -33.34
CA GLY N 156 60.64 40.45 -32.34
C GLY N 156 59.52 41.32 -32.86
N SER N 157 59.62 41.80 -34.10
CA SER N 157 58.59 42.63 -34.71
C SER N 157 57.66 41.76 -35.55
N THR N 158 56.38 42.16 -35.61
CA THR N 158 55.36 41.39 -36.28
C THR N 158 55.25 41.76 -37.74
N ILE N 159 55.07 40.75 -38.59
CA ILE N 159 54.98 40.92 -40.04
C ILE N 159 53.50 40.91 -40.44
N THR N 160 53.09 41.94 -41.16
CA THR N 160 51.74 42.02 -41.71
C THR N 160 51.69 41.78 -43.21
N ARG N 161 52.73 42.15 -43.95
CA ARG N 161 52.74 42.06 -45.39
C ARG N 161 53.22 40.69 -45.84
N ASN N 162 52.70 40.23 -46.97
CA ASN N 162 53.07 38.96 -47.60
C ASN N 162 52.73 37.76 -46.72
N VAL N 163 51.78 37.90 -45.82
CA VAL N 163 51.30 36.78 -45.02
C VAL N 163 50.20 36.07 -45.79
N GLU N 164 50.22 34.74 -45.74
CA GLU N 164 49.29 33.93 -46.52
C GLU N 164 48.82 32.78 -45.64
N THR N 165 47.57 32.86 -45.16
CA THR N 165 47.03 31.88 -44.23
C THR N 165 45.70 31.34 -44.73
N THR N 166 45.59 30.02 -44.79
CA THR N 166 44.33 29.39 -45.19
C THR N 166 43.38 29.31 -44.01
N ARG N 167 42.09 29.20 -44.32
CA ARG N 167 41.11 28.90 -43.29
C ARG N 167 41.28 27.47 -42.83
N ALA N 168 40.99 27.22 -41.55
CA ALA N 168 41.22 25.90 -40.98
C ALA N 168 40.19 24.91 -41.51
N SER N 169 40.64 23.68 -41.76
CA SER N 169 39.78 22.60 -42.19
C SER N 169 40.16 21.33 -41.46
N LYS N 170 39.14 20.56 -41.06
CA LYS N 170 39.36 19.32 -40.33
C LYS N 170 39.79 18.21 -41.29
N GLN N 171 40.72 17.38 -40.84
CA GLN N 171 41.22 16.26 -41.64
C GLN N 171 40.20 15.13 -41.63
N SER N 172 40.61 13.94 -42.05
CA SER N 172 39.71 12.78 -42.02
C SER N 172 39.37 12.38 -40.59
N ASN N 173 40.32 12.53 -39.67
CA ASN N 173 40.14 12.15 -38.27
C ASN N 173 39.59 13.30 -37.40
N SER N 174 38.64 14.08 -37.93
CA SER N 174 37.98 15.15 -37.19
C SER N 174 38.95 16.07 -36.45
N LYS N 175 40.13 16.28 -37.02
CA LYS N 175 41.14 17.15 -36.44
C LYS N 175 41.57 18.19 -37.47
N TYR N 176 41.74 19.42 -37.00
CA TYR N 176 42.13 20.51 -37.88
C TYR N 176 43.65 20.67 -37.95
N SER N 179 47.58 25.84 -42.72
CA SER N 179 48.86 26.24 -43.29
C SER N 179 48.98 27.76 -43.38
N SER N 180 50.22 28.26 -43.30
CA SER N 180 50.49 29.70 -43.36
C SER N 180 51.77 29.93 -44.17
N TYR N 181 51.69 30.80 -45.17
CA TYR N 181 52.82 31.08 -46.04
C TYR N 181 53.24 32.54 -45.89
N LEU N 182 54.54 32.76 -45.73
CA LEU N 182 55.11 34.11 -45.72
C LEU N 182 56.03 34.20 -46.93
N SER N 183 55.56 34.86 -47.99
CA SER N 183 56.27 34.90 -49.26
C SER N 183 57.16 36.13 -49.29
N LEU N 184 58.47 35.92 -49.19
CA LEU N 184 59.46 36.98 -49.19
C LEU N 184 60.29 36.92 -50.46
N THR N 185 61.22 37.84 -50.59
CA THR N 185 62.27 37.73 -51.60
C THR N 185 63.55 37.28 -50.92
N SER N 186 64.37 36.53 -51.68
CA SER N 186 65.60 35.98 -51.12
C SER N 186 66.52 37.07 -50.56
N SER N 187 66.29 38.33 -50.94
CA SER N 187 67.13 39.42 -50.45
C SER N 187 66.79 39.78 -49.01
N ASP N 188 65.56 40.24 -48.75
CA ASP N 188 65.19 40.58 -47.38
C ASP N 188 64.84 39.35 -46.55
N TRP N 189 65.10 38.15 -47.06
CA TRP N 189 65.05 36.94 -46.23
C TRP N 189 66.33 36.79 -45.42
N LYS N 190 67.46 37.19 -45.97
CA LYS N 190 68.73 37.18 -45.26
C LYS N 190 68.92 38.41 -44.38
N SER N 191 68.05 39.41 -44.50
CA SER N 191 68.27 40.69 -43.82
C SER N 191 68.05 40.57 -42.32
N LYS N 192 66.94 39.97 -41.91
CA LYS N 192 66.65 39.82 -40.50
C LYS N 192 67.43 38.65 -39.90
N GLY N 193 67.47 38.63 -38.57
CA GLY N 193 68.23 37.62 -37.85
C GLY N 193 67.42 36.38 -37.51
N SER N 194 66.09 36.52 -37.47
CA SER N 194 65.24 35.40 -37.03
C SER N 194 63.81 35.63 -37.51
N TYR N 195 63.17 34.54 -37.92
CA TYR N 195 61.76 34.53 -38.33
C TYR N 195 60.97 33.58 -37.44
N SER N 196 59.77 33.99 -37.05
CA SER N 196 58.95 33.23 -36.13
C SER N 196 57.55 33.06 -36.69
N CYS N 197 57.01 31.85 -36.53
CA CYS N 197 55.63 31.52 -36.91
C CYS N 197 54.87 31.25 -35.61
N GLU N 198 54.34 32.32 -35.01
CA GLU N 198 53.68 32.23 -33.71
C GLU N 198 52.19 31.99 -33.93
N VAL N 199 51.75 30.76 -33.70
CA VAL N 199 50.34 30.37 -33.80
C VAL N 199 49.80 30.18 -32.39
N THR N 200 48.55 30.62 -32.18
CA THR N 200 47.90 30.52 -30.88
C THR N 200 46.62 29.70 -31.01
N HIS N 201 46.46 28.72 -30.12
CA HIS N 201 45.32 27.80 -30.14
C HIS N 201 44.76 27.68 -28.73
N GLU N 202 43.55 28.21 -28.53
CA GLU N 202 42.87 28.17 -27.22
C GLU N 202 43.69 28.89 -26.15
N GLY N 203 44.28 30.02 -26.52
CA GLY N 203 45.10 30.79 -25.61
C GLY N 203 46.53 30.31 -25.45
N SER N 204 46.85 29.12 -25.94
CA SER N 204 48.20 28.59 -25.87
C SER N 204 48.99 28.99 -27.10
N THR N 205 50.28 29.32 -26.91
CA THR N 205 51.14 29.80 -27.98
C THR N 205 52.22 28.75 -28.25
N VAL N 206 52.13 28.08 -29.39
CA VAL N 206 53.15 27.16 -29.87
C VAL N 206 53.99 27.90 -30.90
N THR N 207 55.29 28.06 -30.62
CA THR N 207 56.18 28.88 -31.42
C THR N 207 57.25 28.01 -32.08
N LYS N 208 57.37 28.13 -33.39
CA LYS N 208 58.49 27.58 -34.15
C LYS N 208 59.24 28.72 -34.80
N THR N 209 60.56 28.57 -34.92
CA THR N 209 61.42 29.66 -35.36
C THR N 209 62.63 29.08 -36.07
N VAL N 210 63.02 29.73 -37.18
CA VAL N 210 64.27 29.43 -37.86
C VAL N 210 65.04 30.73 -38.06
N LYS N 211 66.37 30.63 -38.02
CA LYS N 211 67.26 31.74 -38.26
C LYS N 211 68.04 31.53 -39.55
N PRO N 212 68.20 32.57 -40.37
CA PRO N 212 68.77 32.33 -41.72
C PRO N 212 70.22 31.90 -41.69
N SER N 213 71.04 32.51 -40.84
CA SER N 213 72.48 32.24 -40.87
C SER N 213 72.78 30.78 -40.52
N GLU N 214 72.16 30.27 -39.47
CA GLU N 214 72.43 28.91 -39.00
C GLU N 214 71.74 27.83 -39.83
N CYS N 215 71.10 28.20 -40.94
CA CYS N 215 70.43 27.20 -41.77
C CYS N 215 71.28 26.86 -42.99
N GLN O 1 28.58 -28.15 13.45
CA GLN O 1 29.99 -28.16 13.10
C GLN O 1 30.24 -27.45 11.77
N VAL O 2 30.72 -26.21 11.84
CA VAL O 2 30.97 -25.39 10.65
C VAL O 2 32.32 -25.78 10.07
N GLN O 3 32.29 -26.43 8.90
CA GLN O 3 33.49 -26.81 8.18
C GLN O 3 33.30 -26.50 6.71
N LEU O 4 34.36 -26.05 6.06
CA LEU O 4 34.31 -25.71 4.64
C LEU O 4 35.41 -26.44 3.90
N ARG O 5 35.04 -27.12 2.82
CA ARG O 5 35.96 -27.93 2.04
C ARG O 5 36.05 -27.34 0.63
N GLU O 6 37.26 -27.02 0.20
CA GLU O 6 37.53 -26.45 -1.11
C GLU O 6 37.88 -27.56 -2.09
N SER O 7 37.29 -27.51 -3.28
CA SER O 7 37.48 -28.56 -4.29
C SER O 7 37.76 -27.94 -5.64
N GLY O 8 38.66 -28.58 -6.39
CA GLY O 8 39.03 -28.11 -7.70
C GLY O 8 40.28 -28.83 -8.20
N PRO O 9 40.72 -28.51 -9.41
CA PRO O 9 41.96 -29.09 -9.91
C PRO O 9 43.15 -28.52 -9.17
N SER O 10 44.09 -29.40 -8.82
CA SER O 10 45.33 -28.96 -8.21
C SER O 10 46.32 -28.39 -9.21
N LEU O 11 46.10 -28.62 -10.51
CA LEU O 11 46.91 -28.07 -11.58
C LEU O 11 46.03 -27.50 -12.67
N VAL O 12 46.39 -26.31 -13.14
CA VAL O 12 45.77 -25.70 -14.31
C VAL O 12 46.85 -24.97 -15.09
N LYS O 13 46.95 -25.25 -16.39
CA LYS O 13 47.94 -24.60 -17.21
C LYS O 13 47.50 -23.16 -17.51
N PRO O 14 48.44 -22.29 -17.91
CA PRO O 14 48.12 -20.86 -18.08
C PRO O 14 46.91 -20.57 -18.96
N SER O 15 46.29 -19.41 -18.73
CA SER O 15 45.26 -18.84 -19.60
C SER O 15 44.02 -19.72 -19.71
N GLN O 16 43.73 -20.50 -18.67
CA GLN O 16 42.49 -21.23 -18.59
C GLN O 16 41.60 -20.60 -17.53
N THR O 17 40.37 -21.11 -17.42
CA THR O 17 39.41 -20.63 -16.43
C THR O 17 39.42 -21.60 -15.26
N LEU O 18 40.18 -21.26 -14.22
CA LEU O 18 40.19 -22.06 -13.00
C LEU O 18 38.81 -22.01 -12.36
N SER O 19 38.17 -23.17 -12.25
CA SER O 19 36.85 -23.29 -11.64
C SER O 19 36.98 -24.03 -10.32
N LEU O 20 36.52 -23.41 -9.24
CA LEU O 20 36.58 -23.97 -7.90
C LEU O 20 35.17 -24.17 -7.36
N THR O 21 35.10 -24.76 -6.16
CA THR O 21 33.83 -25.08 -5.52
C THR O 21 34.09 -25.30 -4.04
N CYS O 22 33.20 -24.76 -3.20
CA CYS O 22 33.30 -24.90 -1.76
C CYS O 22 32.08 -25.63 -1.24
N THR O 23 32.28 -26.84 -0.70
CA THR O 23 31.22 -27.59 -0.05
C THR O 23 31.17 -27.24 1.44
N ALA O 24 30.03 -26.73 1.89
CA ALA O 24 29.88 -26.24 3.26
C ALA O 24 29.09 -27.26 4.07
N SER O 25 29.68 -27.74 5.15
CA SER O 25 29.04 -28.69 6.06
C SER O 25 28.84 -28.01 7.41
N GLY O 26 27.60 -28.03 7.90
CA GLY O 26 27.28 -27.49 9.21
C GLY O 26 26.39 -26.27 9.23
N PHE O 27 25.94 -25.79 8.08
CA PHE O 27 25.07 -24.62 8.00
C PHE O 27 24.48 -24.56 6.59
N SER O 28 23.74 -23.49 6.32
CA SER O 28 23.14 -23.26 5.01
C SER O 28 23.55 -21.90 4.48
N LEU O 29 23.62 -21.80 3.16
CA LEU O 29 23.97 -20.56 2.48
C LEU O 29 22.87 -19.53 2.52
N SER O 30 21.86 -19.76 3.35
CA SER O 30 20.81 -18.78 3.61
C SER O 30 21.00 -18.05 4.93
N ASP O 31 21.91 -18.52 5.78
CA ASP O 31 22.17 -17.88 7.06
C ASP O 31 23.58 -17.33 7.20
N LYS O 32 24.46 -17.57 6.22
CA LYS O 32 25.84 -17.12 6.29
C LYS O 32 26.32 -16.75 4.90
N ALA O 33 26.97 -15.61 4.78
CA ALA O 33 27.60 -15.19 3.54
C ALA O 33 29.02 -15.77 3.44
N VAL O 34 29.41 -16.16 2.25
CA VAL O 34 30.68 -16.84 2.01
C VAL O 34 31.56 -15.97 1.13
N GLY O 35 32.86 -16.01 1.37
CA GLY O 35 33.81 -15.24 0.61
C GLY O 35 35.08 -16.03 0.34
N TRP O 36 35.71 -15.71 -0.78
CA TRP O 36 36.95 -16.35 -1.20
C TRP O 36 38.14 -15.44 -0.90
N VAL O 37 39.18 -16.01 -0.28
CA VAL O 37 40.44 -15.34 -0.06
C VAL O 37 41.56 -16.26 -0.49
N ARG O 38 42.59 -15.71 -1.15
CA ARG O 38 43.75 -16.50 -1.52
C ARG O 38 45.01 -15.84 -0.97
N GLN O 39 46.10 -16.60 -0.98
CA GLN O 39 47.39 -16.08 -0.54
C GLN O 39 48.49 -16.92 -1.18
N ALA O 40 49.26 -16.30 -2.07
CA ALA O 40 50.43 -16.95 -2.63
C ALA O 40 51.50 -17.06 -1.55
N PRO O 41 52.43 -18.02 -1.69
CA PRO O 41 53.40 -18.25 -0.61
C PRO O 41 54.28 -17.03 -0.36
N GLY O 42 54.41 -16.68 0.92
CA GLY O 42 55.23 -15.55 1.32
C GLY O 42 54.64 -14.18 1.05
N LYS O 43 53.45 -14.11 0.47
CA LYS O 43 52.80 -12.83 0.16
C LYS O 43 51.61 -12.61 1.06
N ALA O 44 51.08 -11.39 1.01
CA ALA O 44 49.91 -11.05 1.81
C ALA O 44 48.65 -11.70 1.22
N LEU O 45 47.66 -11.89 2.08
CA LEU O 45 46.37 -12.41 1.61
C LEU O 45 45.73 -11.43 0.64
N GLU O 46 44.99 -11.98 -0.32
CA GLU O 46 44.30 -11.17 -1.33
C GLU O 46 42.82 -11.49 -1.26
N TRP O 47 42.02 -10.45 -1.08
CA TRP O 47 40.58 -10.61 -1.14
C TRP O 47 40.14 -10.81 -2.58
N LEU O 48 39.11 -11.65 -2.77
CA LEU O 48 38.61 -11.95 -4.10
C LEU O 48 37.15 -11.54 -4.29
N GLY O 49 36.23 -12.12 -3.52
CA GLY O 49 34.82 -11.78 -3.69
C GLY O 49 33.98 -12.48 -2.63
N SER O 50 32.68 -12.19 -2.69
CA SER O 50 31.74 -12.79 -1.74
C SER O 50 30.35 -12.79 -2.37
N ILE O 51 29.57 -13.80 -2.01
CA ILE O 51 28.18 -13.89 -2.43
C ILE O 51 27.32 -14.08 -1.17
N ASP O 52 26.41 -13.14 -0.94
CA ASP O 52 25.67 -13.08 0.32
C ASP O 52 24.59 -14.15 0.35
N THR O 53 23.68 -14.04 1.32
CA THR O 53 22.54 -14.93 1.38
C THR O 53 21.53 -14.60 0.29
N GLY O 54 21.43 -13.32 -0.09
CA GLY O 54 20.52 -12.90 -1.14
C GLY O 54 20.98 -13.19 -2.55
N GLY O 55 22.26 -13.52 -2.74
CA GLY O 55 22.78 -13.81 -4.05
C GLY O 55 23.53 -12.67 -4.71
N SER O 56 23.60 -11.51 -4.08
CA SER O 56 24.34 -10.39 -4.66
C SER O 56 25.84 -10.65 -4.55
N THR O 57 26.58 -10.24 -5.57
CA THR O 57 28.00 -10.55 -5.68
C THR O 57 28.82 -9.28 -5.59
N GLY O 58 29.84 -9.31 -4.73
CA GLY O 58 30.78 -8.21 -4.62
C GLY O 58 32.21 -8.72 -4.68
N TYR O 59 33.01 -8.19 -5.60
CA TYR O 59 34.35 -8.68 -5.85
C TYR O 59 35.38 -7.62 -5.54
N ASN O 60 36.64 -8.04 -5.51
CA ASN O 60 37.75 -7.12 -5.42
C ASN O 60 37.76 -6.25 -6.68
N PRO O 61 37.83 -4.92 -6.55
CA PRO O 61 37.67 -4.06 -7.74
C PRO O 61 38.71 -4.31 -8.83
N GLY O 62 39.98 -4.46 -8.45
CA GLY O 62 41.02 -4.66 -9.45
C GLY O 62 40.89 -5.95 -10.21
N LEU O 63 40.27 -6.95 -9.61
CA LEU O 63 40.18 -8.28 -10.20
C LEU O 63 38.76 -8.69 -10.57
N LYS O 64 37.80 -7.76 -10.55
CA LYS O 64 36.42 -8.13 -10.85
C LYS O 64 36.27 -8.56 -12.30
N SER O 65 37.13 -8.08 -13.19
CA SER O 65 37.00 -8.40 -14.61
C SER O 65 37.13 -9.90 -14.86
N ARG O 66 37.96 -10.58 -14.07
CA ARG O 66 38.25 -12.00 -14.29
C ARG O 66 37.50 -12.92 -13.35
N LEU O 67 36.89 -12.40 -12.29
CA LEU O 67 36.25 -13.24 -11.28
C LEU O 67 34.75 -13.35 -11.54
N SER O 68 34.19 -14.49 -11.12
CA SER O 68 32.76 -14.71 -11.17
C SER O 68 32.41 -15.76 -10.12
N ILE O 69 31.52 -15.38 -9.20
CA ILE O 69 31.13 -16.24 -8.09
C ILE O 69 29.65 -16.53 -8.20
N THR O 70 29.28 -17.80 -8.11
CA THR O 70 27.89 -18.23 -8.09
C THR O 70 27.72 -19.24 -6.96
N LYS O 71 26.48 -19.68 -6.76
CA LYS O 71 26.19 -20.67 -5.73
C LYS O 71 24.88 -21.35 -6.04
N ASP O 72 24.58 -22.39 -5.27
CA ASP O 72 23.33 -23.15 -5.42
C ASP O 72 22.93 -23.57 -4.01
N ASN O 73 21.94 -22.88 -3.44
CA ASN O 73 21.52 -23.17 -2.06
C ASN O 73 21.03 -24.60 -1.91
N SER O 74 20.47 -25.19 -2.97
CA SER O 74 19.97 -26.55 -2.90
C SER O 74 21.08 -27.57 -2.66
N GLU O 75 22.31 -27.25 -3.06
CA GLU O 75 23.44 -28.15 -2.87
C GLU O 75 24.42 -27.68 -1.82
N SER O 76 24.27 -26.45 -1.31
CA SER O 76 25.18 -25.86 -0.32
C SER O 76 26.62 -25.90 -0.83
N GLN O 77 26.83 -25.29 -1.99
CA GLN O 77 28.14 -25.21 -2.61
C GLN O 77 28.27 -23.85 -3.32
N VAL O 78 29.45 -23.24 -3.20
CA VAL O 78 29.75 -21.96 -3.83
C VAL O 78 30.94 -22.17 -4.77
N SER O 79 30.87 -21.53 -5.94
CA SER O 79 31.90 -21.68 -6.96
C SER O 79 32.60 -20.36 -7.21
N LEU O 80 33.84 -20.45 -7.70
CA LEU O 80 34.64 -19.30 -8.11
C LEU O 80 35.28 -19.62 -9.45
N SER O 81 35.35 -18.61 -10.32
CA SER O 81 35.87 -18.77 -11.68
C SER O 81 36.90 -17.69 -11.97
N VAL O 82 38.16 -17.98 -11.67
CA VAL O 82 39.26 -17.12 -12.08
C VAL O 82 39.57 -17.39 -13.55
N SER O 83 39.47 -16.36 -14.37
CA SER O 83 39.65 -16.49 -15.80
C SER O 83 40.98 -15.89 -16.25
N SER O 84 41.51 -16.41 -17.35
CA SER O 84 42.75 -15.93 -17.96
C SER O 84 43.89 -15.90 -16.95
N VAL O 85 44.12 -17.07 -16.34
CA VAL O 85 45.10 -17.16 -15.26
C VAL O 85 46.52 -16.98 -15.79
N THR O 86 47.41 -16.55 -14.91
CA THR O 86 48.82 -16.35 -15.21
C THR O 86 49.65 -16.96 -14.10
N THR O 87 50.98 -16.93 -14.29
CA THR O 87 51.91 -17.51 -13.33
C THR O 87 51.76 -16.92 -11.93
N GLU O 88 51.15 -15.74 -11.80
CA GLU O 88 50.95 -15.15 -10.49
C GLU O 88 49.74 -15.72 -9.77
N ASP O 89 48.79 -16.30 -10.50
CA ASP O 89 47.57 -16.80 -9.87
C ASP O 89 47.80 -18.07 -9.06
N SER O 90 48.99 -18.66 -9.14
CA SER O 90 49.32 -19.78 -8.25
C SER O 90 49.24 -19.32 -6.80
N ALA O 91 48.33 -19.93 -6.05
CA ALA O 91 48.11 -19.55 -4.66
C ALA O 91 47.31 -20.63 -3.97
N THR O 92 47.20 -20.49 -2.64
CA THR O 92 46.29 -21.29 -1.84
C THR O 92 44.97 -20.54 -1.72
N TYR O 93 43.87 -21.21 -2.05
CA TYR O 93 42.56 -20.58 -2.11
C TYR O 93 41.73 -21.03 -0.91
N TYR O 94 41.36 -20.08 -0.07
CA TYR O 94 40.63 -20.34 1.17
C TYR O 94 39.17 -19.97 0.99
N CYS O 95 38.29 -20.87 1.44
CA CYS O 95 36.86 -20.60 1.46
C CYS O 95 36.44 -20.23 2.88
N THR O 96 35.71 -19.12 3.02
CA THR O 96 35.50 -18.53 4.33
C THR O 96 34.07 -18.04 4.50
N THR O 97 33.56 -18.17 5.72
CA THR O 97 32.31 -17.52 6.11
C THR O 97 32.64 -16.17 6.72
N VAL O 98 31.96 -15.13 6.26
CA VAL O 98 32.20 -13.77 6.75
C VAL O 98 30.90 -13.18 7.25
N HIS O 99 31.03 -12.16 8.09
CA HIS O 99 29.93 -11.30 8.50
C HIS O 99 30.13 -9.95 7.84
N GLN O 100 29.13 -9.47 7.12
CA GLN O 100 29.21 -8.16 6.47
C GLN O 100 28.03 -7.31 6.88
N TYR O 101 28.30 -6.06 7.27
CA TYR O 101 27.29 -5.14 7.73
C TYR O 101 27.65 -3.73 7.29
N THR O 102 26.62 -2.93 7.03
CA THR O 102 26.77 -1.53 6.66
C THR O 102 26.34 -0.67 7.84
N HIS O 103 27.31 -0.03 8.49
CA HIS O 103 27.06 0.74 9.70
C HIS O 103 26.79 2.20 9.35
N LYS O 104 25.72 2.76 9.93
CA LYS O 104 25.41 4.18 9.84
C LYS O 104 25.91 4.85 11.11
N ARG O 105 26.79 5.85 10.95
CA ARG O 105 27.45 6.50 12.07
C ARG O 105 27.12 7.99 12.07
N CYS O 106 26.97 8.56 13.25
CA CYS O 106 26.59 9.96 13.37
C CYS O 106 27.14 10.54 14.67
N PRO O 107 27.48 11.83 14.68
CA PRO O 107 28.15 12.41 15.85
C PRO O 107 27.25 12.46 17.07
N ASP O 108 27.89 12.52 18.24
CA ASP O 108 27.16 12.54 19.49
C ASP O 108 26.25 13.75 19.55
N GLY O 109 24.98 13.51 19.89
CA GLY O 109 23.94 14.52 19.89
C GLY O 109 22.79 14.20 18.97
N TYR O 110 23.05 13.45 17.90
CA TYR O 110 22.04 13.06 16.94
C TYR O 110 21.91 11.53 16.94
N THR O 111 20.76 11.05 16.47
CA THR O 111 20.50 9.62 16.36
C THR O 111 19.90 9.33 14.97
N TYR O 112 20.24 8.15 14.45
CA TYR O 112 19.66 7.70 13.20
C TYR O 112 18.18 7.41 13.39
N GLY O 113 17.37 7.97 12.49
CA GLY O 113 15.93 7.78 12.56
C GLY O 113 15.34 8.08 11.19
N TYR O 114 14.03 7.91 11.09
CA TYR O 114 13.30 8.16 9.86
C TYR O 114 12.41 9.39 10.00
N TRP O 115 12.55 10.30 9.05
CA TRP O 115 11.58 11.40 8.94
C TRP O 115 10.22 10.81 8.62
N CYS O 116 9.16 11.46 9.11
CA CYS O 116 7.88 10.79 9.18
C CYS O 116 7.33 10.45 7.81
N GLY O 117 7.28 11.44 6.92
CA GLY O 117 6.80 11.19 5.58
C GLY O 117 7.80 10.43 4.74
N TYR O 118 9.08 10.78 4.85
CA TYR O 118 10.11 10.23 4.00
C TYR O 118 10.34 8.75 4.26
N GLY O 119 10.99 8.43 5.37
CA GLY O 119 11.37 7.05 5.65
C GLY O 119 12.65 6.61 4.98
N THR O 120 13.48 7.55 4.53
CA THR O 120 14.77 7.21 3.93
C THR O 120 15.89 7.16 4.96
N GLY O 121 15.67 7.75 6.14
CA GLY O 121 16.63 7.62 7.21
C GLY O 121 17.76 8.61 7.14
N SER O 122 17.63 9.71 7.88
CA SER O 122 18.70 10.67 8.08
C SER O 122 19.02 10.71 9.57
N CYS O 123 19.88 11.66 9.95
CA CYS O 123 20.30 11.80 11.34
C CYS O 123 19.60 13.00 11.95
N VAL O 124 18.68 12.71 12.84
CA VAL O 124 17.84 13.73 13.44
C VAL O 124 18.41 14.12 14.80
N GLY O 125 18.13 15.35 15.22
CA GLY O 125 18.69 15.90 16.44
C GLY O 125 17.67 16.07 17.55
N SER O 126 18.18 16.37 18.74
CA SER O 126 17.36 16.43 19.94
C SER O 126 16.29 17.50 19.86
N ASN O 127 16.51 18.56 19.06
CA ASN O 127 15.53 19.61 18.89
C ASN O 127 14.36 19.20 17.98
N CYS O 128 14.16 17.90 17.77
CA CYS O 128 13.02 17.39 17.03
C CYS O 128 12.13 16.57 17.94
N VAL O 129 10.84 16.55 17.62
CA VAL O 129 9.87 15.77 18.38
C VAL O 129 9.78 14.38 17.77
N TYR O 130 10.06 13.36 18.58
CA TYR O 130 9.88 11.97 18.21
C TYR O 130 8.57 11.48 18.81
N TYR O 131 7.66 11.03 17.96
CA TYR O 131 6.45 10.41 18.50
C TYR O 131 6.48 8.92 18.19
N PRO O 132 6.81 8.07 19.16
CA PRO O 132 6.98 6.63 18.88
C PRO O 132 5.69 5.94 18.46
N SER O 133 4.54 6.61 18.59
CA SER O 133 3.30 6.05 18.08
C SER O 133 3.39 5.76 16.58
N ARG O 134 4.29 6.46 15.87
CA ARG O 134 4.49 6.21 14.45
C ARG O 134 5.92 5.82 14.11
N GLY O 135 6.81 5.69 15.09
CA GLY O 135 8.19 5.31 14.82
C GLY O 135 8.90 6.24 13.86
N CYS O 136 8.63 7.54 13.95
CA CYS O 136 9.06 8.51 12.96
C CYS O 136 9.31 9.84 13.66
N TYR O 137 10.11 10.69 13.03
CA TYR O 137 10.37 12.02 13.58
C TYR O 137 9.63 13.08 12.77
N GLY O 138 9.36 14.19 13.43
CA GLY O 138 8.65 15.30 12.80
C GLY O 138 9.39 16.61 12.98
N GLY O 139 9.34 17.43 11.93
CA GLY O 139 10.01 18.72 11.94
C GLY O 139 11.17 18.77 10.96
N TYR O 140 10.87 18.65 9.66
CA TYR O 140 11.92 18.56 8.65
C TYR O 140 12.84 19.78 8.69
N GLY O 141 12.27 20.97 8.47
CA GLY O 141 13.04 22.18 8.54
C GLY O 141 13.22 22.68 9.96
N GLY O 142 14.08 23.69 10.10
CA GLY O 142 14.34 24.31 11.39
C GLY O 142 15.10 23.40 12.34
N CYS O 143 14.74 22.12 12.32
CA CYS O 143 15.42 21.12 13.12
C CYS O 143 16.82 20.88 12.59
N SER O 144 17.79 20.84 13.50
CA SER O 144 19.16 20.53 13.10
C SER O 144 19.26 19.06 12.72
N SER O 145 19.59 18.79 11.47
CA SER O 145 19.65 17.43 10.97
C SER O 145 20.70 17.34 9.87
N PHE O 146 21.47 16.25 9.88
CA PHE O 146 22.47 15.98 8.87
C PHE O 146 22.06 14.77 8.05
N SER O 147 22.85 14.49 7.01
CA SER O 147 22.64 13.28 6.23
C SER O 147 23.39 12.11 6.87
N ALA O 148 23.03 10.91 6.44
CA ALA O 148 23.54 9.70 7.07
C ALA O 148 24.94 9.38 6.55
N GLY O 149 25.93 9.45 7.44
CA GLY O 149 27.23 8.90 7.12
C GLY O 149 27.22 7.38 7.16
N SER O 150 28.19 6.78 6.47
CA SER O 150 28.21 5.32 6.32
C SER O 150 29.63 4.80 6.51
N SER O 151 29.71 3.57 7.03
CA SER O 151 30.97 2.92 7.38
C SER O 151 30.78 1.41 7.26
N TYR O 152 31.74 0.72 6.66
CA TYR O 152 31.57 -0.67 6.26
C TYR O 152 32.47 -1.59 7.08
N GLU O 153 31.90 -2.70 7.56
CA GLU O 153 32.65 -3.71 8.28
C GLU O 153 32.67 -5.01 7.48
N LEU O 154 33.84 -5.62 7.39
CA LEU O 154 33.96 -6.97 6.85
C LEU O 154 35.04 -7.71 7.61
N TYR O 155 34.81 -8.99 7.85
CA TYR O 155 35.72 -9.83 8.62
C TYR O 155 35.29 -11.28 8.45
N VAL O 156 36.28 -12.17 8.27
CA VAL O 156 36.03 -13.59 8.12
C VAL O 156 35.69 -14.18 9.49
N ASP O 157 34.71 -15.08 9.51
CA ASP O 157 34.36 -15.80 10.73
C ASP O 157 35.16 -17.09 10.86
N ALA O 158 35.01 -17.98 9.89
CA ALA O 158 35.69 -19.27 9.89
C ALA O 158 36.41 -19.46 8.57
N TRP O 159 37.63 -19.99 8.65
CA TRP O 159 38.45 -20.24 7.47
C TRP O 159 38.44 -21.72 7.12
N GLY O 160 38.50 -22.01 5.84
CA GLY O 160 38.64 -23.37 5.37
C GLY O 160 40.07 -23.85 5.52
N GLN O 161 40.31 -25.06 4.99
CA GLN O 161 41.66 -25.60 5.02
C GLN O 161 42.55 -24.95 3.96
N GLY O 162 42.03 -24.85 2.74
CA GLY O 162 42.78 -24.29 1.63
C GLY O 162 43.16 -25.36 0.63
N LEU O 163 43.12 -24.99 -0.65
CA LEU O 163 43.51 -25.87 -1.74
C LEU O 163 44.68 -25.25 -2.48
N LEU O 164 45.84 -25.89 -2.45
CA LEU O 164 47.04 -25.37 -3.09
C LEU O 164 46.93 -25.59 -4.59
N VAL O 165 46.48 -24.57 -5.30
CA VAL O 165 46.41 -24.58 -6.75
C VAL O 165 47.64 -23.88 -7.30
N THR O 166 48.34 -24.52 -8.23
CA THR O 166 49.48 -23.92 -8.91
C THR O 166 49.25 -23.99 -10.41
N VAL O 167 49.43 -22.87 -11.09
CA VAL O 167 49.45 -22.86 -12.54
C VAL O 167 50.87 -23.17 -13.00
N SER O 168 50.98 -24.00 -14.04
CA SER O 168 52.29 -24.41 -14.52
C SER O 168 52.19 -24.68 -16.01
N SER O 169 53.23 -24.28 -16.75
CA SER O 169 53.33 -24.65 -18.14
C SER O 169 53.40 -26.16 -18.30
N ALA O 170 54.11 -26.84 -17.41
CA ALA O 170 54.25 -28.29 -17.49
C ALA O 170 52.92 -28.97 -17.27
N SER O 171 52.78 -30.16 -17.85
CA SER O 171 51.60 -30.99 -17.68
C SER O 171 51.90 -32.08 -16.66
N THR O 172 50.87 -32.88 -16.35
CA THR O 172 50.97 -33.84 -15.27
C THR O 172 51.94 -34.96 -15.60
N THR O 173 52.68 -35.43 -14.58
CA THR O 173 53.73 -36.42 -14.78
C THR O 173 53.83 -37.29 -13.53
N ALA O 174 53.78 -38.62 -13.73
CA ALA O 174 53.87 -39.58 -12.65
C ALA O 174 55.32 -39.71 -12.17
N PRO O 175 55.54 -40.05 -10.91
CA PRO O 175 56.90 -40.05 -10.37
C PRO O 175 57.72 -41.24 -10.85
N LYS O 176 59.01 -41.18 -10.56
CA LYS O 176 59.93 -42.30 -10.71
C LYS O 176 60.68 -42.44 -9.40
N VAL O 177 60.41 -43.53 -8.68
CA VAL O 177 60.94 -43.74 -7.33
C VAL O 177 62.23 -44.53 -7.41
N TYR O 178 63.27 -44.04 -6.74
CA TYR O 178 64.58 -44.62 -6.66
C TYR O 178 64.97 -44.87 -5.21
N PRO O 179 65.68 -45.95 -4.91
CA PRO O 179 66.07 -46.23 -3.53
C PRO O 179 67.26 -45.39 -3.09
N LEU O 180 67.31 -45.09 -1.80
CA LEU O 180 68.37 -44.29 -1.21
C LEU O 180 68.95 -45.03 0.00
N SER O 181 70.27 -45.21 0.00
CA SER O 181 70.97 -45.81 1.12
C SER O 181 72.38 -45.26 1.21
N SER O 182 72.93 -45.25 2.42
CA SER O 182 74.21 -44.61 2.67
C SER O 182 75.35 -45.41 2.04
N CYS O 183 76.56 -44.89 2.18
CA CYS O 183 77.75 -45.53 1.60
C CYS O 183 78.29 -46.62 2.53
N CYS O 184 79.17 -47.44 1.96
CA CYS O 184 79.76 -48.55 2.70
C CYS O 184 80.82 -48.07 3.68
N VAL O 192 71.48 -46.90 11.27
CA VAL O 192 71.47 -46.88 9.82
C VAL O 192 70.33 -46.00 9.31
N THR O 193 70.53 -45.37 8.16
CA THR O 193 69.54 -44.51 7.54
C THR O 193 69.37 -44.91 6.08
N LEU O 194 68.12 -45.12 5.67
CA LEU O 194 67.78 -45.46 4.30
C LEU O 194 66.48 -44.75 3.94
N GLY O 195 66.23 -44.60 2.64
CA GLY O 195 65.09 -43.84 2.22
C GLY O 195 64.66 -44.10 0.79
N CYS O 196 63.70 -43.28 0.35
CA CYS O 196 63.07 -43.40 -0.96
C CYS O 196 63.05 -42.03 -1.63
N LEU O 197 63.56 -41.97 -2.86
CA LEU O 197 63.64 -40.73 -3.64
C LEU O 197 62.50 -40.72 -4.66
N VAL O 198 61.44 -39.96 -4.38
CA VAL O 198 60.34 -39.79 -5.31
C VAL O 198 60.72 -38.65 -6.25
N SER O 199 61.06 -38.99 -7.49
CA SER O 199 61.73 -38.06 -8.40
C SER O 199 60.84 -37.69 -9.58
N SER O 200 60.89 -36.41 -9.97
CA SER O 200 60.30 -35.91 -11.22
C SER O 200 58.83 -36.25 -11.34
N TYR O 201 57.96 -35.52 -10.64
CA TYR O 201 56.53 -35.73 -10.69
C TYR O 201 55.83 -34.38 -10.62
N MET O 202 54.57 -34.38 -11.06
CA MET O 202 53.74 -33.19 -11.03
C MET O 202 52.31 -33.59 -11.40
N PRO O 203 51.28 -33.04 -10.74
CA PRO O 203 51.37 -32.05 -9.65
C PRO O 203 51.46 -32.66 -8.26
N GLU O 204 51.37 -31.81 -7.25
CA GLU O 204 51.38 -32.24 -5.87
C GLU O 204 49.99 -32.75 -5.46
N PRO O 205 49.90 -33.54 -4.39
CA PRO O 205 50.99 -34.07 -3.55
C PRO O 205 51.29 -35.54 -3.82
N VAL O 206 52.11 -36.14 -2.97
CA VAL O 206 52.27 -37.59 -2.92
C VAL O 206 52.20 -38.02 -1.47
N THR O 207 51.73 -39.23 -1.26
CA THR O 207 51.66 -39.83 0.07
C THR O 207 52.65 -41.00 0.12
N VAL O 208 53.56 -40.96 1.08
CA VAL O 208 54.64 -41.95 1.19
C VAL O 208 54.45 -42.70 2.49
N THR O 209 54.12 -43.99 2.39
CA THR O 209 54.02 -44.88 3.53
C THR O 209 55.07 -45.96 3.43
N TRP O 210 55.56 -46.44 4.57
CA TRP O 210 56.57 -47.49 4.61
C TRP O 210 55.92 -48.79 5.10
N ASN O 211 56.20 -49.88 4.37
CA ASN O 211 55.62 -51.18 4.68
C ASN O 211 54.11 -51.12 4.80
N SER O 212 53.49 -50.37 3.88
CA SER O 212 52.05 -50.13 3.88
C SER O 212 51.56 -49.55 5.22
N GLY O 213 52.42 -48.79 5.89
CA GLY O 213 52.05 -48.10 7.11
C GLY O 213 52.48 -48.77 8.39
N ALA O 214 53.03 -49.99 8.32
CA ALA O 214 53.41 -50.70 9.54
C ALA O 214 54.56 -49.99 10.26
N LEU O 215 55.52 -49.47 9.50
CA LEU O 215 56.66 -48.75 10.06
C LEU O 215 56.30 -47.28 10.21
N LYS O 216 56.37 -46.77 11.44
CA LYS O 216 55.99 -45.40 11.72
C LYS O 216 56.97 -44.65 12.62
N SER O 217 57.98 -45.33 13.16
CA SER O 217 58.94 -44.71 14.07
C SER O 217 60.24 -44.42 13.33
N GLY O 218 60.72 -43.19 13.47
CA GLY O 218 61.94 -42.79 12.80
C GLY O 218 61.77 -42.40 11.35
N VAL O 219 60.54 -42.13 10.91
CA VAL O 219 60.24 -41.77 9.53
C VAL O 219 60.21 -40.26 9.41
N HIS O 220 60.76 -39.74 8.31
CA HIS O 220 60.83 -38.30 8.05
C HIS O 220 60.62 -38.06 6.57
N THR O 221 59.39 -37.76 6.19
CA THR O 221 59.05 -37.36 4.83
C THR O 221 59.20 -35.84 4.70
N PHE O 222 59.85 -35.42 3.64
CA PHE O 222 60.30 -34.04 3.48
C PHE O 222 59.41 -33.28 2.51
N PRO O 223 59.61 -31.97 2.39
CA PRO O 223 58.89 -31.21 1.37
C PRO O 223 59.57 -31.27 0.02
N ALA O 224 58.75 -31.18 -1.03
CA ALA O 224 59.25 -31.29 -2.38
C ALA O 224 60.06 -30.05 -2.76
N VAL O 225 60.88 -30.20 -3.79
CA VAL O 225 61.55 -29.08 -4.42
C VAL O 225 61.02 -28.96 -5.83
N LEU O 226 61.34 -27.85 -6.49
CA LEU O 226 61.08 -27.69 -7.91
C LEU O 226 62.39 -27.86 -8.67
N GLN O 227 62.33 -28.63 -9.75
CA GLN O 227 63.52 -28.91 -10.55
C GLN O 227 63.63 -27.92 -11.70
N SER O 228 64.79 -27.94 -12.36
CA SER O 228 64.99 -27.13 -13.55
C SER O 228 64.00 -27.49 -14.64
N SER O 229 63.54 -28.75 -14.67
CA SER O 229 62.59 -29.19 -15.68
C SER O 229 61.19 -28.64 -15.43
N GLY O 230 60.90 -28.20 -14.22
CA GLY O 230 59.57 -27.76 -13.86
C GLY O 230 58.75 -28.76 -13.08
N LEU O 231 59.34 -29.89 -12.69
CA LEU O 231 58.67 -30.93 -11.94
C LEU O 231 59.23 -30.99 -10.52
N TYR O 232 58.55 -31.76 -9.67
CA TYR O 232 58.86 -31.82 -8.25
C TYR O 232 59.60 -33.10 -7.88
N SER O 233 60.29 -33.05 -6.75
CA SER O 233 61.01 -34.20 -6.22
C SER O 233 61.10 -34.06 -4.70
N LEU O 234 60.72 -35.12 -3.99
CA LEU O 234 60.79 -35.14 -2.54
C LEU O 234 61.28 -36.51 -2.09
N SER O 235 61.94 -36.56 -0.95
CA SER O 235 62.51 -37.79 -0.41
C SER O 235 61.74 -38.21 0.83
N SER O 236 62.17 -39.32 1.42
CA SER O 236 61.56 -39.87 2.63
C SER O 236 62.55 -40.81 3.27
N MET O 237 62.83 -40.61 4.56
CA MET O 237 63.93 -41.28 5.23
C MET O 237 63.44 -41.93 6.52
N VAL O 238 63.95 -43.13 6.80
CA VAL O 238 63.64 -43.86 8.03
C VAL O 238 64.94 -44.35 8.63
N THR O 239 64.98 -44.41 9.97
CA THR O 239 66.21 -44.70 10.71
C THR O 239 65.97 -45.82 11.72
N VAL O 240 67.00 -46.64 11.93
CA VAL O 240 67.00 -47.63 13.01
C VAL O 240 68.32 -47.55 13.79
N THR O 248 63.67 -55.76 4.36
CA THR O 248 62.31 -55.92 3.86
C THR O 248 61.53 -54.63 4.07
N PHE O 249 61.92 -53.57 3.37
CA PHE O 249 61.32 -52.25 3.51
C PHE O 249 60.84 -51.78 2.15
N THR O 250 59.51 -51.71 1.97
CA THR O 250 58.89 -51.31 0.71
C THR O 250 58.11 -50.03 0.95
N CYS O 251 58.72 -48.89 0.65
CA CYS O 251 58.01 -47.62 0.75
C CYS O 251 56.90 -47.57 -0.29
N ASN O 252 55.69 -47.22 0.15
CA ASN O 252 54.53 -47.14 -0.72
C ASN O 252 54.30 -45.68 -1.09
N VAL O 253 54.60 -45.33 -2.34
CA VAL O 253 54.40 -43.98 -2.84
C VAL O 253 53.13 -43.95 -3.65
N ALA O 254 52.31 -42.92 -3.45
CA ALA O 254 51.02 -42.78 -4.11
C ALA O 254 50.90 -41.39 -4.70
N HIS O 255 50.54 -41.33 -5.97
CA HIS O 255 50.41 -40.07 -6.71
C HIS O 255 49.02 -40.08 -7.35
N PRO O 256 48.02 -39.50 -6.69
CA PRO O 256 46.63 -39.70 -7.16
C PRO O 256 46.31 -38.94 -8.43
N ALA O 257 46.99 -37.82 -8.71
CA ALA O 257 46.69 -37.05 -9.91
C ALA O 257 46.93 -37.88 -11.17
N SER O 258 48.08 -38.56 -11.24
CA SER O 258 48.33 -39.52 -12.32
C SER O 258 47.72 -40.88 -12.06
N SER O 259 47.05 -41.05 -10.91
CA SER O 259 46.34 -42.27 -10.55
C SER O 259 47.25 -43.50 -10.64
N THR O 260 48.44 -43.39 -10.04
CA THR O 260 49.36 -44.50 -9.92
C THR O 260 49.70 -44.74 -8.46
N LYS O 261 49.98 -45.99 -8.12
CA LYS O 261 50.51 -46.38 -6.82
C LYS O 261 51.68 -47.32 -7.07
N VAL O 262 52.85 -46.99 -6.54
CA VAL O 262 54.04 -47.80 -6.74
C VAL O 262 54.59 -48.21 -5.38
N ASP O 263 55.13 -49.42 -5.32
CA ASP O 263 55.85 -49.93 -4.16
C ASP O 263 57.27 -50.25 -4.58
N LYS O 264 58.25 -49.76 -3.82
CA LYS O 264 59.66 -49.99 -4.11
C LYS O 264 60.35 -50.49 -2.85
N ALA O 265 61.04 -51.63 -2.97
CA ALA O 265 61.76 -52.23 -1.85
C ALA O 265 63.18 -51.69 -1.77
N VAL O 266 63.64 -51.43 -0.55
CA VAL O 266 64.95 -50.84 -0.28
C VAL O 266 65.67 -51.66 0.77
N GLU O 267 66.92 -52.02 0.49
CA GLU O 267 67.81 -52.73 1.40
C GLU O 267 69.24 -52.32 1.08
N PRO O 268 70.05 -51.99 2.09
CA PRO O 268 71.45 -51.60 1.90
C PRO O 268 72.35 -52.78 1.53
N ALA P 2 46.28 -2.88 -3.75
CA ALA P 2 45.50 -2.34 -2.64
C ALA P 2 45.71 -3.14 -1.36
N VAL P 3 46.33 -2.52 -0.36
CA VAL P 3 46.83 -3.26 0.80
C VAL P 3 47.15 -2.31 1.94
N LEU P 4 46.99 -2.78 3.19
CA LEU P 4 47.34 -2.03 4.38
C LEU P 4 48.80 -2.27 4.79
N ASN P 5 49.30 -1.40 5.66
CA ASN P 5 50.70 -1.42 6.07
C ASN P 5 50.85 -2.05 7.45
N GLN P 6 51.68 -3.08 7.54
CA GLN P 6 52.15 -3.66 8.79
C GLN P 6 53.66 -3.74 8.75
N PRO P 7 54.32 -3.82 9.90
CA PRO P 7 55.78 -4.02 9.89
C PRO P 7 56.12 -5.37 9.26
N SER P 8 57.24 -5.40 8.52
CA SER P 8 57.65 -6.62 7.83
C SER P 8 57.88 -7.76 8.80
N SER P 9 58.43 -7.47 9.97
CA SER P 9 58.72 -8.50 10.98
C SER P 9 58.92 -7.88 12.36
N VAL P 10 58.22 -8.39 13.37
CA VAL P 10 58.39 -7.95 14.75
C VAL P 10 58.95 -9.09 15.58
N SER P 11 59.60 -8.74 16.69
CA SER P 11 60.23 -9.73 17.54
C SER P 11 60.02 -9.35 19.00
N GLY P 12 59.91 -10.38 19.83
CA GLY P 12 59.72 -10.18 21.26
C GLY P 12 60.22 -11.38 22.02
N SER P 13 60.49 -11.16 23.31
CA SER P 13 61.01 -12.21 24.16
C SER P 13 59.87 -13.10 24.68
N LEU P 14 60.25 -14.26 25.21
CA LEU P 14 59.28 -15.17 25.81
C LEU P 14 58.65 -14.52 27.03
N GLY P 15 57.31 -14.57 27.09
CA GLY P 15 56.58 -14.10 28.25
C GLY P 15 56.35 -12.60 28.32
N GLN P 16 57.05 -11.81 27.52
CA GLN P 16 56.87 -10.36 27.54
C GLN P 16 55.66 -9.98 26.69
N ARG P 17 55.46 -8.68 26.49
CA ARG P 17 54.39 -8.16 25.66
C ARG P 17 54.96 -7.63 24.35
N VAL P 18 54.17 -7.74 23.29
CA VAL P 18 54.55 -7.20 21.98
C VAL P 18 53.34 -6.51 21.36
N SER P 19 53.62 -5.69 20.36
CA SER P 19 52.57 -4.91 19.70
C SER P 19 52.84 -4.88 18.20
N ILE P 20 51.77 -5.00 17.42
CA ILE P 20 51.85 -5.06 15.97
C ILE P 20 50.90 -4.02 15.39
N THR P 21 51.44 -3.10 14.59
CA THR P 21 50.65 -2.01 14.05
C THR P 21 50.01 -2.38 12.72
N CYS P 22 48.88 -1.73 12.43
CA CYS P 22 48.16 -1.90 11.16
C CYS P 22 47.62 -0.53 10.76
N SER P 23 48.36 0.17 9.91
CA SER P 23 48.07 1.55 9.58
C SER P 23 47.47 1.68 8.18
N GLY P 24 46.57 2.66 8.03
CA GLY P 24 45.91 2.89 6.78
C GLY P 24 45.38 4.30 6.66
N SER P 25 44.41 4.47 5.76
CA SER P 25 43.81 5.75 5.45
C SER P 25 42.39 5.82 6.04
N SER P 26 41.77 6.99 5.88
CA SER P 26 40.39 7.21 6.27
C SER P 26 39.39 6.52 5.36
N SER P 27 39.87 5.78 4.35
CA SER P 27 38.99 4.99 3.50
C SER P 27 38.86 3.55 3.97
N ASN P 28 39.81 3.07 4.76
CA ASN P 28 39.84 1.67 5.19
C ASN P 28 39.87 1.55 6.71
N VAL P 29 41.04 1.74 7.33
CA VAL P 29 41.15 1.66 8.79
C VAL P 29 40.42 2.82 9.45
N GLY P 30 40.31 3.95 8.75
CA GLY P 30 39.57 5.08 9.31
C GLY P 30 38.12 4.76 9.59
N ASN P 31 37.49 3.98 8.71
CA ASN P 31 36.14 3.49 8.99
C ASN P 31 36.09 2.79 10.34
N GLY P 32 37.15 2.08 10.70
CA GLY P 32 37.36 1.69 12.08
C GLY P 32 36.66 0.43 12.54
N TYR P 33 36.41 -0.51 11.64
CA TYR P 33 35.93 -1.84 12.00
C TYR P 33 36.93 -2.86 11.49
N VAL P 34 38.12 -2.83 12.09
CA VAL P 34 39.26 -3.62 11.66
C VAL P 34 39.07 -5.05 12.14
N SER P 35 39.84 -5.97 11.60
CA SER P 35 39.78 -7.38 11.96
C SER P 35 41.19 -7.96 11.91
N TRP P 36 41.44 -8.97 12.75
CA TRP P 36 42.77 -9.56 12.84
C TRP P 36 42.70 -11.06 12.59
N TYR P 37 43.83 -11.61 12.14
CA TYR P 37 43.93 -13.04 11.86
C TYR P 37 45.34 -13.52 12.18
N GLN P 38 45.43 -14.78 12.59
CA GLN P 38 46.70 -15.42 12.91
C GLN P 38 46.87 -16.61 11.99
N LEU P 39 47.95 -16.60 11.20
CA LEU P 39 48.22 -17.64 10.22
C LEU P 39 49.45 -18.42 10.66
N ILE P 40 49.24 -19.59 11.24
CA ILE P 40 50.33 -20.52 11.51
C ILE P 40 50.47 -21.41 10.28
N PRO P 41 51.69 -21.61 9.75
CA PRO P 41 51.83 -22.48 8.57
C PRO P 41 51.38 -23.90 8.87
N GLY P 42 50.90 -24.58 7.83
CA GLY P 42 50.37 -25.91 7.99
C GLY P 42 49.02 -26.00 8.67
N SER P 43 48.47 -24.88 9.13
CA SER P 43 47.14 -24.85 9.73
C SER P 43 46.31 -23.78 9.04
N ALA P 44 45.00 -23.86 9.26
CA ALA P 44 44.12 -22.86 8.67
C ALA P 44 44.26 -21.53 9.43
N PRO P 45 44.02 -20.41 8.76
CA PRO P 45 43.97 -19.14 9.47
C PRO P 45 42.85 -19.13 10.50
N ARG P 46 43.15 -18.61 11.68
CA ARG P 46 42.13 -18.42 12.71
C ARG P 46 41.95 -16.93 12.95
N THR P 47 40.70 -16.49 12.89
CA THR P 47 40.40 -15.09 13.18
C THR P 47 40.65 -14.79 14.65
N LEU P 48 41.26 -13.64 14.91
CA LEU P 48 41.62 -13.25 16.27
C LEU P 48 40.67 -12.19 16.80
N ILE P 49 40.73 -10.97 16.28
CA ILE P 49 39.94 -9.85 16.78
C ILE P 49 39.16 -9.26 15.62
N TYR P 50 37.87 -9.03 15.83
CA TYR P 50 37.01 -8.35 14.87
C TYR P 50 36.39 -7.12 15.52
N GLY P 51 36.07 -6.12 14.71
CA GLY P 51 35.52 -4.89 15.21
C GLY P 51 36.42 -4.19 16.20
N ASP P 52 37.69 -3.99 15.82
CA ASP P 52 38.67 -3.28 16.63
C ASP P 52 39.02 -3.99 17.93
N THR P 53 38.02 -4.38 18.72
CA THR P 53 38.26 -4.66 20.13
C THR P 53 37.71 -6.00 20.59
N SER P 54 36.65 -6.49 19.96
CA SER P 54 36.04 -7.74 20.37
C SER P 54 36.88 -8.92 19.90
N ARG P 55 36.94 -9.96 20.74
CA ARG P 55 37.69 -11.17 20.46
C ARG P 55 36.78 -12.26 19.91
N ALA P 56 37.36 -13.09 19.05
CA ALA P 56 36.59 -14.12 18.34
C ALA P 56 36.47 -15.36 19.21
N SER P 57 35.95 -16.44 18.62
CA SER P 57 35.76 -17.68 19.35
C SER P 57 37.12 -18.25 19.78
N GLY P 58 37.18 -18.67 21.04
CA GLY P 58 38.36 -19.36 21.54
C GLY P 58 39.63 -18.54 21.47
N VAL P 59 39.52 -17.23 21.62
CA VAL P 59 40.69 -16.34 21.64
C VAL P 59 40.95 -15.97 23.10
N PRO P 60 42.06 -16.38 23.69
CA PRO P 60 42.36 -15.98 25.07
C PRO P 60 42.53 -14.47 25.15
N ASP P 61 42.15 -13.91 26.32
CA ASP P 61 42.15 -12.46 26.47
C ASP P 61 43.55 -11.86 26.52
N ARG P 62 44.61 -12.68 26.40
CA ARG P 62 45.94 -12.12 26.19
C ARG P 62 46.02 -11.33 24.89
N PHE P 63 45.13 -11.62 23.94
CA PHE P 63 45.10 -10.96 22.63
C PHE P 63 44.11 -9.81 22.70
N SER P 64 44.59 -8.59 22.52
CA SER P 64 43.73 -7.41 22.63
C SER P 64 44.02 -6.45 21.49
N GLY P 65 42.97 -5.98 20.85
CA GLY P 65 43.07 -5.05 19.73
C GLY P 65 42.56 -3.68 20.09
N SER P 66 43.25 -2.65 19.61
CA SER P 66 42.87 -1.27 19.86
C SER P 66 43.03 -0.48 18.58
N ARG P 67 42.46 0.73 18.56
CA ARG P 67 42.53 1.57 17.37
C ARG P 67 42.55 3.03 17.79
N SER P 68 43.34 3.83 17.07
CA SER P 68 43.44 5.28 17.31
C SER P 68 43.48 5.97 15.95
N GLY P 69 42.33 6.45 15.51
CA GLY P 69 42.24 7.18 14.25
C GLY P 69 42.50 6.32 13.03
N ASN P 70 43.69 6.44 12.44
CA ASN P 70 44.04 5.72 11.22
C ASN P 70 45.00 4.56 11.49
N THR P 71 45.08 4.07 12.73
CA THR P 71 46.04 3.02 13.05
C THR P 71 45.45 2.10 14.10
N ALA P 72 45.20 0.85 13.73
CA ALA P 72 44.81 -0.17 14.67
C ALA P 72 46.05 -0.90 15.19
N THR P 73 45.90 -1.54 16.35
CA THR P 73 47.05 -2.17 17.00
C THR P 73 46.61 -3.46 17.70
N LEU P 74 47.15 -4.59 17.23
CA LEU P 74 47.08 -5.83 17.99
C LEU P 74 48.24 -5.88 18.96
N THR P 75 47.94 -6.20 20.22
CA THR P 75 48.95 -6.36 21.25
C THR P 75 48.82 -7.74 21.88
N ILE P 76 49.96 -8.40 22.08
CA ILE P 76 49.99 -9.76 22.58
C ILE P 76 50.74 -9.73 23.90
N SER P 77 50.03 -10.00 24.99
CA SER P 77 50.65 -10.06 26.31
C SER P 77 51.02 -11.50 26.66
N SER P 78 52.04 -11.63 27.50
CA SER P 78 52.53 -12.92 27.99
C SER P 78 52.74 -13.90 26.84
N LEU P 79 53.79 -13.62 26.07
CA LEU P 79 54.07 -14.39 24.87
C LEU P 79 54.36 -15.85 25.21
N GLN P 80 53.74 -16.74 24.45
CA GLN P 80 54.02 -18.16 24.51
C GLN P 80 54.59 -18.60 23.17
N ALA P 81 55.19 -19.78 23.17
CA ALA P 81 55.75 -20.31 21.92
C ALA P 81 54.66 -20.58 20.90
N GLU P 82 53.45 -20.91 21.35
CA GLU P 82 52.35 -21.20 20.43
C GLU P 82 52.00 -19.99 19.57
N ASP P 83 52.47 -18.80 19.92
CA ASP P 83 52.09 -17.56 19.27
C ASP P 83 52.94 -17.23 18.05
N GLU P 84 53.96 -18.03 17.77
CA GLU P 84 54.88 -17.81 16.66
C GLU P 84 54.16 -18.09 15.35
N ALA P 85 53.87 -17.02 14.60
CA ALA P 85 53.13 -17.15 13.34
C ALA P 85 53.16 -15.80 12.62
N ASP P 86 52.46 -15.77 11.48
CA ASP P 86 52.19 -14.54 10.74
C ASP P 86 50.87 -13.94 11.20
N TYR P 87 50.85 -12.62 11.35
CA TYR P 87 49.65 -11.90 11.80
C TYR P 87 49.23 -10.88 10.75
N PHE P 88 47.98 -10.98 10.31
CA PHE P 88 47.40 -10.11 9.29
C PHE P 88 46.22 -9.34 9.85
N CYS P 89 46.08 -8.09 9.43
CA CYS P 89 44.93 -7.26 9.74
C CYS P 89 44.11 -7.05 8.48
N ALA P 90 42.89 -6.54 8.65
CA ALA P 90 41.99 -6.38 7.52
C ALA P 90 40.83 -5.46 7.84
N SER P 91 40.49 -4.57 6.91
CA SER P 91 39.32 -3.72 7.03
C SER P 91 38.56 -3.73 5.71
N ALA P 92 37.32 -3.26 5.76
CA ALA P 92 36.55 -3.07 4.55
C ALA P 92 36.89 -1.72 3.91
N GLU P 93 36.83 -1.68 2.59
CA GLU P 93 37.06 -0.44 1.83
C GLU P 93 35.98 -0.29 0.77
N ASP P 94 35.27 0.84 0.84
CA ASP P 94 34.28 1.26 -0.15
C ASP P 94 33.00 0.43 -0.11
N SER P 95 33.11 -0.83 0.33
CA SER P 95 31.96 -1.72 0.36
C SER P 95 32.13 -2.73 1.49
N SER P 96 31.01 -3.30 1.91
CA SER P 96 31.01 -4.44 2.82
C SER P 96 31.36 -5.74 2.12
N SER P 97 31.31 -5.77 0.79
CA SER P 97 31.67 -6.95 0.00
C SER P 97 33.03 -6.78 -0.68
N ASN P 98 33.85 -5.86 -0.20
CA ASN P 98 35.22 -5.70 -0.68
C ASN P 98 36.12 -5.44 0.51
N ALA P 99 37.19 -6.23 0.62
CA ALA P 99 38.12 -6.12 1.73
C ALA P 99 39.52 -5.83 1.21
N VAL P 100 40.34 -5.26 2.09
CA VAL P 100 41.76 -5.06 1.86
C VAL P 100 42.52 -5.59 3.07
N PHE P 101 43.67 -6.19 2.83
CA PHE P 101 44.44 -6.86 3.87
C PHE P 101 45.72 -6.10 4.17
N GLY P 102 46.38 -6.49 5.26
CA GLY P 102 47.66 -5.93 5.60
C GLY P 102 48.81 -6.64 4.90
N SER P 103 49.99 -6.04 5.00
CA SER P 103 51.20 -6.67 4.45
C SER P 103 51.58 -7.91 5.23
N GLY P 104 51.19 -8.00 6.49
CA GLY P 104 51.52 -9.16 7.29
C GLY P 104 52.86 -9.04 7.99
N THR P 105 52.86 -9.22 9.31
CA THR P 105 54.06 -9.23 10.10
C THR P 105 54.39 -10.66 10.51
N THR P 106 55.66 -10.90 10.81
CA THR P 106 56.14 -12.23 11.14
C THR P 106 56.64 -12.24 12.58
N LEU P 107 55.88 -12.88 13.47
CA LEU P 107 56.21 -12.93 14.88
C LEU P 107 57.28 -13.98 15.14
N THR P 108 58.26 -13.62 15.99
CA THR P 108 59.31 -14.53 16.41
C THR P 108 59.50 -14.41 17.92
N VAL P 109 59.62 -15.54 18.60
CA VAL P 109 59.80 -15.58 20.04
C VAL P 109 61.29 -15.71 20.35
N LEU P 110 61.83 -14.72 21.06
CA LEU P 110 63.27 -14.66 21.28
C LEU P 110 63.78 -15.74 22.23
N GLY P 111 62.89 -16.37 23.00
CA GLY P 111 63.33 -17.24 24.08
C GLY P 111 64.04 -18.52 23.67
N GLN P 112 63.37 -19.35 22.86
CA GLN P 112 63.77 -20.73 22.70
C GLN P 112 65.13 -20.87 22.00
N PRO P 113 65.91 -21.91 22.34
CA PRO P 113 67.26 -22.08 21.79
C PRO P 113 67.50 -23.44 21.15
N LYS P 114 68.47 -23.54 20.24
CA LYS P 114 68.94 -24.81 19.70
C LYS P 114 70.08 -24.56 18.73
N SER P 115 70.74 -25.66 18.34
CA SER P 115 71.82 -25.70 17.34
C SER P 115 71.92 -27.13 16.82
N PRO P 116 70.85 -27.70 16.27
CA PRO P 116 70.83 -29.15 16.02
C PRO P 116 70.53 -29.48 14.57
N PRO P 117 71.44 -29.16 13.64
CA PRO P 117 71.23 -29.60 12.25
C PRO P 117 71.85 -30.97 11.94
N SER P 118 71.08 -32.04 12.10
CA SER P 118 71.56 -33.38 11.80
C SER P 118 71.34 -33.67 10.31
N VAL P 119 72.43 -33.88 9.58
CA VAL P 119 72.38 -34.04 8.13
C VAL P 119 72.94 -35.41 7.75
N THR P 120 72.26 -36.08 6.83
CA THR P 120 72.75 -37.32 6.24
C THR P 120 72.72 -37.17 4.72
N LEU P 121 73.80 -37.61 4.07
CA LEU P 121 73.96 -37.41 2.64
C LEU P 121 73.84 -38.75 1.92
N PHE P 122 73.13 -38.76 0.79
CA PHE P 122 72.85 -39.96 0.01
C PHE P 122 73.41 -39.86 -1.40
N PRO P 123 74.01 -40.93 -1.91
CA PRO P 123 74.52 -40.93 -3.29
C PRO P 123 73.41 -41.24 -4.27
N PRO P 124 73.64 -41.09 -5.58
CA PRO P 124 72.58 -41.39 -6.54
C PRO P 124 72.34 -42.89 -6.63
N SER P 125 71.08 -43.26 -6.79
CA SER P 125 70.70 -44.65 -6.81
C SER P 125 71.30 -45.38 -8.00
N THR P 126 71.73 -46.63 -7.77
CA THR P 126 72.31 -47.43 -8.83
C THR P 126 71.37 -47.55 -10.03
N GLU P 127 70.06 -47.65 -9.76
CA GLU P 127 69.09 -47.73 -10.85
C GLU P 127 69.07 -46.44 -11.67
N GLU P 128 69.21 -45.30 -11.00
CA GLU P 128 69.16 -44.01 -11.71
C GLU P 128 70.28 -43.89 -12.72
N LEU P 129 71.43 -44.50 -12.46
CA LEU P 129 72.60 -44.26 -13.29
C LEU P 129 72.57 -45.04 -14.61
N ASN P 130 71.56 -45.90 -14.84
CA ASN P 130 71.48 -46.58 -16.12
C ASN P 130 70.99 -45.65 -17.21
N GLY P 131 70.29 -44.58 -16.85
CA GLY P 131 69.94 -43.50 -17.75
C GLY P 131 70.95 -42.38 -17.82
N ASN P 132 72.13 -42.54 -17.23
CA ASN P 132 73.23 -41.58 -17.32
C ASN P 132 72.89 -40.24 -16.69
N LYS P 133 71.99 -40.25 -15.69
CA LYS P 133 71.74 -39.09 -14.85
C LYS P 133 71.87 -39.50 -13.39
N ALA P 134 72.27 -38.55 -12.54
CA ALA P 134 72.51 -38.82 -11.14
C ALA P 134 72.01 -37.66 -10.29
N THR P 135 71.55 -37.98 -9.08
CA THR P 135 70.98 -36.98 -8.19
C THR P 135 71.46 -37.26 -6.76
N LEU P 136 72.35 -36.41 -6.26
CA LEU P 136 72.68 -36.43 -4.85
C LEU P 136 71.54 -35.82 -4.04
N VAL P 137 71.27 -36.39 -2.87
CA VAL P 137 70.20 -35.93 -2.01
C VAL P 137 70.78 -35.63 -0.62
N CYS P 138 70.56 -34.42 -0.13
CA CYS P 138 71.13 -33.94 1.12
C CYS P 138 70.00 -33.53 2.05
N LEU P 139 69.80 -34.30 3.12
CA LEU P 139 68.71 -34.07 4.06
C LEU P 139 69.26 -33.43 5.33
N ILE P 140 68.66 -32.32 5.75
CA ILE P 140 69.00 -31.60 6.97
C ILE P 140 67.77 -31.57 7.86
N SER P 141 67.95 -31.82 9.16
CA SER P 141 66.82 -32.08 10.04
C SER P 141 67.08 -31.54 11.44
N ASP P 142 66.00 -31.50 12.24
CA ASP P 142 66.03 -31.14 13.67
C ASP P 142 66.63 -29.76 13.92
N PHE P 143 66.80 -28.97 12.86
CA PHE P 143 67.53 -27.72 12.96
C PHE P 143 66.70 -26.66 13.68
N TYR P 144 67.39 -25.58 14.08
CA TYR P 144 66.77 -24.39 14.64
C TYR P 144 67.77 -23.26 14.58
N PRO P 145 67.35 -22.04 14.24
CA PRO P 145 65.98 -21.71 13.85
C PRO P 145 65.68 -21.86 12.35
N GLY P 146 66.55 -21.35 11.48
CA GLY P 146 66.29 -21.44 10.06
C GLY P 146 67.46 -21.03 9.19
N SER P 147 68.64 -21.60 9.46
CA SER P 147 69.85 -21.27 8.72
C SER P 147 69.99 -22.22 7.54
N VAL P 148 69.52 -21.77 6.38
CA VAL P 148 69.55 -22.58 5.17
C VAL P 148 70.71 -22.11 4.30
N THR P 149 71.92 -22.55 4.64
CA THR P 149 73.12 -22.22 3.88
C THR P 149 73.76 -23.52 3.40
N VAL P 150 73.52 -23.85 2.13
CA VAL P 150 74.01 -25.08 1.53
C VAL P 150 75.11 -24.74 0.55
N VAL P 151 76.31 -25.25 0.78
CA VAL P 151 77.46 -25.08 -0.11
C VAL P 151 77.98 -26.46 -0.48
N TRP P 152 78.03 -26.74 -1.79
CA TRP P 152 78.46 -28.03 -2.30
C TRP P 152 79.94 -27.98 -2.68
N LYS P 153 80.72 -28.92 -2.14
CA LYS P 153 82.15 -29.00 -2.41
C LYS P 153 82.49 -30.32 -3.09
N ALA P 154 83.24 -30.24 -4.18
CA ALA P 154 83.73 -31.39 -4.93
C ALA P 154 85.25 -31.36 -4.91
N ASP P 155 85.85 -32.21 -4.08
CA ASP P 155 87.31 -32.25 -3.89
C ASP P 155 87.84 -30.93 -3.37
N GLY P 156 87.04 -30.22 -2.57
CA GLY P 156 87.44 -28.94 -2.03
C GLY P 156 86.99 -27.73 -2.81
N SER P 157 86.63 -27.90 -4.09
CA SER P 157 86.11 -26.81 -4.91
C SER P 157 84.58 -26.78 -4.80
N THR P 158 84.04 -25.57 -4.84
CA THR P 158 82.61 -25.38 -4.63
C THR P 158 81.84 -25.50 -5.94
N ILE P 159 80.60 -26.00 -5.83
CA ILE P 159 79.74 -26.28 -6.97
C ILE P 159 78.58 -25.29 -6.97
N THR P 160 78.28 -24.73 -8.14
CA THR P 160 77.16 -23.83 -8.31
C THR P 160 76.13 -24.28 -9.33
N ARG P 161 76.49 -25.17 -10.26
CA ARG P 161 75.60 -25.53 -11.36
C ARG P 161 74.58 -26.56 -10.92
N ASN P 162 73.31 -26.32 -11.27
CA ASN P 162 72.23 -27.30 -11.08
C ASN P 162 72.14 -27.79 -9.64
N VAL P 163 72.34 -26.87 -8.70
CA VAL P 163 72.04 -27.10 -7.29
C VAL P 163 70.69 -26.50 -6.99
N GLU P 164 69.80 -27.30 -6.42
CA GLU P 164 68.42 -26.89 -6.13
C GLU P 164 68.16 -27.10 -4.65
N THR P 165 67.88 -26.00 -3.94
CA THR P 165 67.67 -26.04 -2.51
C THR P 165 66.28 -25.49 -2.17
N THR P 166 65.57 -26.19 -1.31
CA THR P 166 64.25 -25.75 -0.90
C THR P 166 64.33 -24.83 0.32
N ARG P 167 63.28 -24.04 0.49
CA ARG P 167 63.16 -23.24 1.69
C ARG P 167 62.91 -24.16 2.89
N ALA P 168 63.38 -23.72 4.06
CA ALA P 168 63.15 -24.48 5.28
C ALA P 168 61.67 -24.47 5.64
N SER P 169 61.22 -25.56 6.23
CA SER P 169 59.84 -25.70 6.68
C SER P 169 59.83 -26.34 8.05
N LYS P 170 58.90 -25.90 8.90
CA LYS P 170 58.86 -26.38 10.27
C LYS P 170 58.16 -27.73 10.34
N GLN P 171 58.71 -28.62 11.15
CA GLN P 171 58.19 -29.97 11.32
C GLN P 171 57.01 -29.94 12.29
N SER P 172 56.63 -31.12 12.79
CA SER P 172 55.58 -31.20 13.80
C SER P 172 56.11 -30.89 15.19
N ASN P 173 57.38 -31.19 15.45
CA ASN P 173 57.99 -31.01 16.76
C ASN P 173 58.62 -29.63 16.94
N SER P 174 58.08 -28.61 16.27
CA SER P 174 58.55 -27.22 16.40
C SER P 174 60.04 -27.11 16.12
N LYS P 175 60.51 -27.88 15.14
CA LYS P 175 61.89 -27.83 14.66
C LYS P 175 61.86 -27.77 13.14
N TYR P 176 62.91 -27.19 12.56
CA TYR P 176 62.95 -26.87 11.14
C TYR P 176 63.86 -27.81 10.38
N ALA P 177 63.64 -27.88 9.06
CA ALA P 177 64.34 -28.81 8.19
C ALA P 177 64.11 -28.39 6.74
N ALA P 178 64.93 -28.96 5.86
CA ALA P 178 64.82 -28.71 4.42
C ALA P 178 65.54 -29.85 3.68
N SER P 179 65.85 -29.61 2.40
CA SER P 179 66.49 -30.63 1.58
C SER P 179 67.14 -29.95 0.37
N SER P 180 68.17 -30.60 -0.17
CA SER P 180 68.93 -30.03 -1.28
C SER P 180 69.34 -31.14 -2.25
N TYR P 181 69.05 -30.94 -3.53
CA TYR P 181 69.31 -31.92 -4.59
C TYR P 181 70.27 -31.33 -5.61
N LEU P 182 71.37 -32.04 -5.86
CA LEU P 182 72.32 -31.68 -6.92
C LEU P 182 72.17 -32.72 -8.02
N SER P 183 71.49 -32.33 -9.11
CA SER P 183 71.28 -33.23 -10.24
C SER P 183 72.52 -33.18 -11.14
N LEU P 184 73.30 -34.24 -11.11
CA LEU P 184 74.50 -34.38 -11.93
C LEU P 184 74.23 -35.37 -13.07
N THR P 185 75.22 -35.52 -13.94
CA THR P 185 75.22 -36.57 -14.96
C THR P 185 76.20 -37.66 -14.55
N SER P 186 75.89 -38.90 -14.95
CA SER P 186 76.75 -40.03 -14.59
C SER P 186 78.18 -39.83 -15.08
N SER P 187 78.36 -39.09 -16.17
CA SER P 187 79.68 -38.82 -16.71
C SER P 187 80.55 -38.08 -15.68
N ASP P 188 80.21 -36.83 -15.37
CA ASP P 188 81.02 -36.08 -14.43
C ASP P 188 80.80 -36.49 -12.97
N TRP P 189 79.82 -37.33 -12.68
CA TRP P 189 79.70 -37.85 -11.32
C TRP P 189 80.82 -38.83 -11.00
N LYS P 190 81.16 -39.70 -11.94
CA LYS P 190 82.33 -40.55 -11.76
C LYS P 190 83.64 -39.81 -12.03
N SER P 191 83.57 -38.65 -12.69
CA SER P 191 84.80 -37.92 -13.02
C SER P 191 85.50 -37.40 -11.78
N LYS P 192 84.76 -36.73 -10.90
CA LYS P 192 85.36 -36.18 -9.70
C LYS P 192 85.65 -37.29 -8.69
N GLY P 193 86.34 -36.91 -7.62
CA GLY P 193 86.79 -37.88 -6.64
C GLY P 193 86.00 -37.86 -5.36
N SER P 194 85.34 -36.75 -5.07
CA SER P 194 84.55 -36.64 -3.84
C SER P 194 83.56 -35.51 -3.98
N TYR P 195 82.43 -35.65 -3.30
CA TYR P 195 81.41 -34.61 -3.19
C TYR P 195 81.07 -34.41 -1.73
N SER P 196 80.83 -33.15 -1.34
CA SER P 196 80.54 -32.81 0.04
C SER P 196 79.34 -31.89 0.12
N CYS P 197 78.51 -32.10 1.13
CA CYS P 197 77.37 -31.25 1.43
C CYS P 197 77.68 -30.50 2.72
N GLU P 198 78.10 -29.25 2.60
CA GLU P 198 78.52 -28.43 3.74
C GLU P 198 77.41 -27.44 4.07
N VAL P 199 76.60 -27.75 5.09
CA VAL P 199 75.56 -26.86 5.57
C VAL P 199 76.11 -26.10 6.78
N THR P 200 75.90 -24.78 6.79
CA THR P 200 76.31 -23.94 7.90
C THR P 200 75.08 -23.40 8.60
N HIS P 201 75.16 -23.31 9.93
CA HIS P 201 74.02 -22.85 10.73
C HIS P 201 74.56 -22.11 11.95
N GLU P 202 74.37 -20.79 11.96
CA GLU P 202 74.78 -19.94 13.09
C GLU P 202 76.28 -20.06 13.36
N GLY P 203 77.07 -20.09 12.29
CA GLY P 203 78.51 -20.13 12.39
C GLY P 203 79.12 -21.53 12.38
N SER P 204 78.37 -22.53 12.84
CA SER P 204 78.84 -23.91 12.85
C SER P 204 78.51 -24.58 11.52
N THR P 205 79.49 -25.32 10.99
CA THR P 205 79.34 -26.00 9.71
C THR P 205 79.48 -27.50 9.93
N VAL P 206 78.39 -28.24 9.71
CA VAL P 206 78.39 -29.70 9.78
C VAL P 206 78.40 -30.24 8.35
N THR P 207 79.39 -31.07 8.04
CA THR P 207 79.68 -31.50 6.68
C THR P 207 79.63 -33.02 6.59
N LYS P 208 78.86 -33.54 5.63
CA LYS P 208 78.91 -34.94 5.24
C LYS P 208 79.37 -35.03 3.79
N THR P 209 80.12 -36.10 3.50
CA THR P 209 80.70 -36.28 2.18
C THR P 209 80.62 -37.74 1.75
N VAL P 210 80.56 -37.93 0.43
CA VAL P 210 80.58 -39.26 -0.17
C VAL P 210 81.47 -39.21 -1.40
N LYS P 211 82.14 -40.33 -1.68
CA LYS P 211 83.03 -40.43 -2.82
C LYS P 211 82.50 -41.48 -3.79
N PRO P 212 82.62 -41.23 -5.10
CA PRO P 212 82.05 -42.19 -6.06
C PRO P 212 82.74 -43.55 -6.04
N SER P 213 84.08 -43.56 -6.02
CA SER P 213 84.81 -44.81 -6.11
C SER P 213 84.60 -45.68 -4.87
N GLU P 214 84.68 -45.07 -3.69
CA GLU P 214 84.68 -45.81 -2.43
C GLU P 214 83.29 -46.00 -1.83
N CYS P 215 82.25 -45.97 -2.66
CA CYS P 215 80.89 -46.23 -2.20
C CYS P 215 80.26 -47.46 -2.82
N SER P 216 80.86 -48.03 -3.87
CA SER P 216 80.34 -49.22 -4.54
C SER P 216 78.91 -49.01 -5.04
#